data_7FD4
#
_entry.id   7FD4
#
loop_
_entity.id
_entity.type
_entity.pdbx_description
1 polymer 'Lon protease'
2 polymer Alpha-S1-casein
3 non-polymer 'PHOSPHOTHIOPHOSPHORIC ACID-ADENYLATE ESTER'
4 non-polymer N-[(1R)-1-(dihydroxyboranyl)-2-phenylethyl]-Nalpha-(pyrazin-2-ylcarbonyl)-L-phenylalaninamide
5 non-polymer "ADENOSINE-5'-DIPHOSPHATE"
#
loop_
_entity_poly.entity_id
_entity_poly.type
_entity_poly.pdbx_seq_one_letter_code
_entity_poly.pdbx_strand_id
1 'polypeptide(L)'
;MRLELPVIPLRNTVILPHTTTPVDVGRAKSKRAVEEAMGADRLIFLVAQRDPEVDDPAPDDLYTWGVQAVVKQAMRLPDG
TLQVMVEARARAQVTDYIPGPYLRARGEVFSEIFPIDEAVVRVLVEELKEAFEKYVANHKSLRLDRYQLEAVKGTSDPAM
LADTIAYHATWTVAEKQEILELTDLEARLKKVLGLLSRDLERFELDKRVAQRVKEQMDTNQREYYLREQMKAIQKELGGE
DGLSDLEALRKKIEEVGMPEAVKTKALKELDRLERMQQGSPEATVARTYLDWLTEVPWSKADPEVLDINHTRQVLDEDHY
GLKDVKERILEYLAVRQLTQGLDVRNKAPILVLVGPPGVGKTSLGRSIARSMNRKFHRISLGGVRDEAEIRGHRRTYIGA
MPGKLIHAMKQVGVINPVILLDEIDKMSSDWRGDPASAMLEVLDPEQNNTFTDHYLDVPYDLSKVFFITTANTLQTIPRP
LLDRMEVIEIPGYTNMEKQAIARQYLWPKQVRESGMEGRIEVTDAAILRVISEYTREAGVRGLERELGKIARKGAKFWLE
GAWEGLRTIDASDIPTYLGIPRYRPDKAETEPQVGTAQGLAWTPVGGTLLTIEVAAVPGSGKLSLTGQLGEVMKESAQAA
LTYLRAHTQDYGLPEDFYNKVDLHVHVPDGATPKDGPSAGITMATAIASALSRRPARMDIAMTGEVSLRGKVMPIGGVKE
KLLAAHQAGIHKIVLPKDNEAQLEELPKEVLEGLEIKLVEDVGEVLEYLLLPEPTMPPVVQPSDNRQQPGAGA
;
B,C,D,E,F,A
2 'polypeptide(L)'
;(UNK)(UNK)(UNK)(UNK)(UNK)(UNK)(UNK)(UNK)(UNK)(UNK)(UNK)(UNK)(UNK)(UNK)(UNK)(UNK)
(UNK)(UNK)(UNK)(UNK)(UNK)(UNK)
;
S
#
# COMPACT_ATOMS: atom_id res chain seq x y z
N ARG A 2 -40.19 80.88 10.87
CA ARG A 2 -39.67 79.58 10.45
C ARG A 2 -40.77 78.63 9.99
N LEU A 3 -41.97 78.76 10.57
CA LEU A 3 -43.20 78.19 10.01
C LEU A 3 -43.19 76.66 9.87
N GLU A 4 -43.45 75.95 10.97
CA GLU A 4 -43.69 74.51 11.00
C GLU A 4 -44.53 74.00 9.83
N LEU A 5 -44.04 72.95 9.19
CA LEU A 5 -44.63 72.40 7.98
C LEU A 5 -44.82 70.90 8.12
N PRO A 6 -45.84 70.34 7.46
CA PRO A 6 -45.99 68.87 7.47
C PRO A 6 -44.91 68.19 6.64
N VAL A 7 -44.16 67.31 7.29
CA VAL A 7 -43.27 66.40 6.57
C VAL A 7 -44.15 65.34 5.91
N ILE A 8 -44.38 65.51 4.63
CA ILE A 8 -45.31 64.63 3.91
C ILE A 8 -44.55 63.38 3.46
N PRO A 9 -45.03 62.18 3.77
CA PRO A 9 -44.19 60.99 3.63
C PRO A 9 -43.98 60.56 2.19
N LEU A 10 -42.98 59.71 2.01
CA LEU A 10 -42.49 59.32 0.69
C LEU A 10 -42.50 57.81 0.52
N ARG A 11 -42.35 57.38 -0.72
CA ARG A 11 -42.06 55.97 -1.02
C ARG A 11 -40.56 55.75 -1.19
N ASN A 12 -39.98 56.32 -2.27
CA ASN A 12 -38.56 56.17 -2.52
C ASN A 12 -37.85 57.36 -3.17
N THR A 13 -38.55 58.46 -3.45
CA THR A 13 -38.06 59.47 -4.38
C THR A 13 -37.41 60.62 -3.62
N VAL A 14 -36.14 60.88 -3.93
CA VAL A 14 -35.38 62.00 -3.37
C VAL A 14 -35.42 63.14 -4.38
N ILE A 15 -35.72 64.35 -3.92
CA ILE A 15 -35.83 65.51 -4.78
C ILE A 15 -34.68 66.45 -4.47
N LEU A 16 -34.11 67.02 -5.52
CA LEU A 16 -33.13 68.09 -5.46
C LEU A 16 -33.83 69.44 -5.62
N PRO A 17 -33.23 70.53 -5.13
CA PRO A 17 -33.91 71.84 -5.23
C PRO A 17 -34.13 72.31 -6.66
N HIS A 18 -35.18 73.12 -6.82
CA HIS A 18 -35.54 73.81 -8.07
C HIS A 18 -35.77 72.85 -9.23
N THR A 19 -36.79 71.99 -9.07
CA THR A 19 -37.15 71.04 -10.12
C THR A 19 -38.63 70.73 -10.06
N THR A 20 -39.33 70.99 -11.15
CA THR A 20 -40.73 70.64 -11.28
C THR A 20 -40.88 69.12 -11.35
N THR A 21 -41.57 68.54 -10.35
CA THR A 21 -41.62 67.10 -10.20
C THR A 21 -43.03 66.67 -9.80
N PRO A 22 -43.60 65.64 -10.45
CA PRO A 22 -44.90 65.09 -10.01
C PRO A 22 -44.75 64.10 -8.85
N VAL A 23 -45.30 64.45 -7.69
CA VAL A 23 -45.36 63.57 -6.54
C VAL A 23 -46.77 63.01 -6.44
N ASP A 24 -46.90 61.70 -6.42
CA ASP A 24 -48.20 61.04 -6.53
C ASP A 24 -48.57 60.50 -5.16
N VAL A 25 -49.41 61.24 -4.44
CA VAL A 25 -49.69 60.96 -3.03
C VAL A 25 -50.82 59.92 -3.02
N GLY A 26 -50.43 58.64 -3.07
CA GLY A 26 -51.36 57.53 -3.15
C GLY A 26 -51.68 56.87 -1.84
N ARG A 27 -51.68 57.61 -0.74
CA ARG A 27 -51.83 57.08 0.61
C ARG A 27 -52.86 57.91 1.36
N ALA A 28 -53.88 57.26 1.92
CA ALA A 28 -54.90 58.01 2.65
C ALA A 28 -54.42 58.51 4.00
N LYS A 29 -53.28 58.03 4.48
CA LYS A 29 -52.55 58.65 5.57
C LYS A 29 -51.78 59.89 5.15
N SER A 30 -51.76 60.20 3.86
CA SER A 30 -50.82 61.19 3.36
C SER A 30 -51.53 62.27 2.55
N LYS A 31 -52.68 61.92 1.97
CA LYS A 31 -53.49 62.92 1.28
C LYS A 31 -54.10 63.89 2.27
N ARG A 32 -54.40 63.41 3.48
CA ARG A 32 -54.80 64.30 4.56
C ARG A 32 -53.62 65.14 5.04
N ALA A 33 -52.40 64.63 4.90
CA ALA A 33 -51.25 65.49 5.12
C ALA A 33 -51.11 66.52 4.00
N VAL A 34 -51.68 66.27 2.83
CA VAL A 34 -51.72 67.31 1.78
C VAL A 34 -52.82 68.32 2.09
N GLU A 35 -53.92 67.87 2.69
CA GLU A 35 -54.92 68.81 3.21
C GLU A 35 -54.32 69.70 4.30
N GLU A 36 -53.48 69.11 5.15
CA GLU A 36 -52.76 69.89 6.15
C GLU A 36 -51.66 70.75 5.52
N ALA A 37 -51.13 70.33 4.36
CA ALA A 37 -50.19 71.16 3.63
C ALA A 37 -50.87 72.42 3.10
N MET A 38 -52.04 72.28 2.49
CA MET A 38 -52.83 73.45 2.13
C MET A 38 -53.30 74.22 3.35
N GLY A 39 -53.43 73.55 4.50
CA GLY A 39 -53.65 74.25 5.75
C GLY A 39 -52.37 74.74 6.39
N ALA A 40 -51.25 74.63 5.66
CA ALA A 40 -49.95 75.11 6.11
C ALA A 40 -49.28 75.89 4.98
N ASP A 41 -50.02 76.86 4.43
CA ASP A 41 -49.52 77.87 3.48
C ASP A 41 -49.10 77.22 2.16
N ARG A 42 -49.81 76.13 1.80
CA ARG A 42 -49.54 75.28 0.62
C ARG A 42 -48.11 74.74 0.60
N LEU A 43 -47.50 74.51 1.76
CA LEU A 43 -46.09 74.20 1.85
C LEU A 43 -45.84 72.77 2.30
N ILE A 44 -44.69 72.25 1.85
CA ILE A 44 -44.25 70.88 2.04
C ILE A 44 -42.87 70.96 2.68
N PHE A 45 -42.46 69.89 3.38
CA PHE A 45 -41.05 69.70 3.75
C PHE A 45 -40.71 68.23 3.50
N LEU A 46 -40.09 67.96 2.36
CA LEU A 46 -39.83 66.60 1.89
C LEU A 46 -38.59 66.04 2.59
N VAL A 47 -38.81 65.06 3.47
CA VAL A 47 -37.74 64.30 4.12
C VAL A 47 -37.79 62.89 3.55
N ALA A 48 -36.61 62.29 3.35
CA ALA A 48 -36.49 60.98 2.71
C ALA A 48 -37.19 59.89 3.51
N GLN A 49 -37.97 59.08 2.81
CA GLN A 49 -38.51 57.86 3.39
C GLN A 49 -37.37 56.94 3.82
N ARG A 50 -37.55 56.32 4.98
CA ARG A 50 -36.65 55.28 5.46
C ARG A 50 -36.53 54.16 4.44
N ASP A 51 -35.29 53.73 4.24
CA ASP A 51 -34.97 52.70 3.27
C ASP A 51 -35.35 51.34 3.84
N PRO A 52 -35.04 50.22 3.16
CA PRO A 52 -36.10 49.43 2.51
C PRO A 52 -37.50 49.58 3.09
N GLU A 53 -38.42 49.89 2.18
CA GLU A 53 -39.63 50.65 2.42
C GLU A 53 -40.57 49.99 3.43
N VAL A 54 -41.21 50.85 4.20
CA VAL A 54 -42.32 50.54 5.08
C VAL A 54 -43.50 51.30 4.50
N ASP A 55 -44.67 51.21 5.10
CA ASP A 55 -45.81 51.97 4.60
C ASP A 55 -46.41 52.84 5.68
N ASP A 56 -45.59 53.29 6.62
CA ASP A 56 -46.12 54.00 7.77
C ASP A 56 -45.35 55.29 8.00
N PRO A 57 -46.03 56.43 7.97
CA PRO A 57 -45.44 57.64 8.52
C PRO A 57 -45.21 57.52 10.02
N ALA A 58 -43.94 57.55 10.43
CA ALA A 58 -43.54 57.34 11.81
C ALA A 58 -42.33 58.22 12.10
N PRO A 59 -42.03 58.48 13.39
CA PRO A 59 -40.76 59.14 13.70
C PRO A 59 -39.56 58.27 13.43
N ASP A 60 -39.74 56.95 13.34
CA ASP A 60 -38.67 56.05 12.98
C ASP A 60 -38.67 55.72 11.50
N ASP A 61 -39.20 56.62 10.67
CA ASP A 61 -39.29 56.44 9.23
C ASP A 61 -38.95 57.72 8.47
N LEU A 62 -37.93 58.46 8.92
CA LEU A 62 -37.45 59.65 8.23
C LEU A 62 -35.93 59.66 8.27
N TYR A 63 -35.36 60.82 8.01
CA TYR A 63 -33.92 61.06 8.05
C TYR A 63 -33.61 62.38 8.75
N THR A 64 -32.34 62.81 8.62
CA THR A 64 -31.80 63.94 9.37
C THR A 64 -31.57 65.17 8.49
N TRP A 65 -32.20 65.24 7.32
CA TRP A 65 -32.20 66.43 6.49
C TRP A 65 -33.51 66.51 5.71
N GLY A 66 -33.52 67.36 4.68
CA GLY A 66 -34.67 67.46 3.80
C GLY A 66 -34.76 68.83 3.18
N VAL A 67 -35.73 68.97 2.28
CA VAL A 67 -36.01 70.23 1.59
C VAL A 67 -37.49 70.53 1.65
N GLN A 68 -37.84 71.78 1.34
CA GLN A 68 -39.21 72.23 1.25
C GLN A 68 -39.69 72.23 -0.20
N ALA A 69 -40.97 71.93 -0.38
CA ALA A 69 -41.60 71.97 -1.69
C ALA A 69 -42.92 72.72 -1.58
N VAL A 70 -43.63 72.83 -2.71
CA VAL A 70 -44.87 73.61 -2.80
C VAL A 70 -45.70 73.10 -3.97
N VAL A 71 -47.03 73.19 -3.81
CA VAL A 71 -47.96 72.66 -4.80
C VAL A 71 -47.88 73.49 -6.07
N LYS A 72 -47.91 72.82 -7.23
CA LYS A 72 -48.03 73.51 -8.51
C LYS A 72 -49.34 73.23 -9.23
N GLN A 73 -49.81 71.98 -9.25
CA GLN A 73 -51.15 71.69 -9.77
C GLN A 73 -52.01 71.09 -8.67
N ALA A 74 -53.29 71.41 -8.71
CA ALA A 74 -54.29 70.84 -7.81
C ALA A 74 -54.98 69.71 -8.58
N MET A 75 -54.31 68.56 -8.65
CA MET A 75 -54.74 67.42 -9.46
C MET A 75 -55.31 66.35 -8.55
N ARG A 76 -56.59 66.03 -8.72
CA ARG A 76 -57.21 64.90 -8.06
C ARG A 76 -57.28 63.71 -8.99
N LEU A 77 -56.84 62.56 -8.49
CA LEU A 77 -57.07 61.28 -9.14
C LEU A 77 -58.11 60.50 -8.36
N PRO A 78 -59.21 60.07 -9.00
CA PRO A 78 -60.30 59.40 -8.28
C PRO A 78 -60.07 57.90 -8.02
N ASP A 79 -58.88 57.56 -7.53
CA ASP A 79 -58.54 56.18 -7.22
C ASP A 79 -57.95 55.98 -5.83
N GLY A 80 -57.81 57.04 -5.05
CA GLY A 80 -57.03 56.98 -3.83
C GLY A 80 -55.65 57.59 -3.94
N THR A 81 -55.41 58.45 -4.93
CA THR A 81 -54.14 59.13 -5.15
C THR A 81 -54.41 60.61 -5.37
N LEU A 82 -53.58 61.47 -4.80
CA LEU A 82 -53.71 62.92 -4.97
C LEU A 82 -52.41 63.46 -5.55
N GLN A 83 -52.33 63.51 -6.88
CA GLN A 83 -51.13 63.91 -7.59
C GLN A 83 -50.81 65.38 -7.32
N VAL A 84 -49.63 65.64 -6.75
CA VAL A 84 -49.17 67.00 -6.50
C VAL A 84 -47.90 67.24 -7.31
N MET A 85 -47.85 68.39 -7.99
CA MET A 85 -46.68 68.83 -8.71
C MET A 85 -45.87 69.74 -7.79
N VAL A 86 -44.59 69.44 -7.61
CA VAL A 86 -43.80 70.15 -6.62
C VAL A 86 -42.66 70.89 -7.30
N GLU A 87 -41.92 71.66 -6.51
CA GLU A 87 -40.63 72.22 -6.92
C GLU A 87 -39.87 72.53 -5.64
N ALA A 88 -38.76 71.83 -5.41
CA ALA A 88 -38.10 71.86 -4.12
C ALA A 88 -37.31 73.15 -3.92
N ARG A 89 -37.37 73.69 -2.69
CA ARG A 89 -36.89 75.05 -2.45
C ARG A 89 -35.41 75.09 -2.10
N ALA A 90 -35.06 74.56 -0.93
CA ALA A 90 -33.69 74.49 -0.42
C ALA A 90 -33.69 73.63 0.84
N ARG A 91 -32.49 73.36 1.36
CA ARG A 91 -32.32 72.37 2.40
C ARG A 91 -32.46 72.98 3.79
N ALA A 92 -33.20 72.30 4.65
CA ALA A 92 -33.40 72.70 6.04
C ALA A 92 -33.54 71.44 6.88
N GLN A 93 -33.94 71.62 8.13
CA GLN A 93 -34.06 70.50 9.06
C GLN A 93 -35.19 70.77 10.04
N VAL A 94 -35.12 70.06 11.17
CA VAL A 94 -36.21 69.88 12.13
C VAL A 94 -35.86 70.55 13.45
N THR A 95 -36.76 71.39 13.96
CA THR A 95 -36.69 71.78 15.37
C THR A 95 -37.47 70.82 16.23
N ASP A 96 -38.76 70.65 15.96
CA ASP A 96 -39.62 69.80 16.76
C ASP A 96 -40.54 69.02 15.82
N TYR A 97 -40.15 67.80 15.46
CA TYR A 97 -41.05 66.95 14.67
C TYR A 97 -42.10 66.39 15.62
N ILE A 98 -43.18 67.17 15.75
CA ILE A 98 -44.41 66.71 16.38
C ILE A 98 -44.93 65.58 15.50
N PRO A 99 -44.97 64.35 16.00
CA PRO A 99 -45.13 63.18 15.12
C PRO A 99 -46.52 62.99 14.55
N GLY A 100 -46.75 61.89 13.85
CA GLY A 100 -48.04 61.69 13.23
C GLY A 100 -48.42 60.30 12.80
N PRO A 101 -49.64 60.13 12.24
CA PRO A 101 -50.58 61.04 11.55
C PRO A 101 -51.19 62.22 12.34
N TYR A 102 -50.85 63.44 11.92
CA TYR A 102 -50.01 63.72 10.73
C TYR A 102 -48.62 64.25 11.13
N LEU A 103 -47.58 63.74 10.48
CA LEU A 103 -46.21 64.16 10.79
C LEU A 103 -45.97 65.59 10.33
N ARG A 104 -45.30 66.37 11.17
CA ARG A 104 -44.72 67.65 10.78
C ARG A 104 -43.25 67.66 11.19
N ALA A 105 -42.58 68.73 10.77
CA ALA A 105 -41.40 69.22 11.46
C ALA A 105 -41.65 70.69 11.72
N ARG A 106 -41.14 71.16 12.86
CA ARG A 106 -41.09 72.61 13.05
C ARG A 106 -39.99 73.13 12.16
N GLY A 107 -40.39 73.96 11.18
CA GLY A 107 -39.51 74.28 10.08
C GLY A 107 -38.35 75.16 10.50
N GLU A 108 -37.32 75.13 9.68
CA GLU A 108 -36.17 76.01 9.82
C GLU A 108 -36.27 77.19 8.87
N VAL A 109 -35.18 77.95 8.78
CA VAL A 109 -34.87 78.67 7.55
C VAL A 109 -33.95 77.81 6.71
N PHE A 110 -33.85 78.15 5.43
CA PHE A 110 -33.08 77.34 4.49
C PHE A 110 -31.59 77.45 4.79
N SER A 111 -30.85 76.37 4.54
CA SER A 111 -29.40 76.42 4.69
C SER A 111 -28.77 77.07 3.48
N GLU A 112 -28.03 78.16 3.72
CA GLU A 112 -27.63 79.10 2.68
C GLU A 112 -26.11 79.11 2.56
N ILE A 113 -25.59 78.35 1.59
CA ILE A 113 -24.17 78.30 1.29
C ILE A 113 -23.95 79.00 -0.05
N PHE A 114 -22.82 79.70 -0.18
CA PHE A 114 -22.65 80.57 -1.33
C PHE A 114 -21.30 80.37 -2.00
N PRO A 115 -21.25 80.41 -3.33
CA PRO A 115 -20.04 79.98 -4.06
C PRO A 115 -18.92 81.01 -4.01
N ILE A 116 -17.73 80.53 -3.64
CA ILE A 116 -16.45 81.20 -3.82
C ILE A 116 -15.62 80.19 -4.62
N ASP A 117 -14.45 80.62 -5.12
CA ASP A 117 -13.52 79.79 -5.93
C ASP A 117 -14.21 79.29 -7.20
N GLU A 118 -14.51 80.26 -8.07
CA GLU A 118 -15.45 80.06 -9.17
C GLU A 118 -14.79 79.70 -10.50
N ALA A 119 -13.48 79.86 -10.66
CA ALA A 119 -12.87 79.41 -11.91
C ALA A 119 -12.59 77.91 -11.88
N VAL A 120 -12.29 77.38 -10.70
CA VAL A 120 -12.32 75.93 -10.51
C VAL A 120 -13.72 75.40 -10.76
N VAL A 121 -14.74 76.17 -10.37
CA VAL A 121 -16.11 75.86 -10.75
C VAL A 121 -16.29 75.93 -12.27
N ARG A 122 -15.57 76.82 -12.94
CA ARG A 122 -15.68 76.88 -14.41
C ARG A 122 -15.07 75.65 -15.08
N VAL A 123 -13.90 75.22 -14.59
CA VAL A 123 -13.27 74.00 -15.07
C VAL A 123 -14.15 72.80 -14.76
N LEU A 124 -14.78 72.79 -13.59
CA LEU A 124 -15.55 71.63 -13.18
C LEU A 124 -16.94 71.63 -13.82
N VAL A 125 -17.44 72.79 -14.23
CA VAL A 125 -18.67 72.88 -15.01
C VAL A 125 -18.43 72.40 -16.44
N GLU A 126 -17.31 72.78 -17.05
CA GLU A 126 -17.05 72.26 -18.38
C GLU A 126 -16.67 70.77 -18.35
N GLU A 127 -16.04 70.30 -17.26
CA GLU A 127 -15.87 68.86 -17.08
C GLU A 127 -17.20 68.15 -16.90
N LEU A 128 -18.09 68.73 -16.09
CA LEU A 128 -19.47 68.25 -15.97
C LEU A 128 -20.18 68.22 -17.31
N LYS A 129 -19.90 69.22 -18.16
CA LYS A 129 -20.62 69.36 -19.40
C LYS A 129 -20.21 68.28 -20.39
N GLU A 130 -18.89 68.11 -20.57
CA GLU A 130 -18.39 67.05 -21.45
C GLU A 130 -18.69 65.67 -20.87
N ALA A 131 -18.67 65.54 -19.54
CA ALA A 131 -18.98 64.29 -18.88
C ALA A 131 -20.43 63.87 -19.13
N PHE A 132 -21.39 64.75 -18.83
CA PHE A 132 -22.79 64.43 -19.03
C PHE A 132 -23.12 64.25 -20.50
N GLU A 133 -22.47 65.04 -21.36
CA GLU A 133 -22.53 64.87 -22.80
C GLU A 133 -22.24 63.42 -23.22
N LYS A 134 -21.06 62.93 -22.84
CA LYS A 134 -20.72 61.58 -23.25
C LYS A 134 -21.43 60.52 -22.43
N TYR A 135 -21.96 60.90 -21.27
CA TYR A 135 -22.82 59.98 -20.53
C TYR A 135 -24.12 59.71 -21.28
N VAL A 136 -24.73 60.78 -21.80
CA VAL A 136 -25.92 60.64 -22.62
C VAL A 136 -25.60 59.85 -23.88
N ALA A 137 -24.43 60.13 -24.48
CA ALA A 137 -24.02 59.40 -25.67
C ALA A 137 -23.79 57.91 -25.40
N ASN A 138 -23.30 57.56 -24.21
CA ASN A 138 -23.01 56.15 -23.94
C ASN A 138 -24.24 55.38 -23.46
N HIS A 139 -24.81 55.77 -22.33
CA HIS A 139 -25.83 54.91 -21.71
C HIS A 139 -27.14 55.06 -22.43
N LYS A 140 -27.33 54.17 -23.40
CA LYS A 140 -28.56 54.07 -24.16
C LYS A 140 -29.59 53.19 -23.48
N SER A 141 -29.29 52.66 -22.30
CA SER A 141 -30.32 52.07 -21.46
C SER A 141 -31.14 53.13 -20.74
N LEU A 142 -30.77 54.39 -20.86
CA LEU A 142 -31.52 55.51 -20.31
C LEU A 142 -32.65 55.96 -21.23
N ARG A 143 -32.47 55.84 -22.55
CA ARG A 143 -33.44 56.26 -23.58
C ARG A 143 -33.85 57.71 -23.41
N LEU A 144 -32.86 58.57 -23.20
CA LEU A 144 -33.09 59.87 -22.63
C LEU A 144 -33.57 60.86 -23.70
N ASP A 145 -34.18 61.95 -23.24
CA ASP A 145 -34.49 63.07 -24.11
C ASP A 145 -33.19 63.73 -24.56
N ARG A 146 -33.07 63.90 -25.87
CA ARG A 146 -31.80 64.27 -26.52
C ARG A 146 -31.93 65.58 -27.28
N TYR A 147 -32.61 66.55 -26.67
CA TYR A 147 -32.84 67.85 -27.27
C TYR A 147 -32.71 68.98 -26.25
N GLN A 148 -32.16 68.70 -25.08
CA GLN A 148 -32.32 69.56 -23.92
C GLN A 148 -31.02 70.18 -23.45
N LEU A 149 -29.95 69.39 -23.27
CA LEU A 149 -28.67 69.96 -22.85
C LEU A 149 -28.04 70.76 -23.98
N GLU A 150 -28.44 70.48 -25.22
CA GLU A 150 -28.12 71.35 -26.34
C GLU A 150 -28.74 72.74 -26.19
N ALA A 151 -29.82 72.86 -25.40
CA ALA A 151 -30.41 74.15 -25.12
C ALA A 151 -29.88 74.79 -23.85
N VAL A 152 -29.66 74.00 -22.78
CA VAL A 152 -29.32 74.56 -21.48
C VAL A 152 -27.83 74.47 -21.18
N LYS A 153 -26.99 74.33 -22.21
CA LYS A 153 -25.54 74.33 -21.98
C LYS A 153 -25.03 75.71 -21.58
N GLY A 154 -25.68 76.77 -22.09
CA GLY A 154 -25.11 78.10 -22.04
C GLY A 154 -25.16 78.79 -20.70
N THR A 155 -25.80 78.20 -19.70
CA THR A 155 -25.95 78.88 -18.42
C THR A 155 -24.77 78.55 -17.50
N SER A 156 -24.65 79.34 -16.43
CA SER A 156 -23.67 79.09 -15.38
C SER A 156 -24.37 79.29 -14.03
N ASP A 157 -25.02 78.23 -13.55
CA ASP A 157 -25.66 78.20 -12.25
C ASP A 157 -25.41 76.81 -11.70
N PRO A 158 -24.22 76.57 -11.11
CA PRO A 158 -23.81 75.20 -10.76
C PRO A 158 -24.70 74.51 -9.75
N ALA A 159 -25.42 75.29 -8.93
CA ALA A 159 -26.55 74.74 -8.19
C ALA A 159 -27.59 74.16 -9.15
N MET A 160 -28.17 75.01 -9.99
CA MET A 160 -29.23 74.57 -10.89
C MET A 160 -28.70 73.66 -11.98
N LEU A 161 -27.44 73.88 -12.40
CA LEU A 161 -26.78 72.96 -13.32
C LEU A 161 -26.72 71.56 -12.72
N ALA A 162 -26.25 71.46 -11.46
CA ALA A 162 -26.16 70.16 -10.82
C ALA A 162 -27.53 69.56 -10.61
N ASP A 163 -28.53 70.41 -10.34
CA ASP A 163 -29.90 69.98 -10.15
C ASP A 163 -30.44 69.28 -11.38
N THR A 164 -30.50 69.98 -12.51
CA THR A 164 -31.13 69.41 -13.69
C THR A 164 -30.24 68.36 -14.34
N ILE A 165 -28.91 68.53 -14.30
CA ILE A 165 -28.01 67.56 -14.93
C ILE A 165 -27.99 66.26 -14.13
N ALA A 166 -27.66 66.33 -12.84
CA ALA A 166 -27.69 65.14 -12.00
C ALA A 166 -29.10 64.66 -11.68
N TYR A 167 -30.14 65.38 -12.13
CA TYR A 167 -31.49 64.99 -11.78
C TYR A 167 -31.95 63.78 -12.59
N HIS A 168 -31.75 63.81 -13.90
CA HIS A 168 -32.46 62.91 -14.81
C HIS A 168 -31.92 61.49 -14.78
N ALA A 169 -30.88 61.20 -14.00
CA ALA A 169 -30.17 59.96 -14.22
C ALA A 169 -30.10 59.17 -12.93
N THR A 170 -30.16 57.85 -13.09
CA THR A 170 -30.37 56.91 -11.99
C THR A 170 -29.05 56.56 -11.32
N TRP A 171 -28.98 56.83 -10.02
CA TRP A 171 -28.07 56.15 -9.11
C TRP A 171 -28.72 56.21 -7.74
N THR A 172 -28.24 55.35 -6.84
CA THR A 172 -29.09 54.80 -5.79
C THR A 172 -29.36 55.81 -4.67
N VAL A 173 -30.10 55.34 -3.66
CA VAL A 173 -30.79 56.23 -2.73
C VAL A 173 -29.82 56.87 -1.75
N ALA A 174 -28.87 56.08 -1.21
CA ALA A 174 -27.91 56.61 -0.25
C ALA A 174 -26.97 57.64 -0.88
N GLU A 175 -26.77 57.56 -2.18
CA GLU A 175 -26.00 58.57 -2.89
C GLU A 175 -26.80 59.86 -3.02
N LYS A 176 -28.10 59.73 -3.29
CA LYS A 176 -29.01 60.87 -3.24
C LYS A 176 -29.00 61.51 -1.85
N GLN A 177 -28.94 60.67 -0.81
CA GLN A 177 -28.83 61.13 0.57
C GLN A 177 -27.58 61.99 0.74
N GLU A 178 -26.41 61.40 0.49
CA GLU A 178 -25.17 62.09 0.77
C GLU A 178 -24.89 63.24 -0.19
N ILE A 179 -25.69 63.41 -1.23
CA ILE A 179 -25.77 64.73 -1.86
C ILE A 179 -26.65 65.65 -1.03
N LEU A 180 -27.81 65.16 -0.58
CA LEU A 180 -28.82 65.97 0.10
C LEU A 180 -28.40 66.41 1.48
N GLU A 181 -27.39 65.79 2.07
CA GLU A 181 -27.20 65.82 3.51
C GLU A 181 -25.95 66.59 3.93
N LEU A 182 -25.48 67.53 3.11
CA LEU A 182 -24.35 68.39 3.46
C LEU A 182 -24.61 69.80 2.98
N THR A 183 -23.96 70.76 3.64
CA THR A 183 -23.90 72.14 3.20
C THR A 183 -22.69 72.36 2.29
N ASP A 184 -21.82 71.37 2.17
CA ASP A 184 -20.64 71.46 1.32
C ASP A 184 -21.07 71.37 -0.14
N LEU A 185 -20.67 72.37 -0.93
CA LEU A 185 -21.25 72.60 -2.25
C LEU A 185 -20.37 72.06 -3.38
N GLU A 186 -19.15 72.55 -3.48
CA GLU A 186 -18.34 72.19 -4.64
C GLU A 186 -17.74 70.79 -4.47
N ALA A 187 -17.65 70.31 -3.24
CA ALA A 187 -17.29 68.91 -3.04
C ALA A 187 -18.42 67.99 -3.48
N ARG A 188 -19.68 68.44 -3.36
CA ARG A 188 -20.75 67.58 -3.85
C ARG A 188 -20.84 67.68 -5.37
N LEU A 189 -20.38 68.80 -5.94
CA LEU A 189 -20.21 68.87 -7.39
C LEU A 189 -19.17 67.87 -7.86
N LYS A 190 -18.06 67.76 -7.12
CA LYS A 190 -17.07 66.71 -7.35
C LYS A 190 -17.68 65.31 -7.19
N LYS A 191 -18.60 65.16 -6.22
CA LYS A 191 -19.25 63.88 -5.99
C LYS A 191 -20.10 63.46 -7.18
N VAL A 192 -20.84 64.41 -7.75
CA VAL A 192 -21.62 64.17 -8.96
C VAL A 192 -20.71 63.78 -10.13
N LEU A 193 -19.59 64.49 -10.30
CA LEU A 193 -18.65 64.13 -11.35
C LEU A 193 -18.06 62.74 -11.15
N GLY A 194 -17.84 62.35 -9.89
CA GLY A 194 -17.36 61.01 -9.61
C GLY A 194 -18.39 59.94 -9.91
N LEU A 195 -19.66 60.24 -9.65
CA LEU A 195 -20.76 59.37 -10.06
C LEU A 195 -20.74 59.16 -11.58
N LEU A 196 -20.53 60.24 -12.32
CA LEU A 196 -20.46 60.14 -13.78
C LEU A 196 -19.27 59.29 -14.21
N SER A 197 -18.17 59.42 -13.48
CA SER A 197 -16.97 58.65 -13.80
C SER A 197 -17.21 57.17 -13.60
N ARG A 198 -17.85 56.80 -12.49
CA ARG A 198 -18.13 55.38 -12.22
C ARG A 198 -19.12 54.81 -13.21
N ASP A 199 -20.04 55.66 -13.70
CA ASP A 199 -20.94 55.25 -14.77
C ASP A 199 -20.18 54.86 -16.02
N LEU A 200 -19.26 55.73 -16.45
CA LEU A 200 -18.46 55.44 -17.65
C LEU A 200 -17.56 54.23 -17.43
N GLU A 201 -17.06 54.07 -16.21
CA GLU A 201 -16.22 52.92 -15.87
C GLU A 201 -16.97 51.61 -16.04
N ARG A 202 -18.12 51.48 -15.38
CA ARG A 202 -18.88 50.23 -15.46
C ARG A 202 -19.39 49.98 -16.87
N PHE A 203 -19.66 51.07 -17.61
CA PHE A 203 -19.97 50.96 -19.03
C PHE A 203 -18.88 50.27 -19.80
N GLU A 204 -17.64 50.71 -19.61
CA GLU A 204 -16.58 50.15 -20.41
C GLU A 204 -16.21 48.74 -19.97
N LEU A 205 -16.37 48.43 -18.69
CA LEU A 205 -16.11 47.07 -18.26
C LEU A 205 -17.16 46.12 -18.81
N ASP A 206 -18.40 46.59 -18.95
CA ASP A 206 -19.44 45.81 -19.62
C ASP A 206 -19.06 45.54 -21.07
N LYS A 207 -18.56 46.57 -21.76
CA LYS A 207 -18.11 46.42 -23.14
C LYS A 207 -17.03 45.36 -23.26
N ARG A 208 -16.08 45.38 -22.34
CA ARG A 208 -14.95 44.46 -22.40
C ARG A 208 -15.40 43.03 -22.24
N VAL A 209 -16.29 42.77 -21.29
CA VAL A 209 -16.66 41.37 -21.08
C VAL A 209 -17.65 40.91 -22.14
N ALA A 210 -18.35 41.86 -22.78
CA ALA A 210 -19.14 41.49 -23.96
C ALA A 210 -18.26 41.01 -25.10
N GLN A 211 -17.10 41.63 -25.27
CA GLN A 211 -16.22 41.18 -26.35
C GLN A 211 -15.57 39.84 -26.01
N ARG A 212 -15.23 39.62 -24.74
CA ARG A 212 -14.65 38.32 -24.37
C ARG A 212 -15.65 37.19 -24.54
N VAL A 213 -16.93 37.47 -24.27
CA VAL A 213 -18.00 36.54 -24.58
C VAL A 213 -18.00 36.19 -26.07
N LYS A 214 -18.02 37.21 -26.92
CA LYS A 214 -18.16 36.96 -28.36
C LYS A 214 -16.98 36.18 -28.93
N GLU A 215 -15.77 36.43 -28.44
CA GLU A 215 -14.65 35.67 -29.01
C GLU A 215 -14.65 34.24 -28.51
N GLN A 216 -15.14 33.98 -27.29
CA GLN A 216 -15.25 32.58 -26.88
C GLN A 216 -16.32 31.83 -27.68
N MET A 217 -17.39 32.54 -28.06
CA MET A 217 -18.43 31.91 -28.88
C MET A 217 -17.90 31.52 -30.25
N ASP A 218 -17.26 32.47 -30.93
CA ASP A 218 -16.74 32.20 -32.26
C ASP A 218 -15.64 31.16 -32.24
N THR A 219 -14.87 31.11 -31.15
CA THR A 219 -13.83 30.11 -31.02
C THR A 219 -14.41 28.71 -30.90
N ASN A 220 -15.47 28.55 -30.11
CA ASN A 220 -16.05 27.22 -29.95
C ASN A 220 -16.69 26.74 -31.25
N GLN A 221 -17.35 27.66 -31.98
CA GLN A 221 -17.94 27.31 -33.28
C GLN A 221 -16.88 26.88 -34.29
N ARG A 222 -15.77 27.62 -34.36
CA ARG A 222 -14.65 27.23 -35.23
C ARG A 222 -14.09 25.87 -34.87
N GLU A 223 -14.01 25.57 -33.58
CA GLU A 223 -13.39 24.30 -33.21
C GLU A 223 -14.31 23.13 -33.54
N TYR A 224 -15.62 23.35 -33.46
CA TYR A 224 -16.56 22.31 -33.88
C TYR A 224 -16.47 22.05 -35.39
N TYR A 225 -16.43 23.12 -36.18
CA TYR A 225 -16.30 22.99 -37.64
C TYR A 225 -15.03 22.23 -38.02
N LEU A 226 -13.94 22.51 -37.31
CA LEU A 226 -12.69 21.84 -37.63
C LEU A 226 -12.73 20.37 -37.23
N ARG A 227 -13.39 20.02 -36.11
CA ARG A 227 -13.41 18.61 -35.76
C ARG A 227 -14.30 17.83 -36.72
N GLU A 228 -15.24 18.52 -37.36
CA GLU A 228 -16.01 17.81 -38.39
C GLU A 228 -15.23 17.68 -39.69
N GLN A 229 -14.36 18.65 -40.00
CA GLN A 229 -13.45 18.50 -41.13
C GLN A 229 -12.59 17.26 -40.96
N MET A 230 -12.14 17.02 -39.72
CA MET A 230 -11.34 15.83 -39.44
C MET A 230 -12.14 14.54 -39.64
N LYS A 231 -13.36 14.49 -39.09
CA LYS A 231 -14.22 13.32 -39.27
C LYS A 231 -14.43 12.98 -40.73
N ALA A 232 -14.78 13.97 -41.54
CA ALA A 232 -15.08 13.67 -42.92
C ALA A 232 -13.83 13.34 -43.72
N ILE A 233 -12.67 13.82 -43.29
CA ILE A 233 -11.46 13.39 -43.97
C ILE A 233 -11.20 11.92 -43.69
N GLN A 234 -11.49 11.47 -42.47
CA GLN A 234 -11.40 10.04 -42.20
C GLN A 234 -12.38 9.26 -43.06
N LYS A 235 -13.54 9.85 -43.34
CA LYS A 235 -14.55 9.18 -44.16
C LYS A 235 -14.09 9.04 -45.61
N GLU A 236 -13.59 10.12 -46.21
CA GLU A 236 -13.28 10.05 -47.62
C GLU A 236 -11.89 9.49 -47.88
N LEU A 237 -11.13 9.22 -46.81
CA LEU A 237 -10.00 8.30 -46.92
C LEU A 237 -10.46 6.85 -46.81
N GLY A 238 -11.38 6.56 -45.89
CA GLY A 238 -12.07 5.24 -45.85
C GLY A 238 -11.22 3.99 -45.83
N GLY A 239 -10.09 3.95 -46.54
CA GLY A 239 -9.17 2.80 -46.41
C GLY A 239 -8.77 2.83 -44.96
N GLU A 240 -8.56 4.04 -44.44
CA GLU A 240 -8.31 4.16 -42.98
C GLU A 240 -9.68 4.20 -42.32
N ASP A 241 -10.39 3.07 -42.34
CA ASP A 241 -11.70 2.97 -41.68
C ASP A 241 -11.43 2.45 -40.27
N GLY A 242 -12.10 2.98 -39.26
CA GLY A 242 -11.91 2.38 -37.92
C GLY A 242 -12.78 1.15 -37.89
N LEU A 243 -12.52 0.18 -38.79
CA LEU A 243 -13.43 -0.96 -38.89
C LEU A 243 -12.83 -2.18 -39.57
N SER A 244 -11.98 -2.01 -40.60
CA SER A 244 -11.61 -3.31 -41.15
C SER A 244 -10.79 -4.12 -40.16
N ASP A 245 -10.20 -3.46 -39.16
CA ASP A 245 -9.55 -4.16 -38.06
C ASP A 245 -10.55 -4.99 -37.27
N LEU A 246 -11.81 -4.55 -37.19
CA LEU A 246 -12.80 -5.32 -36.45
C LEU A 246 -13.23 -6.56 -37.23
N GLU A 247 -13.34 -6.47 -38.56
CA GLU A 247 -13.63 -7.68 -39.32
C GLU A 247 -12.44 -8.63 -39.34
N ALA A 248 -11.23 -8.08 -39.33
CA ALA A 248 -10.04 -8.92 -39.20
C ALA A 248 -10.02 -9.62 -37.85
N LEU A 249 -10.50 -8.95 -36.81
CA LEU A 249 -10.55 -9.56 -35.50
C LEU A 249 -11.65 -10.62 -35.42
N ARG A 250 -12.78 -10.39 -36.11
CA ARG A 250 -13.82 -11.41 -36.22
C ARG A 250 -13.30 -12.67 -36.89
N LYS A 251 -12.60 -12.50 -38.02
CA LYS A 251 -11.98 -13.63 -38.70
C LYS A 251 -10.95 -14.34 -37.83
N LYS A 252 -10.15 -13.57 -37.08
CA LYS A 252 -9.21 -14.19 -36.14
C LYS A 252 -9.89 -14.97 -35.04
N ILE A 253 -11.02 -14.49 -34.52
CA ILE A 253 -11.72 -15.22 -33.46
C ILE A 253 -12.25 -16.55 -33.99
N GLU A 254 -12.83 -16.56 -35.19
CA GLU A 254 -13.38 -17.82 -35.67
C GLU A 254 -12.43 -18.60 -36.57
N GLU A 255 -11.11 -18.41 -36.40
CA GLU A 255 -10.15 -19.29 -37.07
C GLU A 255 -9.23 -20.03 -36.12
N VAL A 256 -8.58 -19.36 -35.18
CA VAL A 256 -7.65 -20.02 -34.28
C VAL A 256 -8.41 -20.59 -33.10
N GLY A 257 -8.20 -21.87 -32.84
CA GLY A 257 -8.89 -22.55 -31.76
C GLY A 257 -10.37 -22.56 -32.05
N MET A 258 -11.21 -22.24 -31.06
CA MET A 258 -10.89 -22.17 -29.64
C MET A 258 -12.10 -22.90 -29.07
N PRO A 259 -12.15 -23.22 -27.77
CA PRO A 259 -13.35 -23.89 -27.24
C PRO A 259 -14.58 -23.01 -27.31
N GLU A 260 -15.75 -23.67 -27.31
CA GLU A 260 -17.00 -22.97 -27.59
C GLU A 260 -17.41 -22.06 -26.45
N ALA A 261 -17.14 -22.47 -25.21
CA ALA A 261 -17.47 -21.62 -24.08
C ALA A 261 -16.56 -20.41 -23.98
N VAL A 262 -15.41 -20.44 -24.63
CA VAL A 262 -14.58 -19.26 -24.75
C VAL A 262 -14.93 -18.47 -26.00
N LYS A 263 -15.31 -19.15 -27.07
CA LYS A 263 -15.64 -18.48 -28.32
C LYS A 263 -16.92 -17.66 -28.20
N THR A 264 -17.88 -18.14 -27.40
CA THR A 264 -19.11 -17.38 -27.18
C THR A 264 -18.83 -16.12 -26.36
N LYS A 265 -18.02 -16.25 -25.31
CA LYS A 265 -17.50 -15.14 -24.53
C LYS A 265 -16.83 -14.08 -25.41
N ALA A 266 -15.98 -14.53 -26.33
CA ALA A 266 -15.23 -13.62 -27.17
C ALA A 266 -16.13 -12.91 -28.17
N LEU A 267 -17.09 -13.62 -28.75
CA LEU A 267 -17.98 -12.97 -29.70
C LEU A 267 -18.93 -11.99 -29.02
N LYS A 268 -19.36 -12.30 -27.79
CA LYS A 268 -20.16 -11.35 -27.02
C LYS A 268 -19.36 -10.08 -26.70
N GLU A 269 -18.09 -10.25 -26.34
CA GLU A 269 -17.26 -9.08 -26.04
C GLU A 269 -17.00 -8.25 -27.29
N LEU A 270 -16.84 -8.89 -28.44
CA LEU A 270 -16.68 -8.14 -29.68
C LEU A 270 -17.96 -7.41 -30.07
N ASP A 271 -19.11 -8.00 -29.78
CA ASP A 271 -20.35 -7.31 -30.09
C ASP A 271 -20.57 -6.11 -29.16
N ARG A 272 -20.07 -6.17 -27.93
CA ARG A 272 -20.03 -4.94 -27.12
C ARG A 272 -19.08 -3.92 -27.70
N LEU A 273 -17.89 -4.36 -28.13
CA LEU A 273 -16.87 -3.43 -28.62
C LEU A 273 -17.30 -2.72 -29.89
N GLU A 274 -18.15 -3.35 -30.70
CA GLU A 274 -18.61 -2.69 -31.91
C GLU A 274 -19.62 -1.57 -31.65
N ARG A 275 -20.08 -1.39 -30.41
CA ARG A 275 -21.00 -0.30 -30.12
C ARG A 275 -20.33 0.89 -29.47
N MET A 276 -19.16 0.72 -28.86
CA MET A 276 -18.51 1.79 -28.12
C MET A 276 -17.99 2.87 -29.07
N GLN A 277 -17.78 4.05 -28.52
CA GLN A 277 -17.18 5.12 -29.30
C GLN A 277 -15.70 4.84 -29.51
N GLN A 278 -15.25 5.03 -30.75
CA GLN A 278 -13.83 4.96 -31.04
C GLN A 278 -13.14 6.12 -30.35
N GLY A 279 -12.23 5.79 -29.47
CA GLY A 279 -11.84 6.63 -28.36
C GLY A 279 -10.87 5.74 -27.62
N SER A 280 -11.01 5.45 -26.32
CA SER A 280 -12.07 5.76 -25.36
C SER A 280 -11.38 5.13 -24.18
N PRO A 281 -11.69 5.51 -22.94
CA PRO A 281 -11.09 4.79 -21.81
C PRO A 281 -11.62 3.37 -21.65
N GLU A 282 -12.76 3.05 -22.25
CA GLU A 282 -13.40 1.76 -22.09
C GLU A 282 -13.36 0.90 -23.35
N ALA A 283 -12.97 1.44 -24.49
CA ALA A 283 -12.78 0.65 -25.69
C ALA A 283 -11.40 0.02 -25.74
N THR A 284 -10.40 0.68 -25.18
CA THR A 284 -9.05 0.15 -25.23
C THR A 284 -8.89 -1.06 -24.34
N VAL A 285 -9.64 -1.11 -23.24
CA VAL A 285 -9.64 -2.28 -22.37
C VAL A 285 -10.20 -3.49 -23.10
N ALA A 286 -11.30 -3.31 -23.81
CA ALA A 286 -11.92 -4.40 -24.55
C ALA A 286 -11.03 -4.85 -25.72
N ARG A 287 -10.39 -3.92 -26.41
CA ARG A 287 -9.58 -4.33 -27.55
C ARG A 287 -8.29 -5.00 -27.10
N THR A 288 -7.71 -4.54 -25.99
CA THR A 288 -6.53 -5.20 -25.46
C THR A 288 -6.85 -6.60 -24.95
N TYR A 289 -8.02 -6.76 -24.34
CA TYR A 289 -8.44 -8.08 -23.89
C TYR A 289 -8.69 -9.02 -25.06
N LEU A 290 -9.25 -8.52 -26.15
CA LEU A 290 -9.45 -9.40 -27.30
C LEU A 290 -8.15 -9.72 -28.01
N ASP A 291 -7.17 -8.82 -27.98
CA ASP A 291 -5.87 -9.14 -28.56
C ASP A 291 -5.17 -10.22 -27.75
N TRP A 292 -5.25 -10.15 -26.42
CA TRP A 292 -4.71 -11.23 -25.61
C TRP A 292 -5.46 -12.55 -25.81
N LEU A 293 -6.76 -12.50 -26.08
CA LEU A 293 -7.45 -13.77 -26.34
C LEU A 293 -7.09 -14.36 -27.68
N THR A 294 -6.89 -13.53 -28.71
CA THR A 294 -6.63 -14.11 -30.01
C THR A 294 -5.17 -14.45 -30.23
N GLU A 295 -4.25 -13.91 -29.43
CA GLU A 295 -2.84 -14.17 -29.65
C GLU A 295 -2.27 -15.30 -28.80
N VAL A 296 -3.00 -15.79 -27.81
CA VAL A 296 -2.53 -16.89 -26.99
C VAL A 296 -2.84 -18.14 -27.80
N PRO A 297 -2.06 -19.22 -27.72
CA PRO A 297 -2.32 -20.36 -28.60
C PRO A 297 -3.40 -21.28 -28.07
N TRP A 298 -4.36 -21.60 -28.93
CA TRP A 298 -5.37 -22.62 -28.69
C TRP A 298 -5.16 -23.67 -29.77
N SER A 299 -4.62 -24.82 -29.38
CA SER A 299 -4.42 -25.99 -30.26
C SER A 299 -3.53 -25.70 -31.47
N LYS A 300 -2.28 -25.38 -31.20
CA LYS A 300 -1.18 -25.55 -32.16
C LYS A 300 -0.08 -26.31 -31.47
N ALA A 301 0.40 -27.38 -32.09
CA ALA A 301 1.39 -28.23 -31.47
C ALA A 301 2.43 -28.60 -32.49
N ASP A 302 3.70 -28.31 -32.20
CA ASP A 302 4.77 -28.88 -32.98
C ASP A 302 4.82 -30.39 -32.71
N PRO A 303 5.22 -31.21 -33.69
CA PRO A 303 4.81 -32.61 -33.67
C PRO A 303 5.43 -33.46 -32.58
N GLU A 304 4.73 -34.56 -32.33
CA GLU A 304 4.99 -35.66 -31.41
C GLU A 304 6.06 -36.57 -31.99
N VAL A 305 5.94 -37.88 -31.73
CA VAL A 305 6.91 -38.96 -31.84
C VAL A 305 8.00 -38.83 -32.90
N LEU A 306 9.24 -39.04 -32.47
CA LEU A 306 10.45 -38.78 -33.21
C LEU A 306 11.21 -40.09 -33.41
N ASP A 307 12.41 -39.96 -33.95
CA ASP A 307 13.35 -41.08 -34.00
C ASP A 307 14.13 -41.07 -32.69
N ILE A 308 14.09 -42.19 -31.97
CA ILE A 308 14.71 -42.25 -30.65
C ILE A 308 16.23 -42.26 -30.77
N ASN A 309 16.76 -42.95 -31.78
CA ASN A 309 18.20 -42.99 -32.00
C ASN A 309 18.77 -41.65 -32.40
N HIS A 310 17.95 -40.75 -32.94
CA HIS A 310 18.44 -39.42 -33.26
C HIS A 310 18.47 -38.52 -32.05
N THR A 311 17.43 -38.57 -31.21
CA THR A 311 17.41 -37.70 -30.04
C THR A 311 18.43 -38.16 -29.00
N ARG A 312 18.75 -39.45 -28.98
CA ARG A 312 19.81 -39.92 -28.08
C ARG A 312 21.17 -39.36 -28.51
N GLN A 313 21.41 -39.30 -29.82
CA GLN A 313 22.66 -38.73 -30.30
C GLN A 313 22.71 -37.22 -30.09
N VAL A 314 21.57 -36.55 -30.12
CA VAL A 314 21.57 -35.12 -29.84
C VAL A 314 21.80 -34.87 -28.35
N LEU A 315 21.26 -35.72 -27.49
CA LEU A 315 21.50 -35.57 -26.05
C LEU A 315 22.94 -35.89 -25.68
N ASP A 316 23.58 -36.80 -26.39
CA ASP A 316 24.96 -37.13 -26.02
C ASP A 316 25.99 -36.13 -26.49
N GLU A 317 25.63 -35.15 -27.30
CA GLU A 317 26.62 -34.20 -27.78
C GLU A 317 26.55 -32.87 -27.03
N ASP A 318 25.90 -32.85 -25.89
CA ASP A 318 25.86 -31.65 -25.05
C ASP A 318 26.25 -31.90 -23.61
N HIS A 319 26.18 -33.13 -23.11
CA HIS A 319 26.45 -33.41 -21.72
C HIS A 319 27.07 -34.79 -21.62
N TYR A 320 28.01 -34.94 -20.72
CA TYR A 320 28.59 -36.23 -20.41
C TYR A 320 27.83 -36.84 -19.25
N GLY A 321 27.65 -38.15 -19.28
CA GLY A 321 27.02 -38.82 -18.15
C GLY A 321 25.53 -38.55 -18.13
N LEU A 322 24.99 -38.40 -16.90
CA LEU A 322 23.61 -38.02 -16.63
C LEU A 322 22.61 -39.00 -17.24
N LYS A 323 22.69 -40.25 -16.80
CA LYS A 323 21.92 -41.29 -17.47
C LYS A 323 20.44 -41.30 -17.09
N ASP A 324 20.11 -40.87 -15.87
CA ASP A 324 18.72 -40.94 -15.42
C ASP A 324 17.84 -39.99 -16.20
N VAL A 325 18.30 -38.76 -16.40
CA VAL A 325 17.52 -37.76 -17.12
C VAL A 325 17.37 -38.14 -18.59
N LYS A 326 18.44 -38.67 -19.18
CA LYS A 326 18.40 -39.09 -20.57
C LYS A 326 17.46 -40.27 -20.77
N GLU A 327 17.48 -41.23 -19.85
CA GLU A 327 16.57 -42.37 -19.98
C GLU A 327 15.13 -41.95 -19.74
N ARG A 328 14.89 -40.95 -18.89
CA ARG A 328 13.54 -40.44 -18.71
C ARG A 328 13.01 -39.84 -19.99
N ILE A 329 13.83 -39.08 -20.71
CA ILE A 329 13.37 -38.49 -21.97
C ILE A 329 13.13 -39.56 -23.02
N LEU A 330 13.98 -40.58 -23.06
CA LEU A 330 13.81 -41.61 -24.10
C LEU A 330 12.59 -42.48 -23.85
N GLU A 331 12.27 -42.78 -22.60
CA GLU A 331 11.09 -43.59 -22.38
C GLU A 331 9.81 -42.78 -22.45
N TYR A 332 9.87 -41.46 -22.21
CA TYR A 332 8.77 -40.58 -22.61
C TYR A 332 8.51 -40.65 -24.11
N LEU A 333 9.57 -40.63 -24.92
CA LEU A 333 9.36 -40.72 -26.37
C LEU A 333 8.83 -42.07 -26.80
N ALA A 334 9.23 -43.15 -26.11
CA ALA A 334 8.69 -44.46 -26.43
C ALA A 334 7.19 -44.53 -26.14
N VAL A 335 6.76 -43.94 -25.03
CA VAL A 335 5.34 -43.90 -24.70
C VAL A 335 4.58 -43.07 -25.74
N ARG A 336 5.16 -41.96 -26.19
CA ARG A 336 4.51 -41.19 -27.26
C ARG A 336 4.49 -41.92 -28.59
N GLN A 337 5.38 -42.89 -28.80
CA GLN A 337 5.25 -43.69 -30.00
C GLN A 337 4.13 -44.72 -29.88
N LEU A 338 4.01 -45.41 -28.74
CA LEU A 338 2.99 -46.45 -28.66
C LEU A 338 1.56 -45.93 -28.57
N THR A 339 1.36 -44.73 -28.04
CA THR A 339 0.01 -44.19 -27.95
C THR A 339 -0.33 -43.29 -29.12
N GLN A 340 0.24 -43.55 -30.28
CA GLN A 340 -0.04 -42.77 -31.47
C GLN A 340 -1.31 -43.32 -32.11
N GLY A 341 -2.28 -42.46 -32.33
CA GLY A 341 -3.53 -42.86 -32.93
C GLY A 341 -4.61 -43.24 -31.95
N LEU A 342 -4.25 -43.56 -30.72
CA LEU A 342 -5.25 -43.83 -29.71
C LEU A 342 -5.78 -42.52 -29.14
N ASP A 343 -6.97 -42.58 -28.54
CA ASP A 343 -7.60 -41.41 -27.93
C ASP A 343 -7.39 -41.36 -26.43
N VAL A 344 -6.23 -41.76 -25.97
CA VAL A 344 -5.95 -41.84 -24.56
C VAL A 344 -5.38 -40.50 -24.09
N ARG A 345 -5.40 -40.27 -22.79
CA ARG A 345 -5.04 -38.98 -22.22
C ARG A 345 -3.54 -38.70 -22.31
N ASN A 346 -3.19 -37.50 -22.74
CA ASN A 346 -1.82 -37.04 -22.89
C ASN A 346 -1.51 -36.10 -21.73
N LYS A 347 -0.46 -36.40 -20.98
CA LYS A 347 -0.07 -35.55 -19.85
C LYS A 347 1.45 -35.49 -19.80
N ALA A 348 1.99 -34.30 -19.91
CA ALA A 348 3.41 -34.07 -19.93
C ALA A 348 4.01 -34.22 -18.54
N PRO A 349 5.30 -34.57 -18.45
CA PRO A 349 5.92 -34.73 -17.13
C PRO A 349 6.12 -33.41 -16.41
N ILE A 350 6.25 -33.50 -15.09
CA ILE A 350 6.66 -32.37 -14.24
C ILE A 350 7.81 -32.87 -13.38
N LEU A 351 8.97 -32.25 -13.52
CA LEU A 351 10.19 -32.74 -12.90
C LEU A 351 10.79 -31.70 -11.99
N VAL A 352 11.56 -32.15 -11.01
CA VAL A 352 12.47 -31.28 -10.27
C VAL A 352 13.83 -31.96 -10.26
N LEU A 353 14.86 -31.18 -10.56
CA LEU A 353 16.23 -31.66 -10.61
C LEU A 353 16.95 -31.08 -9.40
N VAL A 354 17.51 -31.96 -8.57
CA VAL A 354 18.12 -31.56 -7.31
C VAL A 354 19.59 -31.95 -7.34
N GLY A 355 20.47 -31.05 -6.92
CA GLY A 355 21.86 -31.37 -6.83
C GLY A 355 22.72 -30.24 -6.32
N PRO A 356 24.02 -30.46 -6.23
CA PRO A 356 24.96 -29.41 -5.78
C PRO A 356 25.07 -28.28 -6.78
N PRO A 357 25.75 -27.17 -6.44
CA PRO A 357 25.73 -25.99 -7.35
C PRO A 357 26.29 -26.16 -8.75
N GLY A 358 27.47 -26.72 -8.92
CA GLY A 358 28.00 -26.58 -10.27
C GLY A 358 27.56 -27.59 -11.30
N VAL A 359 26.66 -28.49 -10.96
CA VAL A 359 26.25 -29.56 -11.86
C VAL A 359 25.24 -29.01 -12.85
N GLY A 360 25.21 -29.53 -14.07
CA GLY A 360 24.44 -28.92 -15.13
C GLY A 360 22.93 -29.04 -15.07
N LYS A 361 22.29 -28.38 -14.11
CA LYS A 361 20.84 -28.43 -13.98
C LYS A 361 20.17 -27.45 -14.92
N THR A 362 20.58 -26.18 -14.89
CA THR A 362 19.99 -25.17 -15.77
C THR A 362 20.34 -25.45 -17.23
N SER A 363 21.53 -26.00 -17.48
CA SER A 363 22.00 -26.22 -18.84
C SER A 363 21.26 -27.35 -19.55
N LEU A 364 20.53 -28.18 -18.83
CA LEU A 364 19.79 -29.27 -19.46
C LEU A 364 18.51 -28.84 -20.14
N GLY A 365 17.97 -27.67 -19.80
CA GLY A 365 16.74 -27.19 -20.41
C GLY A 365 16.79 -27.01 -21.91
N ARG A 366 17.76 -26.24 -22.41
CA ARG A 366 17.88 -26.07 -23.85
C ARG A 366 18.32 -27.34 -24.53
N SER A 367 19.03 -28.22 -23.85
CA SER A 367 19.44 -29.47 -24.47
C SER A 367 18.25 -30.39 -24.67
N ILE A 368 17.39 -30.51 -23.66
CA ILE A 368 16.19 -31.35 -23.78
C ILE A 368 15.23 -30.74 -24.78
N ALA A 369 15.14 -29.41 -24.82
CA ALA A 369 14.22 -28.78 -25.78
C ALA A 369 14.75 -28.89 -27.20
N ARG A 370 16.05 -28.76 -27.41
CA ARG A 370 16.62 -28.88 -28.74
C ARG A 370 16.59 -30.31 -29.23
N SER A 371 16.68 -31.26 -28.30
CA SER A 371 16.68 -32.67 -28.68
C SER A 371 15.33 -33.14 -29.20
N MET A 372 14.24 -32.53 -28.76
CA MET A 372 12.91 -32.97 -29.16
C MET A 372 12.23 -32.02 -30.13
N ASN A 373 12.98 -31.07 -30.70
CA ASN A 373 12.49 -30.06 -31.65
C ASN A 373 11.36 -29.22 -31.09
N ARG A 374 11.37 -28.96 -29.79
CA ARG A 374 10.32 -28.19 -29.16
C ARG A 374 10.76 -26.77 -28.90
N LYS A 375 9.78 -25.91 -28.65
CA LYS A 375 10.10 -24.55 -28.26
C LYS A 375 10.55 -24.52 -26.82
N PHE A 376 11.30 -23.48 -26.48
CA PHE A 376 11.88 -23.34 -25.15
C PHE A 376 11.60 -21.95 -24.63
N HIS A 377 11.38 -21.85 -23.32
CA HIS A 377 11.28 -20.57 -22.64
C HIS A 377 11.73 -20.76 -21.21
N ARG A 378 12.25 -19.70 -20.61
CA ARG A 378 12.83 -19.77 -19.28
C ARG A 378 12.24 -18.69 -18.39
N ILE A 379 11.78 -19.09 -17.22
CA ILE A 379 11.23 -18.17 -16.23
C ILE A 379 12.09 -18.29 -14.98
N SER A 380 12.66 -17.18 -14.57
CA SER A 380 13.55 -17.18 -13.41
C SER A 380 12.76 -16.78 -12.19
N LEU A 381 12.53 -17.75 -11.31
CA LEU A 381 11.95 -17.48 -10.01
C LEU A 381 13.10 -17.15 -9.05
N GLY A 382 12.84 -17.16 -7.77
CA GLY A 382 13.94 -16.91 -6.87
C GLY A 382 13.97 -15.47 -6.43
N GLY A 383 13.54 -15.22 -5.21
CA GLY A 383 13.32 -13.87 -4.76
C GLY A 383 12.00 -13.26 -5.18
N VAL A 384 11.26 -13.92 -6.07
CA VAL A 384 9.96 -13.41 -6.50
C VAL A 384 9.00 -13.49 -5.32
N ARG A 385 8.46 -12.34 -4.93
CA ARG A 385 7.57 -12.26 -3.78
C ARG A 385 6.17 -11.85 -4.16
N ASP A 386 5.94 -11.52 -5.42
CA ASP A 386 4.67 -10.97 -5.86
C ASP A 386 3.82 -12.11 -6.42
N GLU A 387 2.62 -12.27 -5.88
CA GLU A 387 1.68 -13.24 -6.38
C GLU A 387 1.13 -12.83 -7.74
N ALA A 388 1.19 -11.56 -8.07
CA ALA A 388 0.76 -11.07 -9.37
C ALA A 388 1.78 -11.31 -10.46
N GLU A 389 2.84 -12.06 -10.20
CA GLU A 389 3.68 -12.56 -11.28
C GLU A 389 3.19 -13.90 -11.80
N ILE A 390 2.54 -14.68 -10.95
CA ILE A 390 2.03 -15.98 -11.38
C ILE A 390 0.69 -15.82 -12.07
N ARG A 391 -0.24 -15.13 -11.45
CA ARG A 391 -1.49 -14.72 -12.06
C ARG A 391 -1.36 -13.26 -12.47
N GLY A 392 -2.44 -12.63 -12.85
CA GLY A 392 -2.31 -11.24 -13.26
C GLY A 392 -3.03 -10.27 -12.35
N HIS A 393 -3.64 -9.25 -12.94
CA HIS A 393 -4.60 -8.39 -12.28
C HIS A 393 -5.88 -8.38 -13.10
N ARG A 394 -6.97 -7.90 -12.51
CA ARG A 394 -8.32 -8.20 -12.99
C ARG A 394 -8.77 -7.39 -14.19
N ARG A 395 -7.88 -6.68 -14.88
CA ARG A 395 -8.12 -5.73 -15.97
C ARG A 395 -9.18 -4.66 -15.71
N THR A 396 -9.61 -4.50 -14.47
CA THR A 396 -10.25 -3.27 -14.06
C THR A 396 -9.20 -2.22 -13.79
N TYR A 397 -8.07 -2.65 -13.25
CA TYR A 397 -6.94 -1.78 -12.97
C TYR A 397 -6.31 -1.29 -14.25
N ILE A 398 -5.36 -0.38 -14.10
CA ILE A 398 -5.13 0.58 -15.16
C ILE A 398 -3.94 0.22 -16.05
N GLY A 399 -3.05 -0.65 -15.61
CA GLY A 399 -2.03 -1.14 -16.50
C GLY A 399 -1.94 -2.65 -16.41
N ALA A 400 -3.09 -3.29 -16.21
CA ALA A 400 -3.11 -4.71 -15.92
C ALA A 400 -2.78 -5.55 -17.15
N MET A 401 -2.24 -6.74 -16.91
CA MET A 401 -1.76 -7.69 -17.89
C MET A 401 -1.53 -9.02 -17.21
N PRO A 402 -1.59 -10.16 -17.92
CA PRO A 402 -1.53 -11.45 -17.24
C PRO A 402 -0.15 -11.83 -16.72
N GLY A 403 -0.07 -12.98 -16.05
CA GLY A 403 1.14 -13.36 -15.37
C GLY A 403 2.23 -13.84 -16.32
N LYS A 404 3.29 -14.38 -15.72
CA LYS A 404 4.41 -14.87 -16.51
C LYS A 404 4.10 -16.11 -17.31
N LEU A 405 3.10 -16.89 -16.90
CA LEU A 405 2.81 -18.13 -17.62
C LEU A 405 2.02 -17.88 -18.90
N ILE A 406 1.01 -17.01 -18.85
CA ILE A 406 0.27 -16.69 -20.07
C ILE A 406 1.15 -15.91 -21.03
N HIS A 407 2.02 -15.05 -20.50
CA HIS A 407 2.98 -14.35 -21.32
C HIS A 407 3.99 -15.30 -21.95
N ALA A 408 4.41 -16.32 -21.20
CA ALA A 408 5.34 -17.31 -21.72
C ALA A 408 4.69 -18.17 -22.79
N MET A 409 3.44 -18.54 -22.61
CA MET A 409 2.73 -19.27 -23.65
C MET A 409 2.44 -18.40 -24.86
N LYS A 410 2.40 -17.09 -24.70
CA LYS A 410 2.21 -16.23 -25.86
C LYS A 410 3.50 -16.02 -26.64
N GLN A 411 4.65 -16.00 -25.96
CA GLN A 411 5.93 -15.87 -26.65
C GLN A 411 6.21 -17.08 -27.52
N VAL A 412 6.18 -18.27 -26.90
CA VAL A 412 6.16 -19.53 -27.62
C VAL A 412 4.93 -19.59 -28.52
N GLY A 413 5.07 -20.17 -29.69
CA GLY A 413 3.88 -20.24 -30.53
C GLY A 413 2.93 -21.38 -30.30
N VAL A 414 3.31 -22.39 -29.52
CA VAL A 414 2.60 -23.67 -29.52
C VAL A 414 2.00 -23.97 -28.16
N ILE A 415 1.29 -25.09 -28.03
CA ILE A 415 0.68 -25.45 -26.74
C ILE A 415 1.48 -26.47 -25.97
N ASN A 416 2.53 -27.03 -26.54
CA ASN A 416 3.43 -27.92 -25.81
C ASN A 416 4.87 -27.44 -25.89
N PRO A 417 5.24 -26.41 -25.14
CA PRO A 417 6.64 -26.06 -25.06
C PRO A 417 7.33 -26.85 -23.97
N VAL A 418 8.61 -26.56 -23.77
CA VAL A 418 9.34 -26.95 -22.58
C VAL A 418 9.62 -25.66 -21.83
N ILE A 419 9.19 -25.59 -20.58
CA ILE A 419 9.36 -24.38 -19.79
C ILE A 419 10.18 -24.70 -18.57
N LEU A 420 11.33 -24.03 -18.45
CA LEU A 420 12.20 -24.16 -17.30
C LEU A 420 11.79 -23.17 -16.23
N LEU A 421 11.58 -23.64 -15.02
CA LEU A 421 11.28 -22.79 -13.87
C LEU A 421 12.48 -22.84 -12.96
N ASP A 422 13.31 -21.81 -12.99
CA ASP A 422 14.64 -21.88 -12.43
C ASP A 422 14.61 -21.40 -10.98
N GLU A 423 15.24 -22.18 -10.10
CA GLU A 423 15.37 -21.91 -8.67
C GLU A 423 14.01 -21.82 -7.98
N ILE A 424 13.28 -22.93 -8.00
CA ILE A 424 11.94 -22.94 -7.41
C ILE A 424 12.00 -23.00 -5.89
N ASP A 425 13.12 -23.39 -5.30
CA ASP A 425 13.20 -23.40 -3.85
C ASP A 425 13.55 -22.05 -3.26
N LYS A 426 13.76 -21.03 -4.07
CA LYS A 426 14.16 -19.72 -3.58
C LYS A 426 13.04 -18.71 -3.62
N MET A 427 11.79 -19.13 -3.83
CA MET A 427 10.70 -18.21 -3.63
C MET A 427 10.49 -17.98 -2.14
N SER A 428 9.86 -16.86 -1.80
CA SER A 428 9.69 -16.48 -0.41
C SER A 428 8.21 -16.41 -0.05
N SER A 429 7.85 -17.01 1.08
CA SER A 429 6.47 -17.17 1.51
C SER A 429 6.34 -16.75 2.96
N ASP A 430 5.50 -15.77 3.24
CA ASP A 430 5.27 -15.28 4.59
C ASP A 430 3.91 -14.61 4.64
N TRP A 431 3.69 -13.73 5.60
CA TRP A 431 2.36 -13.15 5.76
C TRP A 431 2.06 -12.29 4.57
N ARG A 432 3.04 -11.56 4.09
CA ARG A 432 2.81 -10.72 2.91
C ARG A 432 3.78 -11.13 1.81
N GLY A 433 3.23 -11.76 0.78
CA GLY A 433 4.05 -12.29 -0.29
C GLY A 433 4.08 -13.80 -0.24
N ASP A 434 3.31 -14.44 -1.11
CA ASP A 434 3.25 -15.91 -1.16
C ASP A 434 2.94 -16.35 -2.57
N PRO A 435 3.95 -16.42 -3.44
CA PRO A 435 3.71 -16.95 -4.78
C PRO A 435 3.79 -18.46 -4.85
N ALA A 436 4.33 -19.11 -3.82
CA ALA A 436 4.40 -20.56 -3.79
C ALA A 436 3.05 -21.21 -3.60
N SER A 437 2.06 -20.46 -3.15
CA SER A 437 0.71 -20.96 -3.00
C SER A 437 -0.12 -20.80 -4.25
N ALA A 438 0.28 -19.91 -5.15
CA ALA A 438 -0.36 -19.83 -6.45
C ALA A 438 0.24 -20.81 -7.44
N MET A 439 1.44 -21.32 -7.17
CA MET A 439 2.03 -22.35 -8.01
C MET A 439 1.41 -23.72 -7.78
N LEU A 440 0.57 -23.87 -6.77
CA LEU A 440 -0.11 -25.14 -6.57
C LEU A 440 -1.12 -25.41 -7.65
N GLU A 441 -1.64 -24.37 -8.28
CA GLU A 441 -2.63 -24.55 -9.32
C GLU A 441 -2.00 -24.81 -10.68
N VAL A 442 -0.76 -24.41 -10.89
CA VAL A 442 -0.15 -24.61 -12.20
C VAL A 442 0.59 -25.94 -12.29
N LEU A 443 0.88 -26.58 -11.17
CA LEU A 443 1.62 -27.83 -11.19
C LEU A 443 0.78 -29.00 -10.71
N ASP A 444 -0.51 -28.83 -10.59
CA ASP A 444 -1.39 -29.91 -10.18
C ASP A 444 -1.55 -30.88 -11.34
N PRO A 445 -1.17 -32.15 -11.19
CA PRO A 445 -1.11 -33.05 -12.36
C PRO A 445 -2.45 -33.46 -12.91
N GLU A 446 -3.56 -33.03 -12.33
CA GLU A 446 -4.85 -33.40 -12.87
C GLU A 446 -5.85 -32.27 -12.87
N GLN A 447 -5.49 -31.10 -12.36
CA GLN A 447 -6.39 -29.96 -12.32
C GLN A 447 -5.87 -28.77 -13.11
N ASN A 448 -4.75 -28.90 -13.82
CA ASN A 448 -4.30 -27.81 -14.67
C ASN A 448 -4.84 -27.92 -16.08
N ASN A 449 -5.88 -28.72 -16.30
CA ASN A 449 -6.76 -28.51 -17.44
C ASN A 449 -7.38 -27.14 -17.39
N THR A 450 -7.74 -26.70 -16.20
CA THR A 450 -8.42 -25.44 -15.96
C THR A 450 -7.55 -24.63 -15.03
N PHE A 451 -6.58 -23.92 -15.60
CA PHE A 451 -5.83 -22.91 -14.88
C PHE A 451 -6.40 -21.55 -15.23
N THR A 452 -6.91 -20.84 -14.24
CA THR A 452 -7.55 -19.54 -14.45
C THR A 452 -6.63 -18.44 -13.98
N ASP A 453 -6.26 -17.56 -14.91
CA ASP A 453 -5.52 -16.35 -14.65
C ASP A 453 -6.49 -15.29 -14.12
N HIS A 454 -5.98 -14.20 -13.57
CA HIS A 454 -6.90 -13.14 -13.19
C HIS A 454 -7.18 -12.18 -14.34
N TYR A 455 -6.26 -12.02 -15.28
CA TYR A 455 -6.53 -11.17 -16.43
C TYR A 455 -7.46 -11.88 -17.39
N LEU A 456 -7.06 -13.03 -17.91
CA LEU A 456 -7.95 -13.86 -18.69
C LEU A 456 -8.95 -14.50 -17.74
N ASP A 457 -10.22 -14.24 -17.91
CA ASP A 457 -11.19 -14.88 -17.04
C ASP A 457 -11.44 -16.34 -17.41
N VAL A 458 -11.03 -16.78 -18.58
CA VAL A 458 -11.37 -18.10 -19.09
C VAL A 458 -10.42 -19.13 -18.47
N PRO A 459 -10.80 -20.39 -18.39
CA PRO A 459 -9.83 -21.42 -18.01
C PRO A 459 -8.95 -21.81 -19.19
N TYR A 460 -7.67 -21.97 -18.92
CA TYR A 460 -6.69 -22.24 -19.95
C TYR A 460 -5.99 -23.56 -19.66
N ASP A 461 -5.66 -24.29 -20.72
CA ASP A 461 -5.15 -25.64 -20.60
C ASP A 461 -3.63 -25.63 -20.56
N LEU A 462 -3.05 -26.12 -19.47
CA LEU A 462 -1.61 -26.23 -19.34
C LEU A 462 -1.18 -27.67 -19.10
N SER A 463 -1.90 -28.63 -19.64
CA SER A 463 -1.54 -30.02 -19.37
C SER A 463 -0.57 -30.59 -20.38
N LYS A 464 -0.35 -29.90 -21.50
CA LYS A 464 0.55 -30.41 -22.53
C LYS A 464 1.97 -29.90 -22.39
N VAL A 465 2.23 -28.99 -21.46
CA VAL A 465 3.51 -28.29 -21.40
C VAL A 465 4.45 -29.02 -20.45
N PHE A 466 5.65 -29.30 -20.95
CA PHE A 466 6.69 -30.05 -20.25
C PHE A 466 7.34 -29.11 -19.23
N PHE A 467 7.09 -29.32 -17.94
CA PHE A 467 7.70 -28.49 -16.92
C PHE A 467 8.97 -29.12 -16.37
N ILE A 468 10.03 -28.32 -16.27
CA ILE A 468 11.28 -28.71 -15.64
C ILE A 468 11.61 -27.64 -14.61
N THR A 469 11.85 -28.05 -13.38
CA THR A 469 12.21 -27.11 -12.34
C THR A 469 13.55 -27.51 -11.74
N THR A 470 14.15 -26.60 -11.00
CA THR A 470 15.53 -26.73 -10.55
C THR A 470 15.64 -26.30 -9.10
N ALA A 471 16.24 -27.13 -8.27
CA ALA A 471 16.52 -26.77 -6.90
C ALA A 471 17.90 -27.27 -6.55
N ASN A 472 18.38 -26.89 -5.37
CA ASN A 472 19.57 -27.52 -4.83
C ASN A 472 19.40 -28.06 -3.42
N THR A 473 18.28 -27.79 -2.77
CA THR A 473 17.87 -28.56 -1.61
C THR A 473 16.35 -28.67 -1.64
N LEU A 474 15.84 -29.74 -1.05
CA LEU A 474 14.40 -29.97 -1.02
C LEU A 474 13.74 -29.44 0.24
N GLN A 475 14.49 -28.80 1.14
CA GLN A 475 13.93 -28.47 2.44
C GLN A 475 13.10 -27.21 2.42
N THR A 476 13.47 -26.21 1.62
CA THR A 476 12.74 -24.96 1.56
C THR A 476 11.61 -24.97 0.56
N ILE A 477 11.20 -26.14 0.11
CA ILE A 477 10.03 -26.30 -0.76
C ILE A 477 8.86 -26.72 0.12
N PRO A 478 7.68 -26.09 0.00
CA PRO A 478 6.53 -26.52 0.79
C PRO A 478 6.09 -27.93 0.41
N ARG A 479 5.58 -28.65 1.40
CA ARG A 479 5.26 -30.06 1.20
C ARG A 479 4.12 -30.34 0.21
N PRO A 480 3.02 -29.56 0.15
CA PRO A 480 2.08 -29.78 -0.96
C PRO A 480 2.71 -29.56 -2.32
N LEU A 481 3.52 -28.52 -2.49
CA LEU A 481 4.12 -28.24 -3.79
C LEU A 481 5.16 -29.29 -4.16
N LEU A 482 5.91 -29.78 -3.19
CA LEU A 482 6.85 -30.85 -3.44
C LEU A 482 6.15 -32.14 -3.84
N ASP A 483 4.94 -32.36 -3.32
CA ASP A 483 4.25 -33.61 -3.60
C ASP A 483 3.75 -33.71 -5.04
N ARG A 484 3.62 -32.59 -5.77
CA ARG A 484 3.19 -32.68 -7.16
C ARG A 484 4.31 -33.03 -8.12
N MET A 485 5.56 -32.76 -7.76
CA MET A 485 6.66 -32.87 -8.70
C MET A 485 7.36 -34.21 -8.56
N GLU A 486 7.94 -34.66 -9.66
CA GLU A 486 8.72 -35.88 -9.68
C GLU A 486 10.20 -35.55 -9.53
N VAL A 487 10.86 -36.16 -8.55
CA VAL A 487 12.19 -35.73 -8.14
C VAL A 487 13.25 -36.63 -8.77
N ILE A 488 14.27 -36.00 -9.36
CA ILE A 488 15.41 -36.69 -9.96
C ILE A 488 16.67 -36.17 -9.30
N GLU A 489 17.41 -37.06 -8.67
CA GLU A 489 18.65 -36.69 -7.99
C GLU A 489 19.79 -36.57 -8.98
N ILE A 490 20.59 -35.52 -8.83
CA ILE A 490 21.83 -35.43 -9.62
C ILE A 490 22.98 -35.29 -8.63
N PRO A 491 23.85 -36.27 -8.53
CA PRO A 491 24.73 -36.35 -7.36
C PRO A 491 25.97 -35.47 -7.34
N GLY A 492 26.63 -35.25 -8.46
CA GLY A 492 27.95 -34.65 -8.35
C GLY A 492 29.00 -35.65 -8.81
N TYR A 493 29.98 -35.17 -9.55
CA TYR A 493 30.77 -36.06 -10.38
C TYR A 493 31.98 -36.60 -9.64
N THR A 494 32.48 -37.74 -10.11
CA THR A 494 33.67 -38.36 -9.57
C THR A 494 34.89 -37.77 -10.27
N ASN A 495 36.07 -38.34 -10.05
CA ASN A 495 37.25 -37.77 -10.69
C ASN A 495 37.37 -38.18 -12.14
N MET A 496 37.00 -39.42 -12.48
CA MET A 496 37.07 -39.85 -13.87
C MET A 496 36.04 -39.15 -14.72
N GLU A 497 34.86 -38.87 -14.16
CA GLU A 497 33.86 -38.09 -14.86
C GLU A 497 34.32 -36.67 -15.08
N LYS A 498 34.95 -36.06 -14.07
CA LYS A 498 35.49 -34.70 -14.25
C LYS A 498 36.60 -34.68 -15.27
N GLN A 499 37.39 -35.74 -15.35
CA GLN A 499 38.47 -35.78 -16.33
C GLN A 499 37.92 -35.92 -17.75
N ALA A 500 36.88 -36.73 -17.92
CA ALA A 500 36.27 -36.86 -19.24
C ALA A 500 35.54 -35.58 -19.65
N ILE A 501 34.89 -34.90 -18.70
CA ILE A 501 34.26 -33.62 -19.00
C ILE A 501 35.29 -32.57 -19.37
N ALA A 502 36.40 -32.52 -18.64
CA ALA A 502 37.43 -31.52 -18.94
C ALA A 502 38.13 -31.80 -20.24
N ARG A 503 38.23 -33.07 -20.65
CA ARG A 503 38.82 -33.32 -21.95
C ARG A 503 37.87 -33.00 -23.08
N GLN A 504 36.59 -33.32 -22.95
CA GLN A 504 35.73 -33.22 -24.12
C GLN A 504 34.96 -31.91 -24.23
N TYR A 505 34.74 -31.20 -23.15
CA TYR A 505 33.89 -30.02 -23.21
C TYR A 505 34.54 -28.75 -22.70
N LEU A 506 35.29 -28.82 -21.60
CA LEU A 506 35.71 -27.59 -20.95
C LEU A 506 37.00 -27.04 -21.52
N TRP A 507 38.00 -27.87 -21.77
CA TRP A 507 39.25 -27.37 -22.30
C TRP A 507 39.21 -26.89 -23.75
N PRO A 508 38.50 -27.54 -24.70
CA PRO A 508 38.36 -26.90 -26.02
C PRO A 508 37.65 -25.57 -26.03
N LYS A 509 36.71 -25.34 -25.12
CA LYS A 509 36.01 -24.06 -25.11
C LYS A 509 36.91 -22.95 -24.59
N GLN A 510 37.66 -23.22 -23.53
CA GLN A 510 38.57 -22.23 -22.99
C GLN A 510 39.74 -21.99 -23.93
N VAL A 511 40.09 -22.98 -24.74
CA VAL A 511 41.11 -22.79 -25.74
C VAL A 511 40.59 -21.89 -26.86
N ARG A 512 39.38 -22.14 -27.36
CA ARG A 512 38.84 -21.32 -28.44
C ARG A 512 38.60 -19.88 -28.02
N GLU A 513 38.20 -19.66 -26.78
CA GLU A 513 37.86 -18.30 -26.40
C GLU A 513 39.06 -17.46 -26.03
N SER A 514 40.27 -18.01 -26.05
CA SER A 514 41.46 -17.25 -25.70
C SER A 514 42.29 -16.84 -26.90
N GLY A 515 42.01 -17.37 -28.07
CA GLY A 515 42.80 -17.08 -29.23
C GLY A 515 43.89 -18.09 -29.50
N MET A 516 44.29 -18.88 -28.51
CA MET A 516 45.21 -19.97 -28.76
C MET A 516 44.45 -21.06 -29.49
N GLU A 517 44.98 -21.54 -30.61
CA GLU A 517 44.18 -22.36 -31.51
C GLU A 517 44.97 -23.55 -32.00
N GLY A 518 45.57 -24.29 -31.09
CA GLY A 518 46.51 -25.30 -31.46
C GLY A 518 47.92 -24.90 -31.15
N ARG A 519 48.09 -23.92 -30.28
CA ARG A 519 49.38 -23.44 -29.82
C ARG A 519 49.70 -23.92 -28.42
N ILE A 520 48.71 -24.47 -27.70
CA ILE A 520 48.90 -24.90 -26.33
C ILE A 520 48.02 -26.11 -26.09
N GLU A 521 48.44 -26.98 -25.18
CA GLU A 521 47.78 -28.26 -24.97
C GLU A 521 48.18 -28.82 -23.61
N VAL A 522 47.24 -29.48 -22.93
CA VAL A 522 47.51 -30.14 -21.66
C VAL A 522 47.49 -31.65 -21.87
N THR A 523 48.14 -32.36 -20.96
CA THR A 523 48.13 -33.81 -20.95
C THR A 523 46.97 -34.29 -20.09
N ASP A 524 46.89 -35.60 -19.85
CA ASP A 524 45.88 -36.13 -18.95
C ASP A 524 46.30 -36.09 -17.50
N ALA A 525 47.59 -36.29 -17.21
CA ALA A 525 48.08 -36.19 -15.85
C ALA A 525 48.00 -34.76 -15.34
N ALA A 526 48.13 -33.78 -16.23
CA ALA A 526 47.96 -32.39 -15.85
C ALA A 526 46.53 -32.09 -15.44
N ILE A 527 45.56 -32.60 -16.20
CA ILE A 527 44.16 -32.40 -15.85
C ILE A 527 43.82 -33.09 -14.54
N LEU A 528 44.40 -34.28 -14.32
CA LEU A 528 44.16 -34.97 -13.07
C LEU A 528 44.78 -34.23 -11.87
N ARG A 529 45.93 -33.59 -12.08
CA ARG A 529 46.53 -32.81 -10.99
C ARG A 529 45.74 -31.55 -10.71
N VAL A 530 45.22 -30.88 -11.75
CA VAL A 530 44.38 -29.70 -11.55
C VAL A 530 43.11 -30.07 -10.79
N ILE A 531 42.55 -31.25 -11.09
CA ILE A 531 41.36 -31.69 -10.38
C ILE A 531 41.68 -31.99 -8.92
N SER A 532 42.76 -32.71 -8.66
CA SER A 532 42.94 -33.23 -7.30
C SER A 532 43.62 -32.25 -6.37
N GLU A 533 44.37 -31.27 -6.85
CA GLU A 533 45.13 -30.40 -5.95
C GLU A 533 44.73 -28.94 -5.98
N TYR A 534 43.71 -28.56 -6.74
CA TYR A 534 43.36 -27.15 -6.89
C TYR A 534 41.85 -26.93 -6.82
N THR A 535 41.10 -27.91 -6.33
CA THR A 535 39.65 -27.92 -6.46
C THR A 535 39.06 -28.80 -5.37
N ARG A 536 38.06 -28.30 -4.66
CA ARG A 536 37.18 -29.08 -3.79
C ARG A 536 35.75 -28.71 -4.16
N GLU A 537 35.15 -29.47 -5.06
CA GLU A 537 33.81 -29.16 -5.53
C GLU A 537 33.07 -30.43 -5.84
N ALA A 538 31.79 -30.26 -6.12
CA ALA A 538 31.00 -31.28 -6.78
C ALA A 538 30.72 -30.95 -8.23
N GLY A 539 30.74 -29.68 -8.61
CA GLY A 539 30.49 -29.26 -9.96
C GLY A 539 31.75 -29.00 -10.74
N VAL A 540 31.63 -28.25 -11.83
CA VAL A 540 32.75 -28.07 -12.74
C VAL A 540 33.02 -26.61 -13.06
N ARG A 541 32.58 -25.70 -12.20
CA ARG A 541 32.87 -24.29 -12.49
C ARG A 541 34.27 -23.90 -12.04
N GLY A 542 34.73 -24.44 -10.91
CA GLY A 542 36.08 -24.15 -10.46
C GLY A 542 37.14 -24.74 -11.36
N LEU A 543 36.91 -25.95 -11.85
CA LEU A 543 37.80 -26.57 -12.82
C LEU A 543 37.85 -25.77 -14.11
N GLU A 544 36.71 -25.20 -14.51
CA GLU A 544 36.66 -24.39 -15.72
C GLU A 544 37.43 -23.10 -15.54
N ARG A 545 37.37 -22.50 -14.35
CA ARG A 545 38.16 -21.30 -14.12
C ARG A 545 39.66 -21.59 -14.04
N GLU A 546 40.05 -22.77 -13.56
CA GLU A 546 41.48 -23.13 -13.57
C GLU A 546 42.00 -23.30 -14.99
N LEU A 547 41.22 -23.98 -15.84
CA LEU A 547 41.65 -24.18 -17.22
C LEU A 547 41.67 -22.86 -17.98
N GLY A 548 40.73 -21.97 -17.70
CA GLY A 548 40.76 -20.65 -18.30
C GLY A 548 41.94 -19.82 -17.86
N LYS A 549 42.39 -20.02 -16.62
CA LYS A 549 43.58 -19.32 -16.14
C LYS A 549 44.83 -19.78 -16.89
N ILE A 550 44.93 -21.09 -17.14
CA ILE A 550 46.04 -21.62 -17.93
C ILE A 550 46.04 -21.03 -19.34
N ALA A 551 44.86 -20.93 -19.96
CA ALA A 551 44.80 -20.39 -21.31
C ALA A 551 45.13 -18.90 -21.37
N ARG A 552 44.72 -18.12 -20.35
CA ARG A 552 45.10 -16.71 -20.28
C ARG A 552 46.60 -16.53 -20.20
N LYS A 553 47.25 -17.26 -19.30
CA LYS A 553 48.69 -17.09 -19.15
C LYS A 553 49.44 -17.58 -20.38
N GLY A 554 48.89 -18.57 -21.09
CA GLY A 554 49.46 -18.95 -22.36
C GLY A 554 49.37 -17.85 -23.41
N ALA A 555 48.25 -17.12 -23.44
CA ALA A 555 48.12 -16.02 -24.39
C ALA A 555 49.08 -14.89 -24.08
N LYS A 556 49.28 -14.59 -22.81
CA LYS A 556 50.23 -13.55 -22.44
C LYS A 556 51.67 -13.95 -22.77
N PHE A 557 52.02 -15.22 -22.51
CA PHE A 557 53.34 -15.71 -22.89
C PHE A 557 53.54 -15.70 -24.40
N TRP A 558 52.45 -15.90 -25.16
CA TRP A 558 52.55 -15.78 -26.61
C TRP A 558 52.85 -14.37 -27.04
N LEU A 559 52.17 -13.39 -26.43
CA LEU A 559 52.47 -12.01 -26.83
C LEU A 559 53.83 -11.52 -26.36
N GLU A 560 54.41 -12.12 -25.32
CA GLU A 560 55.77 -11.74 -24.96
C GLU A 560 56.76 -12.22 -26.02
N GLY A 561 56.86 -13.54 -26.18
CA GLY A 561 57.69 -14.09 -27.24
C GLY A 561 57.10 -15.37 -27.80
N ALA A 562 56.83 -15.39 -29.10
CA ALA A 562 56.13 -16.50 -29.72
C ALA A 562 57.02 -17.73 -29.81
N TRP A 563 56.38 -18.86 -30.08
CA TRP A 563 57.11 -20.12 -30.22
C TRP A 563 56.68 -20.86 -31.48
N GLU A 564 57.17 -22.08 -31.63
CA GLU A 564 56.95 -22.86 -32.84
C GLU A 564 56.34 -24.19 -32.48
N GLY A 565 55.26 -24.55 -33.17
CA GLY A 565 54.57 -25.79 -32.87
C GLY A 565 53.56 -25.56 -31.76
N LEU A 566 53.50 -26.48 -30.80
CA LEU A 566 52.60 -26.32 -29.67
C LEU A 566 53.31 -26.71 -28.39
N ARG A 567 53.08 -25.92 -27.34
CA ARG A 567 53.61 -26.25 -26.03
C ARG A 567 52.67 -27.22 -25.34
N THR A 568 53.22 -28.30 -24.83
CA THR A 568 52.45 -29.31 -24.14
C THR A 568 52.69 -29.15 -22.65
N ILE A 569 51.62 -28.84 -21.91
CA ILE A 569 51.72 -28.66 -20.47
C ILE A 569 51.68 -30.03 -19.82
N ASP A 570 52.70 -30.34 -19.04
CA ASP A 570 52.75 -31.59 -18.31
C ASP A 570 52.46 -31.31 -16.84
N ALA A 571 52.40 -32.36 -16.03
CA ALA A 571 51.96 -32.22 -14.65
C ALA A 571 53.00 -31.50 -13.79
N SER A 572 54.25 -31.49 -14.21
CA SER A 572 55.26 -30.75 -13.47
C SER A 572 55.24 -29.26 -13.81
N ASP A 573 54.56 -28.89 -14.87
CA ASP A 573 54.53 -27.50 -15.33
C ASP A 573 53.35 -26.74 -14.78
N ILE A 574 52.45 -27.41 -14.07
CA ILE A 574 51.25 -26.80 -13.52
C ILE A 574 51.50 -25.70 -12.48
N PRO A 575 52.44 -25.81 -11.50
CA PRO A 575 52.61 -24.68 -10.57
C PRO A 575 53.21 -23.44 -11.20
N THR A 576 53.77 -23.51 -12.40
CA THR A 576 54.15 -22.30 -13.14
C THR A 576 52.93 -21.47 -13.48
N TYR A 577 51.84 -22.13 -13.84
CA TYR A 577 50.63 -21.42 -14.25
C TYR A 577 49.69 -21.17 -13.10
N LEU A 578 49.63 -22.06 -12.11
CA LEU A 578 48.59 -21.98 -11.11
C LEU A 578 49.08 -21.64 -9.72
N GLY A 579 50.38 -21.74 -9.45
CA GLY A 579 50.90 -21.38 -8.16
C GLY A 579 51.07 -22.56 -7.23
N ILE A 580 51.13 -22.27 -5.94
CA ILE A 580 51.29 -23.30 -4.93
C ILE A 580 49.99 -24.09 -4.81
N PRO A 581 50.05 -25.42 -4.79
CA PRO A 581 48.82 -26.21 -4.69
C PRO A 581 48.11 -26.01 -3.37
N ARG A 582 46.78 -25.92 -3.44
CA ARG A 582 45.97 -25.49 -2.32
C ARG A 582 45.46 -26.63 -1.45
N TYR A 583 45.35 -27.83 -1.97
CA TYR A 583 44.79 -28.92 -1.19
C TYR A 583 45.76 -30.08 -1.19
N ARG A 584 45.80 -30.81 -0.09
CA ARG A 584 46.70 -31.94 0.02
C ARG A 584 45.95 -33.25 -0.14
N PRO A 585 46.47 -34.20 -0.89
CA PRO A 585 45.76 -35.47 -1.09
C PRO A 585 45.95 -36.42 0.07
N ASP A 586 44.91 -37.20 0.32
CA ASP A 586 44.98 -38.26 1.32
C ASP A 586 45.91 -39.36 0.85
N LYS A 587 46.51 -40.06 1.80
CA LYS A 587 47.35 -41.19 1.46
C LYS A 587 47.30 -42.21 2.58
N ALA A 588 47.39 -43.48 2.20
CA ALA A 588 47.26 -44.55 3.16
C ALA A 588 48.55 -44.74 3.95
N GLU A 589 48.51 -45.63 4.92
CA GLU A 589 49.68 -46.01 5.67
C GLU A 589 50.02 -47.47 5.37
N THR A 590 51.20 -47.89 5.82
CA THR A 590 51.70 -49.22 5.49
C THR A 590 51.80 -50.12 6.71
N GLU A 591 52.53 -49.71 7.71
CA GLU A 591 52.86 -50.55 8.85
C GLU A 591 51.66 -50.66 9.78
N PRO A 592 51.43 -51.83 10.38
CA PRO A 592 50.40 -51.92 11.41
C PRO A 592 50.77 -51.15 12.68
N GLN A 593 49.75 -50.57 13.30
CA GLN A 593 49.91 -49.67 14.43
C GLN A 593 49.10 -50.19 15.60
N VAL A 594 49.53 -49.87 16.82
CA VAL A 594 48.80 -50.25 18.02
C VAL A 594 47.87 -49.11 18.40
N GLY A 595 46.58 -49.39 18.38
CA GLY A 595 45.60 -48.41 18.77
C GLY A 595 45.22 -47.45 17.68
N THR A 596 45.03 -47.93 16.46
CA THR A 596 44.78 -47.07 15.31
C THR A 596 44.04 -47.86 14.26
N ALA A 597 42.98 -47.29 13.70
CA ALA A 597 42.26 -47.95 12.62
C ALA A 597 41.93 -46.92 11.54
N GLN A 598 41.60 -47.42 10.36
CA GLN A 598 41.40 -46.61 9.16
C GLN A 598 39.92 -46.56 8.84
N GLY A 599 39.35 -45.35 8.81
CA GLY A 599 37.93 -45.17 8.56
C GLY A 599 37.68 -44.45 7.24
N LEU A 600 36.41 -44.22 6.97
CA LEU A 600 35.98 -43.60 5.73
C LEU A 600 34.82 -42.65 6.00
N ALA A 601 34.90 -41.45 5.45
CA ALA A 601 33.90 -40.43 5.66
C ALA A 601 33.50 -39.85 4.31
N TRP A 602 32.42 -39.07 4.27
CA TRP A 602 32.02 -38.51 2.99
C TRP A 602 31.24 -37.23 3.19
N THR A 603 31.39 -36.32 2.23
CA THR A 603 30.74 -35.02 2.15
C THR A 603 30.00 -34.99 0.83
N PRO A 604 29.24 -33.93 0.51
CA PRO A 604 28.80 -33.77 -0.89
C PRO A 604 29.94 -33.55 -1.87
N VAL A 605 31.10 -33.11 -1.40
CA VAL A 605 32.26 -33.01 -2.27
C VAL A 605 32.77 -34.39 -2.64
N GLY A 606 32.88 -35.29 -1.67
CA GLY A 606 33.30 -36.65 -1.97
C GLY A 606 33.79 -37.33 -0.71
N GLY A 607 34.43 -38.47 -0.91
CA GLY A 607 34.90 -39.26 0.20
C GLY A 607 36.21 -38.77 0.77
N THR A 608 36.52 -39.22 1.98
CA THR A 608 37.70 -38.77 2.70
C THR A 608 38.14 -39.91 3.61
N LEU A 609 39.44 -40.14 3.71
CA LEU A 609 39.97 -41.05 4.71
C LEU A 609 40.07 -40.37 6.06
N LEU A 610 39.68 -41.06 7.12
CA LEU A 610 39.88 -40.58 8.48
C LEU A 610 40.51 -41.66 9.34
N THR A 611 41.44 -41.23 10.18
CA THR A 611 42.18 -42.12 11.07
C THR A 611 41.68 -41.91 12.49
N ILE A 612 41.42 -43.01 13.19
CA ILE A 612 40.98 -42.95 14.58
C ILE A 612 42.10 -43.45 15.47
N GLU A 613 42.48 -42.63 16.44
CA GLU A 613 43.59 -42.90 17.34
C GLU A 613 43.07 -43.04 18.75
N VAL A 614 43.52 -44.07 19.46
CA VAL A 614 43.06 -44.38 20.81
C VAL A 614 44.29 -44.64 21.67
N ALA A 615 44.35 -44.00 22.83
CA ALA A 615 45.41 -44.23 23.80
C ALA A 615 44.84 -44.84 25.07
N ALA A 616 45.58 -45.74 25.68
CA ALA A 616 45.17 -46.40 26.92
C ALA A 616 46.26 -46.20 27.95
N VAL A 617 46.00 -45.32 28.92
CA VAL A 617 47.00 -44.91 29.90
C VAL A 617 46.46 -45.32 31.27
N PRO A 618 47.33 -45.50 32.27
CA PRO A 618 46.85 -45.88 33.60
C PRO A 618 46.03 -44.78 34.24
N GLY A 619 44.97 -45.17 34.92
CA GLY A 619 44.04 -44.21 35.48
C GLY A 619 42.96 -44.84 36.32
N SER A 620 41.79 -44.24 36.35
CA SER A 620 40.71 -44.71 37.21
C SER A 620 39.44 -45.04 36.45
N GLY A 621 39.45 -44.95 35.13
CA GLY A 621 38.30 -45.31 34.32
C GLY A 621 37.55 -44.07 33.89
N LYS A 622 37.87 -43.56 32.72
CA LYS A 622 37.24 -42.36 32.18
C LYS A 622 37.15 -42.56 30.67
N LEU A 623 36.60 -41.56 29.99
CA LEU A 623 36.49 -41.66 28.55
C LEU A 623 36.49 -40.23 28.00
N SER A 624 37.63 -39.79 27.52
CA SER A 624 37.72 -38.50 26.86
C SER A 624 37.53 -38.71 25.37
N LEU A 625 36.77 -37.82 24.75
CA LEU A 625 36.37 -37.97 23.35
C LEU A 625 36.60 -36.63 22.66
N THR A 626 37.77 -36.45 22.08
CA THR A 626 38.11 -35.18 21.47
C THR A 626 38.23 -35.33 19.96
N GLY A 627 38.57 -34.24 19.31
CA GLY A 627 38.48 -34.15 17.87
C GLY A 627 37.24 -33.44 17.38
N GLN A 628 36.50 -32.80 18.28
CA GLN A 628 35.29 -32.02 18.01
C GLN A 628 34.21 -32.89 17.37
N LEU A 629 33.76 -33.86 18.16
CA LEU A 629 32.84 -34.89 17.73
C LEU A 629 31.41 -34.54 18.10
N GLY A 630 30.47 -34.99 17.28
CA GLY A 630 29.07 -34.75 17.53
C GLY A 630 28.50 -35.71 18.55
N GLU A 631 27.22 -35.56 18.82
CA GLU A 631 26.59 -36.34 19.88
C GLU A 631 26.31 -37.78 19.47
N VAL A 632 26.18 -38.05 18.19
CA VAL A 632 25.91 -39.43 17.77
C VAL A 632 27.18 -40.25 17.76
N MET A 633 28.31 -39.63 17.44
CA MET A 633 29.56 -40.34 17.36
C MET A 633 30.07 -40.72 18.75
N LYS A 634 29.75 -39.90 19.75
CA LYS A 634 30.10 -40.24 21.12
C LYS A 634 29.30 -41.41 21.63
N GLU A 635 28.03 -41.51 21.23
CA GLU A 635 27.24 -42.67 21.63
C GLU A 635 27.68 -43.92 20.90
N SER A 636 28.18 -43.78 19.67
CA SER A 636 28.81 -44.90 18.99
C SER A 636 30.02 -45.41 19.75
N ALA A 637 30.85 -44.51 20.26
CA ALA A 637 32.01 -44.92 21.04
C ALA A 637 31.61 -45.61 22.33
N GLN A 638 30.58 -45.10 23.01
CA GLN A 638 30.12 -45.71 24.25
C GLN A 638 29.51 -47.09 24.01
N ALA A 639 28.83 -47.29 22.88
CA ALA A 639 28.28 -48.60 22.57
C ALA A 639 29.37 -49.61 22.26
N ALA A 640 30.39 -49.22 21.51
CA ALA A 640 31.49 -50.12 21.23
C ALA A 640 32.26 -50.49 22.50
N LEU A 641 32.41 -49.52 23.41
CA LEU A 641 33.12 -49.79 24.65
C LEU A 641 32.32 -50.73 25.56
N THR A 642 31.00 -50.60 25.56
CA THR A 642 30.18 -51.49 26.39
C THR A 642 30.20 -52.91 25.86
N TYR A 643 30.21 -53.08 24.53
CA TYR A 643 30.39 -54.42 23.97
C TYR A 643 31.72 -55.03 24.39
N LEU A 644 32.80 -54.26 24.31
CA LEU A 644 34.09 -54.79 24.69
C LEU A 644 34.19 -55.07 26.18
N ARG A 645 33.45 -54.33 27.02
CA ARG A 645 33.41 -54.64 28.43
C ARG A 645 32.65 -55.92 28.68
N ALA A 646 31.62 -56.19 27.89
CA ALA A 646 30.88 -57.43 28.05
C ALA A 646 31.63 -58.65 27.55
N HIS A 647 32.61 -58.49 26.66
CA HIS A 647 33.24 -59.66 26.03
C HIS A 647 34.76 -59.66 26.23
N THR A 648 35.22 -59.51 27.46
CA THR A 648 36.65 -59.36 27.70
C THR A 648 37.43 -60.65 27.52
N GLN A 649 36.81 -61.81 27.75
CA GLN A 649 37.57 -63.05 27.67
C GLN A 649 37.81 -63.48 26.23
N ASP A 650 36.96 -63.07 25.31
CA ASP A 650 37.05 -63.54 23.95
C ASP A 650 38.21 -62.92 23.19
N TYR A 651 38.67 -61.74 23.60
CA TYR A 651 39.62 -61.01 22.79
C TYR A 651 40.94 -60.74 23.51
N GLY A 652 41.15 -61.33 24.68
CA GLY A 652 42.41 -61.14 25.37
C GLY A 652 42.57 -59.79 26.02
N LEU A 653 41.49 -59.08 26.26
CA LEU A 653 41.56 -57.81 26.96
C LEU A 653 41.82 -58.08 28.44
N PRO A 654 42.44 -57.13 29.15
CA PRO A 654 42.60 -57.30 30.59
C PRO A 654 41.25 -57.21 31.28
N GLU A 655 41.18 -57.85 32.45
CA GLU A 655 39.88 -58.11 33.06
C GLU A 655 39.26 -56.84 33.63
N ASP A 656 39.98 -56.14 34.49
CA ASP A 656 39.45 -54.96 35.17
C ASP A 656 39.93 -53.67 34.52
N PHE A 657 39.69 -53.50 33.22
CA PHE A 657 40.08 -52.22 32.67
C PHE A 657 39.04 -51.15 32.92
N TYR A 658 37.88 -51.49 33.48
CA TYR A 658 36.82 -50.50 33.60
C TYR A 658 37.06 -49.53 34.74
N ASN A 659 37.98 -49.84 35.67
CA ASN A 659 38.31 -48.88 36.70
C ASN A 659 39.82 -48.78 36.94
N LYS A 660 40.63 -49.20 35.98
CA LYS A 660 42.07 -49.06 36.09
C LYS A 660 42.72 -48.37 34.91
N VAL A 661 41.98 -48.03 33.86
CA VAL A 661 42.52 -47.54 32.60
C VAL A 661 41.70 -46.34 32.17
N ASP A 662 42.36 -45.24 31.85
CA ASP A 662 41.71 -44.11 31.19
C ASP A 662 41.89 -44.24 29.68
N LEU A 663 40.81 -44.01 28.94
CA LEU A 663 40.85 -44.06 27.48
C LEU A 663 40.64 -42.67 26.91
N HIS A 664 41.31 -42.39 25.80
CA HIS A 664 41.15 -41.13 25.08
C HIS A 664 41.02 -41.45 23.61
N VAL A 665 39.95 -40.99 22.99
CA VAL A 665 39.67 -41.24 21.59
C VAL A 665 39.76 -39.92 20.86
N HIS A 666 40.62 -39.85 19.86
CA HIS A 666 40.91 -38.61 19.16
C HIS A 666 40.88 -38.86 17.67
N VAL A 667 40.13 -38.03 16.94
CA VAL A 667 40.00 -38.14 15.50
C VAL A 667 40.56 -36.87 14.88
N PRO A 668 41.75 -36.93 14.28
CA PRO A 668 42.33 -35.74 13.65
C PRO A 668 41.59 -35.39 12.36
N ASP A 669 41.55 -34.10 12.02
CA ASP A 669 42.16 -32.99 12.74
C ASP A 669 41.20 -32.29 13.66
N GLY A 670 41.73 -31.46 14.55
CA GLY A 670 40.92 -30.90 15.61
C GLY A 670 39.97 -29.80 15.20
N ALA A 671 40.20 -29.14 14.08
CA ALA A 671 39.39 -27.98 13.74
C ALA A 671 38.13 -28.33 12.97
N THR A 672 37.98 -29.56 12.53
CA THR A 672 36.92 -29.96 11.62
C THR A 672 35.85 -30.76 12.34
N PRO A 673 34.59 -30.28 12.30
CA PRO A 673 33.48 -31.00 12.91
C PRO A 673 33.15 -32.34 12.26
N LYS A 674 33.07 -33.41 13.04
CA LYS A 674 32.79 -34.77 12.54
C LYS A 674 31.57 -35.33 13.26
N ASP A 675 30.61 -35.94 12.57
CA ASP A 675 29.45 -36.59 13.21
C ASP A 675 28.95 -37.77 12.39
N GLY A 676 28.17 -38.67 12.97
CA GLY A 676 27.57 -39.79 12.22
C GLY A 676 27.67 -41.09 12.97
N PRO A 677 26.87 -42.11 12.68
CA PRO A 677 27.02 -43.38 13.34
C PRO A 677 27.77 -44.44 12.57
N SER A 678 28.40 -44.12 11.47
CA SER A 678 28.97 -45.09 10.52
C SER A 678 30.32 -45.59 10.95
N ALA A 679 30.82 -45.12 12.09
CA ALA A 679 32.21 -45.47 12.50
C ALA A 679 32.18 -46.37 13.74
N GLY A 680 31.11 -47.16 13.90
CA GLY A 680 30.99 -48.04 15.08
C GLY A 680 32.06 -49.13 15.11
N ILE A 681 32.40 -49.72 13.96
CA ILE A 681 33.36 -50.88 13.98
C ILE A 681 34.82 -50.41 14.00
N THR A 682 35.15 -49.29 13.36
CA THR A 682 36.53 -48.81 13.40
C THR A 682 36.91 -48.32 14.79
N MET A 683 35.95 -47.78 15.54
CA MET A 683 36.22 -47.47 16.94
C MET A 683 36.36 -48.72 17.78
N ALA A 684 35.58 -49.75 17.49
CA ALA A 684 35.75 -51.02 18.21
C ALA A 684 37.11 -51.64 17.93
N THR A 685 37.58 -51.53 16.69
CA THR A 685 38.88 -52.06 16.32
C THR A 685 40.00 -51.30 17.02
N ALA A 686 39.92 -49.96 17.01
CA ALA A 686 40.96 -49.16 17.64
C ALA A 686 41.00 -49.33 19.14
N ILE A 687 39.83 -49.43 19.79
CA ILE A 687 39.80 -49.60 21.24
C ILE A 687 40.30 -51.00 21.63
N ALA A 688 39.93 -52.02 20.88
CA ALA A 688 40.42 -53.37 21.19
C ALA A 688 41.92 -53.48 20.95
N SER A 689 42.44 -52.80 19.93
CA SER A 689 43.87 -52.83 19.68
C SER A 689 44.64 -52.11 20.77
N ALA A 690 44.11 -50.99 21.25
CA ALA A 690 44.81 -50.26 22.30
C ALA A 690 44.77 -50.99 23.63
N LEU A 691 43.68 -51.72 23.92
CA LEU A 691 43.63 -52.41 25.19
C LEU A 691 44.39 -53.72 25.18
N SER A 692 44.43 -54.42 24.06
CA SER A 692 45.09 -55.72 24.05
C SER A 692 46.50 -55.70 23.51
N ARG A 693 47.00 -54.52 23.11
CA ARG A 693 48.36 -54.29 22.62
C ARG A 693 48.69 -55.09 21.36
N ARG A 694 47.71 -55.47 20.61
CA ARG A 694 47.86 -56.15 19.33
C ARG A 694 47.72 -55.15 18.21
N PRO A 695 48.65 -55.08 17.28
CA PRO A 695 48.59 -54.05 16.24
C PRO A 695 47.49 -54.33 15.25
N ALA A 696 46.90 -53.25 14.75
CA ALA A 696 45.81 -53.33 13.79
C ALA A 696 46.35 -53.01 12.41
N ARG A 697 45.91 -53.78 11.42
CA ARG A 697 46.38 -53.60 10.06
C ARG A 697 45.82 -52.32 9.46
N MET A 698 46.70 -51.52 8.86
CA MET A 698 46.33 -50.21 8.36
C MET A 698 46.11 -50.18 6.86
N ASP A 699 46.24 -51.32 6.18
CA ASP A 699 45.97 -51.41 4.76
C ASP A 699 44.55 -51.89 4.47
N ILE A 700 43.65 -51.78 5.44
CA ILE A 700 42.25 -52.19 5.30
C ILE A 700 41.39 -51.05 5.80
N ALA A 701 40.54 -50.51 4.92
CA ALA A 701 39.61 -49.47 5.31
C ALA A 701 38.27 -50.10 5.64
N MET A 702 37.62 -49.60 6.69
CA MET A 702 36.38 -50.21 7.13
C MET A 702 35.37 -49.13 7.47
N THR A 703 34.12 -49.56 7.58
CA THR A 703 32.98 -48.70 7.89
C THR A 703 31.79 -49.58 8.27
N GLY A 704 30.97 -49.08 9.16
CA GLY A 704 29.80 -49.82 9.61
C GLY A 704 29.37 -49.40 11.00
N GLU A 705 28.08 -49.53 11.26
CA GLU A 705 27.48 -49.15 12.53
C GLU A 705 27.37 -50.36 13.44
N VAL A 706 27.74 -50.19 14.71
CA VAL A 706 27.73 -51.28 15.66
C VAL A 706 26.53 -51.09 16.59
N SER A 707 25.99 -52.20 17.07
CA SER A 707 24.96 -52.18 18.09
C SER A 707 25.52 -52.72 19.38
N LEU A 708 24.67 -52.82 20.38
CA LEU A 708 25.14 -53.22 21.70
C LEU A 708 25.33 -54.72 21.81
N ARG A 709 24.69 -55.49 20.93
CA ARG A 709 24.91 -56.93 20.87
C ARG A 709 26.05 -57.31 19.95
N GLY A 710 26.60 -56.38 19.21
CA GLY A 710 27.65 -56.67 18.26
C GLY A 710 27.20 -56.85 16.84
N LYS A 711 25.96 -56.48 16.51
CA LYS A 711 25.49 -56.59 15.14
C LYS A 711 25.98 -55.41 14.34
N VAL A 712 26.30 -55.66 13.08
CA VAL A 712 26.80 -54.62 12.18
C VAL A 712 25.67 -54.20 11.27
N MET A 713 25.36 -52.92 11.28
CA MET A 713 24.18 -52.37 10.65
C MET A 713 24.55 -51.54 9.43
N PRO A 714 23.68 -51.43 8.43
CA PRO A 714 24.07 -50.78 7.17
C PRO A 714 24.24 -49.28 7.30
N ILE A 715 24.89 -48.71 6.29
CA ILE A 715 25.35 -47.33 6.26
C ILE A 715 24.90 -46.69 4.95
N GLY A 716 25.34 -45.45 4.74
CA GLY A 716 25.05 -44.75 3.52
C GLY A 716 26.31 -44.18 2.89
N GLY A 717 26.20 -43.87 1.60
CA GLY A 717 27.31 -43.30 0.87
C GLY A 717 28.43 -44.27 0.58
N VAL A 718 28.09 -45.46 0.08
CA VAL A 718 29.10 -46.50 -0.13
C VAL A 718 29.98 -46.17 -1.32
N LYS A 719 29.40 -45.51 -2.34
CA LYS A 719 30.12 -45.25 -3.58
C LYS A 719 31.26 -44.27 -3.38
N GLU A 720 30.98 -43.15 -2.70
CA GLU A 720 32.00 -42.13 -2.48
C GLU A 720 33.10 -42.64 -1.56
N LYS A 721 32.74 -43.39 -0.53
CA LYS A 721 33.72 -43.96 0.38
C LYS A 721 34.63 -44.96 -0.31
N LEU A 722 34.06 -45.83 -1.16
CA LEU A 722 34.93 -46.81 -1.80
C LEU A 722 35.77 -46.22 -2.91
N LEU A 723 35.28 -45.18 -3.59
CA LEU A 723 36.13 -44.49 -4.55
C LEU A 723 37.27 -43.75 -3.86
N ALA A 724 37.01 -43.14 -2.72
CA ALA A 724 38.07 -42.45 -1.99
C ALA A 724 39.07 -43.44 -1.42
N ALA A 725 38.64 -44.64 -1.07
CA ALA A 725 39.59 -45.64 -0.62
C ALA A 725 40.41 -46.19 -1.76
N HIS A 726 39.84 -46.26 -2.96
CA HIS A 726 40.60 -46.77 -4.09
C HIS A 726 41.59 -45.76 -4.63
N GLN A 727 41.30 -44.46 -4.51
CA GLN A 727 42.24 -43.46 -5.00
C GLN A 727 43.47 -43.37 -4.10
N ALA A 728 43.31 -43.58 -2.82
CA ALA A 728 44.44 -43.51 -1.90
C ALA A 728 45.30 -44.76 -1.91
N GLY A 729 44.88 -45.80 -2.60
CA GLY A 729 45.68 -46.99 -2.72
C GLY A 729 45.37 -48.09 -1.73
N ILE A 730 44.11 -48.24 -1.33
CA ILE A 730 43.69 -49.30 -0.43
C ILE A 730 42.83 -50.26 -1.22
N HIS A 731 43.15 -51.56 -1.13
CA HIS A 731 42.46 -52.54 -1.95
C HIS A 731 41.77 -53.61 -1.12
N LYS A 732 41.49 -53.33 0.16
CA LYS A 732 40.78 -54.28 1.02
C LYS A 732 39.77 -53.50 1.84
N ILE A 733 38.49 -53.86 1.72
CA ILE A 733 37.40 -53.14 2.35
C ILE A 733 36.66 -54.10 3.27
N VAL A 734 36.20 -53.60 4.42
CA VAL A 734 35.26 -54.30 5.27
C VAL A 734 33.96 -53.52 5.27
N LEU A 735 32.85 -54.19 5.03
CA LEU A 735 31.59 -53.55 4.71
C LEU A 735 30.48 -54.42 5.28
N PRO A 736 29.35 -53.84 5.69
CA PRO A 736 28.25 -54.66 6.18
C PRO A 736 27.60 -55.51 5.10
N LYS A 737 26.99 -56.60 5.54
CA LYS A 737 26.35 -57.54 4.63
C LYS A 737 25.15 -56.92 3.94
N ASP A 738 24.47 -56.01 4.62
CA ASP A 738 23.24 -55.42 4.10
C ASP A 738 23.49 -54.32 3.08
N ASN A 739 24.73 -53.89 2.89
CA ASN A 739 25.07 -52.96 1.82
C ASN A 739 25.62 -53.68 0.60
N GLU A 740 25.22 -54.92 0.35
CA GLU A 740 25.72 -55.60 -0.83
C GLU A 740 25.06 -55.06 -2.09
N ALA A 741 23.83 -54.60 -1.99
CA ALA A 741 23.11 -54.09 -3.15
C ALA A 741 23.66 -52.78 -3.64
N GLN A 742 24.30 -51.98 -2.78
CA GLN A 742 24.85 -50.71 -3.21
C GLN A 742 26.21 -50.85 -3.89
N LEU A 743 26.72 -52.05 -4.08
CA LEU A 743 27.95 -52.22 -4.84
C LEU A 743 27.72 -52.17 -6.34
N GLU A 744 26.47 -52.18 -6.78
CA GLU A 744 26.15 -52.12 -8.19
C GLU A 744 26.42 -50.74 -8.78
N GLU A 745 26.50 -49.71 -7.93
CA GLU A 745 26.72 -48.35 -8.40
C GLU A 745 28.15 -48.10 -8.85
N LEU A 746 29.11 -48.89 -8.40
CA LEU A 746 30.50 -48.65 -8.70
C LEU A 746 30.83 -49.03 -10.15
N PRO A 747 31.82 -48.37 -10.75
CA PRO A 747 32.29 -48.79 -12.07
C PRO A 747 32.97 -50.15 -12.00
N LYS A 748 33.02 -50.82 -13.14
CA LYS A 748 33.46 -52.20 -13.16
C LYS A 748 34.97 -52.32 -13.00
N GLU A 749 35.72 -51.31 -13.41
CA GLU A 749 37.17 -51.37 -13.28
C GLU A 749 37.64 -51.06 -11.87
N VAL A 750 36.75 -50.55 -11.03
CA VAL A 750 37.08 -50.33 -9.63
C VAL A 750 36.81 -51.59 -8.82
N LEU A 751 35.68 -52.25 -9.08
CA LEU A 751 35.31 -53.45 -8.34
C LEU A 751 36.25 -54.62 -8.61
N GLU A 752 36.94 -54.61 -9.73
CA GLU A 752 37.92 -55.66 -9.99
C GLU A 752 39.21 -55.45 -9.25
N GLY A 753 39.45 -54.25 -8.72
CA GLY A 753 40.66 -53.97 -8.00
C GLY A 753 40.48 -54.04 -6.50
N LEU A 754 39.25 -53.96 -6.03
CA LEU A 754 38.95 -54.03 -4.62
C LEU A 754 38.70 -55.46 -4.19
N GLU A 755 38.72 -55.69 -2.89
CA GLU A 755 38.54 -57.01 -2.30
C GLU A 755 37.65 -56.85 -1.08
N ILE A 756 36.34 -56.97 -1.28
CA ILE A 756 35.36 -56.59 -0.27
C ILE A 756 35.03 -57.80 0.59
N LYS A 757 35.13 -57.63 1.90
CA LYS A 757 34.70 -58.63 2.87
C LYS A 757 33.41 -58.17 3.50
N LEU A 758 32.36 -58.98 3.38
CA LEU A 758 31.04 -58.64 3.88
C LEU A 758 30.84 -59.28 5.24
N VAL A 759 30.68 -58.47 6.27
CA VAL A 759 30.55 -58.97 7.62
C VAL A 759 29.17 -58.63 8.15
N GLU A 760 28.78 -59.36 9.19
CA GLU A 760 27.54 -59.08 9.89
C GLU A 760 27.71 -59.11 11.40
N ASP A 761 28.86 -59.54 11.90
CA ASP A 761 29.16 -59.57 13.32
C ASP A 761 30.53 -58.97 13.53
N VAL A 762 30.73 -58.35 14.69
CA VAL A 762 31.94 -57.58 14.94
C VAL A 762 33.13 -58.45 15.34
N GLY A 763 32.88 -59.67 15.82
CA GLY A 763 33.97 -60.59 16.02
C GLY A 763 34.66 -61.01 14.75
N GLU A 764 33.92 -61.02 13.64
CA GLU A 764 34.52 -61.28 12.33
C GLU A 764 35.46 -60.17 11.93
N VAL A 765 35.18 -58.95 12.34
CA VAL A 765 36.08 -57.83 12.05
C VAL A 765 37.31 -57.91 12.93
N LEU A 766 37.13 -58.23 14.21
CA LEU A 766 38.28 -58.24 15.10
C LEU A 766 39.20 -59.44 14.85
N GLU A 767 38.69 -60.56 14.35
CA GLU A 767 39.60 -61.64 13.97
C GLU A 767 40.39 -61.28 12.73
N TYR A 768 39.84 -60.42 11.89
CA TYR A 768 40.45 -60.13 10.61
C TYR A 768 41.44 -58.99 10.67
N LEU A 769 41.21 -58.01 11.54
CA LEU A 769 42.03 -56.80 11.56
C LEU A 769 43.24 -56.88 12.46
N LEU A 770 43.15 -57.58 13.58
CA LEU A 770 44.19 -57.54 14.59
C LEU A 770 45.22 -58.62 14.32
N LEU A 771 46.48 -58.27 14.43
CA LEU A 771 47.53 -59.27 14.29
C LEU A 771 47.65 -60.06 15.59
N PRO A 772 47.95 -61.34 15.53
CA PRO A 772 47.98 -62.18 16.74
C PRO A 772 49.28 -62.09 17.53
N GLU A 773 49.77 -60.87 17.73
CA GLU A 773 51.04 -60.69 18.42
C GLU A 773 50.96 -59.50 19.37
N PRO A 774 50.85 -59.74 20.67
CA PRO A 774 50.87 -58.61 21.61
C PRO A 774 52.27 -58.03 21.78
N THR A 775 52.63 -57.10 20.89
CA THR A 775 54.01 -56.60 20.83
C THR A 775 54.33 -55.71 22.02
N MET A 776 53.61 -54.60 22.17
CA MET A 776 53.89 -53.64 23.23
C MET A 776 53.51 -54.22 24.58
N PRO A 777 54.16 -53.78 25.67
CA PRO A 777 53.82 -54.31 26.99
C PRO A 777 52.47 -53.81 27.46
N PRO A 778 51.61 -54.71 27.96
CA PRO A 778 50.25 -54.30 28.33
C PRO A 778 50.23 -53.47 29.61
N VAL A 779 49.37 -52.45 29.59
CA VAL A 779 49.16 -51.62 30.78
C VAL A 779 48.43 -52.44 31.85
N VAL A 780 48.96 -52.39 33.07
CA VAL A 780 48.37 -53.15 34.15
C VAL A 780 47.35 -52.24 34.85
N ARG B 2 26.87 -6.01 -109.90
CA ARG B 2 26.95 -7.00 -110.95
C ARG B 2 28.41 -7.08 -111.42
N LEU B 3 29.29 -7.49 -110.49
CA LEU B 3 30.70 -7.69 -110.79
C LEU B 3 31.27 -8.57 -109.69
N GLU B 4 32.47 -9.11 -109.94
CA GLU B 4 33.20 -9.93 -108.99
C GLU B 4 33.78 -9.05 -107.87
N LEU B 5 33.04 -8.92 -106.77
CA LEU B 5 33.25 -7.87 -105.78
C LEU B 5 33.45 -8.44 -104.38
N PRO B 6 34.11 -7.71 -103.49
CA PRO B 6 34.10 -8.10 -102.07
C PRO B 6 32.79 -7.72 -101.40
N VAL B 7 32.19 -8.70 -100.75
CA VAL B 7 30.99 -8.52 -99.94
C VAL B 7 31.44 -8.00 -98.58
N ILE B 8 30.82 -6.92 -98.11
CA ILE B 8 31.39 -6.07 -97.07
C ILE B 8 30.54 -6.17 -95.81
N PRO B 9 31.08 -6.70 -94.70
CA PRO B 9 30.35 -6.65 -93.42
C PRO B 9 30.45 -5.31 -92.71
N LEU B 10 29.32 -4.62 -92.61
CA LEU B 10 29.23 -3.38 -91.84
C LEU B 10 28.78 -3.68 -90.41
N ARG B 11 28.69 -2.63 -89.60
CA ARG B 11 28.23 -2.77 -88.23
C ARG B 11 26.71 -2.85 -88.14
N ASN B 12 26.02 -1.77 -88.52
CA ASN B 12 24.58 -1.72 -88.32
C ASN B 12 23.84 -0.98 -89.45
N THR B 13 24.32 -1.09 -90.69
CA THR B 13 23.70 -0.37 -91.80
C THR B 13 23.13 -1.36 -92.82
N VAL B 14 21.87 -1.15 -93.20
CA VAL B 14 21.15 -2.03 -94.13
C VAL B 14 20.87 -1.23 -95.39
N ILE B 15 20.93 -1.90 -96.55
CA ILE B 15 20.74 -1.25 -97.84
C ILE B 15 19.46 -1.79 -98.45
N LEU B 16 18.47 -0.94 -98.60
CA LEU B 16 17.19 -1.11 -99.27
C LEU B 16 17.17 -0.34 -100.58
N PRO B 17 16.48 -0.86 -101.61
CA PRO B 17 16.40 -0.16 -102.89
C PRO B 17 15.58 1.11 -102.80
N HIS B 18 15.85 2.01 -103.77
CA HIS B 18 15.10 3.25 -104.02
C HIS B 18 15.17 4.23 -102.85
N THR B 19 16.28 4.23 -102.12
CA THR B 19 16.54 5.22 -101.08
C THR B 19 18.05 5.24 -100.83
N THR B 20 18.63 6.44 -100.81
CA THR B 20 20.03 6.60 -100.45
C THR B 20 20.22 6.37 -98.94
N THR B 21 21.06 5.40 -98.60
CA THR B 21 21.44 5.12 -97.23
C THR B 21 22.96 5.28 -97.14
N PRO B 22 23.48 6.15 -96.27
CA PRO B 22 24.93 6.35 -96.22
C PRO B 22 25.66 5.16 -95.60
N VAL B 23 26.78 4.79 -96.21
CA VAL B 23 27.56 3.63 -95.79
C VAL B 23 28.57 4.13 -94.77
N ASP B 24 28.26 3.92 -93.48
CA ASP B 24 29.15 4.33 -92.41
C ASP B 24 30.33 3.39 -92.34
N VAL B 25 31.47 3.81 -92.88
CA VAL B 25 32.69 3.03 -92.91
C VAL B 25 33.69 3.69 -91.97
N GLY B 26 33.98 3.04 -90.86
CA GLY B 26 35.06 3.40 -89.97
C GLY B 26 35.83 2.17 -89.56
N ARG B 27 35.88 1.18 -90.46
CA ARG B 27 36.51 -0.10 -90.20
C ARG B 27 37.45 -0.46 -91.34
N ALA B 28 38.76 -0.48 -91.05
CA ALA B 28 39.80 -0.91 -91.99
C ALA B 28 39.71 -2.39 -92.34
N LYS B 29 39.00 -3.19 -91.54
CA LYS B 29 38.62 -4.53 -91.93
C LYS B 29 37.69 -4.54 -93.13
N SER B 30 36.86 -3.51 -93.27
CA SER B 30 35.94 -3.33 -94.39
C SER B 30 36.38 -2.24 -95.37
N LYS B 31 37.17 -1.27 -94.91
CA LYS B 31 37.62 -0.19 -95.78
C LYS B 31 38.61 -0.69 -96.83
N ARG B 32 39.35 -1.77 -96.53
CA ARG B 32 40.23 -2.35 -97.55
C ARG B 32 39.43 -3.05 -98.62
N ALA B 33 38.32 -3.70 -98.24
CA ALA B 33 37.40 -4.24 -99.24
C ALA B 33 36.74 -3.12 -100.05
N VAL B 34 36.48 -1.97 -99.43
CA VAL B 34 36.00 -0.80 -100.16
C VAL B 34 37.06 -0.30 -101.15
N GLU B 35 38.34 -0.29 -100.73
CA GLU B 35 39.44 0.09 -101.61
C GLU B 35 39.55 -0.83 -102.83
N GLU B 36 39.53 -2.14 -102.58
CA GLU B 36 39.56 -3.12 -103.67
C GLU B 36 38.30 -3.09 -104.52
N ALA B 37 37.17 -2.64 -103.95
CA ALA B 37 35.96 -2.47 -104.74
C ALA B 37 36.02 -1.22 -105.61
N MET B 38 36.69 -0.16 -105.14
CA MET B 38 36.89 1.01 -105.98
C MET B 38 37.94 0.76 -107.06
N GLY B 39 38.89 -0.13 -106.79
CA GLY B 39 39.71 -0.70 -107.84
C GLY B 39 38.99 -1.73 -108.69
N ALA B 40 37.80 -2.15 -108.25
CA ALA B 40 36.95 -3.08 -108.97
C ALA B 40 35.72 -2.37 -109.53
N ASP B 41 35.94 -1.18 -110.12
CA ASP B 41 34.94 -0.39 -110.85
C ASP B 41 33.80 0.10 -109.96
N ARG B 42 34.12 0.37 -108.69
CA ARG B 42 33.32 1.17 -107.75
C ARG B 42 31.99 0.53 -107.34
N LEU B 43 31.64 -0.64 -107.86
CA LEU B 43 30.36 -1.27 -107.54
C LEU B 43 30.44 -1.92 -106.16
N ILE B 44 29.35 -1.84 -105.41
CA ILE B 44 29.35 -2.23 -104.00
C ILE B 44 28.11 -3.09 -103.72
N PHE B 45 28.33 -4.32 -103.29
CA PHE B 45 27.32 -5.09 -102.56
C PHE B 45 27.57 -4.95 -101.07
N LEU B 46 26.50 -4.95 -100.29
CA LEU B 46 26.59 -4.82 -98.84
C LEU B 46 25.69 -5.86 -98.18
N VAL B 47 26.29 -6.98 -97.79
CA VAL B 47 25.70 -7.88 -96.79
C VAL B 47 26.49 -7.66 -95.51
N ALA B 48 25.88 -6.94 -94.57
CA ALA B 48 26.56 -6.55 -93.33
C ALA B 48 26.52 -7.70 -92.34
N GLN B 49 26.88 -7.42 -91.10
CA GLN B 49 26.81 -8.45 -90.08
C GLN B 49 25.36 -8.70 -89.68
N ARG B 50 25.17 -9.76 -88.90
CA ARG B 50 23.86 -10.18 -88.44
C ARG B 50 23.68 -9.83 -86.97
N ASP B 51 22.50 -10.17 -86.45
CA ASP B 51 22.17 -10.21 -85.03
C ASP B 51 22.43 -11.66 -84.56
N PRO B 52 22.08 -12.06 -83.31
CA PRO B 52 23.11 -12.41 -82.30
C PRO B 52 24.45 -12.89 -82.84
N GLU B 53 25.49 -12.29 -82.26
CA GLU B 53 26.61 -11.77 -83.02
C GLU B 53 27.93 -12.40 -82.58
N VAL B 54 28.70 -12.85 -83.58
CA VAL B 54 30.14 -13.01 -83.47
C VAL B 54 30.74 -12.34 -84.69
N ASP B 55 31.53 -11.29 -84.47
CA ASP B 55 31.96 -10.37 -85.52
C ASP B 55 33.21 -10.84 -86.28
N ASP B 56 33.45 -12.15 -86.36
CA ASP B 56 34.51 -12.80 -87.13
C ASP B 56 34.28 -12.64 -88.62
N PRO B 57 35.35 -12.52 -89.41
CA PRO B 57 35.21 -12.54 -90.87
C PRO B 57 34.95 -13.97 -91.33
N ALA B 58 33.71 -14.25 -91.70
CA ALA B 58 33.37 -15.62 -92.03
C ALA B 58 32.33 -15.65 -93.14
N PRO B 59 32.47 -16.55 -94.11
CA PRO B 59 31.46 -16.67 -95.18
C PRO B 59 30.14 -17.28 -94.75
N ASP B 60 29.98 -17.65 -93.48
CA ASP B 60 28.69 -18.07 -92.95
C ASP B 60 28.20 -17.22 -91.80
N ASP B 61 29.06 -16.37 -91.22
CA ASP B 61 28.56 -15.25 -90.41
C ASP B 61 27.77 -14.29 -91.27
N LEU B 62 28.14 -14.15 -92.54
CA LEU B 62 27.42 -13.32 -93.47
C LEU B 62 26.23 -14.08 -94.04
N TYR B 63 25.55 -13.45 -94.99
CA TYR B 63 24.44 -14.07 -95.69
C TYR B 63 24.57 -13.83 -97.20
N THR B 64 23.65 -14.43 -97.96
CA THR B 64 23.84 -14.59 -99.39
C THR B 64 22.82 -13.83 -100.23
N TRP B 65 22.46 -12.61 -99.84
CA TRP B 65 21.57 -11.75 -100.62
C TRP B 65 21.97 -10.29 -100.42
N GLY B 66 22.46 -9.65 -101.50
CA GLY B 66 22.98 -8.30 -101.40
C GLY B 66 22.45 -7.42 -102.51
N VAL B 67 22.68 -6.11 -102.35
CA VAL B 67 22.06 -5.07 -103.15
C VAL B 67 23.14 -4.34 -103.94
N GLN B 68 22.86 -4.04 -105.22
CA GLN B 68 23.78 -3.30 -106.08
C GLN B 68 23.54 -1.80 -105.94
N ALA B 69 24.61 -1.02 -106.05
CA ALA B 69 24.51 0.41 -105.77
C ALA B 69 25.48 1.20 -106.63
N VAL B 70 25.19 2.50 -106.77
CA VAL B 70 25.99 3.43 -107.56
C VAL B 70 26.54 4.52 -106.64
N VAL B 71 27.84 4.79 -106.76
CA VAL B 71 28.54 5.70 -105.85
C VAL B 71 28.35 7.14 -106.32
N LYS B 72 27.89 8.01 -105.42
CA LYS B 72 27.66 9.41 -105.75
C LYS B 72 28.83 10.32 -105.38
N GLN B 73 29.20 10.37 -104.10
CA GLN B 73 30.22 11.31 -103.63
C GLN B 73 30.93 10.75 -102.41
N ALA B 74 31.73 11.58 -101.77
CA ALA B 74 32.60 11.15 -100.68
C ALA B 74 32.98 12.35 -99.81
N MET B 75 33.33 12.07 -98.55
CA MET B 75 33.70 13.11 -97.58
C MET B 75 34.52 12.46 -96.46
N ARG B 76 35.55 13.16 -96.00
CA ARG B 76 36.44 12.64 -94.97
C ARG B 76 36.24 13.37 -93.64
N LEU B 77 36.48 12.64 -92.55
CA LEU B 77 36.36 13.14 -91.18
C LEU B 77 37.49 12.61 -90.31
N PRO B 78 38.02 13.43 -89.39
CA PRO B 78 39.19 13.00 -88.59
C PRO B 78 38.85 12.07 -87.43
N ASP B 79 37.60 11.68 -87.23
CA ASP B 79 37.24 10.83 -86.11
C ASP B 79 37.57 9.36 -86.34
N GLY B 80 38.00 8.99 -87.55
CA GLY B 80 38.32 7.63 -87.90
C GLY B 80 37.46 7.02 -89.00
N THR B 81 36.58 7.81 -89.60
CA THR B 81 35.63 7.31 -90.58
C THR B 81 35.91 7.93 -91.94
N LEU B 82 36.08 7.10 -92.95
CA LEU B 82 36.19 7.52 -94.35
C LEU B 82 34.96 6.97 -95.06
N GLN B 83 33.86 7.73 -94.99
CA GLN B 83 32.56 7.22 -95.41
C GLN B 83 32.44 7.25 -96.93
N VAL B 84 31.55 6.42 -97.47
CA VAL B 84 31.28 6.34 -98.89
C VAL B 84 29.78 6.44 -99.11
N MET B 85 29.37 7.20 -100.14
CA MET B 85 27.97 7.44 -100.44
C MET B 85 27.55 6.57 -101.62
N VAL B 86 26.40 5.90 -101.49
CA VAL B 86 25.87 5.02 -102.52
C VAL B 86 24.44 5.42 -102.83
N GLU B 87 23.84 4.70 -103.79
CA GLU B 87 22.38 4.69 -103.97
C GLU B 87 21.99 3.38 -104.61
N ALA B 88 21.08 2.66 -103.97
CA ALA B 88 20.74 1.29 -104.33
C ALA B 88 19.84 1.23 -105.56
N ARG B 89 19.90 0.10 -106.26
CA ARG B 89 19.03 -0.16 -107.40
C ARG B 89 18.11 -1.36 -107.13
N ALA B 90 18.67 -2.54 -106.84
CA ALA B 90 17.89 -3.74 -106.54
C ALA B 90 18.78 -4.72 -105.81
N ARG B 91 18.14 -5.63 -105.06
CA ARG B 91 18.88 -6.69 -104.40
C ARG B 91 19.20 -7.82 -105.39
N ALA B 92 20.01 -8.77 -104.93
CA ALA B 92 20.57 -9.79 -105.81
C ALA B 92 21.02 -10.97 -104.98
N GLN B 93 21.39 -12.05 -105.66
CA GLN B 93 21.99 -13.19 -104.98
C GLN B 93 23.47 -12.96 -104.75
N VAL B 94 24.02 -13.72 -103.79
CA VAL B 94 25.46 -13.85 -103.62
C VAL B 94 25.77 -15.32 -103.85
N THR B 95 26.37 -15.62 -105.00
CA THR B 95 26.45 -17.01 -105.47
C THR B 95 27.52 -17.79 -104.71
N ASP B 96 28.74 -17.27 -104.66
CA ASP B 96 29.85 -18.01 -104.07
C ASP B 96 30.78 -17.07 -103.30
N TYR B 97 31.27 -17.55 -102.17
CA TYR B 97 32.35 -16.89 -101.43
C TYR B 97 33.67 -17.53 -101.84
N ILE B 98 34.45 -16.80 -102.63
CA ILE B 98 35.78 -17.24 -103.05
C ILE B 98 36.68 -17.32 -101.81
N PRO B 99 37.47 -18.40 -101.64
CA PRO B 99 38.22 -18.58 -100.40
C PRO B 99 39.31 -17.54 -100.18
N GLY B 100 39.50 -17.18 -98.92
CA GLY B 100 40.31 -16.06 -98.52
C GLY B 100 40.48 -16.04 -97.02
N PRO B 101 40.32 -14.87 -96.37
CA PRO B 101 40.02 -13.48 -96.78
C PRO B 101 41.11 -12.83 -97.65
N TYR B 102 40.80 -11.84 -98.50
CA TYR B 102 39.46 -11.28 -98.71
C TYR B 102 38.58 -12.13 -99.64
N LEU B 103 37.32 -11.71 -99.79
CA LEU B 103 36.26 -12.57 -100.30
C LEU B 103 35.61 -11.95 -101.53
N ARG B 104 36.17 -12.21 -102.70
CA ARG B 104 35.55 -11.78 -103.96
C ARG B 104 34.28 -12.57 -104.23
N ALA B 105 33.29 -11.91 -104.85
CA ALA B 105 32.00 -12.55 -105.12
C ALA B 105 31.25 -11.81 -106.23
N ARG B 106 30.53 -12.57 -107.04
CA ARG B 106 29.65 -12.04 -108.09
C ARG B 106 28.22 -12.49 -107.84
N GLY B 107 27.26 -11.59 -108.14
CA GLY B 107 25.85 -11.95 -108.17
C GLY B 107 25.36 -12.30 -109.57
N GLU B 108 24.18 -12.90 -109.65
CA GLU B 108 23.69 -13.39 -110.94
C GLU B 108 23.07 -12.27 -111.77
N VAL B 109 21.94 -11.74 -111.30
CA VAL B 109 21.23 -10.60 -111.89
C VAL B 109 20.64 -9.82 -110.73
N PHE B 110 19.93 -8.73 -111.03
CA PHE B 110 19.24 -7.99 -109.99
C PHE B 110 18.00 -8.74 -109.53
N SER B 111 17.22 -8.12 -108.65
CA SER B 111 15.92 -8.65 -108.27
C SER B 111 14.96 -7.48 -108.06
N GLU B 112 14.09 -7.25 -109.03
CA GLU B 112 13.05 -6.22 -108.95
C GLU B 112 11.74 -6.82 -109.44
N ILE B 113 11.39 -7.98 -108.86
CA ILE B 113 10.33 -8.81 -109.41
C ILE B 113 8.96 -8.18 -109.15
N PHE B 114 8.10 -8.23 -110.18
CA PHE B 114 6.70 -7.90 -110.15
C PHE B 114 5.87 -9.18 -110.30
N PRO B 115 4.81 -9.36 -109.49
CA PRO B 115 4.17 -10.68 -109.38
C PRO B 115 3.34 -11.10 -110.60
N ILE B 116 2.72 -12.27 -110.48
CA ILE B 116 1.74 -12.80 -111.41
C ILE B 116 0.49 -13.09 -110.58
N ASP B 117 -0.69 -12.92 -111.19
CA ASP B 117 -2.00 -13.05 -110.54
C ASP B 117 -2.12 -12.05 -109.39
N GLU B 118 -2.17 -10.78 -109.79
CA GLU B 118 -2.03 -9.58 -108.96
C GLU B 118 -3.14 -9.35 -107.94
N ALA B 119 -4.12 -10.26 -107.80
CA ALA B 119 -5.32 -9.97 -107.02
C ALA B 119 -5.02 -9.88 -105.53
N VAL B 120 -4.55 -10.98 -104.94
CA VAL B 120 -4.30 -11.02 -103.49
C VAL B 120 -3.08 -10.17 -103.14
N VAL B 121 -2.13 -10.02 -104.08
CA VAL B 121 -0.96 -9.18 -103.87
C VAL B 121 -1.35 -7.71 -103.78
N ARG B 122 -2.17 -7.24 -104.73
CA ARG B 122 -2.63 -5.85 -104.72
C ARG B 122 -3.54 -5.57 -103.53
N VAL B 123 -4.40 -6.54 -103.17
CA VAL B 123 -5.26 -6.39 -101.98
C VAL B 123 -4.41 -6.31 -100.72
N LEU B 124 -3.33 -7.08 -100.65
CA LEU B 124 -2.45 -7.02 -99.48
C LEU B 124 -1.65 -5.73 -99.44
N VAL B 125 -1.28 -5.18 -100.61
CA VAL B 125 -0.62 -3.87 -100.64
C VAL B 125 -1.57 -2.78 -100.16
N GLU B 126 -2.85 -2.89 -100.54
CA GLU B 126 -3.86 -1.94 -100.04
C GLU B 126 -4.07 -2.09 -98.53
N GLU B 127 -4.19 -3.33 -98.06
CA GLU B 127 -4.39 -3.59 -96.63
C GLU B 127 -3.17 -3.21 -95.82
N LEU B 128 -1.97 -3.26 -96.40
CA LEU B 128 -0.78 -2.87 -95.68
C LEU B 128 -0.57 -1.36 -95.71
N LYS B 129 -1.05 -0.68 -96.75
CA LYS B 129 -1.17 0.78 -96.69
C LYS B 129 -2.13 1.20 -95.59
N GLU B 130 -3.25 0.47 -95.44
CA GLU B 130 -4.15 0.68 -94.31
C GLU B 130 -3.45 0.38 -92.98
N ALA B 131 -2.61 -0.66 -92.97
CA ALA B 131 -1.89 -1.04 -91.76
C ALA B 131 -0.84 -0.01 -91.37
N PHE B 132 -0.23 0.67 -92.33
CA PHE B 132 0.70 1.73 -91.96
C PHE B 132 -0.01 3.02 -91.58
N GLU B 133 -1.17 3.29 -92.20
CA GLU B 133 -2.01 4.41 -91.77
C GLU B 133 -2.50 4.21 -90.33
N LYS B 134 -2.77 2.96 -89.94
CA LYS B 134 -3.13 2.69 -88.56
C LYS B 134 -1.95 2.32 -87.69
N TYR B 135 -0.74 2.26 -88.26
CA TYR B 135 0.50 2.07 -87.52
C TYR B 135 1.13 3.40 -87.11
N VAL B 136 0.84 4.47 -87.85
CA VAL B 136 1.42 5.77 -87.49
C VAL B 136 0.90 6.27 -86.14
N ALA B 137 -0.27 5.79 -85.69
CA ALA B 137 -0.79 6.19 -84.38
C ALA B 137 0.03 5.60 -83.23
N ASN B 138 0.61 4.42 -83.41
CA ASN B 138 1.56 3.86 -82.47
C ASN B 138 3.00 4.15 -82.85
N HIS B 139 3.19 4.92 -83.93
CA HIS B 139 4.49 5.46 -84.31
C HIS B 139 4.62 6.93 -83.96
N LYS B 140 3.58 7.55 -83.37
CA LYS B 140 3.62 8.96 -82.95
C LYS B 140 4.66 9.22 -81.86
N SER B 141 5.16 8.17 -81.19
CA SER B 141 6.28 8.32 -80.25
C SER B 141 7.55 8.79 -80.95
N LEU B 142 7.67 8.51 -82.25
CA LEU B 142 8.78 8.99 -83.07
C LEU B 142 8.58 10.44 -83.52
N ARG B 143 7.48 11.08 -83.09
CA ARG B 143 7.08 12.44 -83.47
C ARG B 143 6.92 12.57 -84.98
N LEU B 144 5.97 11.82 -85.53
CA LEU B 144 5.76 11.77 -86.98
C LEU B 144 4.43 12.42 -87.33
N ASP B 145 4.49 13.55 -88.04
CA ASP B 145 3.28 14.20 -88.54
C ASP B 145 2.58 13.33 -89.58
N ARG B 146 1.30 13.63 -89.80
CA ARG B 146 0.45 12.81 -90.65
C ARG B 146 0.57 13.11 -92.13
N TYR B 147 1.64 13.80 -92.55
CA TYR B 147 1.80 14.19 -93.96
C TYR B 147 2.77 13.29 -94.71
N GLN B 148 3.59 12.52 -94.01
CA GLN B 148 4.56 11.65 -94.68
C GLN B 148 3.90 10.50 -95.43
N LEU B 149 2.78 9.97 -94.92
CA LEU B 149 2.07 8.93 -95.65
C LEU B 149 1.38 9.49 -96.89
N GLU B 150 0.91 10.74 -96.82
CA GLU B 150 0.44 11.43 -98.03
C GLU B 150 1.57 11.62 -99.03
N ALA B 151 2.78 11.90 -98.54
CA ALA B 151 3.91 12.06 -99.44
C ALA B 151 4.36 10.75 -100.08
N VAL B 152 4.31 9.64 -99.33
CA VAL B 152 4.86 8.38 -99.82
C VAL B 152 3.81 7.43 -100.38
N LYS B 153 2.53 7.80 -100.35
CA LYS B 153 1.52 6.93 -100.93
C LYS B 153 1.51 7.01 -102.45
N GLY B 154 1.86 8.18 -103.00
CA GLY B 154 1.73 8.47 -104.42
C GLY B 154 2.70 7.76 -105.35
N THR B 155 3.56 6.88 -104.83
CA THR B 155 4.45 6.10 -105.68
C THR B 155 3.67 4.96 -106.32
N SER B 156 3.79 4.83 -107.65
CA SER B 156 3.13 3.76 -108.37
C SER B 156 3.92 2.47 -108.35
N ASP B 157 5.20 2.52 -107.99
CA ASP B 157 6.02 1.33 -107.89
C ASP B 157 5.69 0.59 -106.59
N PRO B 158 5.25 -0.67 -106.64
CA PRO B 158 4.89 -1.35 -105.39
C PRO B 158 6.08 -1.77 -104.54
N ALA B 159 7.23 -2.12 -105.14
CA ALA B 159 8.39 -2.49 -104.35
C ALA B 159 9.00 -1.29 -103.64
N MET B 160 9.05 -0.14 -104.34
CA MET B 160 9.44 1.12 -103.72
C MET B 160 8.47 1.52 -102.64
N LEU B 161 7.17 1.23 -102.83
CA LEU B 161 6.16 1.50 -101.81
C LEU B 161 6.41 0.67 -100.56
N ALA B 162 6.75 -0.62 -100.74
CA ALA B 162 7.01 -1.51 -99.60
C ALA B 162 8.25 -1.09 -98.83
N ASP B 163 9.36 -0.83 -99.53
CA ASP B 163 10.58 -0.42 -98.83
C ASP B 163 10.50 1.01 -98.31
N THR B 164 9.61 1.85 -98.85
CA THR B 164 9.42 3.19 -98.33
C THR B 164 8.55 3.17 -97.07
N ILE B 165 7.60 2.23 -96.98
CA ILE B 165 6.94 1.96 -95.72
C ILE B 165 7.95 1.42 -94.69
N ALA B 166 8.85 0.54 -95.14
CA ALA B 166 9.84 -0.04 -94.24
C ALA B 166 10.92 0.96 -93.81
N TYR B 167 11.08 2.07 -94.53
CA TYR B 167 12.13 3.04 -94.21
C TYR B 167 11.80 3.85 -92.96
N HIS B 168 10.56 4.32 -92.85
CA HIS B 168 10.20 5.34 -91.87
C HIS B 168 10.03 4.79 -90.45
N ALA B 169 10.03 3.48 -90.27
CA ALA B 169 9.56 2.86 -89.03
C ALA B 169 10.52 1.76 -88.58
N THR B 170 11.81 2.10 -88.48
CA THR B 170 12.95 1.17 -88.35
C THR B 170 12.78 0.13 -87.25
N TRP B 171 13.25 -1.08 -87.54
CA TRP B 171 13.19 -2.23 -86.64
C TRP B 171 14.54 -2.95 -86.58
N THR B 172 14.58 -4.13 -85.93
CA THR B 172 15.87 -4.75 -85.60
C THR B 172 16.53 -5.31 -86.84
N VAL B 173 17.87 -5.37 -86.81
CA VAL B 173 18.66 -5.65 -88.00
C VAL B 173 18.49 -7.11 -88.43
N ALA B 174 18.16 -8.00 -87.49
CA ALA B 174 17.80 -9.37 -87.87
C ALA B 174 16.49 -9.38 -88.64
N GLU B 175 15.52 -8.59 -88.20
CA GLU B 175 14.28 -8.43 -88.95
C GLU B 175 14.55 -7.77 -90.30
N LYS B 176 15.53 -6.86 -90.34
CA LYS B 176 15.93 -6.22 -91.60
C LYS B 176 16.49 -7.25 -92.58
N GLN B 177 17.38 -8.13 -92.11
CA GLN B 177 17.98 -9.13 -92.97
C GLN B 177 16.98 -10.19 -93.42
N GLU B 178 16.14 -10.67 -92.50
CA GLU B 178 15.16 -11.70 -92.84
C GLU B 178 14.08 -11.16 -93.78
N ILE B 179 13.73 -9.88 -93.67
CA ILE B 179 12.91 -9.26 -94.70
C ILE B 179 13.71 -9.12 -96.00
N LEU B 180 14.99 -8.81 -95.89
CA LEU B 180 15.79 -8.44 -97.06
C LEU B 180 16.14 -9.63 -97.95
N GLU B 181 16.19 -10.85 -97.39
CA GLU B 181 16.43 -12.00 -98.25
C GLU B 181 15.18 -12.41 -99.02
N LEU B 182 14.00 -12.10 -98.50
CA LEU B 182 12.74 -12.49 -99.13
C LEU B 182 12.37 -11.43 -100.16
N THR B 183 12.85 -11.58 -101.39
CA THR B 183 12.83 -10.52 -102.39
C THR B 183 11.44 -10.18 -102.90
N ASP B 184 10.60 -11.18 -103.12
CA ASP B 184 9.23 -10.91 -103.53
C ASP B 184 8.47 -10.26 -102.37
N LEU B 185 7.40 -9.54 -102.73
CA LEU B 185 6.67 -8.76 -101.75
C LEU B 185 5.92 -9.62 -100.74
N GLU B 186 5.57 -10.85 -101.13
CA GLU B 186 4.59 -11.65 -100.38
C GLU B 186 5.09 -12.00 -98.99
N ALA B 187 6.20 -12.76 -98.91
CA ALA B 187 6.67 -13.24 -97.62
C ALA B 187 7.23 -12.12 -96.76
N ARG B 188 7.99 -11.20 -97.37
CA ARG B 188 8.56 -10.13 -96.56
C ARG B 188 7.51 -9.15 -96.07
N LEU B 189 6.42 -8.95 -96.80
CA LEU B 189 5.38 -8.06 -96.30
C LEU B 189 4.39 -8.77 -95.38
N LYS B 190 4.25 -10.10 -95.47
CA LYS B 190 3.64 -10.84 -94.38
C LYS B 190 4.44 -10.66 -93.09
N LYS B 191 5.77 -10.66 -93.21
CA LYS B 191 6.61 -10.41 -92.06
C LYS B 191 6.51 -8.96 -91.59
N VAL B 192 6.36 -8.02 -92.55
CA VAL B 192 6.19 -6.61 -92.20
C VAL B 192 4.88 -6.38 -91.45
N LEU B 193 3.80 -7.05 -91.88
CA LEU B 193 2.54 -7.00 -91.13
C LEU B 193 2.71 -7.59 -89.73
N GLY B 194 3.40 -8.73 -89.63
CA GLY B 194 3.64 -9.34 -88.34
C GLY B 194 4.58 -8.58 -87.43
N LEU B 195 5.33 -7.61 -87.97
CA LEU B 195 6.19 -6.75 -87.15
C LEU B 195 5.57 -5.41 -86.81
N LEU B 196 4.82 -4.82 -87.74
CA LEU B 196 4.08 -3.59 -87.44
C LEU B 196 2.98 -3.87 -86.41
N SER B 197 2.26 -4.99 -86.56
CA SER B 197 1.28 -5.34 -85.54
C SER B 197 1.95 -5.75 -84.23
N ARG B 198 3.19 -6.26 -84.30
CA ARG B 198 3.93 -6.57 -83.07
C ARG B 198 4.27 -5.31 -82.30
N ASP B 199 4.74 -4.26 -83.00
CA ASP B 199 4.97 -2.97 -82.36
C ASP B 199 3.66 -2.37 -81.85
N LEU B 200 2.57 -2.59 -82.59
CA LEU B 200 1.25 -2.09 -82.20
C LEU B 200 0.81 -2.69 -80.86
N GLU B 201 0.84 -4.01 -80.74
CA GLU B 201 0.49 -4.67 -79.49
C GLU B 201 1.51 -4.39 -78.40
N ARG B 202 2.77 -4.15 -78.77
CA ARG B 202 3.80 -3.79 -77.81
C ARG B 202 3.49 -2.47 -77.13
N PHE B 203 3.14 -1.46 -77.91
CA PHE B 203 2.82 -0.17 -77.31
C PHE B 203 1.42 -0.12 -76.72
N GLU B 204 0.52 -1.03 -77.11
CA GLU B 204 -0.71 -1.21 -76.34
C GLU B 204 -0.41 -1.72 -74.93
N LEU B 205 0.46 -2.73 -74.82
CA LEU B 205 0.85 -3.22 -73.50
C LEU B 205 1.64 -2.18 -72.70
N ASP B 206 2.45 -1.37 -73.42
CA ASP B 206 3.19 -0.29 -72.77
C ASP B 206 2.26 0.78 -72.21
N LYS B 207 1.25 1.19 -72.99
CA LYS B 207 0.29 2.17 -72.47
C LYS B 207 -0.59 1.57 -71.38
N ARG B 208 -0.80 0.25 -71.39
CA ARG B 208 -1.52 -0.41 -70.30
C ARG B 208 -0.74 -0.30 -68.98
N VAL B 209 0.55 -0.65 -69.02
CA VAL B 209 1.40 -0.52 -67.83
C VAL B 209 1.52 0.94 -67.41
N ALA B 210 1.60 1.85 -68.39
CA ALA B 210 1.70 3.27 -68.11
C ALA B 210 0.44 3.79 -67.44
N GLN B 211 -0.73 3.28 -67.83
CA GLN B 211 -1.97 3.75 -67.24
C GLN B 211 -2.14 3.21 -65.82
N ARG B 212 -1.67 1.98 -65.58
CA ARG B 212 -1.68 1.46 -64.22
C ARG B 212 -0.77 2.25 -63.29
N VAL B 213 0.45 2.59 -63.78
CA VAL B 213 1.39 3.39 -62.99
C VAL B 213 0.85 4.80 -62.75
N LYS B 214 0.24 5.40 -63.78
CA LYS B 214 -0.34 6.74 -63.66
C LYS B 214 -1.46 6.77 -62.63
N GLU B 215 -2.38 5.80 -62.68
CA GLU B 215 -3.49 5.83 -61.72
C GLU B 215 -3.04 5.46 -60.31
N GLN B 216 -1.96 4.68 -60.18
CA GLN B 216 -1.33 4.51 -58.86
C GLN B 216 -0.82 5.84 -58.31
N MET B 217 -0.10 6.61 -59.14
CA MET B 217 0.36 7.92 -58.69
C MET B 217 -0.80 8.89 -58.48
N ASP B 218 -1.92 8.70 -59.19
CA ASP B 218 -3.08 9.57 -59.00
C ASP B 218 -3.69 9.35 -57.63
N THR B 219 -3.90 8.07 -57.28
CA THR B 219 -4.30 7.69 -55.93
C THR B 219 -3.34 8.27 -54.89
N ASN B 220 -2.03 8.18 -55.16
CA ASN B 220 -1.07 8.65 -54.16
C ASN B 220 -1.08 10.16 -54.02
N GLN B 221 -1.22 10.89 -55.13
CA GLN B 221 -1.36 12.35 -55.09
C GLN B 221 -2.55 12.77 -54.24
N ARG B 222 -3.70 12.15 -54.52
CA ARG B 222 -4.92 12.46 -53.78
C ARG B 222 -4.75 12.22 -52.29
N GLU B 223 -4.27 11.04 -51.94
CA GLU B 223 -4.20 10.67 -50.53
C GLU B 223 -3.09 11.38 -49.79
N TYR B 224 -2.03 11.79 -50.48
CA TYR B 224 -1.02 12.59 -49.81
C TYR B 224 -1.53 13.99 -49.52
N TYR B 225 -2.29 14.56 -50.47
CA TYR B 225 -2.88 15.87 -50.23
C TYR B 225 -3.85 15.86 -49.07
N LEU B 226 -4.64 14.80 -48.97
CA LEU B 226 -5.59 14.75 -47.88
C LEU B 226 -4.89 14.55 -46.54
N ARG B 227 -3.82 13.75 -46.50
CA ARG B 227 -3.13 13.57 -45.22
C ARG B 227 -2.43 14.84 -44.77
N GLU B 228 -1.93 15.64 -45.70
CA GLU B 228 -1.27 16.89 -45.28
C GLU B 228 -2.28 17.92 -44.78
N GLN B 229 -3.44 17.98 -45.42
CA GLN B 229 -4.51 18.86 -44.95
C GLN B 229 -5.02 18.45 -43.56
N MET B 230 -5.16 17.15 -43.34
CA MET B 230 -5.58 16.67 -42.03
C MET B 230 -4.56 16.97 -40.94
N LYS B 231 -3.27 16.89 -41.25
CA LYS B 231 -2.27 17.20 -40.21
C LYS B 231 -2.27 18.68 -39.85
N ALA B 232 -2.48 19.54 -40.86
CA ALA B 232 -2.66 20.97 -40.60
C ALA B 232 -3.83 21.23 -39.67
N ILE B 233 -4.95 20.54 -39.91
CA ILE B 233 -6.12 20.75 -39.06
C ILE B 233 -5.88 20.22 -37.65
N GLN B 234 -5.16 19.11 -37.49
CA GLN B 234 -4.98 18.57 -36.13
C GLN B 234 -4.03 19.43 -35.30
N LYS B 235 -3.00 20.00 -35.93
CA LYS B 235 -2.17 20.93 -35.18
C LYS B 235 -2.92 22.21 -34.84
N GLU B 236 -3.70 22.75 -35.79
CA GLU B 236 -4.38 24.02 -35.51
C GLU B 236 -5.56 23.81 -34.58
N LEU B 237 -6.15 22.62 -34.61
CA LEU B 237 -7.17 22.27 -33.64
C LEU B 237 -6.57 22.19 -32.26
N GLY B 238 -5.36 21.63 -32.14
CA GLY B 238 -4.66 21.63 -30.83
C GLY B 238 -3.72 20.46 -30.63
N GLY B 239 -2.96 20.47 -29.53
CA GLY B 239 -1.97 19.40 -29.27
C GLY B 239 -0.94 19.30 -30.38
N GLU B 240 -0.19 20.38 -30.63
CA GLU B 240 0.87 20.36 -31.67
C GLU B 240 1.94 19.33 -31.27
N ASP B 241 2.32 19.32 -29.98
CA ASP B 241 3.27 18.29 -29.49
C ASP B 241 2.45 17.07 -29.08
N GLY B 242 2.95 15.86 -29.34
CA GLY B 242 2.13 14.66 -29.06
C GLY B 242 1.73 14.02 -30.37
N LEU B 243 2.16 14.60 -31.51
CA LEU B 243 1.95 14.04 -32.88
C LEU B 243 3.40 13.99 -33.33
N SER B 244 3.91 15.07 -33.94
CA SER B 244 5.36 15.24 -34.03
C SER B 244 6.09 14.46 -32.94
N ASP B 245 5.53 14.40 -31.74
CA ASP B 245 6.17 13.67 -30.65
C ASP B 245 6.18 12.18 -30.92
N LEU B 246 5.05 11.62 -31.34
CA LEU B 246 4.97 10.19 -31.64
C LEU B 246 5.71 9.83 -32.91
N GLU B 247 5.80 10.75 -33.88
CA GLU B 247 6.59 10.48 -35.07
C GLU B 247 8.07 10.46 -34.77
N ALA B 248 8.53 11.39 -33.93
CA ALA B 248 9.91 11.37 -33.48
C ALA B 248 10.20 10.13 -32.66
N LEU B 249 9.23 9.65 -31.88
CA LEU B 249 9.43 8.44 -31.12
C LEU B 249 9.51 7.22 -32.03
N ARG B 250 8.75 7.20 -33.13
CA ARG B 250 8.89 6.14 -34.11
C ARG B 250 10.27 6.16 -34.78
N LYS B 251 10.76 7.36 -35.11
CA LYS B 251 12.11 7.48 -35.64
C LYS B 251 13.15 6.99 -34.65
N LYS B 252 12.97 7.31 -33.38
CA LYS B 252 13.91 6.87 -32.34
C LYS B 252 13.88 5.35 -32.16
N ILE B 253 12.71 4.73 -32.29
CA ILE B 253 12.63 3.27 -32.27
C ILE B 253 13.34 2.68 -33.47
N GLU B 254 13.24 3.33 -34.63
CA GLU B 254 13.91 2.82 -35.82
C GLU B 254 15.43 2.96 -35.75
N GLU B 255 15.94 3.99 -35.09
CA GLU B 255 17.38 4.25 -35.16
C GLU B 255 18.19 3.33 -34.26
N VAL B 256 18.01 3.44 -32.94
CA VAL B 256 18.89 2.74 -32.01
C VAL B 256 18.53 1.27 -31.94
N GLY B 257 19.57 0.42 -32.01
CA GLY B 257 19.40 -1.01 -31.82
C GLY B 257 18.55 -1.59 -32.93
N MET B 258 17.60 -2.46 -32.58
CA MET B 258 17.50 -3.17 -31.32
C MET B 258 17.18 -4.57 -31.84
N PRO B 259 17.12 -5.62 -31.00
CA PRO B 259 16.72 -6.93 -31.52
C PRO B 259 15.31 -6.93 -32.10
N GLU B 260 15.05 -7.94 -32.93
CA GLU B 260 13.85 -7.90 -33.74
C GLU B 260 12.60 -8.21 -32.93
N ALA B 261 12.70 -9.05 -31.92
CA ALA B 261 11.55 -9.36 -31.08
C ALA B 261 11.13 -8.16 -30.25
N VAL B 262 12.10 -7.47 -29.64
CA VAL B 262 11.76 -6.31 -28.84
C VAL B 262 11.35 -5.14 -29.73
N LYS B 263 11.85 -5.08 -30.96
CA LYS B 263 11.40 -4.03 -31.87
C LYS B 263 9.96 -4.27 -32.32
N THR B 264 9.59 -5.52 -32.57
CA THR B 264 8.21 -5.85 -32.92
C THR B 264 7.27 -5.55 -31.76
N LYS B 265 7.69 -5.89 -30.54
CA LYS B 265 6.88 -5.57 -29.35
C LYS B 265 6.72 -4.07 -29.17
N ALA B 266 7.77 -3.31 -29.41
CA ALA B 266 7.69 -1.86 -29.25
C ALA B 266 6.81 -1.23 -30.32
N LEU B 267 6.82 -1.77 -31.53
CA LEU B 267 5.99 -1.20 -32.58
C LEU B 267 4.52 -1.53 -32.35
N LYS B 268 4.22 -2.72 -31.82
CA LYS B 268 2.83 -3.01 -31.45
C LYS B 268 2.36 -2.12 -30.31
N GLU B 269 3.25 -1.84 -29.36
CA GLU B 269 2.89 -0.94 -28.26
C GLU B 269 2.66 0.48 -28.75
N LEU B 270 3.44 0.94 -29.73
CA LEU B 270 3.25 2.27 -30.28
C LEU B 270 1.98 2.36 -31.09
N ASP B 271 1.65 1.31 -31.84
CA ASP B 271 0.38 1.30 -32.58
C ASP B 271 -0.81 1.26 -31.65
N ARG B 272 -0.65 0.65 -30.48
CA ARG B 272 -1.68 0.76 -29.45
C ARG B 272 -1.78 2.17 -28.90
N LEU B 273 -0.64 2.83 -28.73
CA LEU B 273 -0.63 4.18 -28.15
C LEU B 273 -1.21 5.22 -29.09
N GLU B 274 -1.05 5.05 -30.40
CA GLU B 274 -1.52 6.05 -31.35
C GLU B 274 -3.02 6.20 -31.41
N ARG B 275 -3.77 5.19 -30.99
CA ARG B 275 -5.22 5.17 -31.18
C ARG B 275 -6.00 5.26 -29.87
N MET B 276 -5.39 5.87 -28.85
CA MET B 276 -6.08 6.15 -27.61
C MET B 276 -5.86 7.62 -27.27
N GLN B 277 -6.83 8.21 -26.56
CA GLN B 277 -6.85 9.65 -26.40
C GLN B 277 -5.80 10.10 -25.39
N GLN B 278 -5.14 11.21 -25.69
CA GLN B 278 -3.95 11.61 -24.95
C GLN B 278 -4.32 12.21 -23.62
N GLY B 279 -3.39 12.13 -22.67
CA GLY B 279 -3.67 12.55 -21.33
C GLY B 279 -4.40 11.54 -20.48
N SER B 280 -4.83 10.42 -21.07
CA SER B 280 -5.41 9.34 -20.32
C SER B 280 -4.39 8.74 -19.37
N PRO B 281 -4.82 8.23 -18.22
CA PRO B 281 -3.84 7.64 -17.29
C PRO B 281 -3.29 6.30 -17.71
N GLU B 282 -3.72 5.76 -18.86
CA GLU B 282 -3.05 4.62 -19.45
C GLU B 282 -2.13 5.02 -20.60
N ALA B 283 -2.41 6.15 -21.24
CA ALA B 283 -1.47 6.69 -22.21
C ALA B 283 -0.19 7.21 -21.58
N THR B 284 -0.21 7.49 -20.28
CA THR B 284 1.02 7.84 -19.58
C THR B 284 1.90 6.62 -19.36
N VAL B 285 1.30 5.52 -18.92
CA VAL B 285 2.08 4.33 -18.62
C VAL B 285 2.50 3.60 -19.87
N ALA B 286 1.83 3.84 -21.00
CA ALA B 286 2.29 3.29 -22.26
C ALA B 286 3.32 4.16 -22.94
N ARG B 287 3.71 5.27 -22.33
CA ARG B 287 4.65 6.22 -22.89
C ARG B 287 5.95 6.26 -22.11
N THR B 288 5.85 6.16 -20.79
CA THR B 288 7.04 6.02 -19.95
C THR B 288 7.79 4.74 -20.28
N TYR B 289 7.05 3.68 -20.62
CA TYR B 289 7.64 2.40 -21.00
C TYR B 289 8.41 2.51 -22.30
N LEU B 290 7.89 3.25 -23.27
CA LEU B 290 8.63 3.40 -24.52
C LEU B 290 9.83 4.31 -24.36
N ASP B 291 9.77 5.27 -23.43
CA ASP B 291 10.95 6.06 -23.14
C ASP B 291 12.05 5.20 -22.55
N TRP B 292 11.71 4.32 -21.60
CA TRP B 292 12.71 3.40 -21.06
C TRP B 292 13.24 2.43 -22.09
N LEU B 293 12.41 1.99 -23.03
CA LEU B 293 12.94 1.09 -24.05
C LEU B 293 13.85 1.81 -25.04
N THR B 294 13.61 3.08 -25.32
CA THR B 294 14.49 3.74 -26.26
C THR B 294 15.69 4.40 -25.61
N GLU B 295 15.75 4.48 -24.29
CA GLU B 295 16.86 5.15 -23.63
C GLU B 295 17.93 4.22 -23.07
N VAL B 296 17.72 2.91 -23.07
CA VAL B 296 18.79 2.00 -22.65
C VAL B 296 19.61 1.66 -23.87
N PRO B 297 20.90 1.34 -23.73
CA PRO B 297 21.72 1.11 -24.92
C PRO B 297 21.55 -0.28 -25.50
N TRP B 298 21.49 -0.34 -26.82
CA TRP B 298 21.46 -1.58 -27.57
C TRP B 298 22.59 -1.47 -28.57
N SER B 299 23.65 -2.28 -28.40
CA SER B 299 24.78 -2.42 -29.33
C SER B 299 25.48 -1.08 -29.57
N LYS B 300 26.12 -0.58 -28.52
CA LYS B 300 26.97 0.60 -28.62
C LYS B 300 28.07 0.42 -27.59
N ALA B 301 29.32 0.39 -28.03
CA ALA B 301 30.40 -0.04 -27.15
C ALA B 301 31.61 0.84 -27.33
N ASP B 302 32.55 0.66 -26.45
CA ASP B 302 33.89 1.22 -26.36
C ASP B 302 34.92 0.27 -26.96
N PRO B 303 36.04 0.77 -27.45
CA PRO B 303 37.09 -0.12 -27.94
C PRO B 303 37.74 -0.91 -26.82
N GLU B 304 38.25 -2.09 -27.17
CA GLU B 304 38.74 -3.03 -26.18
C GLU B 304 40.15 -3.54 -26.42
N VAL B 305 40.85 -3.04 -27.43
CA VAL B 305 42.24 -3.40 -27.67
C VAL B 305 43.11 -2.16 -27.47
N LEU B 306 44.02 -2.22 -26.49
CA LEU B 306 44.48 -0.98 -25.86
C LEU B 306 45.95 -0.86 -25.46
N ASP B 307 46.89 -1.53 -26.13
CA ASP B 307 48.33 -1.28 -25.97
C ASP B 307 48.85 -1.47 -24.54
N ILE B 308 49.01 -2.73 -24.11
CA ILE B 308 49.12 -3.11 -22.70
C ILE B 308 50.24 -2.43 -21.92
N ASN B 309 51.25 -1.87 -22.58
CA ASN B 309 52.33 -1.21 -21.83
C ASN B 309 51.84 0.09 -21.21
N HIS B 310 51.00 0.83 -21.94
CA HIS B 310 50.41 2.03 -21.40
C HIS B 310 49.48 1.73 -20.23
N THR B 311 48.76 0.61 -20.31
CA THR B 311 47.89 0.24 -19.20
C THR B 311 48.70 -0.19 -18.00
N ARG B 312 49.85 -0.85 -18.24
CA ARG B 312 50.75 -1.20 -17.15
C ARG B 312 51.28 0.04 -16.46
N GLN B 313 51.57 1.10 -17.23
CA GLN B 313 52.04 2.32 -16.61
C GLN B 313 50.95 3.14 -15.96
N VAL B 314 49.70 3.01 -16.39
CA VAL B 314 48.63 3.75 -15.72
C VAL B 314 48.20 3.06 -14.44
N LEU B 315 48.21 1.73 -14.38
CA LEU B 315 47.73 1.04 -13.19
C LEU B 315 48.59 1.24 -11.97
N ASP B 316 49.87 1.53 -12.12
CA ASP B 316 50.75 1.69 -10.97
C ASP B 316 51.15 3.15 -10.75
N GLU B 317 50.23 4.07 -10.99
CA GLU B 317 50.36 5.42 -10.50
C GLU B 317 49.23 5.78 -9.56
N ASP B 318 48.33 4.86 -9.28
CA ASP B 318 47.38 5.00 -8.20
C ASP B 318 47.62 4.04 -7.05
N HIS B 319 48.30 2.92 -7.29
CA HIS B 319 48.46 1.89 -6.28
C HIS B 319 49.85 1.30 -6.33
N TYR B 320 50.36 0.95 -5.17
CA TYR B 320 51.59 0.22 -5.00
C TYR B 320 51.27 -1.26 -4.82
N GLY B 321 52.10 -2.10 -5.41
CA GLY B 321 51.92 -3.53 -5.21
C GLY B 321 50.76 -4.07 -6.00
N LEU B 322 50.04 -5.02 -5.38
CA LEU B 322 48.79 -5.60 -5.88
C LEU B 322 48.97 -6.28 -7.23
N LYS B 323 49.95 -7.17 -7.31
CA LYS B 323 50.33 -7.75 -8.60
C LYS B 323 49.30 -8.72 -9.14
N ASP B 324 48.44 -9.29 -8.30
CA ASP B 324 47.48 -10.27 -8.79
C ASP B 324 46.39 -9.61 -9.59
N VAL B 325 45.85 -8.51 -9.09
CA VAL B 325 44.77 -7.81 -9.78
C VAL B 325 45.29 -7.17 -11.06
N LYS B 326 46.47 -6.55 -10.98
CA LYS B 326 47.08 -5.93 -12.15
C LYS B 326 47.42 -6.96 -13.20
N GLU B 327 47.85 -8.14 -12.76
CA GLU B 327 48.16 -9.19 -13.71
C GLU B 327 46.90 -9.75 -14.36
N ARG B 328 45.79 -9.81 -13.62
CA ARG B 328 44.53 -10.26 -14.20
C ARG B 328 44.05 -9.31 -15.29
N ILE B 329 44.20 -8.01 -15.06
CA ILE B 329 43.77 -7.04 -16.07
C ILE B 329 44.68 -7.11 -17.30
N LEU B 330 45.98 -7.32 -17.10
CA LEU B 330 46.85 -7.42 -18.26
C LEU B 330 46.63 -8.70 -19.05
N GLU B 331 46.24 -9.78 -18.39
CA GLU B 331 45.92 -11.02 -19.11
C GLU B 331 44.62 -10.88 -19.89
N TYR B 332 43.63 -10.19 -19.33
CA TYR B 332 42.42 -9.86 -20.07
C TYR B 332 42.72 -9.06 -21.32
N LEU B 333 43.60 -8.07 -21.21
CA LEU B 333 43.93 -7.28 -22.40
C LEU B 333 44.76 -8.06 -23.41
N ALA B 334 45.58 -9.02 -22.96
CA ALA B 334 46.28 -9.87 -23.91
C ALA B 334 45.34 -10.77 -24.68
N VAL B 335 44.33 -11.30 -24.00
CA VAL B 335 43.31 -12.09 -24.67
C VAL B 335 42.54 -11.25 -25.69
N ARG B 336 42.16 -10.02 -25.32
CA ARG B 336 41.43 -9.19 -26.27
C ARG B 336 42.31 -8.71 -27.43
N GLN B 337 43.61 -8.56 -27.20
CA GLN B 337 44.55 -8.32 -28.28
C GLN B 337 44.53 -9.46 -29.27
N LEU B 338 44.55 -10.69 -28.76
CA LEU B 338 44.85 -11.85 -29.58
C LEU B 338 43.63 -12.42 -30.27
N THR B 339 42.42 -12.04 -29.85
CA THR B 339 41.21 -12.66 -30.36
C THR B 339 40.42 -11.77 -31.30
N GLN B 340 40.90 -10.57 -31.61
CA GLN B 340 40.18 -9.71 -32.55
C GLN B 340 40.27 -10.27 -33.96
N GLY B 341 39.28 -9.94 -34.77
CA GLY B 341 39.19 -10.53 -36.08
C GLY B 341 38.62 -11.93 -36.11
N LEU B 342 38.17 -12.44 -34.98
CA LEU B 342 37.54 -13.74 -34.86
C LEU B 342 36.14 -13.54 -34.31
N ASP B 343 35.38 -14.61 -34.22
CA ASP B 343 34.05 -14.56 -33.61
C ASP B 343 33.91 -15.65 -32.56
N VAL B 344 34.45 -15.36 -31.38
CA VAL B 344 34.32 -16.28 -30.25
C VAL B 344 33.99 -15.52 -28.97
N ARG B 345 32.70 -15.32 -28.69
CA ARG B 345 32.09 -15.14 -27.38
C ARG B 345 32.85 -14.23 -26.40
N ASN B 346 32.76 -12.91 -26.59
CA ASN B 346 33.28 -12.01 -25.56
C ASN B 346 32.48 -12.19 -24.28
N LYS B 347 33.07 -12.81 -23.27
CA LYS B 347 32.45 -12.86 -21.95
C LYS B 347 33.35 -12.14 -20.96
N ALA B 348 32.86 -11.04 -20.42
CA ALA B 348 33.63 -10.24 -19.49
C ALA B 348 33.74 -10.94 -18.14
N PRO B 349 34.78 -10.65 -17.35
CA PRO B 349 34.95 -11.36 -16.08
C PRO B 349 33.96 -10.92 -15.02
N ILE B 350 33.82 -11.77 -14.01
CA ILE B 350 33.04 -11.49 -12.81
C ILE B 350 33.96 -11.80 -11.64
N LEU B 351 34.53 -10.79 -11.02
CA LEU B 351 35.52 -10.96 -9.98
C LEU B 351 34.93 -10.67 -8.61
N VAL B 352 35.60 -11.14 -7.57
CA VAL B 352 35.32 -10.70 -6.21
C VAL B 352 36.65 -10.50 -5.49
N LEU B 353 36.78 -9.36 -4.83
CA LEU B 353 37.97 -8.98 -4.10
C LEU B 353 37.66 -9.07 -2.62
N VAL B 354 38.42 -9.86 -1.89
CA VAL B 354 38.11 -10.14 -0.49
C VAL B 354 39.34 -9.80 0.36
N GLY B 355 39.11 -9.05 1.43
CA GLY B 355 40.19 -8.61 2.27
C GLY B 355 39.77 -7.72 3.42
N PRO B 356 40.72 -7.42 4.32
CA PRO B 356 40.42 -6.63 5.51
C PRO B 356 40.21 -5.17 5.16
N PRO B 357 39.64 -4.36 6.06
CA PRO B 357 39.37 -2.96 5.71
C PRO B 357 40.64 -2.14 5.55
N GLY B 358 40.53 -1.08 4.75
CA GLY B 358 41.60 -0.15 4.54
C GLY B 358 42.54 -0.51 3.42
N VAL B 359 42.58 -1.76 3.01
CA VAL B 359 43.29 -2.12 1.81
C VAL B 359 42.49 -1.61 0.62
N GLY B 360 43.15 -1.30 -0.48
CA GLY B 360 42.41 -0.57 -1.49
C GLY B 360 41.58 -1.46 -2.39
N LYS B 361 40.31 -1.65 -2.04
CA LYS B 361 39.39 -2.43 -2.85
C LYS B 361 38.38 -1.55 -3.56
N THR B 362 37.77 -0.61 -2.85
CA THR B 362 36.83 0.30 -3.47
C THR B 362 37.52 1.25 -4.42
N SER B 363 38.71 1.71 -4.05
CA SER B 363 39.44 2.65 -4.88
C SER B 363 40.14 1.99 -6.04
N LEU B 364 40.18 0.68 -6.09
CA LEU B 364 40.84 -0.03 -7.16
C LEU B 364 39.94 -0.20 -8.37
N GLY B 365 38.62 -0.18 -8.17
CA GLY B 365 37.69 -0.28 -9.27
C GLY B 365 37.74 0.93 -10.20
N ARG B 366 37.84 2.13 -9.64
CA ARG B 366 37.91 3.31 -10.48
C ARG B 366 39.23 3.41 -11.21
N SER B 367 40.32 2.93 -10.59
CA SER B 367 41.60 2.91 -11.28
C SER B 367 41.61 1.91 -12.41
N ILE B 368 40.99 0.74 -12.22
CA ILE B 368 40.89 -0.24 -13.29
C ILE B 368 40.04 0.29 -14.44
N ALA B 369 38.93 0.96 -14.14
CA ALA B 369 38.09 1.49 -15.20
C ALA B 369 38.74 2.67 -15.90
N ARG B 370 39.59 3.43 -15.21
CA ARG B 370 40.27 4.54 -15.84
C ARG B 370 41.43 4.09 -16.70
N SER B 371 42.11 3.01 -16.31
CA SER B 371 43.23 2.54 -17.11
C SER B 371 42.78 1.88 -18.41
N MET B 372 41.57 1.32 -18.45
CA MET B 372 41.08 0.67 -19.66
C MET B 372 40.17 1.55 -20.48
N ASN B 373 40.06 2.83 -20.12
CA ASN B 373 39.28 3.84 -20.87
C ASN B 373 37.81 3.49 -20.98
N ARG B 374 37.25 2.90 -19.94
CA ARG B 374 35.88 2.44 -19.94
C ARG B 374 35.09 3.17 -18.87
N LYS B 375 33.78 3.23 -19.08
CA LYS B 375 32.88 3.95 -18.19
C LYS B 375 32.78 3.23 -16.85
N PHE B 376 32.36 3.96 -15.83
CA PHE B 376 32.34 3.44 -14.47
C PHE B 376 31.04 3.84 -13.78
N HIS B 377 30.57 2.97 -12.89
CA HIS B 377 29.40 3.25 -12.08
C HIS B 377 29.46 2.39 -10.83
N ARG B 378 29.03 2.93 -9.69
CA ARG B 378 28.98 2.19 -8.44
C ARG B 378 27.54 1.87 -8.06
N ILE B 379 27.36 0.69 -7.49
CA ILE B 379 26.13 0.33 -6.80
C ILE B 379 26.54 -0.16 -5.42
N SER B 380 26.09 0.53 -4.39
CA SER B 380 26.39 0.14 -3.03
C SER B 380 25.29 -0.77 -2.52
N LEU B 381 25.63 -2.02 -2.24
CA LEU B 381 24.65 -3.02 -1.85
C LEU B 381 24.57 -3.22 -0.35
N GLY B 382 25.22 -2.37 0.43
CA GLY B 382 25.23 -2.54 1.88
C GLY B 382 23.89 -2.18 2.46
N GLY B 383 23.29 -3.12 3.19
CA GLY B 383 21.99 -2.85 3.77
C GLY B 383 20.83 -2.85 2.80
N VAL B 384 21.05 -3.22 1.54
CA VAL B 384 19.95 -3.39 0.61
C VAL B 384 19.12 -4.58 1.04
N ARG B 385 17.83 -4.37 1.20
CA ARG B 385 17.00 -5.32 1.90
C ARG B 385 15.93 -5.96 1.05
N ASP B 386 15.43 -5.28 0.03
CA ASP B 386 14.34 -5.84 -0.77
C ASP B 386 14.77 -6.22 -2.18
N GLU B 387 14.06 -7.20 -2.73
CA GLU B 387 14.30 -7.73 -4.07
C GLU B 387 13.93 -6.74 -5.16
N ALA B 388 13.08 -5.76 -4.86
CA ALA B 388 12.56 -4.85 -5.86
C ALA B 388 13.54 -3.77 -6.27
N GLU B 389 14.79 -3.85 -5.85
CA GLU B 389 15.82 -2.97 -6.33
C GLU B 389 16.80 -3.63 -7.27
N ILE B 390 16.77 -4.95 -7.38
CA ILE B 390 17.56 -5.67 -8.37
C ILE B 390 16.74 -5.70 -9.64
N ARG B 391 15.57 -6.33 -9.57
CA ARG B 391 14.53 -6.20 -10.56
C ARG B 391 13.69 -4.98 -10.24
N GLY B 392 12.63 -4.75 -11.00
CA GLY B 392 11.84 -3.57 -10.70
C GLY B 392 10.49 -3.90 -10.11
N HIS B 393 9.47 -3.17 -10.51
CA HIS B 393 8.09 -3.57 -10.37
C HIS B 393 7.46 -3.63 -11.75
N ARG B 394 6.34 -4.36 -11.85
CA ARG B 394 5.56 -4.35 -13.07
C ARG B 394 5.08 -2.95 -13.37
N ARG B 395 4.89 -2.61 -14.63
CA ARG B 395 4.39 -1.28 -14.95
C ARG B 395 2.88 -1.16 -14.78
N THR B 396 2.35 -1.66 -13.69
CA THR B 396 0.94 -1.53 -13.36
C THR B 396 0.73 -0.92 -12.00
N TYR B 397 1.75 -0.86 -11.17
CA TYR B 397 1.74 -0.03 -10.01
C TYR B 397 2.08 1.40 -10.44
N ILE B 398 1.74 2.37 -9.60
CA ILE B 398 1.74 3.74 -10.09
C ILE B 398 3.14 4.35 -10.10
N GLY B 399 3.99 4.02 -9.12
CA GLY B 399 5.30 4.62 -9.15
C GLY B 399 6.39 3.69 -9.62
N ALA B 400 6.09 2.82 -10.57
CA ALA B 400 6.99 1.73 -10.91
C ALA B 400 8.09 2.19 -11.86
N MET B 401 9.26 1.59 -11.70
CA MET B 401 10.44 1.93 -12.47
C MET B 401 11.46 0.82 -12.29
N PRO B 402 12.41 0.65 -13.23
CA PRO B 402 13.32 -0.51 -13.18
C PRO B 402 14.26 -0.49 -12.00
N GLY B 403 14.99 -1.60 -11.84
CA GLY B 403 15.92 -1.77 -10.75
C GLY B 403 17.20 -0.99 -10.95
N LYS B 404 18.17 -1.31 -10.09
CA LYS B 404 19.44 -0.58 -10.10
C LYS B 404 20.27 -0.87 -11.33
N LEU B 405 20.14 -2.07 -11.90
CA LEU B 405 21.00 -2.45 -13.01
C LEU B 405 20.58 -1.80 -14.31
N ILE B 406 19.28 -1.74 -14.60
CA ILE B 406 18.83 -1.06 -15.81
C ILE B 406 19.05 0.44 -15.69
N HIS B 407 18.91 0.98 -14.50
CA HIS B 407 19.17 2.41 -14.30
C HIS B 407 20.65 2.72 -14.45
N ALA B 408 21.52 1.81 -13.96
CA ALA B 408 22.95 1.97 -14.14
C ALA B 408 23.36 1.86 -15.58
N MET B 409 22.73 0.95 -16.33
CA MET B 409 23.00 0.85 -17.76
C MET B 409 22.45 2.03 -18.53
N LYS B 410 21.49 2.75 -17.97
CA LYS B 410 21.04 3.97 -18.62
C LYS B 410 22.00 5.13 -18.37
N GLN B 411 22.56 5.24 -17.16
CA GLN B 411 23.49 6.33 -16.84
C GLN B 411 24.73 6.27 -17.70
N VAL B 412 25.45 5.15 -17.64
CA VAL B 412 26.45 4.82 -18.63
C VAL B 412 25.81 4.73 -20.00
N GLY B 413 26.51 5.17 -21.03
CA GLY B 413 25.87 5.08 -22.32
C GLY B 413 26.12 3.84 -23.12
N VAL B 414 27.01 2.96 -22.68
CA VAL B 414 27.47 1.87 -23.53
C VAL B 414 27.05 0.52 -22.97
N ILE B 415 27.37 -0.55 -23.67
CA ILE B 415 26.98 -1.90 -23.25
C ILE B 415 28.09 -2.63 -22.55
N ASN B 416 29.28 -2.04 -22.44
CA ASN B 416 30.38 -2.63 -21.68
C ASN B 416 31.02 -1.66 -20.69
N PRO B 417 30.34 -1.35 -19.59
CA PRO B 417 31.03 -0.59 -18.55
C PRO B 417 31.78 -1.48 -17.58
N VAL B 418 32.41 -0.86 -16.60
CA VAL B 418 32.86 -1.52 -15.39
C VAL B 418 31.89 -1.10 -14.29
N ILE B 419 31.26 -2.08 -13.64
CA ILE B 419 30.29 -1.80 -12.61
C ILE B 419 30.78 -2.41 -11.32
N LEU B 420 30.95 -1.58 -10.30
CA LEU B 420 31.41 -2.02 -8.99
C LEU B 420 30.21 -2.31 -8.12
N LEU B 421 30.09 -3.54 -7.66
CA LEU B 421 29.02 -3.93 -6.73
C LEU B 421 29.64 -3.98 -5.34
N ASP B 422 29.55 -2.87 -4.64
CA ASP B 422 30.32 -2.69 -3.41
C ASP B 422 29.60 -3.34 -2.24
N GLU B 423 30.36 -4.01 -1.39
CA GLU B 423 29.92 -4.65 -0.14
C GLU B 423 28.83 -5.70 -0.40
N ILE B 424 29.23 -6.76 -1.10
CA ILE B 424 28.26 -7.78 -1.49
C ILE B 424 27.98 -8.75 -0.33
N ASP B 425 28.82 -8.78 0.69
CA ASP B 425 28.58 -9.68 1.81
C ASP B 425 27.72 -9.07 2.90
N LYS B 426 27.47 -7.77 2.86
CA LYS B 426 26.64 -7.10 3.84
C LYS B 426 25.20 -6.96 3.35
N MET B 427 24.74 -7.91 2.56
CA MET B 427 23.43 -7.84 1.94
C MET B 427 22.54 -8.91 2.57
N SER B 428 21.36 -8.49 3.04
CA SER B 428 20.56 -9.31 3.93
C SER B 428 19.80 -10.39 3.17
N SER B 429 19.30 -11.36 3.93
CA SER B 429 18.43 -12.40 3.41
C SER B 429 17.34 -12.74 4.42
N ASP B 430 16.90 -11.75 5.20
CA ASP B 430 15.99 -11.98 6.31
C ASP B 430 14.55 -12.11 5.79
N TRP B 431 13.67 -11.93 6.76
CA TRP B 431 12.26 -11.97 6.53
C TRP B 431 12.02 -11.11 5.36
N ARG B 432 12.29 -9.85 5.54
CA ARG B 432 11.89 -8.74 4.68
C ARG B 432 12.84 -8.72 3.49
N GLY B 433 12.40 -9.31 2.38
CA GLY B 433 13.18 -9.28 1.17
C GLY B 433 14.33 -10.26 1.14
N ASP B 434 14.66 -10.76 -0.05
CA ASP B 434 15.85 -11.57 -0.27
C ASP B 434 16.45 -11.16 -1.60
N PRO B 435 17.33 -10.14 -1.60
CA PRO B 435 17.97 -9.75 -2.86
C PRO B 435 19.15 -10.62 -3.24
N ALA B 436 19.62 -11.49 -2.36
CA ALA B 436 20.74 -12.35 -2.72
C ALA B 436 20.33 -13.47 -3.65
N SER B 437 19.05 -13.79 -3.71
CA SER B 437 18.56 -14.79 -4.65
C SER B 437 18.18 -14.17 -5.99
N ALA B 438 17.97 -12.87 -6.03
CA ALA B 438 17.79 -12.20 -7.31
C ALA B 438 19.11 -11.90 -7.98
N MET B 439 20.22 -11.98 -7.26
CA MET B 439 21.54 -11.78 -7.86
C MET B 439 22.03 -13.00 -8.59
N LEU B 440 21.40 -14.16 -8.40
CA LEU B 440 21.79 -15.36 -9.13
C LEU B 440 21.50 -15.25 -10.60
N GLU B 441 20.56 -14.40 -10.98
CA GLU B 441 20.25 -14.21 -12.39
C GLU B 441 21.20 -13.22 -13.03
N VAL B 442 21.75 -12.31 -12.25
CA VAL B 442 22.59 -11.25 -12.78
C VAL B 442 24.01 -11.75 -13.03
N LEU B 443 24.54 -12.53 -12.10
CA LEU B 443 25.94 -12.89 -12.11
C LEU B 443 26.18 -14.28 -12.69
N ASP B 444 25.18 -14.89 -13.28
CA ASP B 444 25.32 -16.21 -13.88
C ASP B 444 26.08 -16.08 -15.18
N PRO B 445 27.29 -16.63 -15.30
CA PRO B 445 28.11 -16.37 -16.49
C PRO B 445 27.60 -17.03 -17.76
N GLU B 446 26.67 -17.96 -17.68
CA GLU B 446 26.16 -18.59 -18.89
C GLU B 446 24.77 -18.10 -19.27
N GLN B 447 24.05 -17.46 -18.36
CA GLN B 447 22.66 -17.13 -18.60
C GLN B 447 22.35 -15.65 -18.49
N ASN B 448 23.33 -14.78 -18.21
CA ASN B 448 23.00 -13.38 -18.01
C ASN B 448 22.98 -12.59 -19.31
N ASN B 449 22.89 -13.26 -20.45
CA ASN B 449 22.57 -12.58 -21.68
C ASN B 449 21.07 -12.48 -21.92
N THR B 450 20.27 -13.00 -20.99
CA THR B 450 18.82 -12.89 -21.00
C THR B 450 18.31 -12.53 -19.62
N PHE B 451 18.91 -11.51 -19.02
CA PHE B 451 18.40 -10.98 -17.76
C PHE B 451 17.07 -10.29 -17.98
N THR B 452 16.08 -10.61 -17.14
CA THR B 452 14.73 -10.10 -17.31
C THR B 452 14.34 -9.27 -16.09
N ASP B 453 14.17 -7.98 -16.31
CA ASP B 453 13.70 -7.04 -15.31
C ASP B 453 12.17 -7.17 -15.22
N HIS B 454 11.59 -6.72 -14.10
CA HIS B 454 10.14 -6.77 -14.05
C HIS B 454 9.49 -5.60 -14.75
N TYR B 455 10.17 -4.47 -14.87
CA TYR B 455 9.59 -3.34 -15.56
C TYR B 455 9.68 -3.53 -17.07
N LEU B 456 10.89 -3.67 -17.58
CA LEU B 456 11.06 -4.05 -18.97
C LEU B 456 10.70 -5.51 -19.12
N ASP B 457 9.70 -5.82 -19.93
CA ASP B 457 9.33 -7.23 -20.05
C ASP B 457 10.20 -8.00 -21.02
N VAL B 458 11.37 -7.52 -21.39
CA VAL B 458 12.15 -8.11 -22.46
C VAL B 458 13.45 -8.61 -21.86
N PRO B 459 14.10 -9.58 -22.49
CA PRO B 459 15.43 -9.98 -22.02
C PRO B 459 16.48 -8.98 -22.47
N TYR B 460 17.43 -8.72 -21.58
CA TYR B 460 18.44 -7.70 -21.79
C TYR B 460 19.82 -8.29 -21.55
N ASP B 461 20.77 -7.94 -22.41
CA ASP B 461 22.07 -8.61 -22.43
C ASP B 461 23.03 -7.92 -21.47
N LEU B 462 23.41 -8.63 -20.41
CA LEU B 462 24.42 -8.16 -19.47
C LEU B 462 25.67 -9.01 -19.50
N SER B 463 26.08 -9.49 -20.66
CA SER B 463 27.24 -10.35 -20.73
C SER B 463 28.50 -9.62 -21.13
N LYS B 464 28.42 -8.33 -21.44
CA LYS B 464 29.59 -7.55 -21.79
C LYS B 464 30.10 -6.69 -20.65
N VAL B 465 29.41 -6.66 -19.53
CA VAL B 465 29.74 -5.76 -18.44
C VAL B 465 30.79 -6.41 -17.55
N PHE B 466 31.73 -5.60 -17.10
CA PHE B 466 32.84 -6.04 -16.27
C PHE B 466 32.39 -5.87 -14.82
N PHE B 467 32.01 -6.95 -14.15
CA PHE B 467 31.60 -6.83 -12.76
C PHE B 467 32.78 -7.00 -11.83
N ILE B 468 32.89 -6.11 -10.84
CA ILE B 468 33.85 -6.22 -9.76
C ILE B 468 33.06 -6.08 -8.47
N THR B 469 33.16 -7.06 -7.58
CA THR B 469 32.47 -7.00 -6.31
C THR B 469 33.50 -7.06 -5.19
N THR B 470 33.16 -6.50 -4.03
CA THR B 470 34.08 -6.41 -2.90
C THR B 470 33.43 -6.96 -1.65
N ALA B 471 34.22 -7.59 -0.79
CA ALA B 471 33.70 -8.17 0.44
C ALA B 471 34.80 -8.23 1.49
N ASN B 472 34.41 -8.24 2.76
CA ASN B 472 35.40 -8.37 3.83
C ASN B 472 35.67 -9.81 4.19
N THR B 473 34.67 -10.68 4.13
CA THR B 473 34.87 -12.10 4.34
C THR B 473 33.93 -12.86 3.42
N LEU B 474 34.26 -14.11 3.18
CA LEU B 474 33.46 -14.93 2.27
C LEU B 474 32.34 -15.69 2.96
N GLN B 475 32.28 -15.67 4.29
CA GLN B 475 31.41 -16.59 5.00
C GLN B 475 29.95 -16.18 5.01
N THR B 476 29.62 -14.94 4.65
CA THR B 476 28.24 -14.50 4.64
C THR B 476 27.72 -14.31 3.23
N ILE B 477 28.29 -15.03 2.28
CA ILE B 477 27.82 -15.06 0.90
C ILE B 477 27.17 -16.41 0.67
N PRO B 478 25.98 -16.48 0.07
CA PRO B 478 25.36 -17.76 -0.21
C PRO B 478 26.17 -18.60 -1.17
N ARG B 479 26.20 -19.90 -0.93
CA ARG B 479 27.05 -20.80 -1.70
C ARG B 479 26.75 -20.91 -3.19
N PRO B 480 25.50 -20.80 -3.68
CA PRO B 480 25.35 -20.69 -5.14
C PRO B 480 25.84 -19.37 -5.70
N LEU B 481 25.86 -18.31 -4.90
CA LEU B 481 26.31 -17.02 -5.41
C LEU B 481 27.82 -16.90 -5.40
N LEU B 482 28.47 -17.55 -4.44
CA LEU B 482 29.93 -17.53 -4.40
C LEU B 482 30.54 -18.35 -5.51
N ASP B 483 29.83 -19.38 -5.96
CA ASP B 483 30.37 -20.30 -6.95
C ASP B 483 30.38 -19.71 -8.35
N ARG B 484 29.70 -18.59 -8.58
CA ARG B 484 29.73 -17.91 -9.86
C ARG B 484 30.86 -16.91 -9.99
N MET B 485 31.48 -16.52 -8.90
CA MET B 485 32.45 -15.44 -8.91
C MET B 485 33.86 -16.00 -8.75
N GLU B 486 34.82 -15.35 -9.38
CA GLU B 486 36.22 -15.68 -9.25
C GLU B 486 36.85 -14.88 -8.12
N VAL B 487 37.51 -15.58 -7.19
CA VAL B 487 38.09 -14.91 -6.03
C VAL B 487 39.49 -14.42 -6.35
N ILE B 488 39.77 -13.17 -5.97
CA ILE B 488 41.11 -12.62 -5.90
C ILE B 488 41.28 -12.15 -4.47
N GLU B 489 42.31 -12.67 -3.79
CA GLU B 489 42.49 -12.36 -2.38
C GLU B 489 43.53 -11.28 -2.19
N ILE B 490 43.17 -10.28 -1.40
CA ILE B 490 44.05 -9.15 -1.12
C ILE B 490 44.51 -9.29 0.33
N PRO B 491 45.78 -9.60 0.58
CA PRO B 491 46.14 -10.12 1.91
C PRO B 491 46.22 -9.09 3.01
N GLY B 492 46.83 -7.94 2.78
CA GLY B 492 47.20 -7.08 3.89
C GLY B 492 48.70 -6.86 3.91
N TYR B 493 49.14 -5.69 4.36
CA TYR B 493 50.49 -5.23 4.04
C TYR B 493 51.48 -5.54 5.16
N THR B 494 52.74 -5.68 4.78
CA THR B 494 53.81 -5.86 5.73
C THR B 494 54.33 -4.49 6.14
N ASN B 495 55.42 -4.42 6.88
CA ASN B 495 55.93 -3.11 7.27
C ASN B 495 56.74 -2.46 6.17
N MET B 496 57.45 -3.26 5.37
CA MET B 496 58.18 -2.71 4.23
C MET B 496 57.23 -2.13 3.20
N GLU B 497 56.10 -2.81 2.98
CA GLU B 497 55.11 -2.33 2.03
C GLU B 497 54.43 -1.07 2.55
N LYS B 498 54.09 -1.03 3.83
CA LYS B 498 53.48 0.18 4.40
C LYS B 498 54.45 1.35 4.35
N GLN B 499 55.74 1.08 4.52
CA GLN B 499 56.72 2.15 4.45
C GLN B 499 56.87 2.69 3.04
N ALA B 500 56.84 1.79 2.05
CA ALA B 500 56.92 2.23 0.65
C ALA B 500 55.67 3.00 0.24
N ILE B 501 54.49 2.55 0.69
CA ILE B 501 53.25 3.26 0.41
C ILE B 501 53.27 4.65 1.04
N ALA B 502 53.72 4.76 2.30
CA ALA B 502 53.72 6.05 2.96
C ALA B 502 54.74 7.00 2.35
N ARG B 503 55.85 6.49 1.83
CA ARG B 503 56.78 7.40 1.18
C ARG B 503 56.29 7.83 -0.19
N GLN B 504 55.70 6.94 -0.97
CA GLN B 504 55.43 7.26 -2.36
C GLN B 504 54.02 7.77 -2.65
N TYR B 505 53.06 7.51 -1.80
CA TYR B 505 51.69 7.89 -2.14
C TYR B 505 50.99 8.68 -1.05
N LEU B 506 51.19 8.36 0.22
CA LEU B 506 50.38 8.95 1.27
C LEU B 506 50.89 10.32 1.69
N TRP B 507 52.18 10.42 1.97
CA TRP B 507 52.77 11.67 2.44
C TRP B 507 52.83 12.81 1.42
N PRO B 508 53.11 12.59 0.11
CA PRO B 508 52.94 13.71 -0.83
C PRO B 508 51.51 14.24 -0.92
N LYS B 509 50.52 13.37 -0.82
CA LYS B 509 49.14 13.80 -0.90
C LYS B 509 48.73 14.61 0.32
N GLN B 510 49.07 14.15 1.52
CA GLN B 510 48.73 14.90 2.72
C GLN B 510 49.55 16.16 2.87
N VAL B 511 50.73 16.20 2.27
CA VAL B 511 51.50 17.44 2.21
C VAL B 511 50.83 18.43 1.28
N ARG B 512 50.43 17.98 0.09
CA ARG B 512 49.86 18.90 -0.89
C ARG B 512 48.49 19.39 -0.49
N GLU B 513 47.73 18.56 0.22
CA GLU B 513 46.37 18.93 0.58
C GLU B 513 46.31 19.93 1.72
N SER B 514 47.36 20.03 2.54
CA SER B 514 47.37 20.97 3.64
C SER B 514 48.18 22.22 3.34
N GLY B 515 48.64 22.39 2.10
CA GLY B 515 49.27 23.63 1.70
C GLY B 515 50.74 23.76 2.00
N MET B 516 51.32 22.83 2.75
CA MET B 516 52.72 22.92 3.11
C MET B 516 53.54 22.36 1.95
N GLU B 517 53.77 23.19 0.94
CA GLU B 517 54.14 22.73 -0.40
C GLU B 517 55.67 22.55 -0.50
N GLY B 518 56.25 22.10 0.59
CA GLY B 518 57.65 21.82 0.77
C GLY B 518 58.14 22.84 1.74
N ARG B 519 57.85 22.54 3.00
CA ARG B 519 58.25 23.32 4.15
C ARG B 519 58.53 22.38 5.31
N ILE B 520 58.37 21.07 5.10
CA ILE B 520 58.30 20.09 6.15
C ILE B 520 58.51 18.72 5.52
N GLU B 521 59.26 17.87 6.21
CA GLU B 521 59.55 16.52 5.75
C GLU B 521 59.58 15.57 6.93
N VAL B 522 59.49 14.29 6.64
CA VAL B 522 59.72 13.24 7.60
C VAL B 522 60.82 12.35 7.08
N THR B 523 61.55 11.71 7.99
CA THR B 523 62.55 10.75 7.59
C THR B 523 61.93 9.37 7.56
N ASP B 524 62.71 8.37 7.19
CA ASP B 524 62.17 7.02 7.13
C ASP B 524 62.06 6.39 8.51
N ALA B 525 62.93 6.76 9.43
CA ALA B 525 62.81 6.28 10.80
C ALA B 525 61.57 6.83 11.48
N ALA B 526 61.17 8.05 11.12
CA ALA B 526 59.93 8.62 11.63
C ALA B 526 58.72 7.85 11.13
N ILE B 527 58.73 7.48 9.86
CA ILE B 527 57.62 6.73 9.27
C ILE B 527 57.54 5.34 9.88
N LEU B 528 58.70 4.71 10.10
CA LEU B 528 58.71 3.40 10.74
C LEU B 528 58.21 3.46 12.18
N ARG B 529 58.52 4.55 12.88
CA ARG B 529 58.03 4.67 14.25
C ARG B 529 56.53 4.93 14.27
N VAL B 530 56.01 5.71 13.32
CA VAL B 530 54.57 5.95 13.24
C VAL B 530 53.83 4.65 12.93
N ILE B 531 54.41 3.80 12.08
CA ILE B 531 53.79 2.52 11.78
C ILE B 531 53.78 1.62 13.01
N SER B 532 54.91 1.53 13.70
CA SER B 532 55.03 0.52 14.75
C SER B 532 54.34 0.92 16.04
N GLU B 533 54.29 2.20 16.39
CA GLU B 533 53.84 2.60 17.72
C GLU B 533 52.50 3.32 17.74
N TYR B 534 51.84 3.53 16.61
CA TYR B 534 50.57 4.25 16.59
C TYR B 534 49.53 3.59 15.71
N THR B 535 49.71 2.32 15.36
CA THR B 535 48.90 1.68 14.34
C THR B 535 48.86 0.18 14.59
N ARG B 536 47.66 -0.37 14.73
CA ARG B 536 47.42 -1.81 14.66
C ARG B 536 46.39 -2.00 13.57
N GLU B 537 46.85 -2.13 12.33
CA GLU B 537 45.96 -2.23 11.20
C GLU B 537 46.52 -3.18 10.16
N ALA B 538 45.62 -3.76 9.38
CA ALA B 538 46.00 -4.40 8.15
C ALA B 538 45.99 -3.42 6.98
N GLY B 539 45.17 -2.37 7.05
CA GLY B 539 45.09 -1.38 6.00
C GLY B 539 45.95 -0.17 6.28
N VAL B 540 45.83 0.82 5.41
CA VAL B 540 46.63 2.03 5.52
C VAL B 540 45.76 3.24 5.80
N ARG B 541 44.58 3.04 6.35
CA ARG B 541 43.68 4.16 6.57
C ARG B 541 44.02 4.94 7.83
N GLY B 542 44.67 4.31 8.82
CA GLY B 542 45.07 5.02 10.02
C GLY B 542 46.42 5.71 9.89
N LEU B 543 47.30 5.12 9.08
CA LEU B 543 48.58 5.74 8.79
C LEU B 543 48.40 7.07 8.07
N GLU B 544 47.42 7.14 7.17
CA GLU B 544 47.11 8.38 6.48
C GLU B 544 46.59 9.43 7.44
N ARG B 545 45.86 9.00 8.46
CA ARG B 545 45.32 9.93 9.44
C ARG B 545 46.42 10.49 10.34
N GLU B 546 47.42 9.66 10.67
CA GLU B 546 48.54 10.16 11.47
C GLU B 546 49.39 11.14 10.67
N LEU B 547 49.63 10.86 9.38
CA LEU B 547 50.35 11.81 8.54
C LEU B 547 49.57 13.10 8.35
N GLY B 548 48.24 13.03 8.32
CA GLY B 548 47.45 14.24 8.30
C GLY B 548 47.57 15.06 9.57
N LYS B 549 47.68 14.38 10.72
CA LYS B 549 47.94 15.10 11.97
C LYS B 549 49.25 15.85 11.94
N ILE B 550 50.29 15.23 11.39
CA ILE B 550 51.59 15.89 11.31
C ILE B 550 51.53 17.11 10.41
N ALA B 551 50.83 17.00 9.28
CA ALA B 551 50.74 18.14 8.38
C ALA B 551 49.91 19.29 8.97
N ARG B 552 48.86 18.96 9.73
CA ARG B 552 48.06 20.01 10.36
C ARG B 552 48.83 20.73 11.45
N LYS B 553 49.58 20.00 12.27
CA LYS B 553 50.41 20.64 13.28
C LYS B 553 51.47 21.53 12.64
N GLY B 554 52.02 21.08 11.51
CA GLY B 554 52.96 21.91 10.78
C GLY B 554 52.33 23.19 10.25
N ALA B 555 51.08 23.11 9.80
CA ALA B 555 50.41 24.31 9.30
C ALA B 555 50.11 25.30 10.42
N LYS B 556 49.74 24.80 11.60
CA LYS B 556 49.49 25.70 12.72
C LYS B 556 50.78 26.36 13.19
N PHE B 557 51.89 25.60 13.25
CA PHE B 557 53.17 26.19 13.61
C PHE B 557 53.65 27.19 12.56
N TRP B 558 53.31 26.97 11.29
CA TRP B 558 53.66 27.94 10.27
C TRP B 558 52.88 29.23 10.43
N LEU B 559 51.60 29.14 10.80
CA LEU B 559 50.88 30.39 10.97
C LEU B 559 51.27 31.12 12.25
N GLU B 560 51.73 30.39 13.28
CA GLU B 560 52.23 31.09 14.47
C GLU B 560 53.54 31.79 14.19
N GLY B 561 54.57 31.05 13.83
CA GLY B 561 55.88 31.58 13.51
C GLY B 561 56.06 31.74 12.01
N ALA B 562 57.25 31.36 11.54
CA ALA B 562 57.68 31.24 10.15
C ALA B 562 59.09 30.69 10.18
N TRP B 563 59.48 30.02 9.11
CA TRP B 563 60.86 29.57 8.97
C TRP B 563 61.18 29.46 7.49
N GLU B 564 62.46 29.22 7.22
CA GLU B 564 62.95 29.12 5.85
C GLU B 564 63.58 27.75 5.62
N GLY B 565 63.46 27.27 4.40
CA GLY B 565 63.93 25.93 4.07
C GLY B 565 63.00 24.87 4.63
N LEU B 566 63.47 23.63 4.54
CA LEU B 566 62.70 22.53 5.08
C LEU B 566 62.80 22.49 6.60
N ARG B 567 61.84 21.82 7.20
CA ARG B 567 61.83 21.53 8.62
C ARG B 567 61.70 20.03 8.75
N THR B 568 62.82 19.35 8.94
CA THR B 568 62.84 17.90 8.93
C THR B 568 62.40 17.35 10.28
N ILE B 569 61.44 16.44 10.25
CA ILE B 569 60.95 15.79 11.46
C ILE B 569 61.60 14.43 11.57
N ASP B 570 62.22 14.17 12.71
CA ASP B 570 62.94 12.92 12.93
C ASP B 570 62.15 12.07 13.92
N ALA B 571 62.66 10.88 14.21
CA ALA B 571 61.93 9.90 15.02
C ALA B 571 61.81 10.34 16.47
N SER B 572 62.75 11.13 16.97
CA SER B 572 62.66 11.64 18.33
C SER B 572 61.79 12.87 18.44
N ASP B 573 61.21 13.34 17.35
CA ASP B 573 60.32 14.49 17.35
C ASP B 573 58.86 14.11 17.26
N ILE B 574 58.57 12.82 17.06
CA ILE B 574 57.22 12.32 16.84
C ILE B 574 56.27 12.57 18.01
N PRO B 575 56.60 12.35 19.30
CA PRO B 575 55.61 12.63 20.35
C PRO B 575 55.27 14.10 20.53
N THR B 576 56.05 15.03 19.99
CA THR B 576 55.64 16.43 19.97
C THR B 576 54.43 16.63 19.07
N TYR B 577 54.35 15.85 18.00
CA TYR B 577 53.28 15.97 17.02
C TYR B 577 52.11 15.03 17.26
N LEU B 578 52.37 13.81 17.73
CA LEU B 578 51.31 12.81 17.82
C LEU B 578 50.92 12.46 19.23
N GLY B 579 51.71 12.80 20.23
CA GLY B 579 51.32 12.51 21.59
C GLY B 579 52.01 11.32 22.19
N ILE B 580 51.37 10.67 23.16
CA ILE B 580 51.96 9.52 23.85
C ILE B 580 51.83 8.31 22.94
N PRO B 581 52.86 7.47 22.83
CA PRO B 581 52.77 6.26 22.00
C PRO B 581 51.70 5.31 22.49
N ARG B 582 50.93 4.79 21.54
CA ARG B 582 49.66 4.16 21.86
C ARG B 582 49.76 2.65 21.94
N TYR B 583 50.70 2.02 21.24
CA TYR B 583 50.80 0.57 21.23
C TYR B 583 52.19 0.15 21.64
N ARG B 584 52.27 -0.96 22.31
CA ARG B 584 53.54 -1.48 22.75
C ARG B 584 54.00 -2.60 21.83
N PRO B 585 55.20 -2.51 21.26
CA PRO B 585 55.70 -3.60 20.43
C PRO B 585 56.13 -4.78 21.27
N ASP B 586 55.73 -5.98 20.85
CA ASP B 586 56.14 -7.19 21.54
C ASP B 586 57.59 -7.52 21.25
N LYS B 587 58.23 -8.14 22.22
CA LYS B 587 59.66 -8.37 22.14
C LYS B 587 59.99 -9.75 22.67
N ALA B 588 61.05 -10.33 22.15
CA ALA B 588 61.50 -11.62 22.62
C ALA B 588 62.22 -11.46 23.94
N GLU B 589 62.12 -12.47 24.78
CA GLU B 589 62.91 -12.55 25.99
C GLU B 589 63.74 -13.81 25.91
N THR B 590 64.99 -13.73 26.37
CA THR B 590 66.03 -14.61 25.88
C THR B 590 66.51 -15.68 26.85
N GLU B 591 66.27 -15.55 28.15
CA GLU B 591 66.88 -16.58 28.97
C GLU B 591 65.97 -17.79 29.10
N PRO B 592 66.50 -18.99 29.30
CA PRO B 592 65.66 -20.19 29.38
C PRO B 592 64.82 -20.23 30.65
N GLN B 593 63.52 -20.43 30.47
CA GLN B 593 62.55 -20.53 31.56
C GLN B 593 62.11 -21.97 31.72
N VAL B 594 61.65 -22.30 32.91
CA VAL B 594 61.10 -23.62 33.18
C VAL B 594 59.58 -23.54 33.21
N GLY B 595 58.95 -24.30 32.32
CA GLY B 595 57.50 -24.27 32.20
C GLY B 595 56.96 -23.19 31.31
N THR B 596 57.67 -22.85 30.24
CA THR B 596 57.32 -21.70 29.42
C THR B 596 57.86 -21.92 28.02
N ALA B 597 57.03 -21.67 27.00
CA ALA B 597 57.45 -21.85 25.62
C ALA B 597 56.91 -20.72 24.77
N GLN B 598 57.57 -20.50 23.64
CA GLN B 598 57.28 -19.36 22.77
C GLN B 598 56.45 -19.81 21.59
N GLY B 599 55.26 -19.22 21.42
CA GLY B 599 54.34 -19.59 20.38
C GLY B 599 54.08 -18.43 19.43
N LEU B 600 53.36 -18.73 18.36
CA LEU B 600 53.03 -17.76 17.33
C LEU B 600 51.55 -17.81 17.03
N ALA B 601 50.95 -16.65 16.84
CA ALA B 601 49.53 -16.56 16.64
C ALA B 601 49.25 -15.69 15.43
N TRP B 602 48.00 -15.72 14.96
CA TRP B 602 47.64 -15.11 13.70
C TRP B 602 46.30 -14.41 13.84
N THR B 603 46.28 -13.11 13.65
CA THR B 603 45.06 -12.33 13.58
C THR B 603 45.14 -11.60 12.25
N PRO B 604 44.01 -11.10 11.71
CA PRO B 604 44.07 -10.44 10.40
C PRO B 604 44.92 -9.18 10.32
N VAL B 605 45.33 -8.58 11.44
CA VAL B 605 46.21 -7.41 11.37
C VAL B 605 47.68 -7.81 11.44
N GLY B 606 47.98 -9.10 11.39
CA GLY B 606 49.34 -9.57 11.33
C GLY B 606 49.58 -10.67 12.33
N GLY B 607 50.82 -11.10 12.44
CA GLY B 607 51.15 -12.10 13.43
C GLY B 607 51.47 -11.47 14.76
N THR B 608 51.60 -12.33 15.77
CA THR B 608 51.98 -11.87 17.09
C THR B 608 52.63 -13.02 17.85
N LEU B 609 53.31 -12.66 18.93
CA LEU B 609 53.96 -13.63 19.79
C LEU B 609 53.05 -13.92 20.97
N LEU B 610 52.88 -15.19 21.30
CA LEU B 610 52.15 -15.57 22.50
C LEU B 610 52.99 -16.53 23.31
N THR B 611 52.87 -16.41 24.62
CA THR B 611 53.65 -17.20 25.56
C THR B 611 52.71 -18.13 26.33
N ILE B 612 52.95 -19.42 26.22
CA ILE B 612 52.24 -20.43 26.99
C ILE B 612 53.07 -20.73 28.23
N GLU B 613 52.44 -20.72 29.40
CA GLU B 613 53.13 -21.04 30.63
C GLU B 613 52.31 -22.00 31.46
N VAL B 614 52.99 -22.92 32.13
CA VAL B 614 52.39 -24.05 32.82
C VAL B 614 52.99 -24.12 34.21
N ALA B 615 52.15 -24.34 35.22
CA ALA B 615 52.62 -24.63 36.57
C ALA B 615 52.25 -26.06 36.93
N ALA B 616 53.11 -26.72 37.70
CA ALA B 616 52.87 -28.07 38.18
C ALA B 616 53.04 -28.06 39.69
N VAL B 617 51.93 -28.04 40.41
CA VAL B 617 51.93 -27.91 41.86
C VAL B 617 51.36 -29.22 42.40
N PRO B 618 51.63 -29.62 43.64
CA PRO B 618 51.13 -30.90 44.12
C PRO B 618 49.63 -30.88 44.35
N GLY B 619 48.98 -31.98 44.00
CA GLY B 619 47.54 -32.04 44.05
C GLY B 619 46.99 -33.44 43.87
N SER B 620 45.85 -33.57 43.20
CA SER B 620 45.21 -34.86 43.04
C SER B 620 44.99 -35.25 41.60
N GLY B 621 45.44 -34.45 40.65
CA GLY B 621 45.32 -34.76 39.24
C GLY B 621 44.17 -33.99 38.66
N LYS B 622 44.46 -32.82 38.12
CA LYS B 622 43.45 -31.92 37.60
C LYS B 622 44.08 -31.15 36.47
N LEU B 623 43.25 -30.61 35.60
CA LEU B 623 43.74 -29.78 34.51
C LEU B 623 42.82 -28.58 34.41
N SER B 624 43.33 -27.42 34.76
CA SER B 624 42.59 -26.17 34.59
C SER B 624 43.30 -25.31 33.56
N LEU B 625 42.51 -24.67 32.72
CA LEU B 625 42.98 -24.11 31.45
C LEU B 625 42.39 -22.70 31.33
N THR B 626 43.15 -21.68 31.70
CA THR B 626 42.61 -20.33 31.80
C THR B 626 43.25 -19.42 30.76
N GLY B 627 42.57 -18.30 30.49
CA GLY B 627 43.08 -17.31 29.58
C GLY B 627 42.15 -17.02 28.42
N GLN B 628 40.86 -17.29 28.63
CA GLN B 628 39.79 -17.20 27.61
C GLN B 628 40.08 -18.11 26.42
N LEU B 629 40.35 -19.36 26.70
CA LEU B 629 40.69 -20.31 25.64
C LEU B 629 39.43 -20.86 25.00
N GLY B 630 39.50 -21.13 23.70
CA GLY B 630 38.42 -21.78 22.99
C GLY B 630 38.37 -23.26 23.28
N GLU B 631 37.51 -23.96 22.55
CA GLU B 631 37.30 -25.37 22.82
C GLU B 631 38.29 -26.26 22.10
N VAL B 632 38.65 -25.90 20.86
CA VAL B 632 39.64 -26.62 20.08
C VAL B 632 41.00 -26.55 20.77
N MET B 633 41.30 -25.43 21.40
CA MET B 633 42.59 -25.25 22.05
C MET B 633 42.66 -26.07 23.34
N LYS B 634 41.55 -26.19 24.06
CA LYS B 634 41.50 -27.05 25.23
C LYS B 634 41.67 -28.51 24.84
N GLU B 635 41.08 -28.91 23.72
CA GLU B 635 41.24 -30.29 23.28
C GLU B 635 42.66 -30.59 22.81
N SER B 636 43.35 -29.59 22.24
CA SER B 636 44.75 -29.80 21.89
C SER B 636 45.62 -29.93 23.14
N ALA B 637 45.29 -29.19 24.19
CA ALA B 637 46.00 -29.34 25.46
C ALA B 637 45.79 -30.72 26.05
N GLN B 638 44.56 -31.23 25.97
CA GLN B 638 44.28 -32.56 26.48
C GLN B 638 44.95 -33.65 25.65
N ALA B 639 45.07 -33.46 24.34
CA ALA B 639 45.78 -34.40 23.49
C ALA B 639 47.26 -34.45 23.81
N ALA B 640 47.88 -33.29 24.04
CA ALA B 640 49.30 -33.26 24.40
C ALA B 640 49.55 -33.89 25.75
N LEU B 641 48.64 -33.69 26.71
CA LEU B 641 48.82 -34.32 28.01
C LEU B 641 48.65 -35.84 27.93
N THR B 642 47.73 -36.32 27.11
CA THR B 642 47.56 -37.76 26.96
C THR B 642 48.75 -38.39 26.24
N TYR B 643 49.38 -37.65 25.32
CA TYR B 643 50.63 -38.15 24.74
C TYR B 643 51.71 -38.27 25.80
N LEU B 644 51.86 -37.25 26.65
CA LEU B 644 52.94 -37.30 27.61
C LEU B 644 52.70 -38.30 28.73
N ARG B 645 51.44 -38.65 29.01
CA ARG B 645 51.17 -39.67 30.02
C ARG B 645 51.56 -41.06 29.56
N ALA B 646 51.62 -41.29 28.26
CA ALA B 646 51.93 -42.59 27.70
C ALA B 646 53.41 -42.82 27.50
N HIS B 647 54.23 -41.80 27.63
CA HIS B 647 55.65 -41.86 27.36
C HIS B 647 56.42 -41.27 28.52
N THR B 648 56.03 -41.69 29.72
CA THR B 648 56.45 -41.03 30.93
C THR B 648 57.89 -41.35 31.33
N GLN B 649 58.55 -42.27 30.64
CA GLN B 649 59.92 -42.61 30.97
C GLN B 649 60.90 -42.25 29.89
N ASP B 650 60.43 -41.84 28.72
CA ASP B 650 61.35 -41.39 27.68
C ASP B 650 61.89 -40.00 27.94
N TYR B 651 61.20 -39.20 28.75
CA TYR B 651 61.57 -37.81 28.93
C TYR B 651 61.89 -37.48 30.38
N GLY B 652 61.97 -38.48 31.24
CA GLY B 652 62.33 -38.22 32.62
C GLY B 652 61.21 -37.70 33.49
N LEU B 653 59.96 -37.87 33.06
CA LEU B 653 58.81 -37.40 33.80
C LEU B 653 58.59 -38.28 35.03
N PRO B 654 57.94 -37.76 36.07
CA PRO B 654 57.62 -38.60 37.23
C PRO B 654 56.61 -39.68 36.88
N GLU B 655 56.74 -40.81 37.55
CA GLU B 655 56.02 -42.01 37.15
C GLU B 655 54.53 -41.95 37.44
N ASP B 656 54.09 -41.04 38.30
CA ASP B 656 52.68 -41.00 38.69
C ASP B 656 52.17 -39.56 38.77
N PHE B 657 52.47 -38.76 37.76
CA PHE B 657 51.99 -37.38 37.83
C PHE B 657 50.51 -37.27 37.49
N TYR B 658 49.88 -38.32 36.97
CA TYR B 658 48.46 -38.26 36.66
C TYR B 658 47.62 -38.24 37.91
N ASN B 659 48.20 -38.63 39.03
CA ASN B 659 47.49 -38.93 40.24
C ASN B 659 47.89 -38.02 41.39
N LYS B 660 48.97 -37.25 41.23
CA LYS B 660 49.55 -36.49 42.31
C LYS B 660 49.79 -35.03 42.02
N VAL B 661 49.64 -34.57 40.77
CA VAL B 661 50.06 -33.24 40.35
C VAL B 661 48.88 -32.57 39.68
N ASP B 662 48.59 -31.33 40.07
CA ASP B 662 47.63 -30.49 39.37
C ASP B 662 48.38 -29.60 38.40
N LEU B 663 47.90 -29.52 37.17
CA LEU B 663 48.50 -28.68 36.15
C LEU B 663 47.61 -27.49 35.86
N HIS B 664 48.22 -26.36 35.53
CA HIS B 664 47.49 -25.15 35.22
C HIS B 664 48.15 -24.52 34.00
N VAL B 665 47.44 -24.46 32.90
CA VAL B 665 47.94 -23.87 31.67
C VAL B 665 47.33 -22.49 31.53
N HIS B 666 48.15 -21.47 31.35
CA HIS B 666 47.68 -20.10 31.26
C HIS B 666 48.33 -19.43 30.08
N VAL B 667 47.56 -18.74 29.27
CA VAL B 667 48.06 -18.01 28.11
C VAL B 667 47.70 -16.54 28.30
N PRO B 668 48.66 -15.69 28.68
CA PRO B 668 48.39 -14.26 28.82
C PRO B 668 48.19 -13.62 27.46
N ASP B 669 47.40 -12.54 27.40
CA ASP B 669 46.73 -11.89 28.53
C ASP B 669 45.30 -12.37 28.70
N GLY B 670 44.75 -12.10 29.87
CA GLY B 670 43.50 -12.73 30.25
C GLY B 670 42.26 -12.17 29.62
N ALA B 671 42.34 -11.06 28.91
CA ALA B 671 41.13 -10.43 28.39
C ALA B 671 40.84 -10.79 26.95
N THR B 672 41.80 -11.27 26.20
CA THR B 672 41.65 -11.50 24.77
C THR B 672 41.28 -12.93 24.49
N PRO B 673 40.18 -13.21 23.76
CA PRO B 673 39.83 -14.56 23.39
C PRO B 673 40.87 -15.20 22.48
N LYS B 674 41.26 -16.44 22.72
CA LYS B 674 42.28 -17.16 21.92
C LYS B 674 41.71 -18.52 21.56
N ASP B 675 41.88 -18.96 20.32
CA ASP B 675 41.40 -20.29 19.88
C ASP B 675 42.31 -20.87 18.82
N GLY B 676 42.12 -22.13 18.51
CA GLY B 676 42.67 -22.78 17.32
C GLY B 676 43.59 -23.92 17.64
N PRO B 677 43.97 -24.75 16.67
CA PRO B 677 44.80 -25.87 16.97
C PRO B 677 46.30 -25.82 16.68
N SER B 678 46.88 -24.69 16.30
CA SER B 678 48.30 -24.71 15.87
C SER B 678 49.31 -24.66 16.99
N ALA B 679 48.76 -24.61 18.22
CA ALA B 679 49.54 -24.47 19.43
C ALA B 679 49.73 -25.84 20.03
N GLY B 680 49.79 -27.01 19.56
CA GLY B 680 49.91 -28.29 20.21
C GLY B 680 51.32 -28.60 20.67
N ILE B 681 52.30 -28.34 19.82
CA ILE B 681 53.67 -28.63 20.22
C ILE B 681 54.19 -27.61 21.21
N THR B 682 53.64 -26.40 21.20
CA THR B 682 54.01 -25.43 22.22
C THR B 682 53.55 -25.87 23.60
N MET B 683 52.33 -26.38 23.68
CA MET B 683 51.83 -26.89 24.94
C MET B 683 52.53 -28.18 25.35
N ALA B 684 52.91 -29.02 24.39
CA ALA B 684 53.65 -30.22 24.76
C ALA B 684 55.02 -29.87 25.34
N THR B 685 55.68 -28.87 24.75
CA THR B 685 56.97 -28.41 25.28
C THR B 685 56.82 -27.80 26.67
N ALA B 686 55.80 -26.95 26.86
CA ALA B 686 55.63 -26.28 28.15
C ALA B 686 55.24 -27.27 29.25
N ILE B 687 54.39 -28.25 28.94
CA ILE B 687 54.01 -29.22 29.96
C ILE B 687 55.17 -30.15 30.29
N ALA B 688 55.92 -30.60 29.28
CA ALA B 688 57.07 -31.45 29.56
C ALA B 688 58.19 -30.71 30.26
N SER B 689 58.28 -29.40 30.10
CA SER B 689 59.24 -28.64 30.87
C SER B 689 58.77 -28.38 32.28
N ALA B 690 57.46 -28.27 32.50
CA ALA B 690 56.99 -28.05 33.85
C ALA B 690 57.07 -29.32 34.69
N LEU B 691 56.84 -30.49 34.09
CA LEU B 691 56.80 -31.70 34.90
C LEU B 691 58.20 -32.17 35.26
N SER B 692 59.01 -32.52 34.27
CA SER B 692 60.44 -32.71 34.51
C SER B 692 61.09 -31.36 34.42
N ARG B 693 61.78 -30.94 35.47
CA ARG B 693 62.14 -29.54 35.66
C ARG B 693 63.30 -29.09 34.76
N ARG B 694 63.09 -29.18 33.46
CA ARG B 694 64.13 -28.79 32.55
C ARG B 694 63.75 -27.52 31.83
N PRO B 695 64.63 -26.52 31.81
CA PRO B 695 64.31 -25.25 31.18
C PRO B 695 64.17 -25.37 29.68
N ALA B 696 63.19 -24.65 29.13
CA ALA B 696 62.93 -24.63 27.71
C ALA B 696 63.51 -23.37 27.11
N ARG B 697 64.15 -23.51 25.96
CA ARG B 697 64.78 -22.37 25.30
C ARG B 697 63.74 -21.40 24.79
N MET B 698 63.93 -20.12 25.08
CA MET B 698 63.01 -19.09 24.61
C MET B 698 63.52 -18.38 23.38
N ASP B 699 64.64 -18.83 22.83
CA ASP B 699 65.17 -18.31 21.57
C ASP B 699 64.39 -18.76 20.36
N ILE B 700 63.57 -19.79 20.51
CA ILE B 700 63.03 -20.54 19.39
C ILE B 700 61.52 -20.42 19.41
N ALA B 701 60.93 -20.04 18.30
CA ALA B 701 59.49 -19.99 18.16
C ALA B 701 58.98 -21.26 17.51
N MET B 702 57.85 -21.75 18.00
CA MET B 702 57.28 -23.01 17.55
C MET B 702 55.85 -22.80 17.09
N THR B 703 55.42 -23.65 16.18
CA THR B 703 54.02 -23.72 15.78
C THR B 703 53.75 -25.07 15.15
N GLY B 704 52.58 -25.64 15.44
CA GLY B 704 52.25 -26.94 14.91
C GLY B 704 51.18 -27.69 15.66
N GLU B 705 50.41 -28.51 14.95
CA GLU B 705 49.32 -29.28 15.54
C GLU B 705 49.79 -30.68 15.88
N VAL B 706 49.43 -31.16 17.07
CA VAL B 706 49.87 -32.46 17.55
C VAL B 706 48.68 -33.41 17.55
N SER B 707 48.95 -34.68 17.25
CA SER B 707 47.97 -35.74 17.37
C SER B 707 48.34 -36.60 18.56
N LEU B 708 47.62 -37.70 18.72
CA LEU B 708 47.73 -38.50 19.93
C LEU B 708 48.85 -39.52 19.86
N ARG B 709 49.35 -39.82 18.66
CA ARG B 709 50.49 -40.70 18.49
C ARG B 709 51.81 -39.94 18.48
N GLY B 710 51.76 -38.62 18.39
CA GLY B 710 52.96 -37.81 18.32
C GLY B 710 53.24 -37.21 16.96
N LYS B 711 52.39 -37.40 15.97
CA LYS B 711 52.61 -36.81 14.66
C LYS B 711 52.35 -35.31 14.71
N VAL B 712 53.03 -34.57 13.84
CA VAL B 712 52.84 -33.14 13.73
C VAL B 712 52.18 -32.88 12.39
N MET B 713 51.06 -32.29 12.42
CA MET B 713 50.24 -32.00 11.26
C MET B 713 50.46 -30.57 10.79
N PRO B 714 50.22 -30.26 9.51
CA PRO B 714 50.47 -28.90 9.03
C PRO B 714 49.43 -27.89 9.50
N ILE B 715 49.83 -26.63 9.43
CA ILE B 715 49.07 -25.50 9.96
C ILE B 715 48.80 -24.50 8.87
N GLY B 716 48.19 -23.37 9.21
CA GLY B 716 47.92 -22.31 8.26
C GLY B 716 48.45 -20.98 8.75
N GLY B 717 48.52 -20.04 7.83
CA GLY B 717 48.95 -18.68 8.12
C GLY B 717 50.42 -18.57 8.49
N VAL B 718 51.29 -19.20 7.71
CA VAL B 718 52.68 -19.33 8.13
C VAL B 718 53.48 -18.06 7.83
N LYS B 719 53.07 -17.28 6.83
CA LYS B 719 53.84 -16.11 6.41
C LYS B 719 53.81 -15.02 7.47
N GLU B 720 52.63 -14.74 8.01
CA GLU B 720 52.49 -13.72 9.04
C GLU B 720 53.19 -14.13 10.33
N LYS B 721 53.18 -15.42 10.64
CA LYS B 721 53.86 -15.90 11.83
C LYS B 721 55.37 -15.76 11.70
N LEU B 722 55.93 -16.06 10.52
CA LEU B 722 57.36 -15.92 10.37
C LEU B 722 57.79 -14.46 10.30
N LEU B 723 56.95 -13.60 9.72
CA LEU B 723 57.27 -12.18 9.75
C LEU B 723 57.22 -11.61 11.15
N ALA B 724 56.25 -12.04 11.96
CA ALA B 724 56.17 -11.57 13.33
C ALA B 724 57.32 -12.09 14.17
N ALA B 725 57.79 -13.31 13.90
CA ALA B 725 58.96 -13.78 14.61
C ALA B 725 60.23 -13.10 14.15
N HIS B 726 60.26 -12.56 12.94
CA HIS B 726 61.45 -11.85 12.49
C HIS B 726 61.47 -10.40 12.93
N GLN B 727 60.30 -9.78 13.13
CA GLN B 727 60.25 -8.41 13.65
C GLN B 727 60.83 -8.35 15.05
N ALA B 728 60.45 -9.29 15.91
CA ALA B 728 60.84 -9.26 17.30
C ALA B 728 62.24 -9.81 17.55
N GLY B 729 62.90 -10.33 16.53
CA GLY B 729 64.27 -10.74 16.69
C GLY B 729 64.43 -12.18 17.17
N ILE B 730 63.70 -13.09 16.54
CA ILE B 730 63.84 -14.51 16.79
C ILE B 730 64.32 -15.16 15.51
N HIS B 731 65.43 -15.87 15.57
CA HIS B 731 66.09 -16.37 14.37
C HIS B 731 66.10 -17.88 14.28
N LYS B 732 65.24 -18.56 15.04
CA LYS B 732 65.17 -20.01 15.03
C LYS B 732 63.72 -20.41 15.09
N ILE B 733 63.25 -21.18 14.12
CA ILE B 733 61.83 -21.55 14.00
C ILE B 733 61.73 -23.06 13.90
N VAL B 734 60.72 -23.64 14.54
CA VAL B 734 60.35 -25.04 14.38
C VAL B 734 59.00 -25.10 13.69
N LEU B 735 58.89 -25.90 12.64
CA LEU B 735 57.77 -25.88 11.71
C LEU B 735 57.48 -27.31 11.25
N PRO B 736 56.23 -27.62 10.92
CA PRO B 736 55.91 -28.95 10.39
C PRO B 736 56.57 -29.22 9.05
N LYS B 737 56.73 -30.51 8.75
CA LYS B 737 57.38 -30.92 7.50
C LYS B 737 56.52 -30.59 6.30
N ASP B 738 55.21 -30.64 6.46
CA ASP B 738 54.29 -30.41 5.36
C ASP B 738 54.08 -28.94 5.06
N ASN B 739 54.80 -28.03 5.69
CA ASN B 739 54.70 -26.62 5.39
C ASN B 739 55.94 -26.05 4.75
N GLU B 740 56.84 -26.88 4.25
CA GLU B 740 57.95 -26.32 3.49
C GLU B 740 57.52 -25.87 2.10
N ALA B 741 56.35 -26.28 1.65
CA ALA B 741 55.82 -25.78 0.38
C ALA B 741 55.41 -24.32 0.50
N GLN B 742 54.95 -23.90 1.66
CA GLN B 742 54.53 -22.51 1.84
C GLN B 742 55.67 -21.56 2.17
N LEU B 743 56.92 -22.03 2.17
CA LEU B 743 58.02 -21.12 2.44
C LEU B 743 58.46 -20.33 1.22
N GLU B 744 57.78 -20.48 0.10
CA GLU B 744 58.06 -19.69 -1.08
C GLU B 744 57.36 -18.34 -1.07
N GLU B 745 56.51 -18.10 -0.09
CA GLU B 745 55.75 -16.87 0.01
C GLU B 745 56.51 -15.77 0.73
N LEU B 746 57.65 -16.02 1.16
CA LEU B 746 58.41 -15.05 1.94
C LEU B 746 59.32 -14.23 1.03
N PRO B 747 59.62 -12.99 1.41
CA PRO B 747 60.71 -12.27 0.77
C PRO B 747 62.03 -12.88 1.15
N LYS B 748 63.02 -12.74 0.26
CA LYS B 748 64.27 -13.45 0.39
C LYS B 748 65.10 -12.94 1.57
N GLU B 749 64.92 -11.67 1.95
CA GLU B 749 65.69 -11.09 3.03
C GLU B 749 65.32 -11.70 4.38
N VAL B 750 64.03 -11.94 4.63
CA VAL B 750 63.66 -12.56 5.89
C VAL B 750 63.81 -14.07 5.83
N LEU B 751 63.85 -14.65 4.64
CA LEU B 751 64.05 -16.09 4.55
C LEU B 751 65.50 -16.45 4.73
N GLU B 752 66.41 -15.53 4.41
CA GLU B 752 67.82 -15.79 4.57
C GLU B 752 68.25 -15.66 6.03
N GLY B 753 67.51 -14.88 6.83
CA GLY B 753 67.89 -14.67 8.22
C GLY B 753 67.45 -15.77 9.16
N LEU B 754 66.38 -16.48 8.83
CA LEU B 754 65.82 -17.47 9.73
C LEU B 754 66.53 -18.81 9.57
N GLU B 755 66.37 -19.67 10.58
CA GLU B 755 66.95 -21.02 10.57
C GLU B 755 65.81 -22.00 10.81
N ILE B 756 65.14 -22.40 9.73
CA ILE B 756 63.94 -23.22 9.83
C ILE B 756 64.35 -24.66 10.12
N LYS B 757 63.70 -25.26 11.10
CA LYS B 757 63.83 -26.69 11.37
C LYS B 757 62.50 -27.37 11.11
N LEU B 758 62.50 -28.39 10.27
CA LEU B 758 61.28 -29.06 9.85
C LEU B 758 61.15 -30.37 10.61
N VAL B 759 60.03 -30.55 11.30
CA VAL B 759 59.83 -31.73 12.12
C VAL B 759 58.61 -32.50 11.63
N GLU B 760 58.52 -33.73 12.07
CA GLU B 760 57.32 -34.54 11.85
C GLU B 760 57.01 -35.40 13.06
N ASP B 761 57.75 -35.28 14.14
CA ASP B 761 57.48 -36.00 15.36
C ASP B 761 57.83 -35.09 16.52
N VAL B 762 57.05 -35.18 17.59
CA VAL B 762 57.22 -34.24 18.69
C VAL B 762 58.39 -34.62 19.58
N GLY B 763 58.92 -35.84 19.46
CA GLY B 763 60.13 -36.18 20.19
C GLY B 763 61.34 -35.42 19.71
N GLU B 764 61.37 -35.08 18.43
CA GLU B 764 62.41 -34.22 17.88
C GLU B 764 62.35 -32.83 18.48
N VAL B 765 61.14 -32.29 18.61
CA VAL B 765 60.95 -30.96 19.18
C VAL B 765 61.34 -30.94 20.64
N LEU B 766 60.99 -32.00 21.38
CA LEU B 766 61.33 -32.04 22.79
C LEU B 766 62.81 -32.26 23.02
N GLU B 767 63.50 -33.00 22.16
CA GLU B 767 64.94 -33.08 22.36
C GLU B 767 65.68 -31.87 21.82
N TYR B 768 65.01 -31.03 21.03
CA TYR B 768 65.66 -29.82 20.56
C TYR B 768 65.40 -28.60 21.44
N LEU B 769 64.30 -28.58 22.20
CA LEU B 769 63.94 -27.40 22.98
C LEU B 769 64.40 -27.44 24.43
N LEU B 770 64.42 -28.61 25.05
CA LEU B 770 64.69 -28.70 26.48
C LEU B 770 66.19 -28.79 26.72
N LEU B 771 66.66 -28.01 27.70
CA LEU B 771 68.03 -28.15 28.16
C LEU B 771 68.21 -29.50 28.84
N PRO B 772 69.38 -30.12 28.71
CA PRO B 772 69.55 -31.48 29.22
C PRO B 772 69.67 -31.61 30.73
N GLU B 773 69.70 -30.51 31.48
CA GLU B 773 69.89 -30.66 32.91
C GLU B 773 68.76 -30.03 33.69
N PRO B 774 68.31 -30.68 34.77
CA PRO B 774 67.32 -30.05 35.65
C PRO B 774 67.94 -28.90 36.43
N THR B 775 67.09 -27.90 36.72
CA THR B 775 67.50 -26.73 37.50
C THR B 775 66.54 -26.45 38.65
N MET B 776 65.78 -27.46 39.09
CA MET B 776 64.72 -27.27 40.08
C MET B 776 64.36 -28.65 40.59
N PRO B 777 64.05 -28.81 41.87
CA PRO B 777 63.62 -30.12 42.37
C PRO B 777 62.23 -30.46 41.87
N PRO B 778 62.04 -31.62 41.24
CA PRO B 778 60.70 -32.00 40.78
C PRO B 778 59.80 -32.36 41.96
N VAL B 779 58.60 -31.82 41.93
CA VAL B 779 57.62 -32.02 43.00
C VAL B 779 56.76 -33.23 42.62
N VAL B 780 56.27 -33.94 43.64
CA VAL B 780 55.28 -34.98 43.41
C VAL B 780 54.05 -34.68 44.26
N ARG C 2 -77.70 -8.20 -54.75
CA ARG C 2 -78.79 -9.12 -54.45
C ARG C 2 -78.99 -10.13 -55.57
N LEU C 3 -79.03 -9.63 -56.81
CA LEU C 3 -79.35 -10.45 -57.97
C LEU C 3 -78.08 -11.02 -58.61
N GLU C 4 -77.25 -11.62 -57.75
CA GLU C 4 -75.92 -12.15 -58.09
C GLU C 4 -75.07 -11.12 -58.82
N LEU C 5 -75.03 -9.92 -58.28
CA LEU C 5 -74.39 -8.82 -58.98
C LEU C 5 -72.87 -8.99 -58.96
N PRO C 6 -72.17 -8.52 -60.01
CA PRO C 6 -70.72 -8.65 -60.06
C PRO C 6 -70.02 -7.88 -58.96
N VAL C 7 -69.32 -8.63 -58.10
CA VAL C 7 -68.76 -8.08 -56.87
C VAL C 7 -67.44 -7.42 -57.20
N ILE C 8 -67.50 -6.13 -57.52
CA ILE C 8 -66.32 -5.40 -57.94
C ILE C 8 -65.65 -4.85 -56.69
N PRO C 9 -64.38 -5.20 -56.43
CA PRO C 9 -63.81 -5.01 -55.10
C PRO C 9 -63.47 -3.55 -54.84
N LEU C 10 -62.94 -3.33 -53.64
CA LEU C 10 -62.61 -1.99 -53.18
C LEU C 10 -61.10 -1.87 -52.98
N ARG C 11 -60.55 -0.77 -53.49
CA ARG C 11 -59.10 -0.69 -53.73
C ARG C 11 -58.32 -0.33 -52.47
N ASN C 12 -58.52 0.87 -51.93
CA ASN C 12 -57.87 1.21 -50.67
C ASN C 12 -58.79 1.97 -49.71
N THR C 13 -59.98 2.39 -50.12
CA THR C 13 -60.87 3.20 -49.30
C THR C 13 -62.24 2.54 -49.25
N VAL C 14 -62.84 2.53 -48.07
CA VAL C 14 -64.21 2.04 -47.96
C VAL C 14 -65.10 3.09 -48.60
N ILE C 15 -65.49 2.82 -49.85
CA ILE C 15 -66.42 3.68 -50.57
C ILE C 15 -67.77 3.68 -49.86
N LEU C 16 -68.32 4.86 -49.69
CA LEU C 16 -69.55 5.02 -48.95
C LEU C 16 -70.69 5.37 -49.89
N PRO C 17 -71.95 5.22 -49.45
CA PRO C 17 -73.06 5.73 -50.24
C PRO C 17 -73.03 7.25 -50.36
N HIS C 18 -73.71 7.75 -51.40
CA HIS C 18 -73.92 9.17 -51.65
C HIS C 18 -72.62 9.95 -51.81
N THR C 19 -71.57 9.31 -52.34
CA THR C 19 -70.31 10.00 -52.56
C THR C 19 -69.68 9.46 -53.83
N THR C 20 -69.47 10.34 -54.81
CA THR C 20 -69.04 9.95 -56.14
C THR C 20 -67.59 10.35 -56.31
N THR C 21 -66.68 9.41 -56.03
CA THR C 21 -65.26 9.68 -56.07
C THR C 21 -64.62 9.04 -57.29
N PRO C 22 -63.54 9.63 -57.82
CA PRO C 22 -62.79 8.97 -58.90
C PRO C 22 -62.00 7.77 -58.40
N VAL C 23 -62.49 6.57 -58.71
CA VAL C 23 -61.87 5.33 -58.26
C VAL C 23 -61.40 4.56 -59.49
N ASP C 24 -60.11 4.30 -59.54
CA ASP C 24 -59.48 3.62 -60.67
C ASP C 24 -59.52 2.11 -60.48
N VAL C 25 -59.96 1.41 -61.52
CA VAL C 25 -60.03 -0.05 -61.53
C VAL C 25 -59.29 -0.52 -62.77
N GLY C 26 -58.12 -1.11 -62.58
CA GLY C 26 -57.20 -1.36 -63.68
C GLY C 26 -56.88 -2.80 -64.02
N ARG C 27 -57.34 -3.75 -63.22
CA ARG C 27 -56.94 -5.16 -63.36
C ARG C 27 -57.97 -5.93 -64.16
N ALA C 28 -57.48 -6.83 -65.03
CA ALA C 28 -58.33 -7.54 -65.97
C ALA C 28 -59.24 -8.58 -65.33
N LYS C 29 -59.01 -8.94 -64.06
CA LYS C 29 -59.82 -9.99 -63.44
C LYS C 29 -61.21 -9.49 -63.10
N SER C 30 -61.30 -8.40 -62.35
CA SER C 30 -62.59 -7.79 -62.05
C SER C 30 -63.07 -6.88 -63.15
N LYS C 31 -62.25 -6.67 -64.19
CA LYS C 31 -62.71 -6.03 -65.41
C LYS C 31 -63.74 -6.90 -66.12
N ARG C 32 -63.64 -8.23 -65.95
CA ARG C 32 -64.73 -9.14 -66.30
C ARG C 32 -66.01 -8.78 -65.56
N ALA C 33 -65.90 -8.59 -64.24
CA ALA C 33 -67.03 -8.12 -63.45
C ALA C 33 -67.45 -6.69 -63.82
N VAL C 34 -66.53 -5.86 -64.30
CA VAL C 34 -66.89 -4.52 -64.78
C VAL C 34 -67.73 -4.62 -66.04
N GLU C 35 -67.30 -5.45 -67.00
CA GLU C 35 -68.04 -5.62 -68.25
C GLU C 35 -69.39 -6.29 -68.01
N GLU C 36 -69.47 -7.21 -67.04
CA GLU C 36 -70.76 -7.80 -66.74
C GLU C 36 -71.63 -6.92 -65.87
N ALA C 37 -71.05 -5.92 -65.19
CA ALA C 37 -71.87 -4.85 -64.63
C ALA C 37 -72.46 -4.00 -65.75
N MET C 38 -71.62 -3.63 -66.73
CA MET C 38 -72.07 -2.79 -67.84
C MET C 38 -73.10 -3.50 -68.70
N GLY C 39 -73.05 -4.82 -68.77
CA GLY C 39 -74.11 -5.59 -69.39
C GLY C 39 -75.28 -5.88 -68.48
N ALA C 40 -75.06 -5.87 -67.16
CA ALA C 40 -76.07 -6.21 -66.17
C ALA C 40 -76.77 -4.96 -65.64
N ASP C 41 -76.95 -3.96 -66.51
CA ASP C 41 -77.73 -2.73 -66.25
C ASP C 41 -77.07 -1.87 -65.18
N ARG C 42 -75.73 -1.92 -65.15
CA ARG C 42 -74.86 -0.92 -64.52
C ARG C 42 -75.00 -0.87 -63.00
N LEU C 43 -75.16 -2.01 -62.33
CA LEU C 43 -75.42 -2.04 -60.89
C LEU C 43 -74.35 -2.91 -60.22
N ILE C 44 -73.65 -2.34 -59.23
CA ILE C 44 -72.37 -2.87 -58.75
C ILE C 44 -72.46 -3.14 -57.25
N PHE C 45 -71.92 -4.29 -56.83
CA PHE C 45 -71.94 -4.78 -55.45
C PHE C 45 -70.52 -4.68 -54.89
N LEU C 46 -70.22 -3.53 -54.29
CA LEU C 46 -68.85 -3.13 -53.96
C LEU C 46 -68.44 -3.62 -52.57
N VAL C 47 -67.70 -4.73 -52.51
CA VAL C 47 -67.26 -5.35 -51.26
C VAL C 47 -65.76 -5.20 -51.14
N ALA C 48 -65.30 -4.81 -49.94
CA ALA C 48 -63.87 -4.66 -49.71
C ALA C 48 -63.27 -5.97 -49.23
N GLN C 49 -62.02 -6.20 -49.63
CA GLN C 49 -61.22 -7.29 -49.11
C GLN C 49 -60.05 -6.72 -48.31
N ARG C 50 -59.33 -7.61 -47.64
CA ARG C 50 -58.45 -7.22 -46.54
C ARG C 50 -57.22 -6.47 -47.07
N ASP C 51 -56.54 -5.80 -46.15
CA ASP C 51 -55.47 -4.85 -46.41
C ASP C 51 -54.20 -5.58 -46.82
N PRO C 52 -53.07 -4.89 -47.10
CA PRO C 52 -52.60 -4.77 -48.49
C PRO C 52 -52.96 -5.97 -49.35
N GLU C 53 -53.74 -5.66 -50.38
CA GLU C 53 -54.52 -6.66 -51.10
C GLU C 53 -53.60 -7.60 -51.89
N VAL C 54 -53.58 -8.86 -51.46
CA VAL C 54 -52.90 -9.92 -52.19
C VAL C 54 -53.57 -10.07 -53.55
N ASP C 55 -52.75 -10.22 -54.60
CA ASP C 55 -53.14 -10.02 -56.00
C ASP C 55 -54.28 -10.91 -56.47
N ASP C 56 -54.61 -11.98 -55.75
CA ASP C 56 -55.79 -12.77 -56.04
C ASP C 56 -56.98 -12.12 -55.36
N PRO C 57 -58.02 -11.73 -56.10
CA PRO C 57 -59.27 -11.30 -55.45
C PRO C 57 -59.93 -12.52 -54.82
N ALA C 58 -59.88 -12.59 -53.50
CA ALA C 58 -60.26 -13.80 -52.82
C ALA C 58 -61.66 -13.68 -52.24
N PRO C 59 -62.45 -14.76 -52.27
CA PRO C 59 -63.75 -14.74 -51.60
C PRO C 59 -63.66 -14.74 -50.08
N ASP C 60 -62.50 -15.07 -49.51
CA ASP C 60 -62.38 -15.28 -48.07
C ASP C 60 -61.81 -14.07 -47.33
N ASP C 61 -61.18 -13.14 -48.03
CA ASP C 61 -60.52 -11.99 -47.40
C ASP C 61 -61.46 -10.81 -47.15
N LEU C 62 -62.77 -11.01 -47.30
CA LEU C 62 -63.67 -9.90 -47.57
C LEU C 62 -64.11 -9.19 -46.29
N TYR C 63 -64.79 -8.07 -46.49
CA TYR C 63 -65.53 -7.36 -45.46
C TYR C 63 -67.02 -7.42 -45.81
N THR C 64 -67.79 -8.00 -44.90
CA THR C 64 -69.12 -8.54 -45.20
C THR C 64 -70.21 -7.49 -45.36
N TRP C 65 -69.87 -6.21 -45.50
CA TRP C 65 -70.86 -5.16 -45.71
C TRP C 65 -70.49 -4.36 -46.94
N GLY C 66 -71.02 -4.77 -48.09
CA GLY C 66 -70.68 -4.16 -49.34
C GLY C 66 -71.77 -3.20 -49.79
N VAL C 67 -71.34 -2.20 -50.56
CA VAL C 67 -72.18 -1.06 -50.88
C VAL C 67 -72.69 -1.16 -52.32
N GLN C 68 -74.01 -1.10 -52.48
CA GLN C 68 -74.63 -1.08 -53.78
C GLN C 68 -74.26 0.20 -54.53
N ALA C 69 -74.26 0.12 -55.85
CA ALA C 69 -73.82 1.25 -56.66
C ALA C 69 -74.37 1.12 -58.06
N VAL C 70 -75.17 2.09 -58.48
CA VAL C 70 -75.54 2.22 -59.88
C VAL C 70 -74.55 3.19 -60.54
N VAL C 71 -74.23 2.93 -61.80
CA VAL C 71 -73.17 3.67 -62.50
C VAL C 71 -73.72 5.01 -62.97
N LYS C 72 -72.98 6.08 -62.67
CA LYS C 72 -73.19 7.36 -63.34
C LYS C 72 -72.42 7.39 -64.66
N GLN C 73 -71.13 7.11 -64.61
CA GLN C 73 -70.31 6.93 -65.80
C GLN C 73 -69.14 6.02 -65.46
N ALA C 74 -68.49 5.51 -66.49
CA ALA C 74 -67.33 4.65 -66.32
C ALA C 74 -66.48 4.76 -67.57
N MET C 75 -65.37 5.49 -67.48
CA MET C 75 -64.60 5.86 -68.65
C MET C 75 -63.64 4.75 -69.04
N ARG C 76 -63.77 4.27 -70.28
CA ARG C 76 -62.80 3.35 -70.87
C ARG C 76 -61.50 4.10 -71.15
N LEU C 77 -60.43 3.71 -70.46
CA LEU C 77 -59.12 4.38 -70.56
C LEU C 77 -58.05 3.37 -70.95
N PRO C 78 -57.12 3.75 -71.87
CA PRO C 78 -56.10 2.82 -72.38
C PRO C 78 -54.84 2.77 -71.51
N ASP C 79 -55.01 2.64 -70.19
CA ASP C 79 -53.90 2.46 -69.28
C ASP C 79 -54.22 1.41 -68.22
N GLY C 80 -54.96 0.36 -68.58
CA GLY C 80 -55.52 -0.58 -67.62
C GLY C 80 -56.81 -0.12 -66.98
N THR C 81 -56.91 1.16 -66.62
CA THR C 81 -57.99 1.70 -65.80
C THR C 81 -59.28 1.79 -66.61
N LEU C 82 -60.37 1.32 -66.02
CA LEU C 82 -61.72 1.67 -66.47
C LEU C 82 -62.32 2.48 -65.33
N GLN C 83 -62.16 3.80 -65.40
CA GLN C 83 -62.40 4.68 -64.26
C GLN C 83 -63.89 4.82 -64.01
N VAL C 84 -64.41 4.03 -63.06
CA VAL C 84 -65.84 3.91 -62.82
C VAL C 84 -66.28 4.95 -61.78
N MET C 85 -67.33 5.69 -62.11
CA MET C 85 -67.92 6.68 -61.23
C MET C 85 -69.31 6.20 -60.84
N VAL C 86 -69.61 6.24 -59.55
CA VAL C 86 -70.90 5.82 -59.04
C VAL C 86 -71.33 6.77 -57.93
N GLU C 87 -72.62 7.08 -57.89
CA GLU C 87 -73.26 7.62 -56.71
C GLU C 87 -73.96 6.45 -56.04
N ALA C 88 -73.37 5.96 -54.96
CA ALA C 88 -73.70 4.64 -54.45
C ALA C 88 -75.04 4.67 -53.72
N ARG C 89 -75.56 3.48 -53.42
CA ARG C 89 -76.95 3.34 -52.99
C ARG C 89 -77.10 2.88 -51.55
N ALA C 90 -76.60 1.69 -51.19
CA ALA C 90 -76.83 1.18 -49.85
C ALA C 90 -75.85 0.06 -49.54
N ARG C 91 -75.49 -0.04 -48.26
CA ARG C 91 -74.72 -1.17 -47.77
C ARG C 91 -75.58 -2.43 -47.80
N ALA C 92 -74.95 -3.56 -48.06
CA ALA C 92 -75.68 -4.81 -48.17
C ALA C 92 -74.83 -5.94 -47.60
N GLN C 93 -75.47 -6.78 -46.78
CA GLN C 93 -74.79 -7.87 -46.11
C GLN C 93 -74.55 -9.01 -47.08
N VAL C 94 -73.39 -9.66 -46.93
CA VAL C 94 -73.07 -10.84 -47.75
C VAL C 94 -73.94 -11.99 -47.27
N THR C 95 -74.96 -12.33 -48.05
CA THR C 95 -75.75 -13.53 -47.79
C THR C 95 -74.89 -14.78 -47.92
N ASP C 96 -74.13 -14.87 -49.00
CA ASP C 96 -73.19 -15.94 -49.25
C ASP C 96 -72.18 -15.45 -50.25
N TYR C 97 -71.04 -16.13 -50.34
CA TYR C 97 -70.10 -15.86 -51.42
C TYR C 97 -69.65 -17.14 -52.09
N ILE C 98 -69.58 -17.08 -53.41
CA ILE C 98 -69.15 -18.18 -54.28
C ILE C 98 -67.77 -17.76 -54.79
N PRO C 99 -66.79 -18.67 -54.86
CA PRO C 99 -65.43 -18.24 -55.19
C PRO C 99 -65.25 -17.81 -56.64
N GLY C 100 -64.17 -17.05 -56.85
CA GLY C 100 -63.80 -16.53 -58.15
C GLY C 100 -62.29 -16.55 -58.31
N PRO C 101 -61.68 -15.43 -58.74
CA PRO C 101 -62.23 -14.14 -59.20
C PRO C 101 -62.80 -14.21 -60.61
N TYR C 102 -63.87 -13.48 -60.93
CA TYR C 102 -64.56 -12.54 -60.04
C TYR C 102 -65.56 -13.29 -59.17
N LEU C 103 -66.01 -12.65 -58.10
CA LEU C 103 -66.76 -13.32 -57.05
C LEU C 103 -68.25 -13.26 -57.35
N ARG C 104 -68.94 -14.39 -57.19
CA ARG C 104 -70.39 -14.41 -57.13
C ARG C 104 -70.83 -14.32 -55.69
N ALA C 105 -71.64 -13.33 -55.35
CA ALA C 105 -72.07 -13.17 -53.98
C ALA C 105 -73.40 -12.44 -53.95
N ARG C 106 -74.39 -13.05 -53.31
CA ARG C 106 -75.70 -12.45 -53.20
C ARG C 106 -75.76 -11.54 -52.00
N GLY C 107 -76.66 -10.56 -52.04
CA GLY C 107 -76.68 -9.53 -51.02
C GLY C 107 -78.06 -9.20 -50.48
N GLU C 108 -78.31 -7.91 -50.26
CA GLU C 108 -79.54 -7.41 -49.63
C GLU C 108 -79.94 -6.07 -50.25
N VAL C 109 -81.18 -5.69 -49.99
CA VAL C 109 -81.79 -4.45 -50.48
C VAL C 109 -81.40 -3.26 -49.61
N PHE C 110 -81.85 -2.06 -50.03
CA PHE C 110 -81.71 -0.79 -49.31
C PHE C 110 -82.01 -0.93 -47.82
N SER C 111 -81.05 -0.53 -46.98
CA SER C 111 -81.34 -0.37 -45.57
C SER C 111 -82.07 0.96 -45.37
N GLU C 112 -83.34 0.88 -45.00
CA GLU C 112 -84.25 2.02 -45.09
C GLU C 112 -84.67 2.50 -43.70
N ILE C 113 -83.70 2.63 -42.81
CA ILE C 113 -83.93 3.04 -41.43
C ILE C 113 -84.35 4.51 -41.41
N PHE C 114 -85.03 4.92 -40.34
CA PHE C 114 -85.34 6.32 -40.11
C PHE C 114 -85.07 6.66 -38.65
N PRO C 115 -83.91 7.22 -38.33
CA PRO C 115 -83.68 7.69 -36.96
C PRO C 115 -84.49 8.95 -36.68
N ILE C 116 -85.30 8.86 -35.63
CA ILE C 116 -86.36 9.83 -35.34
C ILE C 116 -85.81 11.08 -34.66
N ASP C 117 -86.69 12.08 -34.49
CA ASP C 117 -86.40 13.37 -33.85
C ASP C 117 -85.30 14.12 -34.62
N GLU C 118 -85.73 14.58 -35.81
CA GLU C 118 -84.87 15.29 -36.76
C GLU C 118 -84.23 16.55 -36.17
N ALA C 119 -84.85 17.15 -35.15
CA ALA C 119 -84.20 18.28 -34.49
C ALA C 119 -82.96 17.86 -33.73
N VAL C 120 -82.97 16.70 -33.05
CA VAL C 120 -81.76 16.18 -32.42
C VAL C 120 -80.75 15.79 -33.48
N VAL C 121 -81.23 15.29 -34.63
CA VAL C 121 -80.38 14.99 -35.76
C VAL C 121 -79.64 16.23 -36.24
N ARG C 122 -80.35 17.35 -36.40
CA ARG C 122 -79.74 18.58 -36.90
C ARG C 122 -78.85 19.20 -35.84
N VAL C 123 -79.22 19.05 -34.55
CA VAL C 123 -78.34 19.46 -33.45
C VAL C 123 -77.01 18.75 -33.53
N LEU C 124 -77.05 17.44 -33.74
CA LEU C 124 -75.80 16.70 -33.80
C LEU C 124 -75.07 16.95 -35.12
N VAL C 125 -75.81 17.30 -36.18
CA VAL C 125 -75.22 17.73 -37.45
C VAL C 125 -74.41 18.99 -37.25
N GLU C 126 -74.95 19.96 -36.52
CA GLU C 126 -74.22 21.22 -36.37
C GLU C 126 -73.11 21.12 -35.34
N GLU C 127 -73.27 20.28 -34.31
CA GLU C 127 -72.17 20.04 -33.37
C GLU C 127 -71.01 19.35 -34.07
N LEU C 128 -71.32 18.31 -34.86
CA LEU C 128 -70.34 17.65 -35.69
C LEU C 128 -69.75 18.59 -36.73
N LYS C 129 -70.56 19.52 -37.25
CA LYS C 129 -70.09 20.43 -38.28
C LYS C 129 -69.13 21.47 -37.73
N GLU C 130 -69.41 22.02 -36.56
CA GLU C 130 -68.47 22.97 -35.99
C GLU C 130 -67.24 22.28 -35.45
N ALA C 131 -67.34 20.99 -35.09
CA ALA C 131 -66.13 20.25 -34.81
C ALA C 131 -65.30 20.02 -36.07
N PHE C 132 -65.96 19.77 -37.20
CA PHE C 132 -65.27 19.76 -38.49
C PHE C 132 -64.63 21.11 -38.80
N GLU C 133 -65.30 22.19 -38.43
CA GLU C 133 -64.72 23.52 -38.60
C GLU C 133 -63.49 23.70 -37.72
N LYS C 134 -63.48 23.11 -36.54
CA LYS C 134 -62.27 23.08 -35.73
C LYS C 134 -61.22 22.13 -36.29
N TYR C 135 -61.66 21.12 -37.03
CA TYR C 135 -60.73 20.18 -37.64
C TYR C 135 -60.00 20.82 -38.80
N VAL C 136 -60.75 21.48 -39.69
CA VAL C 136 -60.17 22.10 -40.87
C VAL C 136 -59.37 23.33 -40.48
N ALA C 137 -59.68 23.92 -39.32
CA ALA C 137 -58.87 25.01 -38.81
C ALA C 137 -57.47 24.54 -38.43
N ASN C 138 -57.32 23.26 -38.11
CA ASN C 138 -56.05 22.72 -37.64
C ASN C 138 -55.37 21.85 -38.68
N HIS C 139 -56.10 21.41 -39.69
CA HIS C 139 -55.48 20.52 -40.68
C HIS C 139 -55.64 21.03 -42.09
N LYS C 140 -55.22 22.28 -42.29
CA LYS C 140 -54.54 22.67 -43.51
C LYS C 140 -53.15 22.03 -43.59
N SER C 141 -52.63 21.53 -42.46
CA SER C 141 -51.43 20.70 -42.44
C SER C 141 -51.58 19.44 -43.29
N LEU C 142 -52.79 18.90 -43.37
CA LEU C 142 -53.08 17.81 -44.28
C LEU C 142 -53.44 18.29 -45.67
N ARG C 143 -53.57 19.61 -45.84
CA ARG C 143 -53.95 20.27 -47.10
C ARG C 143 -55.26 19.71 -47.64
N LEU C 144 -56.21 19.54 -46.72
CA LEU C 144 -57.60 19.31 -47.08
C LEU C 144 -58.09 20.37 -48.05
N ASP C 145 -58.72 19.92 -49.13
CA ASP C 145 -59.28 20.84 -50.11
C ASP C 145 -60.39 21.64 -49.45
N ARG C 146 -60.10 22.92 -49.22
CA ARG C 146 -61.03 23.85 -48.59
C ARG C 146 -62.09 24.36 -49.57
N TYR C 147 -62.11 23.87 -50.81
CA TYR C 147 -63.31 23.88 -51.62
C TYR C 147 -64.00 22.53 -51.58
N GLN C 148 -63.78 21.77 -50.52
CA GLN C 148 -64.77 20.88 -49.95
C GLN C 148 -65.34 21.47 -48.67
N LEU C 149 -64.70 22.52 -48.13
CA LEU C 149 -65.18 23.17 -46.91
C LEU C 149 -66.46 23.95 -47.16
N GLU C 150 -66.40 24.92 -48.06
CA GLU C 150 -67.58 25.72 -48.39
C GLU C 150 -68.39 25.11 -49.52
N ALA C 151 -68.04 23.90 -49.97
CA ALA C 151 -68.83 23.25 -51.01
C ALA C 151 -69.87 22.32 -50.42
N VAL C 152 -69.89 22.17 -49.09
CA VAL C 152 -70.82 21.25 -48.46
C VAL C 152 -71.74 22.00 -47.51
N LYS C 153 -71.78 23.32 -47.62
CA LYS C 153 -72.54 24.15 -46.70
C LYS C 153 -73.82 24.64 -47.37
N GLY C 154 -74.92 24.57 -46.63
CA GLY C 154 -76.24 24.68 -47.22
C GLY C 154 -76.80 23.29 -47.44
N THR C 155 -76.72 22.42 -46.43
CA THR C 155 -76.97 20.99 -46.57
C THR C 155 -78.18 20.55 -45.75
N SER C 156 -79.11 19.84 -46.39
CA SER C 156 -80.23 19.23 -45.72
C SER C 156 -80.12 17.71 -45.63
N ASP C 157 -79.67 17.06 -46.69
CA ASP C 157 -79.58 15.60 -46.76
C ASP C 157 -78.53 15.09 -45.78
N PRO C 158 -78.89 14.26 -44.81
CA PRO C 158 -77.90 13.81 -43.81
C PRO C 158 -77.13 12.59 -44.23
N ALA C 159 -77.55 11.92 -45.31
CA ALA C 159 -76.82 10.75 -45.78
C ALA C 159 -75.52 11.16 -46.46
N MET C 160 -75.63 12.07 -47.43
CA MET C 160 -74.44 12.61 -48.09
C MET C 160 -73.61 13.41 -47.10
N LEU C 161 -74.26 14.09 -46.16
CA LEU C 161 -73.58 14.78 -45.07
C LEU C 161 -72.73 13.81 -44.25
N ALA C 162 -73.33 12.69 -43.81
CA ALA C 162 -72.65 11.75 -42.94
C ALA C 162 -71.50 11.06 -43.67
N ASP C 163 -71.74 10.60 -44.90
CA ASP C 163 -70.68 9.89 -45.61
C ASP C 163 -69.62 10.84 -46.17
N THR C 164 -69.99 12.07 -46.51
CA THR C 164 -69.02 13.08 -46.92
C THR C 164 -68.09 13.42 -45.77
N ILE C 165 -68.65 13.60 -44.57
CA ILE C 165 -67.85 13.83 -43.37
C ILE C 165 -66.95 12.64 -43.10
N ALA C 166 -67.49 11.41 -43.25
CA ALA C 166 -66.73 10.22 -42.87
C ALA C 166 -65.58 9.96 -43.83
N TYR C 167 -65.79 10.16 -45.13
CA TYR C 167 -64.66 10.09 -46.05
C TYR C 167 -63.70 11.24 -45.85
N HIS C 168 -64.22 12.41 -45.51
CA HIS C 168 -63.36 13.55 -45.22
C HIS C 168 -62.87 13.53 -43.78
N ALA C 169 -63.27 12.51 -42.99
CA ALA C 169 -62.60 12.14 -41.75
C ALA C 169 -61.64 11.01 -42.07
N THR C 170 -60.50 11.39 -42.65
CA THR C 170 -59.55 10.43 -43.18
C THR C 170 -58.84 9.71 -42.04
N TRP C 171 -58.93 8.39 -42.04
CA TRP C 171 -58.46 7.55 -40.95
C TRP C 171 -57.76 6.35 -41.55
N THR C 172 -57.55 5.34 -40.72
CA THR C 172 -57.29 3.98 -41.21
C THR C 172 -58.61 3.33 -41.61
N VAL C 173 -58.55 2.60 -42.71
CA VAL C 173 -59.73 2.22 -43.49
C VAL C 173 -60.57 1.16 -42.78
N ALA C 174 -59.97 0.45 -41.83
CA ALA C 174 -60.73 -0.46 -40.96
C ALA C 174 -61.81 0.27 -40.21
N GLU C 175 -61.48 1.43 -39.66
CA GLU C 175 -62.49 2.18 -38.94
C GLU C 175 -63.37 2.99 -39.86
N LYS C 176 -62.95 3.22 -41.11
CA LYS C 176 -63.89 3.66 -42.14
C LYS C 176 -64.99 2.63 -42.33
N GLN C 177 -64.60 1.35 -42.39
CA GLN C 177 -65.59 0.29 -42.48
C GLN C 177 -66.45 0.23 -41.23
N GLU C 178 -65.84 0.43 -40.06
CA GLU C 178 -66.60 0.43 -38.81
C GLU C 178 -67.62 1.56 -38.76
N ILE C 179 -67.32 2.68 -39.40
CA ILE C 179 -68.34 3.70 -39.63
C ILE C 179 -69.41 3.18 -40.59
N LEU C 180 -68.98 2.48 -41.64
CA LEU C 180 -69.92 1.97 -42.64
C LEU C 180 -70.81 0.85 -42.10
N GLU C 181 -70.46 0.24 -40.96
CA GLU C 181 -71.21 -0.90 -40.44
C GLU C 181 -72.62 -0.52 -40.04
N LEU C 182 -72.74 0.54 -39.24
CA LEU C 182 -74.02 0.92 -38.66
C LEU C 182 -74.98 1.40 -39.74
N THR C 183 -76.21 0.92 -39.68
CA THR C 183 -77.25 1.44 -40.55
C THR C 183 -77.90 2.68 -39.98
N ASP C 184 -77.93 2.83 -38.65
CA ASP C 184 -78.46 3.98 -37.97
C ASP C 184 -77.61 5.21 -38.26
N LEU C 185 -78.25 6.37 -38.30
CA LEU C 185 -77.52 7.61 -38.52
C LEU C 185 -76.88 8.11 -37.23
N GLU C 186 -77.64 8.08 -36.12
CA GLU C 186 -77.21 8.75 -34.89
C GLU C 186 -76.09 8.00 -34.18
N ALA C 187 -76.14 6.66 -34.20
CA ALA C 187 -75.04 5.90 -33.62
C ALA C 187 -73.79 6.01 -34.48
N ARG C 188 -73.96 6.11 -35.79
CA ARG C 188 -72.82 6.33 -36.68
C ARG C 188 -72.19 7.69 -36.44
N LEU C 189 -73.01 8.70 -36.16
CA LEU C 189 -72.46 10.02 -35.89
C LEU C 189 -71.91 10.12 -34.48
N LYS C 190 -72.38 9.27 -33.57
CA LYS C 190 -71.70 9.07 -32.28
C LYS C 190 -70.27 8.59 -32.50
N LYS C 191 -70.11 7.56 -33.34
CA LYS C 191 -68.79 7.07 -33.77
C LYS C 191 -67.94 8.19 -34.38
N VAL C 192 -68.52 8.91 -35.34
CA VAL C 192 -67.81 9.93 -36.11
C VAL C 192 -67.33 11.06 -35.21
N LEU C 193 -68.24 11.63 -34.42
CA LEU C 193 -67.88 12.80 -33.63
C LEU C 193 -66.98 12.43 -32.46
N GLY C 194 -67.08 11.19 -31.95
CA GLY C 194 -66.10 10.72 -30.98
C GLY C 194 -64.69 10.64 -31.56
N LEU C 195 -64.58 10.09 -32.78
CA LEU C 195 -63.31 10.11 -33.50
C LEU C 195 -62.77 11.52 -33.70
N LEU C 196 -63.63 12.45 -34.09
CA LEU C 196 -63.13 13.77 -34.44
C LEU C 196 -62.73 14.55 -33.20
N SER C 197 -63.45 14.34 -32.09
CA SER C 197 -63.02 14.87 -30.81
C SER C 197 -61.68 14.32 -30.38
N ARG C 198 -61.45 13.03 -30.65
CA ARG C 198 -60.15 12.43 -30.35
C ARG C 198 -59.05 13.06 -31.20
N ASP C 199 -59.35 13.37 -32.46
CA ASP C 199 -58.36 14.01 -33.31
C ASP C 199 -58.03 15.42 -32.83
N LEU C 200 -59.04 16.14 -32.32
CA LEU C 200 -58.79 17.47 -31.79
C LEU C 200 -57.93 17.40 -30.53
N GLU C 201 -58.11 16.32 -29.75
CA GLU C 201 -57.20 16.08 -28.63
C GLU C 201 -55.78 15.83 -29.12
N ARG C 202 -55.63 15.16 -30.26
CA ARG C 202 -54.30 14.95 -30.83
C ARG C 202 -53.63 16.27 -31.17
N PHE C 203 -54.40 17.20 -31.73
CA PHE C 203 -53.83 18.48 -32.11
C PHE C 203 -53.43 19.30 -30.88
N GLU C 204 -54.27 19.28 -29.84
CA GLU C 204 -53.93 19.97 -28.60
C GLU C 204 -52.66 19.41 -27.97
N LEU C 205 -52.49 18.09 -28.07
CA LEU C 205 -51.28 17.49 -27.55
C LEU C 205 -50.07 17.94 -28.36
N ASP C 206 -50.25 18.16 -29.67
CA ASP C 206 -49.14 18.64 -30.50
C ASP C 206 -48.70 20.05 -30.11
N LYS C 207 -49.66 20.94 -29.86
CA LYS C 207 -49.31 22.29 -29.39
C LYS C 207 -48.56 22.23 -28.07
N ARG C 208 -49.00 21.36 -27.17
CA ARG C 208 -48.42 21.29 -25.83
C ARG C 208 -46.97 20.83 -25.89
N VAL C 209 -46.70 19.79 -26.69
CA VAL C 209 -45.30 19.35 -26.77
C VAL C 209 -44.46 20.32 -27.59
N ALA C 210 -45.07 21.07 -28.51
CA ALA C 210 -44.33 22.11 -29.23
C ALA C 210 -43.80 23.17 -28.28
N GLN C 211 -44.65 23.62 -27.35
CA GLN C 211 -44.21 24.63 -26.39
C GLN C 211 -43.15 24.08 -25.45
N ARG C 212 -43.30 22.82 -25.03
CA ARG C 212 -42.29 22.26 -24.13
C ARG C 212 -40.94 22.13 -24.82
N VAL C 213 -40.95 21.83 -26.12
CA VAL C 213 -39.73 21.78 -26.92
C VAL C 213 -39.03 23.13 -26.92
N LYS C 214 -39.75 24.18 -27.28
CA LYS C 214 -39.11 25.49 -27.45
C LYS C 214 -38.56 26.02 -26.12
N GLU C 215 -39.22 25.68 -25.02
CA GLU C 215 -38.71 26.13 -23.74
C GLU C 215 -37.45 25.38 -23.35
N GLN C 216 -37.39 24.08 -23.67
CA GLN C 216 -36.17 23.32 -23.45
C GLN C 216 -34.99 23.92 -24.22
N MET C 217 -35.24 24.36 -25.45
CA MET C 217 -34.17 24.97 -26.24
C MET C 217 -33.67 26.24 -25.60
N ASP C 218 -34.57 27.11 -25.17
CA ASP C 218 -34.12 28.43 -24.75
C ASP C 218 -33.41 28.38 -23.40
N THR C 219 -33.79 27.43 -22.53
CA THR C 219 -33.00 27.34 -21.30
C THR C 219 -31.63 26.71 -21.55
N ASN C 220 -31.52 25.79 -22.52
CA ASN C 220 -30.20 25.28 -22.87
C ASN C 220 -29.29 26.39 -23.41
N GLN C 221 -29.82 27.19 -24.33
CA GLN C 221 -29.06 28.28 -24.94
C GLN C 221 -28.59 29.30 -23.92
N ARG C 222 -29.49 29.75 -23.04
CA ARG C 222 -29.10 30.78 -22.10
C ARG C 222 -28.13 30.25 -21.05
N GLU C 223 -28.26 28.99 -20.66
CA GLU C 223 -27.31 28.46 -19.68
C GLU C 223 -25.90 28.30 -20.25
N TYR C 224 -25.80 27.99 -21.55
CA TYR C 224 -24.50 28.08 -22.22
C TYR C 224 -23.95 29.50 -22.18
N TYR C 225 -24.79 30.48 -22.55
CA TYR C 225 -24.41 31.89 -22.57
C TYR C 225 -23.91 32.36 -21.21
N LEU C 226 -24.54 31.90 -20.15
CA LEU C 226 -24.20 32.43 -18.84
C LEU C 226 -22.98 31.75 -18.26
N ARG C 227 -22.72 30.48 -18.61
CA ARG C 227 -21.45 29.92 -18.15
C ARG C 227 -20.27 30.57 -18.87
N GLU C 228 -20.45 31.01 -20.10
CA GLU C 228 -19.33 31.72 -20.73
C GLU C 228 -19.19 33.14 -20.19
N GLN C 229 -20.33 33.79 -19.86
CA GLN C 229 -20.30 35.03 -19.10
C GLN C 229 -19.50 34.90 -17.82
N MET C 230 -19.76 33.82 -17.09
CA MET C 230 -19.10 33.58 -15.82
C MET C 230 -17.61 33.44 -15.98
N LYS C 231 -17.17 32.66 -16.97
CA LYS C 231 -15.73 32.45 -17.06
C LYS C 231 -15.02 33.64 -17.69
N ALA C 232 -15.73 34.43 -18.50
CA ALA C 232 -15.12 35.64 -19.05
C ALA C 232 -14.88 36.67 -17.97
N ILE C 233 -15.93 36.99 -17.20
CA ILE C 233 -15.82 37.74 -15.95
C ILE C 233 -14.71 37.20 -15.07
N GLN C 234 -14.63 35.87 -14.91
CA GLN C 234 -13.70 35.25 -14.00
C GLN C 234 -12.26 35.51 -14.39
N LYS C 235 -11.92 35.29 -15.67
CA LYS C 235 -10.53 35.52 -16.04
C LYS C 235 -10.21 37.00 -16.12
N GLU C 236 -11.21 37.87 -16.31
CA GLU C 236 -10.94 39.29 -16.17
C GLU C 236 -10.61 39.63 -14.73
N LEU C 237 -11.26 38.97 -13.79
CA LEU C 237 -10.94 39.21 -12.39
C LEU C 237 -9.54 38.69 -12.07
N GLY C 238 -9.26 37.45 -12.48
CA GLY C 238 -7.92 36.88 -12.26
C GLY C 238 -6.91 37.43 -13.26
N GLY C 239 -7.19 38.61 -13.81
CA GLY C 239 -6.30 39.25 -14.81
C GLY C 239 -4.94 39.58 -14.24
N GLU C 240 -4.88 40.02 -12.97
CA GLU C 240 -3.60 40.47 -12.37
C GLU C 240 -2.59 39.32 -12.35
N ASP C 241 -3.01 38.10 -12.02
CA ASP C 241 -2.05 36.98 -11.90
C ASP C 241 -2.13 36.10 -13.14
N GLY C 242 -1.07 36.09 -13.97
CA GLY C 242 -1.05 35.23 -15.17
C GLY C 242 -0.06 34.08 -15.00
N LEU C 243 0.54 33.94 -13.81
CA LEU C 243 1.59 32.91 -13.59
C LEU C 243 0.95 31.57 -13.24
N SER C 244 1.34 30.49 -13.92
CA SER C 244 0.83 29.17 -13.61
C SER C 244 1.83 28.41 -12.76
N ASP C 245 1.33 27.34 -12.12
CA ASP C 245 2.14 26.60 -11.16
C ASP C 245 3.30 25.89 -11.85
N LEU C 246 3.06 25.33 -13.04
CA LEU C 246 4.11 24.62 -13.73
C LEU C 246 5.14 25.56 -14.33
N GLU C 247 4.73 26.77 -14.72
CA GLU C 247 5.69 27.73 -15.25
C GLU C 247 6.55 28.30 -14.13
N ALA C 248 5.95 28.51 -12.96
CA ALA C 248 6.72 28.90 -11.79
C ALA C 248 7.69 27.81 -11.38
N LEU C 249 7.28 26.54 -11.52
CA LEU C 249 8.18 25.44 -11.18
C LEU C 249 9.32 25.33 -12.19
N ARG C 250 9.05 25.63 -13.46
CA ARG C 250 10.12 25.66 -14.47
C ARG C 250 11.11 26.78 -14.18
N LYS C 251 10.61 27.92 -13.75
CA LYS C 251 11.47 29.02 -13.33
C LYS C 251 12.32 28.63 -12.12
N LYS C 252 11.72 27.97 -11.14
CA LYS C 252 12.43 27.54 -9.95
C LYS C 252 13.50 26.50 -10.28
N ILE C 253 13.23 25.60 -11.22
CA ILE C 253 14.24 24.63 -11.65
C ILE C 253 15.38 25.35 -12.36
N GLU C 254 15.07 26.38 -13.14
CA GLU C 254 16.13 27.08 -13.85
C GLU C 254 16.99 27.93 -12.92
N GLU C 255 16.41 28.48 -11.85
CA GLU C 255 17.15 29.40 -11.00
C GLU C 255 18.17 28.68 -10.12
N VAL C 256 17.71 27.82 -9.23
CA VAL C 256 18.59 27.24 -8.21
C VAL C 256 19.43 26.14 -8.84
N GLY C 257 20.63 25.94 -8.27
CA GLY C 257 21.50 24.87 -8.71
C GLY C 257 21.98 25.09 -10.12
N MET C 258 22.05 24.02 -10.91
CA MET C 258 22.02 22.62 -10.49
C MET C 258 23.21 21.99 -11.18
N PRO C 259 23.53 20.73 -10.89
CA PRO C 259 24.34 19.96 -11.83
C PRO C 259 23.56 19.72 -13.12
N GLU C 260 24.31 19.39 -14.18
CA GLU C 260 23.70 19.38 -15.50
C GLU C 260 22.81 18.17 -15.72
N ALA C 261 23.27 16.99 -15.29
CA ALA C 261 22.48 15.78 -15.47
C ALA C 261 21.20 15.82 -14.64
N VAL C 262 21.29 16.39 -13.43
CA VAL C 262 20.13 16.56 -12.59
C VAL C 262 19.16 17.56 -13.21
N LYS C 263 19.68 18.58 -13.89
CA LYS C 263 18.82 19.55 -14.55
C LYS C 263 18.06 18.95 -15.72
N THR C 264 18.74 18.16 -16.55
CA THR C 264 18.05 17.52 -17.67
C THR C 264 17.04 16.49 -17.20
N LYS C 265 17.36 15.75 -16.13
CA LYS C 265 16.41 14.79 -15.56
C LYS C 265 15.18 15.49 -15.00
N ALA C 266 15.38 16.63 -14.33
CA ALA C 266 14.24 17.37 -13.79
C ALA C 266 13.38 17.96 -14.90
N LEU C 267 14.01 18.39 -16.00
CA LEU C 267 13.22 18.97 -17.08
C LEU C 267 12.42 17.90 -17.83
N LYS C 268 12.98 16.70 -17.98
CA LYS C 268 12.22 15.61 -18.59
C LYS C 268 11.05 15.20 -17.69
N GLU C 269 11.27 15.19 -16.38
CA GLU C 269 10.19 14.88 -15.45
C GLU C 269 9.11 15.95 -15.48
N LEU C 270 9.50 17.21 -15.69
CA LEU C 270 8.51 18.28 -15.79
C LEU C 270 7.68 18.17 -17.05
N ASP C 271 8.31 17.83 -18.19
CA ASP C 271 7.56 17.65 -19.42
C ASP C 271 6.59 16.47 -19.32
N ARG C 272 7.03 15.38 -18.69
CA ARG C 272 6.16 14.25 -18.43
C ARG C 272 4.98 14.64 -17.56
N LEU C 273 5.19 15.49 -16.56
CA LEU C 273 4.08 15.96 -15.74
C LEU C 273 3.17 16.90 -16.51
N GLU C 274 3.70 17.66 -17.46
CA GLU C 274 2.85 18.56 -18.23
C GLU C 274 1.98 17.81 -19.22
N ARG C 275 2.43 16.66 -19.72
CA ARG C 275 1.60 15.92 -20.68
C ARG C 275 0.38 15.30 -20.01
N MET C 276 0.51 14.78 -18.80
CA MET C 276 -0.58 14.05 -18.18
C MET C 276 -1.62 15.02 -17.62
N GLN C 277 -2.73 14.46 -17.18
CA GLN C 277 -3.82 15.26 -16.65
C GLN C 277 -3.74 15.30 -15.14
N GLN C 278 -4.28 16.35 -14.56
CA GLN C 278 -4.08 16.63 -13.15
C GLN C 278 -5.12 15.94 -12.29
N GLY C 279 -4.76 15.71 -11.03
CA GLY C 279 -5.59 14.98 -10.12
C GLY C 279 -5.39 13.48 -10.15
N SER C 280 -4.78 12.95 -11.20
CA SER C 280 -4.46 11.54 -11.26
C SER C 280 -3.38 11.21 -10.23
N PRO C 281 -3.41 10.00 -9.65
CA PRO C 281 -2.40 9.64 -8.64
C PRO C 281 -1.00 9.48 -9.19
N GLU C 282 -0.86 9.43 -10.52
CA GLU C 282 0.46 9.53 -11.13
C GLU C 282 1.04 10.93 -10.99
N ALA C 283 0.19 11.96 -11.04
CA ALA C 283 0.68 13.33 -11.08
C ALA C 283 1.17 13.82 -9.73
N THR C 284 0.58 13.35 -8.63
CA THR C 284 0.98 13.83 -7.32
C THR C 284 2.35 13.32 -6.93
N VAL C 285 2.72 12.13 -7.41
CA VAL C 285 4.05 11.58 -7.12
C VAL C 285 5.11 12.42 -7.82
N ALA C 286 4.90 12.76 -9.08
CA ALA C 286 5.85 13.59 -9.81
C ALA C 286 5.92 15.01 -9.27
N ARG C 287 4.78 15.54 -8.81
CA ARG C 287 4.78 16.86 -8.21
C ARG C 287 5.55 16.88 -6.89
N THR C 288 5.39 15.85 -6.07
CA THR C 288 6.13 15.79 -4.81
C THR C 288 7.62 15.58 -5.04
N TYR C 289 7.96 14.78 -6.05
CA TYR C 289 9.37 14.56 -6.36
C TYR C 289 10.04 15.82 -6.88
N LEU C 290 9.34 16.62 -7.69
CA LEU C 290 9.94 17.87 -8.14
C LEU C 290 9.98 18.90 -7.03
N ASP C 291 9.01 18.86 -6.10
CA ASP C 291 9.09 19.72 -4.93
C ASP C 291 10.31 19.39 -4.08
N TRP C 292 10.65 18.11 -3.94
CA TRP C 292 11.88 17.77 -3.23
C TRP C 292 13.13 18.15 -3.99
N LEU C 293 13.13 18.04 -5.33
CA LEU C 293 14.35 18.42 -6.04
C LEU C 293 14.60 19.91 -6.05
N THR C 294 13.55 20.73 -5.94
CA THR C 294 13.84 22.16 -6.03
C THR C 294 14.30 22.77 -4.71
N GLU C 295 13.79 22.31 -3.57
CA GLU C 295 14.08 22.99 -2.31
C GLU C 295 15.18 22.33 -1.50
N VAL C 296 16.07 21.59 -2.15
CA VAL C 296 17.28 21.07 -1.56
C VAL C 296 18.42 21.95 -2.05
N PRO C 297 19.35 22.38 -1.19
CA PRO C 297 20.40 23.31 -1.65
C PRO C 297 21.43 22.65 -2.53
N TRP C 298 21.77 23.32 -3.63
CA TRP C 298 22.76 22.81 -4.57
C TRP C 298 23.99 23.69 -4.69
N SER C 299 23.87 24.98 -4.41
CA SER C 299 24.95 25.91 -4.76
C SER C 299 25.38 26.80 -3.60
N LYS C 300 24.45 27.15 -2.71
CA LYS C 300 24.74 28.13 -1.68
C LYS C 300 25.68 27.58 -0.62
N ALA C 301 26.73 28.32 -0.33
CA ALA C 301 27.66 27.97 0.73
C ALA C 301 27.71 29.10 1.76
N ASP C 302 28.21 28.76 2.93
CA ASP C 302 28.52 29.74 3.95
C ASP C 302 29.80 30.48 3.59
N PRO C 303 30.08 31.61 4.24
CA PRO C 303 31.41 32.22 4.10
C PRO C 303 32.50 31.36 4.72
N GLU C 304 33.71 31.90 4.65
CA GLU C 304 34.93 31.11 4.73
C GLU C 304 35.90 31.99 5.50
N VAL C 305 37.21 31.83 5.25
CA VAL C 305 38.35 31.93 6.17
C VAL C 305 38.21 32.98 7.26
N LEU C 306 38.37 32.55 8.50
CA LEU C 306 38.03 33.35 9.66
C LEU C 306 39.28 33.68 10.46
N ASP C 307 39.13 34.66 11.33
CA ASP C 307 40.21 35.04 12.24
C ASP C 307 40.39 33.96 13.28
N ILE C 308 41.61 33.42 13.39
CA ILE C 308 41.83 32.31 14.29
C ILE C 308 41.88 32.78 15.75
N ASN C 309 42.28 34.02 15.98
CA ASN C 309 42.31 34.54 17.35
C ASN C 309 40.90 34.82 17.84
N HIS C 310 40.05 35.31 16.94
CA HIS C 310 38.65 35.57 17.29
C HIS C 310 37.90 34.29 17.62
N THR C 311 38.12 33.22 16.85
CA THR C 311 37.44 31.99 17.19
C THR C 311 38.07 31.31 18.40
N ARG C 312 39.34 31.57 18.70
CA ARG C 312 39.90 31.11 19.97
C ARG C 312 39.18 31.76 21.14
N GLN C 313 39.01 33.07 21.08
CA GLN C 313 38.35 33.71 22.21
C GLN C 313 36.84 33.52 22.20
N VAL C 314 36.24 33.08 21.10
CA VAL C 314 34.84 32.68 21.16
C VAL C 314 34.70 31.29 21.77
N LEU C 315 35.63 30.38 21.49
CA LEU C 315 35.59 29.08 22.14
C LEU C 315 35.93 29.18 23.63
N ASP C 316 36.67 30.20 24.03
CA ASP C 316 37.01 30.37 25.44
C ASP C 316 35.98 31.17 26.21
N GLU C 317 34.70 31.10 25.85
CA GLU C 317 33.67 31.75 26.65
C GLU C 317 32.45 30.91 26.90
N ASP C 318 32.29 29.78 26.21
CA ASP C 318 31.14 28.93 26.43
C ASP C 318 31.53 27.60 27.08
N HIS C 319 32.82 27.27 27.10
CA HIS C 319 33.29 26.05 27.72
C HIS C 319 34.63 26.32 28.39
N TYR C 320 35.02 25.39 29.25
CA TYR C 320 36.15 25.52 30.14
C TYR C 320 37.06 24.30 29.95
N GLY C 321 38.35 24.54 29.79
CA GLY C 321 39.24 23.45 29.48
C GLY C 321 38.95 22.94 28.08
N LEU C 322 38.88 21.61 27.94
CA LEU C 322 38.60 20.91 26.69
C LEU C 322 39.59 21.32 25.60
N LYS C 323 40.87 21.05 25.84
CA LYS C 323 41.93 21.58 24.99
C LYS C 323 41.88 20.99 23.59
N ASP C 324 41.70 19.67 23.49
CA ASP C 324 41.99 18.95 22.24
C ASP C 324 41.04 19.31 21.11
N VAL C 325 39.76 19.49 21.43
CA VAL C 325 38.78 19.81 20.40
C VAL C 325 38.97 21.24 19.90
N LYS C 326 39.24 22.15 20.83
CA LYS C 326 39.58 23.52 20.47
C LYS C 326 40.83 23.58 19.61
N GLU C 327 41.83 22.75 19.96
CA GLU C 327 43.03 22.65 19.16
C GLU C 327 42.74 22.20 17.75
N ARG C 328 41.85 21.21 17.59
CA ARG C 328 41.61 20.73 16.24
C ARG C 328 40.79 21.73 15.42
N ILE C 329 39.89 22.47 16.05
CA ILE C 329 39.14 23.48 15.31
C ILE C 329 40.08 24.62 14.87
N LEU C 330 41.04 24.97 15.72
CA LEU C 330 42.03 25.97 15.33
C LEU C 330 42.95 25.45 14.23
N GLU C 331 43.26 24.16 14.25
CA GLU C 331 44.07 23.57 13.19
C GLU C 331 43.33 23.51 11.87
N TYR C 332 42.02 23.24 11.91
CA TYR C 332 41.21 23.24 10.71
C TYR C 332 41.13 24.63 10.10
N LEU C 333 40.95 25.66 10.94
CA LEU C 333 40.96 27.01 10.37
C LEU C 333 42.34 27.45 9.93
N ALA C 334 43.40 26.88 10.51
CA ALA C 334 44.75 27.15 10.02
C ALA C 334 44.95 26.57 8.64
N VAL C 335 44.51 25.34 8.42
CA VAL C 335 44.61 24.70 7.11
C VAL C 335 43.75 25.44 6.09
N ARG C 336 42.54 25.84 6.48
CA ARG C 336 41.68 26.55 5.52
C ARG C 336 42.16 27.96 5.23
N GLN C 337 42.88 28.58 6.17
CA GLN C 337 43.49 29.87 5.84
C GLN C 337 44.69 29.67 4.93
N LEU C 338 45.44 28.59 5.13
CA LEU C 338 46.71 28.44 4.44
C LEU C 338 46.51 28.02 3.00
N THR C 339 45.47 27.25 2.72
CA THR C 339 45.08 26.92 1.34
C THR C 339 43.86 27.77 1.01
N GLN C 340 44.09 29.04 0.68
CA GLN C 340 42.95 29.91 0.50
C GLN C 340 42.51 29.95 -0.96
N GLY C 341 43.38 30.42 -1.85
CA GLY C 341 43.08 30.25 -3.26
C GLY C 341 44.00 29.22 -3.89
N LEU C 342 43.50 27.99 -4.01
CA LEU C 342 44.24 26.89 -4.60
C LEU C 342 43.21 25.89 -5.14
N ASP C 343 43.67 24.68 -5.46
CA ASP C 343 42.85 23.64 -6.08
C ASP C 343 43.07 22.31 -5.39
N VAL C 344 42.93 22.28 -4.06
CA VAL C 344 43.45 21.16 -3.30
C VAL C 344 42.39 20.34 -2.56
N ARG C 345 41.19 20.23 -3.13
CA ARG C 345 40.08 19.35 -2.70
C ARG C 345 39.81 19.46 -1.19
N ASN C 346 39.19 20.59 -0.84
CA ASN C 346 38.68 20.83 0.50
C ASN C 346 37.76 19.69 0.94
N LYS C 347 38.20 18.94 1.94
CA LYS C 347 37.39 17.91 2.56
C LYS C 347 37.12 18.30 4.01
N ALA C 348 36.07 17.78 4.55
CA ALA C 348 35.75 18.16 5.91
C ALA C 348 36.08 17.04 6.88
N PRO C 349 36.42 17.36 8.12
CA PRO C 349 36.73 16.32 9.10
C PRO C 349 35.53 15.48 9.49
N ILE C 350 35.80 14.25 9.89
CA ILE C 350 34.79 13.37 10.47
C ILE C 350 35.31 13.00 11.85
N LEU C 351 34.82 13.69 12.87
CA LEU C 351 35.27 13.51 14.23
C LEU C 351 34.32 12.60 14.97
N VAL C 352 34.84 11.91 15.98
CA VAL C 352 34.00 11.28 16.98
C VAL C 352 34.53 11.71 18.34
N LEU C 353 33.64 12.19 19.19
CA LEU C 353 33.99 12.68 20.51
C LEU C 353 33.56 11.64 21.51
N VAL C 354 34.54 11.04 22.19
CA VAL C 354 34.27 9.99 23.15
C VAL C 354 34.46 10.57 24.54
N GLY C 355 33.51 10.32 25.41
CA GLY C 355 33.59 10.79 26.77
C GLY C 355 32.52 10.20 27.65
N PRO C 356 32.65 10.36 28.96
CA PRO C 356 31.60 9.93 29.88
C PRO C 356 30.41 10.87 29.77
N PRO C 357 29.21 10.41 30.15
CA PRO C 357 28.03 11.26 29.99
C PRO C 357 28.02 12.42 30.97
N GLY C 358 27.73 13.60 30.44
CA GLY C 358 27.68 14.80 31.24
C GLY C 358 28.70 15.83 30.87
N VAL C 359 29.78 15.45 30.23
CA VAL C 359 30.75 16.43 29.76
C VAL C 359 30.17 17.08 28.51
N GLY C 360 30.46 18.34 28.28
CA GLY C 360 29.74 19.10 27.28
C GLY C 360 30.08 18.75 25.86
N LYS C 361 29.62 17.59 25.37
CA LYS C 361 29.89 17.21 24.00
C LYS C 361 28.94 17.92 23.04
N THR C 362 27.64 17.83 23.30
CA THR C 362 26.63 18.41 22.41
C THR C 362 26.71 19.93 22.36
N SER C 363 26.84 20.56 23.53
CA SER C 363 26.98 22.00 23.60
C SER C 363 28.28 22.47 22.96
N LEU C 364 29.28 21.61 22.92
CA LEU C 364 30.48 21.97 22.18
C LEU C 364 30.21 21.93 20.68
N GLY C 365 29.29 21.08 20.24
CA GLY C 365 28.84 21.15 18.85
C GLY C 365 28.19 22.48 18.52
N ARG C 366 27.30 22.96 19.40
CA ARG C 366 26.69 24.27 19.18
C ARG C 366 27.70 25.41 19.24
N SER C 367 28.69 25.31 20.11
CA SER C 367 29.65 26.39 20.21
C SER C 367 30.64 26.39 19.04
N ILE C 368 30.95 25.20 18.50
CA ILE C 368 31.74 25.12 17.27
C ILE C 368 30.96 25.73 16.12
N ALA C 369 29.65 25.51 16.10
CA ALA C 369 28.80 26.12 15.08
C ALA C 369 28.81 27.64 15.15
N ARG C 370 28.60 28.20 16.33
CA ARG C 370 28.54 29.66 16.44
C ARG C 370 29.90 30.30 16.29
N SER C 371 30.97 29.57 16.62
CA SER C 371 32.30 30.14 16.51
C SER C 371 32.74 30.26 15.07
N MET C 372 32.26 29.37 14.21
CA MET C 372 32.66 29.34 12.80
C MET C 372 31.65 30.01 11.89
N ASN C 373 30.58 30.61 12.44
CA ASN C 373 29.50 31.29 11.71
C ASN C 373 28.79 30.38 10.73
N ARG C 374 28.70 29.10 11.02
CA ARG C 374 27.98 28.20 10.15
C ARG C 374 26.60 27.90 10.74
N LYS C 375 25.91 26.92 10.18
CA LYS C 375 24.58 26.57 10.61
C LYS C 375 24.56 25.15 11.18
N PHE C 376 23.78 24.96 12.23
CA PHE C 376 23.79 23.75 13.02
C PHE C 376 22.51 22.95 12.82
N HIS C 377 22.64 21.64 12.88
CA HIS C 377 21.48 20.75 12.91
C HIS C 377 21.88 19.47 13.63
N ARG C 378 21.01 19.00 14.50
CA ARG C 378 21.32 17.87 15.38
C ARG C 378 20.42 16.71 15.02
N ILE C 379 21.03 15.61 14.58
CA ILE C 379 20.31 14.39 14.25
C ILE C 379 20.58 13.39 15.36
N SER C 380 19.52 12.88 15.97
CA SER C 380 19.66 11.97 17.10
C SER C 380 19.53 10.54 16.58
N LEU C 381 20.63 9.81 16.64
CA LEU C 381 20.62 8.38 16.38
C LEU C 381 20.33 7.67 17.69
N GLY C 382 20.37 6.35 17.70
CA GLY C 382 20.03 5.59 18.89
C GLY C 382 18.60 5.15 18.90
N GLY C 383 17.72 5.99 18.40
CA GLY C 383 16.36 5.57 18.15
C GLY C 383 16.17 5.13 16.71
N VAL C 384 17.25 4.75 16.05
CA VAL C 384 17.20 4.27 14.67
C VAL C 384 17.38 2.76 14.68
N ARG C 385 16.57 2.09 13.86
CA ARG C 385 16.60 0.64 13.83
C ARG C 385 16.58 0.04 12.43
N ASP C 386 16.38 0.82 11.38
CA ASP C 386 16.39 0.29 10.03
C ASP C 386 17.20 1.21 9.11
N GLU C 387 17.46 0.70 7.91
CA GLU C 387 18.28 1.41 6.95
C GLU C 387 17.50 2.50 6.24
N ALA C 388 16.19 2.47 6.31
CA ALA C 388 15.33 3.38 5.57
C ALA C 388 15.16 4.72 6.25
N GLU C 389 15.89 4.98 7.32
CA GLU C 389 15.91 6.30 7.93
C GLU C 389 17.14 7.09 7.54
N ILE C 390 18.13 6.44 6.96
CA ILE C 390 19.31 7.10 6.44
C ILE C 390 19.19 7.36 4.95
N ARG C 391 18.88 6.32 4.19
CA ARG C 391 18.33 6.48 2.86
C ARG C 391 16.82 6.66 3.01
N GLY C 392 16.09 6.70 1.91
CA GLY C 392 14.66 6.73 2.05
C GLY C 392 14.04 5.44 1.57
N HIS C 393 12.84 5.52 1.03
CA HIS C 393 12.28 4.46 0.22
C HIS C 393 12.17 4.97 -1.21
N ARG C 394 12.11 4.02 -2.15
CA ARG C 394 11.80 4.31 -3.53
C ARG C 394 10.43 4.97 -3.64
N ARG C 395 10.26 5.85 -4.65
CA ARG C 395 9.01 6.59 -4.87
C ARG C 395 7.78 5.71 -5.06
N THR C 396 7.96 4.43 -5.40
CA THR C 396 6.83 3.57 -5.73
C THR C 396 5.92 3.35 -4.53
N TYR C 397 6.50 3.14 -3.36
CA TYR C 397 5.71 2.90 -2.17
C TYR C 397 4.99 4.18 -1.75
N ILE C 398 3.92 4.02 -1.02
CA ILE C 398 3.12 5.17 -0.58
C ILE C 398 3.57 5.59 0.80
N GLY C 399 3.60 6.89 1.03
CA GLY C 399 4.21 7.43 2.22
C GLY C 399 5.72 7.40 2.18
N ALA C 400 6.31 7.49 1.00
CA ALA C 400 7.75 7.43 0.84
C ALA C 400 8.34 8.82 0.88
N MET C 401 9.48 8.94 1.55
CA MET C 401 10.15 10.22 1.72
C MET C 401 11.63 9.93 1.95
N PRO C 402 12.51 10.89 1.67
CA PRO C 402 13.94 10.67 1.93
C PRO C 402 14.23 10.61 3.42
N GLY C 403 15.43 10.13 3.74
CA GLY C 403 15.80 9.85 5.11
C GLY C 403 16.12 11.09 5.91
N LYS C 404 16.69 10.86 7.10
CA LYS C 404 16.98 11.94 8.06
C LYS C 404 17.92 12.98 7.48
N LEU C 405 18.85 12.54 6.66
CA LEU C 405 19.95 13.39 6.25
C LEU C 405 19.52 14.41 5.21
N ILE C 406 18.56 14.07 4.37
CA ILE C 406 18.09 15.02 3.36
C ILE C 406 17.08 16.00 3.96
N HIS C 407 16.28 15.56 4.94
CA HIS C 407 15.54 16.51 5.76
C HIS C 407 16.47 17.49 6.44
N ALA C 408 17.61 17.01 6.95
CA ALA C 408 18.57 17.87 7.62
C ALA C 408 19.17 18.88 6.65
N MET C 409 19.54 18.44 5.45
CA MET C 409 20.08 19.36 4.46
C MET C 409 19.02 20.31 3.92
N LYS C 410 17.75 19.97 4.03
CA LYS C 410 16.67 20.88 3.65
C LYS C 410 16.43 21.95 4.72
N GLN C 411 16.55 21.58 6.00
CA GLN C 411 16.30 22.52 7.09
C GLN C 411 17.28 23.67 7.09
N VAL C 412 18.58 23.38 7.08
CA VAL C 412 19.54 24.41 6.79
C VAL C 412 19.48 24.77 5.31
N GLY C 413 19.98 25.94 4.98
CA GLY C 413 19.87 26.39 3.61
C GLY C 413 21.12 26.27 2.78
N VAL C 414 22.21 25.77 3.35
CA VAL C 414 23.52 25.89 2.72
C VAL C 414 24.09 24.53 2.40
N ILE C 415 25.27 24.51 1.78
CA ILE C 415 25.89 23.25 1.36
C ILE C 415 26.95 22.78 2.34
N ASN C 416 27.37 23.63 3.28
CA ASN C 416 28.39 23.27 4.27
C ASN C 416 27.94 23.56 5.71
N PRO C 417 26.94 22.84 6.23
CA PRO C 417 26.56 23.10 7.61
C PRO C 417 27.40 22.25 8.54
N VAL C 418 27.20 22.36 9.84
CA VAL C 418 27.71 21.37 10.78
C VAL C 418 26.55 20.50 11.21
N ILE C 419 26.80 19.22 11.36
CA ILE C 419 25.74 18.26 11.66
C ILE C 419 26.25 17.34 12.75
N LEU C 420 25.53 17.30 13.86
CA LEU C 420 25.89 16.50 15.02
C LEU C 420 25.11 15.19 15.01
N LEU C 421 25.80 14.07 14.96
CA LEU C 421 25.16 12.77 14.92
C LEU C 421 25.29 12.14 16.30
N ASP C 422 24.35 12.43 17.18
CA ASP C 422 24.48 12.00 18.57
C ASP C 422 24.25 10.52 18.74
N GLU C 423 25.05 9.92 19.61
CA GLU C 423 24.90 8.56 20.12
C GLU C 423 24.98 7.53 19.00
N ILE C 424 26.14 7.51 18.34
CA ILE C 424 26.33 6.56 17.25
C ILE C 424 26.61 5.17 17.80
N ASP C 425 26.98 5.03 19.07
CA ASP C 425 27.18 3.71 19.63
C ASP C 425 25.89 3.08 20.12
N LYS C 426 24.77 3.77 19.97
CA LYS C 426 23.48 3.27 20.42
C LYS C 426 22.63 2.70 19.30
N MET C 427 23.14 2.67 18.08
CA MET C 427 22.39 2.06 16.99
C MET C 427 22.32 0.55 17.18
N SER C 428 21.21 -0.03 16.77
CA SER C 428 20.91 -1.43 17.05
C SER C 428 21.00 -2.25 15.78
N SER C 429 21.66 -3.41 15.89
CA SER C 429 21.73 -4.38 14.82
C SER C 429 20.97 -5.62 15.24
N ASP C 430 19.90 -5.93 14.54
CA ASP C 430 19.03 -7.04 14.90
C ASP C 430 18.43 -7.64 13.63
N TRP C 431 17.36 -8.41 13.80
CA TRP C 431 16.61 -8.91 12.66
C TRP C 431 15.82 -7.80 11.98
N ARG C 432 15.49 -6.75 12.72
CA ARG C 432 14.64 -5.69 12.18
C ARG C 432 15.40 -4.84 11.16
N GLY C 433 16.67 -4.58 11.41
CA GLY C 433 17.45 -3.82 10.45
C GLY C 433 18.90 -3.74 10.87
N ASP C 434 19.68 -3.04 10.05
CA ASP C 434 21.10 -2.83 10.32
C ASP C 434 21.53 -1.52 9.68
N PRO C 435 21.35 -0.40 10.38
CA PRO C 435 21.64 0.91 9.78
C PRO C 435 23.11 1.27 9.72
N ALA C 436 24.00 0.49 10.31
CA ALA C 436 25.42 0.79 10.20
C ALA C 436 25.93 0.57 8.78
N SER C 437 25.40 -0.44 8.09
CA SER C 437 25.80 -0.70 6.72
C SER C 437 25.33 0.38 5.78
N ALA C 438 24.22 1.04 6.09
CA ALA C 438 23.79 2.21 5.34
C ALA C 438 24.56 3.45 5.73
N MET C 439 25.03 3.53 6.97
CA MET C 439 25.81 4.66 7.42
C MET C 439 27.22 4.64 6.84
N LEU C 440 27.70 3.46 6.43
CA LEU C 440 29.04 3.32 5.84
C LEU C 440 29.27 4.20 4.62
N GLU C 441 28.24 4.43 3.81
CA GLU C 441 28.43 5.27 2.63
C GLU C 441 28.17 6.74 2.89
N VAL C 442 27.64 7.09 4.06
CA VAL C 442 27.58 8.50 4.43
C VAL C 442 28.93 8.97 4.92
N LEU C 443 29.50 8.26 5.87
CA LEU C 443 30.74 8.68 6.50
C LEU C 443 31.91 7.90 5.90
N ASP C 444 32.09 8.06 4.60
CA ASP C 444 33.21 7.44 3.88
C ASP C 444 33.99 8.57 3.28
N PRO C 445 35.20 8.88 3.80
CA PRO C 445 35.85 10.15 3.44
C PRO C 445 36.22 10.27 1.98
N GLU C 446 36.39 9.16 1.27
CA GLU C 446 36.81 9.23 -0.11
C GLU C 446 35.65 9.35 -1.07
N GLN C 447 34.59 8.57 -0.90
CA GLN C 447 33.56 8.61 -1.92
C GLN C 447 32.64 9.80 -1.69
N ASN C 448 31.66 9.69 -0.79
CA ASN C 448 31.01 10.79 -0.08
C ASN C 448 30.35 11.89 -0.90
N ASN C 449 30.55 11.92 -2.21
CA ASN C 449 30.07 13.04 -3.00
C ASN C 449 29.13 12.58 -4.10
N THR C 450 28.95 11.29 -4.23
CA THR C 450 27.91 10.66 -5.02
C THR C 450 26.99 9.87 -4.11
N PHE C 451 26.66 10.42 -2.95
CA PHE C 451 25.69 9.80 -2.05
C PHE C 451 24.30 9.86 -2.67
N THR C 452 23.67 8.70 -2.80
CA THR C 452 22.37 8.58 -3.45
C THR C 452 21.32 8.11 -2.45
N ASP C 453 20.19 8.80 -2.41
CA ASP C 453 19.02 8.29 -1.73
C ASP C 453 18.41 7.14 -2.50
N HIS C 454 17.39 6.55 -1.90
CA HIS C 454 16.47 5.77 -2.68
C HIS C 454 15.26 6.58 -3.10
N TYR C 455 14.98 7.69 -2.43
CA TYR C 455 13.91 8.56 -2.91
C TYR C 455 14.40 9.41 -4.07
N LEU C 456 15.38 10.26 -3.82
CA LEU C 456 16.05 10.96 -4.91
C LEU C 456 16.90 9.96 -5.66
N ASP C 457 16.74 9.90 -6.97
CA ASP C 457 17.61 9.00 -7.73
C ASP C 457 18.91 9.65 -8.14
N VAL C 458 19.13 10.91 -7.80
CA VAL C 458 20.29 11.64 -8.29
C VAL C 458 21.43 11.53 -7.28
N PRO C 459 22.68 11.62 -7.72
CA PRO C 459 23.79 11.69 -6.77
C PRO C 459 23.88 13.05 -6.12
N TYR C 460 24.08 13.05 -4.81
CA TYR C 460 24.09 14.28 -4.03
C TYR C 460 25.42 14.40 -3.30
N ASP C 461 25.92 15.62 -3.21
CA ASP C 461 27.28 15.91 -2.76
C ASP C 461 27.24 16.25 -1.28
N LEU C 462 27.76 15.35 -0.46
CA LEU C 462 27.92 15.61 0.97
C LEU C 462 29.39 15.49 1.29
N SER C 463 30.16 16.50 0.95
CA SER C 463 31.57 16.46 1.27
C SER C 463 32.06 17.80 1.80
N LYS C 464 31.19 18.80 1.85
CA LYS C 464 31.51 20.06 2.48
C LYS C 464 30.93 20.15 3.88
N VAL C 465 30.22 19.13 4.32
CA VAL C 465 29.52 19.13 5.59
C VAL C 465 30.44 18.60 6.68
N PHE C 466 30.42 19.30 7.82
CA PHE C 466 31.38 19.13 8.91
C PHE C 466 30.75 18.22 9.95
N PHE C 467 30.94 16.92 9.80
CA PHE C 467 30.28 15.97 10.69
C PHE C 467 30.97 15.92 12.05
N ILE C 468 30.19 16.11 13.11
CA ILE C 468 30.61 15.83 14.48
C ILE C 468 29.81 14.63 14.95
N THR C 469 30.44 13.72 15.67
CA THR C 469 29.77 12.56 16.19
C THR C 469 30.12 12.44 17.67
N THR C 470 29.17 11.97 18.48
CA THR C 470 29.42 11.76 19.90
C THR C 470 29.16 10.30 20.25
N ALA C 471 29.91 9.81 21.23
CA ALA C 471 29.68 8.46 21.76
C ALA C 471 30.22 8.40 23.18
N ASN C 472 29.90 7.32 23.87
CA ASN C 472 30.41 7.08 25.22
C ASN C 472 31.50 6.04 25.27
N THR C 473 31.34 4.95 24.50
CA THR C 473 32.36 3.92 24.41
C THR C 473 32.56 3.56 22.96
N LEU C 474 33.72 2.98 22.66
CA LEU C 474 34.05 2.58 21.30
C LEU C 474 33.76 1.10 21.04
N GLN C 475 33.37 0.34 22.06
CA GLN C 475 33.32 -1.10 21.93
C GLN C 475 32.11 -1.57 21.15
N THR C 476 31.08 -0.74 20.99
CA THR C 476 29.87 -1.15 20.27
C THR C 476 29.74 -0.46 18.93
N ILE C 477 30.82 0.07 18.38
CA ILE C 477 30.85 0.59 17.03
C ILE C 477 31.47 -0.49 16.13
N PRO C 478 30.88 -0.80 14.99
CA PRO C 478 31.50 -1.77 14.07
C PRO C 478 32.78 -1.21 13.48
N ARG C 479 33.74 -2.11 13.27
CA ARG C 479 35.09 -1.77 12.83
C ARG C 479 35.21 -1.06 11.48
N PRO C 480 34.48 -1.43 10.41
CA PRO C 480 34.55 -0.61 9.19
C PRO C 480 33.96 0.77 9.35
N LEU C 481 33.07 0.97 10.30
CA LEU C 481 32.60 2.32 10.59
C LEU C 481 33.53 3.03 11.53
N LEU C 482 34.21 2.30 12.41
CA LEU C 482 35.07 2.93 13.40
C LEU C 482 36.36 3.45 12.77
N ASP C 483 36.94 2.72 11.82
CA ASP C 483 38.23 3.18 11.32
C ASP C 483 38.14 4.32 10.31
N ARG C 484 36.95 4.84 10.02
CA ARG C 484 36.82 6.00 9.16
C ARG C 484 36.78 7.31 9.94
N MET C 485 36.60 7.26 11.25
CA MET C 485 36.43 8.43 12.07
C MET C 485 37.68 8.72 12.87
N GLU C 486 37.93 9.99 13.13
CA GLU C 486 39.02 10.41 14.00
C GLU C 486 38.54 10.51 15.44
N VAL C 487 39.26 9.86 16.35
CA VAL C 487 38.86 9.79 17.75
C VAL C 487 39.52 10.92 18.53
N ILE C 488 38.71 11.76 19.16
CA ILE C 488 39.17 12.72 20.14
C ILE C 488 38.55 12.34 21.47
N GLU C 489 39.38 12.09 22.47
CA GLU C 489 38.88 11.67 23.76
C GLU C 489 38.70 12.86 24.68
N ILE C 490 37.68 12.78 25.52
CA ILE C 490 37.33 13.84 26.45
C ILE C 490 37.47 13.28 27.86
N PRO C 491 38.37 13.80 28.68
CA PRO C 491 38.78 13.11 29.90
C PRO C 491 37.74 12.98 31.02
N GLY C 492 37.16 14.08 31.49
CA GLY C 492 36.38 14.03 32.71
C GLY C 492 37.02 14.90 33.77
N TYR C 493 36.24 15.42 34.70
CA TYR C 493 36.71 16.55 35.49
C TYR C 493 37.10 16.15 36.90
N THR C 494 38.08 16.88 37.44
CA THR C 494 38.45 16.79 38.84
C THR C 494 37.56 17.75 39.63
N ASN C 495 37.74 17.79 40.95
CA ASN C 495 36.87 18.65 41.74
C ASN C 495 37.26 20.11 41.65
N MET C 496 38.53 20.42 41.38
CA MET C 496 38.90 21.81 41.18
C MET C 496 38.32 22.34 39.88
N GLU C 497 38.32 21.51 38.84
CA GLU C 497 37.69 21.89 37.58
C GLU C 497 36.19 22.02 37.73
N LYS C 498 35.54 21.11 38.46
CA LYS C 498 34.11 21.22 38.67
C LYS C 498 33.75 22.45 39.49
N GLN C 499 34.58 22.81 40.46
CA GLN C 499 34.32 24.00 41.24
C GLN C 499 34.50 25.27 40.42
N ALA C 500 35.51 25.29 39.54
CA ALA C 500 35.70 26.46 38.69
C ALA C 500 34.60 26.58 37.63
N ILE C 501 34.14 25.45 37.09
CA ILE C 501 33.03 25.46 36.16
C ILE C 501 31.76 25.97 36.84
N ALA C 502 31.47 25.49 38.05
CA ALA C 502 30.26 25.93 38.72
C ALA C 502 30.35 27.39 39.16
N ARG C 503 31.55 27.89 39.44
CA ARG C 503 31.65 29.30 39.78
C ARG C 503 31.54 30.21 38.56
N GLN C 504 32.13 29.82 37.44
CA GLN C 504 32.23 30.75 36.33
C GLN C 504 31.12 30.60 35.30
N TYR C 505 30.51 29.43 35.17
CA TYR C 505 29.55 29.19 34.10
C TYR C 505 28.18 28.77 34.59
N LEU C 506 28.11 27.78 35.49
CA LEU C 506 26.82 27.14 35.78
C LEU C 506 25.95 28.00 36.68
N TRP C 507 26.50 28.55 37.74
CA TRP C 507 25.72 29.31 38.69
C TRP C 507 25.19 30.67 38.21
N PRO C 508 25.94 31.50 37.47
CA PRO C 508 25.30 32.73 36.94
C PRO C 508 24.18 32.47 35.96
N LYS C 509 24.30 31.42 35.15
CA LYS C 509 23.23 31.06 34.24
C LYS C 509 21.98 30.62 34.99
N GLN C 510 22.14 29.84 36.06
CA GLN C 510 20.98 29.41 36.83
C GLN C 510 20.39 30.55 37.64
N VAL C 511 21.20 31.55 37.98
CA VAL C 511 20.64 32.75 38.60
C VAL C 511 19.78 33.51 37.60
N ARG C 512 20.33 33.77 36.40
CA ARG C 512 19.61 34.62 35.44
C ARG C 512 18.36 33.93 34.89
N GLU C 513 18.40 32.61 34.68
CA GLU C 513 17.24 31.96 34.09
C GLU C 513 16.08 31.86 35.06
N SER C 514 16.34 31.95 36.36
CA SER C 514 15.30 31.75 37.35
C SER C 514 14.80 33.05 37.94
N GLY C 515 15.09 34.19 37.30
CA GLY C 515 14.53 35.46 37.72
C GLY C 515 15.25 36.14 38.85
N MET C 516 15.93 35.39 39.70
CA MET C 516 16.73 35.99 40.75
C MET C 516 17.95 36.67 40.15
N GLU C 517 18.56 37.55 40.93
CA GLU C 517 19.68 38.38 40.51
C GLU C 517 20.58 38.55 41.71
N GLY C 518 21.36 39.63 41.75
CA GLY C 518 22.33 39.84 42.81
C GLY C 518 21.74 40.05 44.20
N ARG C 519 21.00 39.03 44.65
CA ARG C 519 20.31 38.99 45.93
C ARG C 519 20.40 37.60 46.55
N ILE C 520 21.14 36.69 45.92
CA ILE C 520 21.33 35.32 46.41
C ILE C 520 22.70 34.85 45.94
N GLU C 521 23.42 34.18 46.84
CA GLU C 521 24.78 33.72 46.54
C GLU C 521 25.04 32.38 47.19
N VAL C 522 26.09 31.72 46.72
CA VAL C 522 26.64 30.53 47.35
C VAL C 522 28.11 30.78 47.61
N THR C 523 28.68 29.96 48.49
CA THR C 523 30.09 30.01 48.79
C THR C 523 30.75 28.73 48.31
N ASP C 524 32.09 28.74 48.33
CA ASP C 524 32.85 27.63 47.74
C ASP C 524 32.70 26.36 48.55
N ALA C 525 32.54 26.48 49.87
CA ALA C 525 32.28 25.32 50.70
C ALA C 525 30.94 24.69 50.36
N ALA C 526 29.95 25.50 49.99
CA ALA C 526 28.67 24.97 49.56
C ALA C 526 28.78 24.25 48.22
N ILE C 527 29.66 24.74 47.34
CA ILE C 527 29.89 24.06 46.06
C ILE C 527 30.51 22.69 46.30
N LEU C 528 31.53 22.63 47.16
CA LEU C 528 32.14 21.34 47.49
C LEU C 528 31.15 20.41 48.17
N ARG C 529 30.26 20.97 49.00
CA ARG C 529 29.24 20.16 49.67
C ARG C 529 28.28 19.55 48.67
N VAL C 530 27.81 20.34 47.70
CA VAL C 530 26.88 19.84 46.70
C VAL C 530 27.54 18.78 45.82
N ILE C 531 28.80 19.02 45.42
CA ILE C 531 29.52 18.08 44.56
C ILE C 531 29.74 16.75 45.28
N SER C 532 30.28 16.80 46.49
CA SER C 532 30.64 15.57 47.16
C SER C 532 29.43 14.85 47.74
N GLU C 533 28.33 15.54 47.98
CA GLU C 533 27.29 14.97 48.79
C GLU C 533 25.98 14.72 48.05
N TYR C 534 25.67 15.48 47.01
CA TYR C 534 24.38 15.38 46.36
C TYR C 534 24.44 14.93 44.91
N THR C 535 25.61 14.55 44.39
CA THR C 535 25.71 14.12 43.01
C THR C 535 26.85 13.12 42.87
N ARG C 536 26.73 12.25 41.88
CA ARG C 536 27.64 11.12 41.69
C ARG C 536 27.83 10.96 40.18
N GLU C 537 28.86 11.60 39.64
CA GLU C 537 29.02 11.68 38.20
C GLU C 537 30.44 12.09 37.86
N ALA C 538 30.77 12.01 36.57
CA ALA C 538 31.99 12.57 36.03
C ALA C 538 31.77 13.85 35.25
N GLY C 539 30.52 14.16 34.90
CA GLY C 539 30.19 15.39 34.22
C GLY C 539 29.60 16.41 35.16
N VAL C 540 28.81 17.32 34.60
CA VAL C 540 28.21 18.40 35.38
C VAL C 540 26.72 18.54 35.12
N ARG C 541 26.03 17.48 34.72
CA ARG C 541 24.57 17.54 34.62
C ARG C 541 23.93 17.66 36.00
N GLY C 542 24.33 16.77 36.92
CA GLY C 542 23.72 16.76 38.23
C GLY C 542 24.05 17.99 39.04
N LEU C 543 25.26 18.51 38.88
CA LEU C 543 25.65 19.74 39.57
C LEU C 543 24.82 20.91 39.10
N GLU C 544 24.56 20.99 37.80
CA GLU C 544 23.73 22.04 37.25
C GLU C 544 22.30 21.93 37.74
N ARG C 545 21.79 20.70 37.84
CA ARG C 545 20.43 20.49 38.31
C ARG C 545 20.27 20.87 39.78
N GLU C 546 21.27 20.57 40.61
CA GLU C 546 21.17 20.92 42.03
C GLU C 546 21.28 22.43 42.25
N LEU C 547 22.18 23.09 41.51
CA LEU C 547 22.25 24.55 41.58
C LEU C 547 20.97 25.20 41.09
N GLY C 548 20.32 24.59 40.10
CA GLY C 548 19.04 25.10 39.66
C GLY C 548 17.94 24.93 40.70
N LYS C 549 17.96 23.83 41.44
CA LYS C 549 16.98 23.65 42.51
C LYS C 549 17.16 24.66 43.62
N ILE C 550 18.41 24.97 43.96
CA ILE C 550 18.70 26.03 44.94
C ILE C 550 18.18 27.38 44.46
N ALA C 551 18.38 27.68 43.17
CA ALA C 551 17.92 28.96 42.64
C ALA C 551 16.40 29.08 42.62
N ARG C 552 15.71 28.01 42.23
CA ARG C 552 14.26 28.06 42.17
C ARG C 552 13.63 28.13 43.55
N LYS C 553 14.22 27.42 44.53
CA LYS C 553 13.69 27.51 45.87
C LYS C 553 13.96 28.86 46.51
N GLY C 554 15.09 29.49 46.17
CA GLY C 554 15.30 30.87 46.56
C GLY C 554 14.31 31.82 45.93
N ALA C 555 13.89 31.53 44.69
CA ALA C 555 12.86 32.34 44.05
C ALA C 555 11.53 32.22 44.77
N LYS C 556 11.18 31.02 45.22
CA LYS C 556 9.94 30.86 45.98
C LYS C 556 10.00 31.57 47.32
N PHE C 557 11.15 31.49 48.01
CA PHE C 557 11.30 32.22 49.27
C PHE C 557 11.29 33.72 49.06
N TRP C 558 11.76 34.20 47.90
CA TRP C 558 11.66 35.63 47.62
C TRP C 558 10.22 36.04 47.35
N LEU C 559 9.47 35.18 46.67
CA LEU C 559 8.11 35.56 46.31
C LEU C 559 7.16 35.42 47.48
N GLU C 560 7.53 34.66 48.51
CA GLU C 560 6.74 34.63 49.73
C GLU C 560 7.16 35.74 50.70
N GLY C 561 8.40 35.73 51.13
CA GLY C 561 8.94 36.75 52.01
C GLY C 561 9.55 37.90 51.25
N ALA C 562 10.58 38.51 51.84
CA ALA C 562 11.45 39.49 51.21
C ALA C 562 12.67 39.67 52.10
N TRP C 563 13.74 40.19 51.49
CA TRP C 563 14.92 40.58 52.25
C TRP C 563 15.62 41.67 51.45
N GLU C 564 16.71 42.18 52.02
CA GLU C 564 17.47 43.25 51.38
C GLU C 564 18.93 42.85 51.29
N GLY C 565 19.56 43.21 50.18
CA GLY C 565 20.95 42.84 49.96
C GLY C 565 21.05 41.41 49.49
N LEU C 566 22.15 40.75 49.82
CA LEU C 566 22.33 39.37 49.43
C LEU C 566 21.70 38.43 50.47
N ARG C 567 21.85 37.13 50.21
CA ARG C 567 21.55 36.10 51.19
C ARG C 567 22.51 34.96 50.89
N THR C 568 23.66 34.97 51.55
CA THR C 568 24.69 33.99 51.24
C THR C 568 24.37 32.66 51.89
N ILE C 569 24.59 31.59 51.14
CA ILE C 569 24.29 30.23 51.57
C ILE C 569 25.60 29.52 51.84
N ASP C 570 25.72 28.90 53.00
CA ASP C 570 26.90 28.15 53.35
C ASP C 570 26.59 26.65 53.33
N ALA C 571 27.55 25.85 53.77
CA ALA C 571 27.38 24.40 53.74
C ALA C 571 26.34 23.93 54.74
N SER C 572 26.10 24.70 55.79
CA SER C 572 25.10 24.32 56.77
C SER C 572 23.69 24.50 56.23
N ASP C 573 23.51 25.42 55.29
CA ASP C 573 22.19 25.72 54.77
C ASP C 573 21.79 24.81 53.62
N ILE C 574 22.70 23.99 53.12
CA ILE C 574 22.40 23.16 51.94
C ILE C 574 21.28 22.14 52.15
N PRO C 575 21.19 21.41 53.29
CA PRO C 575 20.03 20.53 53.44
C PRO C 575 18.70 21.25 53.58
N THR C 576 18.69 22.53 53.94
CA THR C 576 17.43 23.25 53.97
C THR C 576 16.90 23.55 52.58
N TYR C 577 17.76 23.59 51.57
CA TYR C 577 17.36 23.84 50.20
C TYR C 577 17.25 22.57 49.37
N LEU C 578 18.16 21.62 49.54
CA LEU C 578 18.17 20.43 48.71
C LEU C 578 17.55 19.22 49.39
N GLY C 579 17.81 19.00 50.69
CA GLY C 579 17.15 17.96 51.44
C GLY C 579 18.13 16.96 52.01
N ILE C 580 17.67 15.72 52.11
CA ILE C 580 18.47 14.62 52.68
C ILE C 580 19.58 14.27 51.69
N PRO C 581 20.82 14.13 52.16
CA PRO C 581 21.93 13.78 51.26
C PRO C 581 21.75 12.41 50.63
N ARG C 582 21.94 12.36 49.31
CA ARG C 582 21.67 11.13 48.58
C ARG C 582 22.84 10.16 48.63
N TYR C 583 24.06 10.67 48.68
CA TYR C 583 25.24 9.82 48.55
C TYR C 583 26.17 10.08 49.72
N ARG C 584 27.16 9.22 49.84
CA ARG C 584 28.24 9.39 50.78
C ARG C 584 29.55 9.07 50.08
N PRO C 585 30.57 9.89 50.25
CA PRO C 585 31.78 9.77 49.44
C PRO C 585 32.64 8.60 49.90
N ASP C 586 33.58 8.22 49.03
CA ASP C 586 34.49 7.14 49.33
C ASP C 586 35.49 7.56 50.39
N LYS C 587 35.84 6.62 51.26
CA LYS C 587 36.73 6.89 52.38
C LYS C 587 37.86 5.89 52.39
N ALA C 588 39.08 6.41 52.46
CA ALA C 588 40.23 5.59 52.74
C ALA C 588 40.13 5.06 54.16
N GLU C 589 40.62 3.85 54.37
CA GLU C 589 40.67 3.27 55.70
C GLU C 589 42.07 3.42 56.28
N THR C 590 42.18 3.21 57.57
CA THR C 590 43.42 3.51 58.26
C THR C 590 44.10 2.30 58.88
N GLU C 591 43.40 1.28 59.24
CA GLU C 591 44.10 0.25 59.96
C GLU C 591 44.48 -0.88 59.03
N PRO C 592 45.59 -1.56 59.30
CA PRO C 592 45.87 -2.80 58.59
C PRO C 592 44.94 -3.91 59.06
N GLN C 593 44.27 -4.54 58.10
CA GLN C 593 43.34 -5.63 58.35
C GLN C 593 43.93 -6.93 57.83
N VAL C 594 43.49 -8.03 58.41
CA VAL C 594 43.86 -9.35 57.92
C VAL C 594 42.87 -9.75 56.82
N GLY C 595 43.39 -9.98 55.63
CA GLY C 595 42.59 -10.57 54.58
C GLY C 595 41.87 -9.60 53.68
N THR C 596 42.28 -8.34 53.64
CA THR C 596 41.68 -7.37 52.73
C THR C 596 42.78 -6.63 51.99
N ALA C 597 42.37 -5.95 50.93
CA ALA C 597 43.27 -5.09 50.17
C ALA C 597 42.44 -4.07 49.44
N GLN C 598 43.02 -2.89 49.24
CA GLN C 598 42.35 -1.80 48.56
C GLN C 598 42.62 -1.87 47.07
N GLY C 599 41.56 -1.80 46.26
CA GLY C 599 41.71 -1.83 44.82
C GLY C 599 40.98 -0.67 44.19
N LEU C 600 41.23 -0.48 42.90
CA LEU C 600 40.69 0.63 42.14
C LEU C 600 39.89 0.10 40.97
N ALA C 601 38.79 0.75 40.65
CA ALA C 601 37.94 0.31 39.56
C ALA C 601 37.61 1.48 38.64
N TRP C 602 37.27 1.13 37.41
CA TRP C 602 36.88 2.09 36.39
C TRP C 602 35.41 1.86 36.07
N THR C 603 34.60 2.89 36.21
CA THR C 603 33.19 2.84 35.88
C THR C 603 32.94 3.89 34.80
N PRO C 604 31.86 3.78 34.03
CA PRO C 604 31.52 4.85 33.08
C PRO C 604 31.00 6.12 33.71
N VAL C 605 30.92 6.19 35.04
CA VAL C 605 30.54 7.39 35.76
C VAL C 605 31.71 8.01 36.50
N GLY C 606 32.87 7.37 36.48
CA GLY C 606 34.05 7.84 37.19
C GLY C 606 34.84 6.67 37.72
N GLY C 607 35.87 6.91 38.51
CA GLY C 607 36.59 5.82 39.14
C GLY C 607 36.13 5.61 40.57
N THR C 608 36.18 4.37 41.01
CA THR C 608 35.74 4.03 42.36
C THR C 608 36.82 3.22 43.05
N LEU C 609 36.68 3.12 44.36
CA LEU C 609 37.48 2.21 45.16
C LEU C 609 36.69 0.94 45.39
N LEU C 610 37.38 -0.20 45.35
CA LEU C 610 36.75 -1.47 45.68
C LEU C 610 37.64 -2.25 46.62
N THR C 611 37.05 -2.74 47.70
CA THR C 611 37.74 -3.58 48.66
C THR C 611 37.52 -5.03 48.29
N ILE C 612 38.57 -5.84 48.40
CA ILE C 612 38.48 -7.27 48.17
C ILE C 612 38.70 -7.98 49.50
N GLU C 613 37.76 -8.83 49.88
CA GLU C 613 37.78 -9.52 51.17
C GLU C 613 37.93 -11.01 50.96
N VAL C 614 38.74 -11.65 51.80
CA VAL C 614 39.05 -13.07 51.69
C VAL C 614 38.99 -13.68 53.07
N ALA C 615 38.28 -14.81 53.21
CA ALA C 615 38.26 -15.59 54.43
C ALA C 615 38.82 -16.97 54.17
N ALA C 616 39.52 -17.51 55.15
CA ALA C 616 40.11 -18.84 55.06
C ALA C 616 39.68 -19.65 56.26
N VAL C 617 38.84 -20.65 56.03
CA VAL C 617 38.22 -21.44 57.08
C VAL C 617 38.66 -22.88 56.87
N PRO C 618 38.52 -23.76 57.87
CA PRO C 618 38.81 -25.18 57.63
C PRO C 618 37.87 -25.81 56.61
N GLY C 619 38.40 -26.75 55.86
CA GLY C 619 37.60 -27.41 54.84
C GLY C 619 38.44 -28.33 53.99
N SER C 620 37.91 -28.67 52.83
CA SER C 620 38.66 -29.36 51.79
C SER C 620 39.22 -28.31 50.84
N GLY C 621 39.71 -28.70 49.68
CA GLY C 621 40.20 -27.67 48.79
C GLY C 621 39.09 -27.09 47.95
N LYS C 622 38.61 -25.90 48.32
CA LYS C 622 37.45 -25.32 47.67
C LYS C 622 37.74 -23.83 47.44
N LEU C 623 37.07 -23.24 46.46
CA LEU C 623 37.26 -21.82 46.17
C LEU C 623 35.93 -21.24 45.73
N SER C 624 35.34 -20.41 46.58
CA SER C 624 34.10 -19.72 46.26
C SER C 624 34.40 -18.29 45.87
N LEU C 625 33.71 -17.79 44.85
CA LEU C 625 33.99 -16.49 44.26
C LEU C 625 32.69 -15.73 44.10
N THR C 626 32.31 -14.93 45.10
CA THR C 626 31.03 -14.26 45.08
C THR C 626 31.18 -12.74 44.97
N GLY C 627 30.11 -12.10 44.55
CA GLY C 627 30.08 -10.66 44.41
C GLY C 627 29.77 -10.25 42.98
N GLN C 628 29.12 -11.15 42.25
CA GLN C 628 28.76 -11.00 40.83
C GLN C 628 29.99 -10.76 39.97
N LEU C 629 30.95 -11.66 40.07
CA LEU C 629 32.19 -11.52 39.31
C LEU C 629 32.06 -12.17 37.95
N GLY C 630 32.70 -11.57 36.95
CA GLY C 630 32.72 -12.11 35.62
C GLY C 630 33.75 -13.20 35.47
N GLU C 631 33.87 -13.71 34.25
CA GLU C 631 34.71 -14.89 34.02
C GLU C 631 36.20 -14.55 34.04
N VAL C 632 36.57 -13.39 33.52
CA VAL C 632 37.97 -12.99 33.48
C VAL C 632 38.49 -12.76 34.89
N MET C 633 37.65 -12.24 35.76
CA MET C 633 38.07 -11.96 37.12
C MET C 633 38.21 -13.23 37.94
N LYS C 634 37.37 -14.23 37.66
CA LYS C 634 37.52 -15.52 38.29
C LYS C 634 38.81 -16.21 37.83
N GLU C 635 39.15 -16.07 36.55
CA GLU C 635 40.41 -16.63 36.08
C GLU C 635 41.62 -15.91 36.64
N SER C 636 41.49 -14.61 36.92
CA SER C 636 42.56 -13.88 37.61
C SER C 636 42.76 -14.40 39.02
N ALA C 637 41.66 -14.71 39.71
CA ALA C 637 41.76 -15.27 41.05
C ALA C 637 42.44 -16.63 41.05
N GLN C 638 42.11 -17.46 40.06
CA GLN C 638 42.73 -18.77 39.99
C GLN C 638 44.21 -18.69 39.63
N ALA C 639 44.59 -17.70 38.80
CA ALA C 639 46.00 -17.51 38.47
C ALA C 639 46.79 -17.07 39.70
N ALA C 640 46.23 -16.16 40.50
CA ALA C 640 46.91 -15.73 41.72
C ALA C 640 47.04 -16.85 42.73
N LEU C 641 46.01 -17.69 42.87
CA LEU C 641 46.12 -18.81 43.81
C LEU C 641 47.12 -19.86 43.33
N THR C 642 47.21 -20.08 42.02
CA THR C 642 48.19 -21.04 41.51
C THR C 642 49.61 -20.51 41.64
N TYR C 643 49.79 -19.19 41.57
CA TYR C 643 51.10 -18.64 41.90
C TYR C 643 51.44 -18.87 43.36
N LEU C 644 50.49 -18.66 44.27
CA LEU C 644 50.81 -18.80 45.68
C LEU C 644 50.98 -20.24 46.12
N ARG C 645 50.38 -21.21 45.41
CA ARG C 645 50.59 -22.60 45.77
C ARG C 645 51.97 -23.11 45.39
N ALA C 646 52.66 -22.44 44.48
CA ALA C 646 53.98 -22.86 44.06
C ALA C 646 55.10 -22.20 44.85
N HIS C 647 54.78 -21.28 45.74
CA HIS C 647 55.78 -20.50 46.45
C HIS C 647 55.44 -20.40 47.92
N THR C 648 55.07 -21.53 48.53
CA THR C 648 54.64 -21.49 49.92
C THR C 648 55.79 -21.28 50.89
N GLN C 649 57.02 -21.56 50.48
CA GLN C 649 58.15 -21.34 51.37
C GLN C 649 58.48 -19.86 51.49
N ASP C 650 58.24 -19.09 50.44
CA ASP C 650 58.73 -17.73 50.39
C ASP C 650 57.89 -16.76 51.19
N TYR C 651 56.67 -17.12 51.55
CA TYR C 651 55.77 -16.16 52.17
C TYR C 651 55.19 -16.64 53.49
N GLY C 652 55.66 -17.76 54.03
CA GLY C 652 55.17 -18.22 55.31
C GLY C 652 53.78 -18.78 55.28
N LEU C 653 53.34 -19.27 54.13
CA LEU C 653 52.04 -19.89 54.00
C LEU C 653 52.07 -21.27 54.63
N PRO C 654 50.91 -21.81 55.02
CA PRO C 654 50.88 -23.20 55.47
C PRO C 654 51.23 -24.14 54.32
N GLU C 655 51.95 -25.21 54.66
CA GLU C 655 52.54 -26.06 53.64
C GLU C 655 51.52 -26.91 52.90
N ASP C 656 50.31 -27.07 53.42
CA ASP C 656 49.34 -27.96 52.80
C ASP C 656 47.95 -27.34 52.80
N PHE C 657 47.85 -26.08 52.42
CA PHE C 657 46.53 -25.47 52.44
C PHE C 657 45.67 -25.87 51.25
N TYR C 658 46.20 -26.61 50.29
CA TYR C 658 45.38 -27.01 49.16
C TYR C 658 44.43 -28.14 49.50
N ASN C 659 44.63 -28.82 50.64
CA ASN C 659 43.72 -29.84 51.10
C ASN C 659 42.92 -29.43 52.31
N LYS C 660 43.26 -28.34 52.97
CA LYS C 660 42.77 -28.11 54.31
C LYS C 660 41.97 -26.85 54.51
N VAL C 661 42.05 -25.86 53.62
CA VAL C 661 41.33 -24.62 53.83
C VAL C 661 40.37 -24.38 52.67
N ASP C 662 39.21 -23.83 53.00
CA ASP C 662 38.31 -23.26 52.01
C ASP C 662 38.60 -21.79 51.88
N LEU C 663 38.66 -21.29 50.66
CA LEU C 663 38.85 -19.88 50.42
C LEU C 663 37.56 -19.30 49.87
N HIS C 664 37.20 -18.12 50.34
CA HIS C 664 36.03 -17.42 49.84
C HIS C 664 36.42 -15.99 49.56
N VAL C 665 36.33 -15.57 48.31
CA VAL C 665 36.67 -14.23 47.90
C VAL C 665 35.37 -13.49 47.67
N HIS C 666 35.20 -12.36 48.35
CA HIS C 666 33.98 -11.58 48.23
C HIS C 666 34.35 -10.14 47.93
N VAL C 667 33.69 -9.54 46.95
CA VAL C 667 33.94 -8.17 46.56
C VAL C 667 32.65 -7.38 46.72
N PRO C 668 32.54 -6.59 47.78
CA PRO C 668 31.31 -5.80 47.99
C PRO C 668 31.22 -4.66 46.98
N ASP C 669 29.99 -4.27 46.62
CA ASP C 669 28.74 -4.81 47.13
C ASP C 669 28.18 -5.90 46.23
N GLY C 670 27.14 -6.56 46.71
CA GLY C 670 26.67 -7.76 46.05
C GLY C 670 25.84 -7.53 44.81
N ALA C 671 25.26 -6.35 44.65
CA ALA C 671 24.32 -6.15 43.57
C ALA C 671 24.97 -5.68 42.27
N THR C 672 26.20 -5.20 42.32
CA THR C 672 26.78 -4.55 41.15
C THR C 672 27.71 -5.50 40.42
N PRO C 673 27.50 -5.77 39.13
CA PRO C 673 28.34 -6.73 38.42
C PRO C 673 29.70 -6.16 38.05
N LYS C 674 30.74 -6.96 38.28
CA LYS C 674 32.13 -6.50 38.03
C LYS C 674 32.84 -7.50 37.11
N ASP C 675 33.80 -7.03 36.31
CA ASP C 675 34.53 -7.92 35.35
C ASP C 675 35.89 -7.30 35.02
N GLY C 676 36.76 -8.07 34.36
CA GLY C 676 38.08 -7.55 33.95
C GLY C 676 39.21 -8.13 34.78
N PRO C 677 40.45 -8.21 34.26
CA PRO C 677 41.56 -8.84 34.99
C PRO C 677 42.50 -7.86 35.71
N SER C 678 42.18 -6.56 35.70
CA SER C 678 43.11 -5.60 36.29
C SER C 678 43.29 -5.77 37.80
N ALA C 679 42.38 -6.50 38.44
CA ALA C 679 42.50 -6.75 39.87
C ALA C 679 43.49 -7.85 40.11
N GLY C 680 44.55 -8.74 39.72
CA GLY C 680 45.29 -9.92 40.12
C GLY C 680 46.23 -9.63 41.27
N ILE C 681 46.83 -8.45 41.29
CA ILE C 681 47.71 -8.04 42.37
C ILE C 681 46.94 -7.91 43.67
N THR C 682 45.76 -7.31 43.60
CA THR C 682 44.94 -7.10 44.79
C THR C 682 44.47 -8.43 45.36
N MET C 683 44.10 -9.38 44.50
CA MET C 683 43.69 -10.68 44.97
C MET C 683 44.84 -11.48 45.52
N ALA C 684 46.03 -11.35 44.93
CA ALA C 684 47.18 -12.07 45.47
C ALA C 684 47.56 -11.55 46.84
N THR C 685 47.48 -10.24 47.04
CA THR C 685 47.74 -9.64 48.34
C THR C 685 46.73 -10.09 49.38
N ALA C 686 45.44 -10.10 49.01
CA ALA C 686 44.41 -10.47 49.98
C ALA C 686 44.47 -11.95 50.33
N ILE C 687 44.72 -12.82 49.35
CA ILE C 687 44.80 -14.25 49.64
C ILE C 687 46.04 -14.56 50.47
N ALA C 688 47.17 -13.91 50.19
CA ALA C 688 48.37 -14.16 50.98
C ALA C 688 48.22 -13.64 52.40
N SER C 689 47.55 -12.51 52.56
CA SER C 689 47.30 -11.97 53.89
C SER C 689 46.37 -12.87 54.70
N ALA C 690 45.35 -13.41 54.06
CA ALA C 690 44.42 -14.26 54.79
C ALA C 690 44.99 -15.63 55.11
N LEU C 691 45.86 -16.16 54.26
CA LEU C 691 46.46 -17.45 54.58
C LEU C 691 47.57 -17.33 55.60
N SER C 692 48.38 -16.28 55.52
CA SER C 692 49.56 -16.18 56.36
C SER C 692 49.32 -15.46 57.67
N ARG C 693 48.11 -14.90 57.86
CA ARG C 693 47.67 -14.13 59.03
C ARG C 693 48.49 -12.86 59.24
N ARG C 694 49.07 -12.36 58.22
CA ARG C 694 49.75 -11.08 58.34
C ARG C 694 48.88 -9.98 57.76
N PRO C 695 48.68 -8.89 58.48
CA PRO C 695 47.76 -7.86 58.00
C PRO C 695 48.32 -7.10 56.81
N ALA C 696 47.43 -6.65 55.95
CA ALA C 696 47.80 -5.89 54.77
C ALA C 696 47.51 -4.43 55.01
N ARG C 697 48.42 -3.56 54.57
CA ARG C 697 48.25 -2.13 54.74
C ARG C 697 47.11 -1.63 53.86
N MET C 698 46.20 -0.87 54.44
CA MET C 698 45.01 -0.40 53.73
C MET C 698 45.12 1.04 53.28
N ASP C 699 46.26 1.69 53.48
CA ASP C 699 46.47 3.04 52.99
C ASP C 699 47.22 3.07 51.66
N ILE C 700 47.26 1.95 50.96
CA ILE C 700 47.95 1.82 49.68
C ILE C 700 46.96 1.20 48.70
N ALA C 701 46.62 1.94 47.66
CA ALA C 701 45.82 1.35 46.60
C ALA C 701 46.75 0.67 45.61
N MET C 702 46.21 -0.31 44.89
CA MET C 702 47.03 -1.05 43.95
C MET C 702 46.16 -1.54 42.82
N THR C 703 46.82 -1.90 41.72
CA THR C 703 46.16 -2.35 40.50
C THR C 703 47.20 -2.99 39.61
N GLY C 704 46.76 -3.89 38.75
CA GLY C 704 47.63 -4.57 37.81
C GLY C 704 47.34 -6.04 37.61
N GLU C 705 47.61 -6.52 36.41
CA GLU C 705 47.34 -7.90 36.03
C GLU C 705 48.51 -8.81 36.39
N VAL C 706 48.20 -9.96 36.97
CA VAL C 706 49.21 -10.93 37.34
C VAL C 706 49.23 -12.04 36.28
N SER C 707 50.38 -12.68 36.11
CA SER C 707 50.49 -13.87 35.29
C SER C 707 50.78 -15.06 36.19
N LEU C 708 51.06 -16.20 35.58
CA LEU C 708 51.24 -17.42 36.35
C LEU C 708 52.67 -17.57 36.86
N ARG C 709 53.63 -16.92 36.21
CA ARG C 709 55.00 -16.89 36.70
C ARG C 709 55.23 -15.85 37.76
N GLY C 710 54.29 -14.94 37.95
CA GLY C 710 54.46 -13.86 38.89
C GLY C 710 54.75 -12.51 38.27
N LYS C 711 54.72 -12.40 36.95
CA LYS C 711 54.96 -11.12 36.32
C LYS C 711 53.74 -10.23 36.46
N VAL C 712 53.97 -8.92 36.36
CA VAL C 712 52.92 -7.91 36.48
C VAL C 712 52.79 -7.21 35.14
N MET C 713 51.61 -7.20 34.59
CA MET C 713 51.36 -6.75 33.24
C MET C 713 50.53 -5.47 33.23
N PRO C 714 50.68 -4.61 32.23
CA PRO C 714 50.04 -3.29 32.28
C PRO C 714 48.54 -3.34 32.06
N ILE C 715 47.89 -2.25 32.46
CA ILE C 715 46.44 -2.15 32.49
C ILE C 715 45.95 -0.94 31.71
N GLY C 716 44.64 -0.73 31.72
CA GLY C 716 44.05 0.44 31.09
C GLY C 716 43.27 1.31 32.06
N GLY C 717 43.03 2.55 31.67
CA GLY C 717 42.27 3.49 32.48
C GLY C 717 43.00 3.97 33.72
N VAL C 718 44.23 4.43 33.56
CA VAL C 718 45.07 4.72 34.71
C VAL C 718 44.69 6.03 35.35
N LYS C 719 44.37 7.05 34.54
CA LYS C 719 44.18 8.39 35.09
C LYS C 719 42.88 8.51 35.87
N GLU C 720 41.83 7.78 35.48
CA GLU C 720 40.59 7.79 36.25
C GLU C 720 40.78 7.15 37.62
N LYS C 721 41.51 6.03 37.66
CA LYS C 721 41.74 5.34 38.91
C LYS C 721 42.61 6.17 39.85
N LEU C 722 43.64 6.82 39.32
CA LEU C 722 44.49 7.63 40.19
C LEU C 722 43.80 8.92 40.62
N LEU C 723 42.90 9.46 39.79
CA LEU C 723 42.10 10.60 40.21
C LEU C 723 41.17 10.23 41.36
N ALA C 724 40.51 9.07 41.27
CA ALA C 724 39.66 8.61 42.36
C ALA C 724 40.44 8.31 43.63
N ALA C 725 41.66 7.77 43.49
CA ALA C 725 42.46 7.48 44.67
C ALA C 725 42.95 8.74 45.35
N HIS C 726 43.25 9.79 44.57
CA HIS C 726 43.65 11.04 45.18
C HIS C 726 42.48 11.73 45.85
N GLN C 727 41.31 11.68 45.24
CA GLN C 727 40.16 12.34 45.84
C GLN C 727 39.58 11.58 47.03
N ALA C 728 39.89 10.30 47.17
CA ALA C 728 39.41 9.58 48.35
C ALA C 728 40.32 9.71 49.56
N GLY C 729 41.57 10.12 49.38
CA GLY C 729 42.49 10.23 50.50
C GLY C 729 43.65 9.28 50.50
N ILE C 730 43.80 8.45 49.49
CA ILE C 730 44.96 7.57 49.35
C ILE C 730 46.13 8.39 48.84
N HIS C 731 47.32 8.16 49.40
CA HIS C 731 48.50 8.88 48.92
C HIS C 731 49.63 7.95 48.50
N LYS C 732 49.37 6.66 48.34
CA LYS C 732 50.40 5.71 47.91
C LYS C 732 49.78 4.74 46.93
N ILE C 733 50.45 4.53 45.78
CA ILE C 733 49.93 3.69 44.71
C ILE C 733 50.99 2.64 44.37
N VAL C 734 50.55 1.43 44.06
CA VAL C 734 51.39 0.42 43.42
C VAL C 734 50.88 0.22 42.00
N LEU C 735 51.75 0.33 41.02
CA LEU C 735 51.36 0.39 39.62
C LEU C 735 52.34 -0.46 38.82
N PRO C 736 51.90 -1.06 37.70
CA PRO C 736 52.85 -1.77 36.84
C PRO C 736 53.83 -0.82 36.18
N LYS C 737 55.03 -1.32 35.94
CA LYS C 737 56.09 -0.46 35.44
C LYS C 737 55.86 -0.07 33.98
N ASP C 738 55.20 -0.92 33.22
CA ASP C 738 54.91 -0.63 31.82
C ASP C 738 53.87 0.46 31.64
N ASN C 739 53.23 0.91 32.72
CA ASN C 739 52.34 2.05 32.69
C ASN C 739 53.04 3.34 33.11
N GLU C 740 54.36 3.41 32.97
CA GLU C 740 55.06 4.62 33.39
C GLU C 740 54.83 5.75 32.40
N ALA C 741 54.64 5.41 31.13
CA ALA C 741 54.35 6.44 30.13
C ALA C 741 52.95 7.00 30.29
N GLN C 742 52.08 6.30 31.02
CA GLN C 742 50.71 6.77 31.19
C GLN C 742 50.62 7.93 32.16
N LEU C 743 51.65 8.14 32.99
CA LEU C 743 51.56 9.10 34.07
C LEU C 743 51.69 10.55 33.62
N GLU C 744 51.89 10.80 32.34
CA GLU C 744 51.98 12.17 31.86
C GLU C 744 50.64 12.72 31.41
N GLU C 745 49.57 11.96 31.58
CA GLU C 745 48.22 12.44 31.34
C GLU C 745 47.59 13.05 32.59
N LEU C 746 48.19 12.85 33.73
CA LEU C 746 47.63 13.34 34.98
C LEU C 746 47.82 14.85 35.09
N PRO C 747 46.88 15.53 35.73
CA PRO C 747 47.11 16.93 36.10
C PRO C 747 48.11 17.02 37.24
N LYS C 748 48.70 18.22 37.37
CA LYS C 748 49.83 18.40 38.26
C LYS C 748 49.45 18.30 39.73
N GLU C 749 48.26 18.76 40.09
CA GLU C 749 47.81 18.68 41.48
C GLU C 749 47.60 17.24 41.94
N VAL C 750 47.30 16.33 41.03
CA VAL C 750 47.17 14.93 41.39
C VAL C 750 48.54 14.29 41.50
N LEU C 751 49.41 14.56 40.52
CA LEU C 751 50.68 13.88 40.42
C LEU C 751 51.65 14.35 41.51
N GLU C 752 51.49 15.57 42.00
CA GLU C 752 52.39 16.01 43.05
C GLU C 752 51.98 15.51 44.43
N GLY C 753 50.81 14.90 44.55
CA GLY C 753 50.34 14.41 45.82
C GLY C 753 50.29 12.91 46.00
N LEU C 754 50.94 12.14 45.11
CA LEU C 754 50.91 10.69 45.16
C LEU C 754 52.32 10.14 45.14
N GLU C 755 52.53 9.02 45.82
CA GLU C 755 53.79 8.28 45.75
C GLU C 755 53.54 7.01 44.98
N ILE C 756 54.13 6.90 43.81
CA ILE C 756 53.84 5.82 42.88
C ILE C 756 55.03 4.88 42.85
N LYS C 757 54.81 3.62 43.20
CA LYS C 757 55.81 2.58 43.08
C LYS C 757 55.57 1.83 41.77
N LEU C 758 56.65 1.49 41.09
CA LEU C 758 56.58 0.78 39.83
C LEU C 758 57.18 -0.60 40.03
N VAL C 759 56.39 -1.63 39.78
CA VAL C 759 56.78 -3.00 40.08
C VAL C 759 56.75 -3.85 38.83
N GLU C 760 57.52 -4.92 38.88
CA GLU C 760 57.54 -5.91 37.82
C GLU C 760 57.21 -7.31 38.30
N ASP C 761 57.31 -7.58 39.59
CA ASP C 761 57.11 -8.90 40.16
C ASP C 761 56.19 -8.75 41.36
N VAL C 762 55.38 -9.79 41.61
CA VAL C 762 54.48 -9.73 42.75
C VAL C 762 55.17 -9.98 44.08
N GLY C 763 56.40 -10.50 44.06
CA GLY C 763 57.17 -10.58 45.28
C GLY C 763 57.48 -9.23 45.87
N GLU C 764 57.69 -8.23 45.00
CA GLU C 764 57.89 -6.85 45.45
C GLU C 764 56.64 -6.30 46.13
N VAL C 765 55.48 -6.59 45.56
CA VAL C 765 54.23 -6.09 46.12
C VAL C 765 53.94 -6.74 47.45
N LEU C 766 54.19 -8.04 47.56
CA LEU C 766 53.95 -8.71 48.83
C LEU C 766 54.97 -8.31 49.89
N GLU C 767 56.19 -7.95 49.49
CA GLU C 767 57.11 -7.45 50.50
C GLU C 767 56.77 -6.04 50.94
N TYR C 768 56.13 -5.26 50.07
CA TYR C 768 55.81 -3.89 50.44
C TYR C 768 54.49 -3.75 51.18
N LEU C 769 53.54 -4.67 50.96
CA LEU C 769 52.21 -4.54 51.54
C LEU C 769 52.03 -5.22 52.88
N LEU C 770 52.55 -6.44 53.04
CA LEU C 770 52.23 -7.22 54.23
C LEU C 770 53.15 -6.81 55.38
N LEU C 771 52.55 -6.63 56.56
CA LEU C 771 53.33 -6.36 57.75
C LEU C 771 54.07 -7.62 58.17
N PRO C 772 55.27 -7.50 58.74
CA PRO C 772 56.10 -8.68 58.96
C PRO C 772 55.68 -9.56 60.13
N GLU C 773 54.62 -9.24 60.85
CA GLU C 773 54.29 -9.97 62.06
C GLU C 773 52.87 -10.49 61.99
N PRO C 774 52.64 -11.77 62.26
CA PRO C 774 51.27 -12.29 62.29
C PRO C 774 50.55 -11.87 63.58
N THR C 775 49.28 -11.53 63.43
CA THR C 775 48.46 -11.06 64.54
C THR C 775 47.37 -12.05 64.93
N MET C 776 47.17 -13.11 64.15
CA MET C 776 46.14 -14.11 64.40
C MET C 776 46.79 -15.48 64.42
N PRO C 777 46.18 -16.45 65.10
CA PRO C 777 46.66 -17.83 64.97
C PRO C 777 46.29 -18.39 63.60
N PRO C 778 47.25 -18.96 62.88
CA PRO C 778 46.92 -19.55 61.58
C PRO C 778 46.11 -20.82 61.72
N VAL C 779 45.18 -20.99 60.78
CA VAL C 779 44.27 -22.12 60.82
C VAL C 779 45.01 -23.40 60.44
N VAL C 780 44.81 -24.45 61.23
CA VAL C 780 45.35 -25.77 60.92
C VAL C 780 44.20 -26.75 60.83
N ARG D 2 15.34 108.74 17.45
CA ARG D 2 15.23 107.42 18.07
C ARG D 2 13.81 106.87 17.93
N LEU D 3 12.84 107.79 17.92
CA LEU D 3 11.46 107.55 17.49
C LEU D 3 10.77 106.48 18.34
N GLU D 4 10.55 106.83 19.61
CA GLU D 4 9.88 105.92 20.54
C GLU D 4 8.45 105.62 20.10
N LEU D 5 8.10 104.34 20.14
CA LEU D 5 6.79 103.81 19.80
C LEU D 5 6.38 102.80 20.87
N PRO D 6 5.10 102.75 21.23
CA PRO D 6 4.66 101.72 22.17
C PRO D 6 4.64 100.36 21.52
N VAL D 7 5.01 99.34 22.29
CA VAL D 7 5.17 97.98 21.76
C VAL D 7 3.81 97.28 21.93
N ILE D 8 3.00 97.32 20.88
CA ILE D 8 1.86 96.42 20.78
C ILE D 8 2.36 95.00 20.58
N PRO D 9 1.88 94.03 21.35
CA PRO D 9 2.49 92.68 21.29
C PRO D 9 2.04 91.87 20.08
N LEU D 10 3.01 91.20 19.47
CA LEU D 10 2.75 90.11 18.54
C LEU D 10 2.55 88.83 19.33
N ARG D 11 1.80 87.90 18.75
CA ARG D 11 1.46 86.64 19.40
C ARG D 11 1.66 85.41 18.53
N ASN D 12 1.62 85.54 17.21
CA ASN D 12 1.63 84.36 16.36
C ASN D 12 2.56 84.37 15.15
N THR D 13 2.98 85.53 14.64
CA THR D 13 3.75 85.54 13.40
C THR D 13 4.59 86.81 13.34
N VAL D 14 5.18 87.04 12.17
CA VAL D 14 6.08 88.16 11.91
C VAL D 14 5.53 88.99 10.77
N ILE D 15 5.34 90.29 11.01
CA ILE D 15 4.90 91.20 9.96
C ILE D 15 6.12 91.57 9.13
N LEU D 16 6.35 90.84 8.04
CA LEU D 16 7.45 91.18 7.14
C LEU D 16 7.14 92.48 6.41
N PRO D 17 8.17 93.31 6.14
CA PRO D 17 7.91 94.68 5.67
C PRO D 17 7.34 94.71 4.26
N HIS D 18 6.90 95.93 3.88
CA HIS D 18 6.15 96.20 2.64
C HIS D 18 4.93 95.30 2.50
N THR D 19 4.06 95.30 3.52
CA THR D 19 2.91 94.41 3.56
C THR D 19 1.77 95.12 4.30
N THR D 20 0.54 94.89 3.85
CA THR D 20 -0.65 95.25 4.61
C THR D 20 -1.22 94.00 5.25
N THR D 21 -1.19 93.95 6.59
CA THR D 21 -1.61 92.76 7.31
C THR D 21 -2.84 93.06 8.17
N PRO D 22 -3.70 92.07 8.40
CA PRO D 22 -4.81 92.27 9.34
C PRO D 22 -4.35 92.30 10.79
N VAL D 23 -5.19 92.89 11.64
CA VAL D 23 -4.89 93.11 13.05
C VAL D 23 -6.09 92.68 13.89
N ASP D 24 -5.86 91.79 14.86
CA ASP D 24 -6.85 91.39 15.85
C ASP D 24 -6.19 91.41 17.23
N VAL D 25 -6.29 92.53 17.93
CA VAL D 25 -5.72 92.70 19.26
C VAL D 25 -6.87 93.03 20.21
N GLY D 26 -7.28 92.06 21.02
CA GLY D 26 -8.42 92.28 21.90
C GLY D 26 -8.25 91.75 23.32
N ARG D 27 -7.04 91.30 23.66
CA ARG D 27 -6.80 90.77 24.99
C ARG D 27 -6.72 91.89 26.01
N ALA D 28 -6.88 91.53 27.29
CA ALA D 28 -7.21 92.47 28.36
C ALA D 28 -6.04 93.31 28.85
N LYS D 29 -4.90 93.33 28.12
CA LYS D 29 -3.74 94.09 28.56
C LYS D 29 -3.09 94.89 27.42
N SER D 30 -3.87 95.57 26.57
CA SER D 30 -3.31 96.27 25.42
C SER D 30 -3.79 97.70 25.23
N LYS D 31 -4.81 98.15 25.96
CA LYS D 31 -5.51 99.41 25.63
C LYS D 31 -4.63 100.64 25.80
N ARG D 32 -3.76 100.65 26.82
CA ARG D 32 -2.88 101.79 27.03
C ARG D 32 -1.82 101.88 25.94
N ALA D 33 -1.38 100.73 25.43
CA ALA D 33 -0.46 100.75 24.29
C ALA D 33 -1.18 101.15 23.00
N VAL D 34 -2.45 100.79 22.86
CA VAL D 34 -3.23 101.20 21.68
C VAL D 34 -3.46 102.71 21.69
N GLU D 35 -3.73 103.30 22.86
CA GLU D 35 -3.86 104.74 22.93
C GLU D 35 -2.52 105.47 22.88
N GLU D 36 -1.43 104.85 23.33
CA GLU D 36 -0.13 105.46 23.10
C GLU D 36 0.32 105.33 21.65
N ALA D 37 -0.29 104.43 20.87
CA ALA D 37 -0.05 104.46 19.43
C ALA D 37 -0.59 105.74 18.80
N MET D 38 -1.72 106.24 19.32
CA MET D 38 -2.15 107.60 18.98
C MET D 38 -1.23 108.64 19.60
N GLY D 39 -0.79 108.42 20.83
CA GLY D 39 0.06 109.34 21.56
C GLY D 39 1.54 109.33 21.23
N ALA D 40 1.95 108.58 20.20
CA ALA D 40 3.34 108.55 19.76
C ALA D 40 3.41 108.61 18.23
N ASP D 41 2.47 109.34 17.63
CA ASP D 41 2.46 109.73 16.21
C ASP D 41 2.35 108.49 15.29
N ARG D 42 1.35 107.66 15.57
CA ARG D 42 0.69 106.77 14.59
C ARG D 42 1.64 105.76 13.95
N LEU D 43 2.62 105.26 14.69
CA LEU D 43 3.46 104.16 14.24
C LEU D 43 3.61 103.17 15.39
N ILE D 44 4.09 101.97 15.07
CA ILE D 44 4.02 100.82 15.98
C ILE D 44 5.34 100.07 15.99
N PHE D 45 5.91 99.89 17.18
CA PHE D 45 6.95 98.88 17.40
C PHE D 45 6.33 97.52 17.62
N LEU D 46 6.96 96.49 17.06
CA LEU D 46 6.62 95.09 17.36
C LEU D 46 7.90 94.43 17.83
N VAL D 47 8.23 94.60 19.11
CA VAL D 47 9.36 93.90 19.72
C VAL D 47 8.85 92.50 20.04
N ALA D 48 9.15 91.55 19.17
CA ALA D 48 8.49 90.25 19.18
C ALA D 48 8.90 89.43 20.39
N GLN D 49 8.02 88.52 20.79
CA GLN D 49 8.39 87.55 21.80
C GLN D 49 9.36 86.53 21.23
N ARG D 50 10.05 85.85 22.14
CA ARG D 50 11.12 84.93 21.82
C ARG D 50 10.54 83.60 21.32
N ASP D 51 11.40 82.57 21.30
CA ASP D 51 11.11 81.16 21.16
C ASP D 51 9.97 80.77 22.11
N PRO D 52 9.17 79.70 21.82
CA PRO D 52 7.69 79.80 21.79
C PRO D 52 6.93 80.74 22.73
N GLU D 53 5.83 81.26 22.17
CA GLU D 53 4.92 82.33 22.61
C GLU D 53 4.72 82.45 24.11
N VAL D 54 4.84 83.65 24.67
CA VAL D 54 4.77 83.85 26.11
C VAL D 54 3.47 84.60 26.43
N ASP D 55 2.78 84.18 27.50
CA ASP D 55 1.42 84.62 27.77
C ASP D 55 1.32 85.92 28.57
N ASP D 56 2.37 86.73 28.53
CA ASP D 56 2.44 88.17 28.80
C ASP D 56 3.83 88.55 28.31
N PRO D 57 3.98 89.61 27.53
CA PRO D 57 5.34 90.09 27.19
C PRO D 57 6.12 90.52 28.43
N ALA D 58 7.26 89.86 28.63
CA ALA D 58 7.87 89.68 29.93
C ALA D 58 9.38 89.80 29.77
N PRO D 59 10.13 90.10 30.84
CA PRO D 59 11.58 90.26 30.70
C PRO D 59 12.37 88.97 30.52
N ASP D 60 11.74 87.83 30.27
CA ASP D 60 12.45 86.63 29.87
C ASP D 60 12.72 86.57 28.37
N ASP D 61 12.22 87.54 27.61
CA ASP D 61 11.80 87.31 26.23
C ASP D 61 12.58 88.19 25.25
N LEU D 62 13.91 88.22 25.36
CA LEU D 62 14.68 89.32 24.81
C LEU D 62 15.20 89.02 23.40
N TYR D 63 14.82 89.89 22.45
CA TYR D 63 15.48 90.03 21.15
C TYR D 63 16.30 91.33 21.10
N THR D 64 16.86 91.64 19.93
CA THR D 64 17.51 92.91 19.63
C THR D 64 17.09 93.46 18.27
N TRP D 65 15.80 93.38 17.94
CA TRP D 65 15.30 93.79 16.63
C TRP D 65 13.90 94.38 16.78
N GLY D 66 13.32 94.74 15.63
CA GLY D 66 11.98 95.29 15.58
C GLY D 66 11.51 95.44 14.15
N VAL D 67 10.29 95.95 14.00
CA VAL D 67 9.70 96.19 12.68
C VAL D 67 8.69 97.34 12.77
N GLN D 68 8.77 98.27 11.81
CA GLN D 68 7.88 99.42 11.79
C GLN D 68 6.64 99.17 10.93
N ALA D 69 5.53 99.76 11.34
CA ALA D 69 4.32 99.84 10.54
C ALA D 69 3.55 101.07 10.98
N VAL D 70 2.40 101.30 10.34
CA VAL D 70 1.61 102.50 10.58
C VAL D 70 0.26 102.09 11.14
N VAL D 71 -0.38 102.99 11.88
CA VAL D 71 -1.80 102.85 12.20
C VAL D 71 -2.61 103.33 10.99
N LYS D 72 -3.42 102.44 10.44
CA LYS D 72 -4.24 102.78 9.28
C LYS D 72 -5.56 103.44 9.66
N GLN D 73 -6.36 102.77 10.49
CA GLN D 73 -7.69 103.25 10.84
C GLN D 73 -8.01 102.84 12.27
N ALA D 74 -9.17 103.28 12.74
CA ALA D 74 -9.71 102.88 14.05
C ALA D 74 -11.14 102.43 13.82
N MET D 75 -11.31 101.15 13.48
CA MET D 75 -12.59 100.62 13.02
C MET D 75 -13.18 99.72 14.10
N ARG D 76 -14.40 100.05 14.53
CA ARG D 76 -15.05 99.34 15.61
C ARG D 76 -15.96 98.23 15.08
N LEU D 77 -16.03 97.14 15.83
CA LEU D 77 -16.98 96.05 15.62
C LEU D 77 -17.55 95.63 16.97
N PRO D 78 -18.88 95.34 17.06
CA PRO D 78 -19.57 95.27 18.36
C PRO D 78 -19.43 93.93 19.09
N ASP D 79 -18.18 93.48 19.27
CA ASP D 79 -17.91 92.32 20.12
C ASP D 79 -16.70 92.54 21.02
N GLY D 80 -16.23 93.78 21.16
CA GLY D 80 -15.22 94.12 22.14
C GLY D 80 -13.91 94.63 21.59
N THR D 81 -13.56 94.31 20.34
CA THR D 81 -12.23 94.57 19.80
C THR D 81 -12.29 95.64 18.72
N LEU D 82 -11.44 96.66 18.87
CA LEU D 82 -11.27 97.71 17.86
C LEU D 82 -10.26 97.22 16.83
N GLN D 83 -10.71 97.00 15.61
CA GLN D 83 -9.82 96.56 14.53
C GLN D 83 -9.01 97.75 14.04
N VAL D 84 -7.74 97.81 14.45
CA VAL D 84 -6.83 98.89 14.10
C VAL D 84 -5.73 98.34 13.17
N MET D 85 -5.98 98.43 11.87
CA MET D 85 -5.19 97.71 10.87
C MET D 85 -3.83 98.39 10.68
N VAL D 86 -2.84 97.60 10.27
CA VAL D 86 -1.51 98.13 10.02
C VAL D 86 -1.08 97.88 8.58
N GLU D 87 -0.19 98.74 8.11
CA GLU D 87 0.51 98.58 6.85
C GLU D 87 1.99 98.84 7.10
N ALA D 88 2.85 97.95 6.62
CA ALA D 88 4.26 98.03 6.92
C ALA D 88 4.92 99.17 6.17
N ARG D 89 5.76 99.93 6.88
CA ARG D 89 6.45 101.10 6.34
C ARG D 89 7.97 100.91 6.27
N ALA D 90 8.60 100.54 7.38
CA ALA D 90 10.04 100.32 7.43
C ALA D 90 10.32 99.27 8.50
N ARG D 91 11.58 99.19 8.95
CA ARG D 91 11.99 98.25 9.97
C ARG D 91 12.82 98.97 11.04
N ALA D 92 12.72 98.48 12.27
CA ALA D 92 13.32 99.16 13.41
C ALA D 92 14.32 98.25 14.11
N GLN D 93 15.22 98.85 14.89
CA GLN D 93 16.21 98.13 15.68
C GLN D 93 16.27 98.70 17.10
N VAL D 94 16.07 97.83 18.10
CA VAL D 94 15.79 98.21 19.47
C VAL D 94 16.63 97.34 20.41
N THR D 95 17.33 97.96 21.37
CA THR D 95 17.94 97.22 22.47
C THR D 95 17.16 97.34 23.79
N ASP D 96 17.01 98.57 24.30
CA ASP D 96 16.72 98.80 25.71
C ASP D 96 15.24 98.50 26.00
N TYR D 97 14.91 98.42 27.29
CA TYR D 97 13.61 97.95 27.73
C TYR D 97 13.30 98.45 29.14
N ILE D 98 12.01 98.59 29.42
CA ILE D 98 11.47 98.69 30.78
C ILE D 98 10.42 97.60 30.92
N PRO D 99 10.62 96.61 31.80
CA PRO D 99 9.69 95.49 31.87
C PRO D 99 8.34 95.89 32.45
N GLY D 100 7.29 95.37 31.80
CA GLY D 100 5.93 95.83 32.07
C GLY D 100 5.07 94.78 32.75
N PRO D 101 3.77 94.72 32.41
CA PRO D 101 2.97 95.50 31.46
C PRO D 101 2.68 96.96 31.88
N TYR D 102 2.56 97.91 30.95
CA TYR D 102 2.67 97.71 29.49
C TYR D 102 4.09 97.94 28.98
N LEU D 103 4.24 98.05 27.66
CA LEU D 103 5.55 98.04 27.02
C LEU D 103 5.78 99.31 26.23
N ARG D 104 6.97 99.90 26.40
CA ARG D 104 7.46 101.04 25.63
C ARG D 104 8.98 100.94 25.54
N ALA D 105 9.50 100.91 24.32
CA ALA D 105 10.93 100.73 24.09
C ALA D 105 11.47 101.86 23.21
N ARG D 106 12.79 101.97 23.17
CA ARG D 106 13.50 103.01 22.42
C ARG D 106 14.45 102.37 21.41
N GLY D 107 14.51 102.95 20.20
CA GLY D 107 15.25 102.33 19.12
C GLY D 107 16.76 102.64 19.11
N GLU D 108 17.52 101.76 18.44
CA GLU D 108 18.97 101.91 18.38
C GLU D 108 19.41 102.83 17.24
N VAL D 109 19.32 102.32 16.01
CA VAL D 109 20.03 102.85 14.85
C VAL D 109 19.30 102.36 13.60
N PHE D 110 19.61 102.98 12.46
CA PHE D 110 19.10 102.54 11.15
C PHE D 110 20.12 101.61 10.49
N SER D 111 19.63 100.54 9.88
CA SER D 111 20.43 99.68 9.01
C SER D 111 19.54 99.18 7.88
N GLU D 112 19.93 99.48 6.63
CA GLU D 112 19.10 99.13 5.47
C GLU D 112 19.99 99.06 4.23
N ILE D 113 20.26 97.84 3.76
CA ILE D 113 21.14 97.63 2.62
C ILE D 113 20.28 97.11 1.45
N PHE D 114 20.88 97.04 0.26
CA PHE D 114 20.23 96.57 -0.94
C PHE D 114 21.08 95.53 -1.66
N PRO D 115 20.47 94.66 -2.47
CA PRO D 115 21.25 93.77 -3.33
C PRO D 115 21.92 94.53 -4.47
N ILE D 116 22.80 93.80 -5.17
CA ILE D 116 23.40 94.26 -6.42
C ILE D 116 22.99 93.16 -7.40
N ASP D 117 23.43 93.25 -8.67
CA ASP D 117 23.20 92.27 -9.73
C ASP D 117 21.69 92.12 -10.02
N GLU D 118 21.13 93.19 -10.59
CA GLU D 118 19.69 93.28 -10.86
C GLU D 118 19.16 92.26 -11.87
N ALA D 119 20.02 91.56 -12.60
CA ALA D 119 19.54 90.45 -13.43
C ALA D 119 19.02 89.31 -12.58
N VAL D 120 19.64 89.11 -11.39
CA VAL D 120 19.12 88.15 -10.42
C VAL D 120 17.74 88.59 -9.94
N VAL D 121 17.54 89.91 -9.77
CA VAL D 121 16.24 90.45 -9.37
C VAL D 121 15.18 90.15 -10.43
N ARG D 122 15.49 90.43 -11.71
CA ARG D 122 14.52 90.24 -12.79
C ARG D 122 14.17 88.76 -12.99
N VAL D 123 15.19 87.92 -13.21
CA VAL D 123 14.93 86.51 -13.49
C VAL D 123 14.45 85.77 -12.23
N LEU D 124 14.72 86.31 -11.05
CA LEU D 124 14.25 85.68 -9.83
C LEU D 124 12.82 86.07 -9.51
N VAL D 125 12.39 87.28 -9.91
CA VAL D 125 10.96 87.60 -9.92
C VAL D 125 10.21 86.67 -10.86
N GLU D 126 10.81 86.36 -12.03
CA GLU D 126 10.16 85.43 -12.96
C GLU D 126 10.09 84.00 -12.38
N GLU D 127 11.16 83.53 -11.74
CA GLU D 127 11.14 82.17 -11.18
C GLU D 127 10.30 82.10 -9.90
N LEU D 128 10.20 83.22 -9.17
CA LEU D 128 9.31 83.31 -8.03
C LEU D 128 7.84 83.20 -8.45
N LYS D 129 7.48 83.92 -9.51
CA LYS D 129 6.12 83.81 -10.03
C LYS D 129 5.88 82.45 -10.67
N GLU D 130 6.93 81.79 -11.16
CA GLU D 130 6.80 80.40 -11.61
C GLU D 130 6.43 79.46 -10.46
N ALA D 131 7.14 79.60 -9.32
CA ALA D 131 6.85 78.75 -8.16
C ALA D 131 5.46 79.01 -7.60
N PHE D 132 5.05 80.28 -7.51
CA PHE D 132 3.72 80.54 -6.99
C PHE D 132 2.64 80.26 -8.02
N GLU D 133 2.96 80.28 -9.31
CA GLU D 133 2.06 79.77 -10.34
C GLU D 133 1.79 78.28 -10.15
N LYS D 134 2.84 77.51 -9.87
CA LYS D 134 2.66 76.09 -9.56
C LYS D 134 1.85 75.87 -8.28
N TYR D 135 2.03 76.74 -7.28
CA TYR D 135 1.22 76.60 -6.06
C TYR D 135 -0.25 77.01 -6.28
N VAL D 136 -0.51 77.98 -7.17
CA VAL D 136 -1.88 78.30 -7.54
C VAL D 136 -2.49 77.19 -8.41
N ALA D 137 -1.65 76.48 -9.17
CA ALA D 137 -2.11 75.26 -9.83
C ALA D 137 -2.45 74.17 -8.83
N ASN D 138 -1.70 74.09 -7.73
CA ASN D 138 -2.03 73.21 -6.62
C ASN D 138 -3.28 73.64 -5.84
N HIS D 139 -3.69 74.91 -5.98
CA HIS D 139 -4.80 75.49 -5.23
C HIS D 139 -6.21 75.10 -5.69
N LYS D 140 -6.36 73.97 -6.39
CA LYS D 140 -7.64 73.56 -6.98
C LYS D 140 -8.74 73.39 -5.93
N SER D 141 -8.39 72.86 -4.75
CA SER D 141 -9.34 72.66 -3.67
C SER D 141 -9.05 73.54 -2.46
N LEU D 142 -8.41 74.69 -2.67
CA LEU D 142 -7.88 75.50 -1.57
C LEU D 142 -8.64 76.81 -1.39
N ARG D 143 -9.84 76.92 -1.98
CA ARG D 143 -10.84 77.97 -1.67
C ARG D 143 -10.35 79.37 -2.07
N LEU D 144 -9.77 79.46 -3.27
CA LEU D 144 -9.12 80.67 -3.74
C LEU D 144 -9.98 81.34 -4.82
N ASP D 145 -10.29 82.62 -4.63
CA ASP D 145 -10.84 83.41 -5.72
C ASP D 145 -9.71 83.81 -6.65
N ARG D 146 -9.88 83.57 -7.95
CA ARG D 146 -8.81 83.15 -8.84
C ARG D 146 -8.11 84.27 -9.60
N TYR D 147 -8.29 85.54 -9.24
CA TYR D 147 -7.76 86.63 -10.06
C TYR D 147 -6.59 87.36 -9.43
N GLN D 148 -5.67 86.64 -8.79
CA GLN D 148 -4.49 87.25 -8.17
C GLN D 148 -3.20 86.90 -8.88
N LEU D 149 -3.26 86.25 -10.04
CA LEU D 149 -2.04 85.90 -10.78
C LEU D 149 -1.38 87.14 -11.36
N GLU D 150 -2.09 87.87 -12.21
CA GLU D 150 -1.54 89.06 -12.84
C GLU D 150 -1.85 90.35 -12.07
N ALA D 151 -2.67 90.28 -11.03
CA ALA D 151 -3.00 91.47 -10.25
C ALA D 151 -1.80 91.96 -9.44
N VAL D 152 -0.95 91.04 -8.97
CA VAL D 152 0.25 91.40 -8.23
C VAL D 152 1.50 91.33 -9.09
N LYS D 153 1.39 90.82 -10.31
CA LYS D 153 2.54 90.69 -11.20
C LYS D 153 3.04 92.05 -11.70
N GLY D 154 2.16 93.05 -11.74
CA GLY D 154 2.51 94.38 -12.19
C GLY D 154 3.10 95.29 -11.15
N THR D 155 3.18 94.85 -9.89
CA THR D 155 3.82 95.63 -8.84
C THR D 155 5.33 95.61 -9.05
N SER D 156 5.95 96.78 -9.14
CA SER D 156 7.37 96.88 -9.47
C SER D 156 8.20 96.90 -8.18
N ASP D 157 8.19 95.75 -7.50
CA ASP D 157 8.97 95.51 -6.29
C ASP D 157 9.12 94.00 -6.14
N PRO D 158 10.35 93.48 -6.08
CA PRO D 158 10.51 92.06 -5.76
C PRO D 158 10.08 91.70 -4.35
N ALA D 159 10.36 92.56 -3.37
CA ALA D 159 10.11 92.24 -1.97
C ALA D 159 8.62 92.23 -1.64
N MET D 160 7.87 93.21 -2.14
CA MET D 160 6.45 93.32 -1.82
C MET D 160 5.66 92.21 -2.50
N LEU D 161 6.00 91.93 -3.77
CA LEU D 161 5.46 90.77 -4.47
C LEU D 161 5.80 89.47 -3.76
N ALA D 162 7.02 89.37 -3.23
CA ALA D 162 7.45 88.14 -2.56
C ALA D 162 6.71 87.93 -1.23
N ASP D 163 6.49 89.00 -0.46
CA ASP D 163 5.77 88.83 0.79
C ASP D 163 4.28 88.67 0.58
N THR D 164 3.74 89.22 -0.50
CA THR D 164 2.35 88.91 -0.85
C THR D 164 2.20 87.45 -1.28
N ILE D 165 3.21 86.90 -1.95
CA ILE D 165 3.20 85.50 -2.34
C ILE D 165 3.37 84.59 -1.12
N ALA D 166 4.25 84.95 -0.19
CA ALA D 166 4.60 84.06 0.91
C ALA D 166 3.66 84.20 2.10
N TYR D 167 3.02 85.35 2.28
CA TYR D 167 2.27 85.62 3.50
C TYR D 167 0.94 84.87 3.56
N HIS D 168 0.50 84.26 2.46
CA HIS D 168 -0.86 83.73 2.34
C HIS D 168 -0.97 82.25 2.64
N ALA D 169 -0.23 81.75 3.64
CA ALA D 169 -0.50 80.47 4.25
C ALA D 169 -0.09 80.53 5.71
N THR D 170 -0.01 79.35 6.34
CA THR D 170 0.51 79.25 7.70
C THR D 170 1.98 78.90 7.64
N TRP D 171 2.82 79.67 8.35
CA TRP D 171 4.26 79.62 8.11
C TRP D 171 5.04 79.43 9.40
N THR D 172 6.35 79.23 9.22
CA THR D 172 7.25 78.76 10.27
C THR D 172 7.93 79.94 10.95
N VAL D 173 7.76 80.03 12.27
CA VAL D 173 7.95 81.29 12.99
C VAL D 173 9.41 81.72 13.02
N ALA D 174 10.31 80.76 13.27
CA ALA D 174 11.74 81.07 13.34
C ALA D 174 12.28 81.53 11.98
N GLU D 175 11.81 80.91 10.89
CA GLU D 175 12.25 81.34 9.56
C GLU D 175 11.64 82.69 9.16
N LYS D 176 10.43 83.00 9.63
CA LYS D 176 9.87 84.33 9.43
C LYS D 176 10.73 85.39 10.12
N GLN D 177 11.18 85.09 11.34
CA GLN D 177 12.06 86.05 11.99
C GLN D 177 13.47 86.04 11.40
N GLU D 178 13.88 84.94 10.75
CA GLU D 178 15.11 84.94 9.95
C GLU D 178 15.01 85.91 8.79
N ILE D 179 13.84 85.95 8.13
CA ILE D 179 13.60 86.92 7.06
C ILE D 179 13.60 88.34 7.63
N LEU D 180 13.09 88.52 8.84
CA LEU D 180 13.01 89.87 9.39
C LEU D 180 14.35 90.36 9.95
N GLU D 181 15.26 89.45 10.32
CA GLU D 181 16.51 89.84 10.98
C GLU D 181 17.67 90.09 10.01
N LEU D 182 17.40 90.17 8.71
CA LEU D 182 18.35 90.74 7.76
C LEU D 182 17.71 91.89 6.98
N THR D 183 18.55 92.61 6.24
CA THR D 183 18.12 93.72 5.39
C THR D 183 18.42 93.47 3.92
N ASP D 184 18.44 92.21 3.49
CA ASP D 184 18.75 91.83 2.12
C ASP D 184 17.49 91.24 1.47
N LEU D 185 17.53 91.09 0.15
CA LEU D 185 16.33 90.75 -0.61
C LEU D 185 16.46 89.52 -1.48
N GLU D 186 17.63 89.27 -2.08
CA GLU D 186 17.80 88.08 -2.93
C GLU D 186 17.69 86.81 -2.13
N ALA D 187 18.21 86.84 -0.89
CA ALA D 187 18.10 85.70 0.01
C ALA D 187 16.65 85.37 0.35
N ARG D 188 15.83 86.39 0.56
CA ARG D 188 14.44 86.10 0.88
C ARG D 188 13.59 85.82 -0.35
N LEU D 189 13.96 86.30 -1.54
CA LEU D 189 13.28 85.85 -2.76
C LEU D 189 13.53 84.37 -3.02
N LYS D 190 14.82 83.96 -2.95
CA LYS D 190 15.14 82.54 -3.07
C LYS D 190 14.61 81.72 -1.89
N LYS D 191 14.39 82.34 -0.72
CA LYS D 191 13.82 81.62 0.40
C LYS D 191 12.32 81.39 0.22
N VAL D 192 11.62 82.34 -0.40
CA VAL D 192 10.22 82.12 -0.76
C VAL D 192 10.11 81.00 -1.79
N LEU D 193 10.99 81.04 -2.81
CA LEU D 193 11.10 79.93 -3.77
C LEU D 193 11.37 78.58 -3.09
N GLY D 194 12.28 78.58 -2.11
CA GLY D 194 12.64 77.32 -1.47
C GLY D 194 11.56 76.75 -0.57
N LEU D 195 10.92 77.62 0.22
CA LEU D 195 9.83 77.16 1.08
C LEU D 195 8.64 76.69 0.25
N LEU D 196 8.36 77.36 -0.87
CA LEU D 196 7.32 76.88 -1.76
C LEU D 196 7.72 75.57 -2.44
N SER D 197 9.01 75.33 -2.67
CA SER D 197 9.41 74.05 -3.24
C SER D 197 9.29 72.91 -2.22
N ARG D 198 9.62 73.20 -0.96
CA ARG D 198 9.38 72.26 0.13
C ARG D 198 7.91 71.90 0.24
N ASP D 199 7.06 72.90 0.18
CA ASP D 199 5.62 72.65 0.21
C ASP D 199 5.11 72.01 -1.07
N LEU D 200 5.77 72.23 -2.22
CA LEU D 200 5.47 71.46 -3.44
C LEU D 200 5.67 69.98 -3.22
N GLU D 201 6.82 69.60 -2.66
CA GLU D 201 7.13 68.19 -2.45
C GLU D 201 6.20 67.56 -1.40
N ARG D 202 5.86 68.31 -0.36
CA ARG D 202 5.01 67.74 0.69
C ARG D 202 3.53 67.70 0.28
N PHE D 203 3.02 68.79 -0.31
CA PHE D 203 1.72 68.78 -0.99
C PHE D 203 1.60 67.63 -1.98
N GLU D 204 2.66 67.35 -2.74
CA GLU D 204 2.56 66.26 -3.71
C GLU D 204 2.68 64.89 -3.06
N LEU D 205 3.31 64.80 -1.88
CA LEU D 205 3.20 63.57 -1.09
C LEU D 205 1.76 63.32 -0.68
N ASP D 206 1.07 64.35 -0.15
CA ASP D 206 -0.33 64.20 0.23
C ASP D 206 -1.22 63.97 -0.98
N LYS D 207 -0.84 64.55 -2.13
CA LYS D 207 -1.56 64.39 -3.37
C LYS D 207 -1.48 62.95 -3.87
N ARG D 208 -0.30 62.35 -3.78
CA ARG D 208 -0.17 60.94 -4.16
C ARG D 208 -0.84 60.02 -3.13
N VAL D 209 -0.93 60.46 -1.87
CA VAL D 209 -1.72 59.72 -0.89
C VAL D 209 -3.18 59.67 -1.30
N ALA D 210 -3.75 60.83 -1.66
CA ALA D 210 -5.11 60.88 -2.18
C ALA D 210 -5.24 60.17 -3.53
N GLN D 211 -4.15 60.05 -4.30
CA GLN D 211 -4.15 59.27 -5.53
C GLN D 211 -4.36 57.80 -5.23
N ARG D 212 -3.60 57.26 -4.26
CA ARG D 212 -3.82 55.89 -3.81
C ARG D 212 -5.19 55.68 -3.19
N VAL D 213 -5.71 56.70 -2.50
CA VAL D 213 -7.08 56.65 -1.98
C VAL D 213 -8.09 56.48 -3.10
N LYS D 214 -8.00 57.36 -4.12
CA LYS D 214 -8.92 57.30 -5.26
C LYS D 214 -8.82 55.97 -6.00
N GLU D 215 -7.60 55.48 -6.20
CA GLU D 215 -7.47 54.29 -7.02
C GLU D 215 -7.81 53.02 -6.25
N GLN D 216 -7.62 53.00 -4.93
CA GLN D 216 -8.07 51.85 -4.16
C GLN D 216 -9.59 51.81 -4.07
N MET D 217 -10.22 52.99 -3.95
CA MET D 217 -11.68 53.04 -4.00
C MET D 217 -12.21 52.60 -5.36
N ASP D 218 -11.62 53.11 -6.44
CA ASP D 218 -12.01 52.74 -7.81
C ASP D 218 -11.89 51.24 -8.03
N THR D 219 -10.75 50.66 -7.66
CA THR D 219 -10.49 49.26 -7.93
C THR D 219 -11.38 48.34 -7.09
N ASN D 220 -11.51 48.61 -5.79
CA ASN D 220 -12.27 47.64 -5.02
C ASN D 220 -13.77 47.86 -5.10
N GLN D 221 -14.25 49.08 -5.36
CA GLN D 221 -15.66 49.18 -5.73
C GLN D 221 -15.91 48.61 -7.12
N ARG D 222 -14.89 48.57 -7.97
CA ARG D 222 -15.06 47.93 -9.26
C ARG D 222 -15.16 46.42 -9.10
N GLU D 223 -14.38 45.84 -8.19
CA GLU D 223 -14.58 44.43 -7.92
C GLU D 223 -15.89 44.15 -7.19
N TYR D 224 -16.41 45.11 -6.43
CA TYR D 224 -17.77 45.01 -5.94
C TYR D 224 -18.76 44.84 -7.07
N TYR D 225 -18.62 45.67 -8.12
CA TYR D 225 -19.46 45.54 -9.31
C TYR D 225 -19.33 44.16 -9.94
N LEU D 226 -18.11 43.65 -10.05
CA LEU D 226 -17.95 42.38 -10.76
C LEU D 226 -18.49 41.21 -9.96
N ARG D 227 -18.29 41.22 -8.64
CA ARG D 227 -18.90 40.15 -7.88
C ARG D 227 -20.42 40.29 -7.83
N GLU D 228 -20.97 41.50 -7.95
CA GLU D 228 -22.43 41.65 -8.04
C GLU D 228 -22.97 40.95 -9.27
N GLN D 229 -22.25 41.10 -10.38
CA GLN D 229 -22.60 40.35 -11.57
C GLN D 229 -22.51 38.84 -11.34
N MET D 230 -21.51 38.39 -10.59
CA MET D 230 -21.44 36.96 -10.34
C MET D 230 -22.55 36.47 -9.43
N LYS D 231 -23.08 37.36 -8.58
CA LYS D 231 -24.23 37.01 -7.76
C LYS D 231 -25.42 36.67 -8.63
N ALA D 232 -25.72 37.55 -9.59
CA ALA D 232 -26.87 37.32 -10.48
C ALA D 232 -26.70 36.06 -11.33
N ILE D 233 -25.48 35.86 -11.84
CA ILE D 233 -25.19 34.72 -12.70
C ILE D 233 -25.30 33.40 -11.95
N GLN D 234 -24.69 33.32 -10.76
CA GLN D 234 -24.74 32.10 -9.99
C GLN D 234 -26.15 31.77 -9.51
N LYS D 235 -26.96 32.81 -9.27
CA LYS D 235 -28.37 32.64 -8.94
C LYS D 235 -29.11 31.88 -10.03
N GLU D 236 -29.15 32.49 -11.22
CA GLU D 236 -29.92 31.93 -12.32
C GLU D 236 -29.44 30.54 -12.71
N LEU D 237 -28.14 30.26 -12.59
CA LEU D 237 -27.72 28.91 -12.96
C LEU D 237 -28.03 27.89 -11.87
N GLY D 238 -27.41 28.06 -10.70
CA GLY D 238 -27.60 27.10 -9.58
C GLY D 238 -28.82 27.42 -8.73
N GLY D 239 -28.73 27.20 -7.41
CA GLY D 239 -29.88 27.43 -6.51
C GLY D 239 -29.57 28.52 -5.49
N GLU D 240 -30.46 29.52 -5.37
CA GLU D 240 -30.28 30.63 -4.40
C GLU D 240 -29.10 31.50 -4.86
N ASP D 241 -28.56 32.34 -3.97
CA ASP D 241 -27.35 33.11 -4.35
C ASP D 241 -26.15 32.20 -4.12
N GLY D 242 -26.00 31.16 -4.95
CA GLY D 242 -24.93 30.17 -4.74
C GLY D 242 -25.12 29.44 -3.43
N LEU D 243 -26.38 29.31 -2.97
CA LEU D 243 -26.68 28.65 -1.67
C LEU D 243 -25.91 29.36 -0.55
N SER D 244 -25.85 30.70 -0.59
CA SER D 244 -25.11 31.49 0.45
C SER D 244 -23.67 30.98 0.58
N ASP D 245 -22.98 30.78 -0.55
CA ASP D 245 -21.61 30.28 -0.53
C ASP D 245 -20.68 31.36 -1.06
N LEU D 246 -19.42 31.29 -0.60
CA LEU D 246 -18.30 32.16 -0.94
C LEU D 246 -18.52 33.62 -0.54
N GLU D 247 -19.56 33.91 0.24
CA GLU D 247 -19.74 35.23 0.81
C GLU D 247 -19.55 35.22 2.33
N ALA D 248 -20.02 34.16 2.99
CA ALA D 248 -19.77 34.01 4.42
C ALA D 248 -18.30 33.69 4.67
N LEU D 249 -17.72 32.87 3.80
CA LEU D 249 -16.28 32.59 3.87
C LEU D 249 -15.47 33.84 3.59
N ARG D 250 -15.87 34.63 2.59
CA ARG D 250 -15.14 35.84 2.24
C ARG D 250 -15.26 36.91 3.33
N LYS D 251 -16.40 36.98 4.01
CA LYS D 251 -16.51 37.93 5.11
C LYS D 251 -15.91 37.39 6.41
N LYS D 252 -15.71 36.08 6.54
CA LYS D 252 -15.10 35.57 7.76
C LYS D 252 -13.58 35.48 7.67
N ILE D 253 -13.01 35.53 6.46
CA ILE D 253 -11.55 35.60 6.36
C ILE D 253 -11.05 36.94 6.85
N GLU D 254 -11.75 38.03 6.52
CA GLU D 254 -11.27 39.36 6.88
C GLU D 254 -11.43 39.69 8.36
N GLU D 255 -12.23 38.94 9.10
CA GLU D 255 -12.62 39.38 10.44
C GLU D 255 -12.00 38.60 11.58
N VAL D 256 -11.62 37.33 11.40
CA VAL D 256 -10.98 36.57 12.46
C VAL D 256 -9.47 36.64 12.26
N GLY D 257 -8.76 36.91 13.36
CA GLY D 257 -7.31 37.08 13.31
C GLY D 257 -6.93 38.28 12.45
N MET D 258 -6.04 38.07 11.47
CA MET D 258 -5.20 36.88 11.29
C MET D 258 -3.86 37.40 10.76
N PRO D 259 -2.83 36.55 10.68
CA PRO D 259 -1.67 36.92 9.86
C PRO D 259 -2.06 37.05 8.40
N GLU D 260 -1.48 38.05 7.74
CA GLU D 260 -1.86 38.38 6.37
C GLU D 260 -1.38 37.35 5.36
N ALA D 261 -0.34 36.57 5.69
CA ALA D 261 0.07 35.48 4.81
C ALA D 261 -0.99 34.39 4.79
N VAL D 262 -1.62 34.13 5.94
CA VAL D 262 -2.75 33.21 6.02
C VAL D 262 -3.92 33.76 5.22
N LYS D 263 -4.11 35.08 5.23
CA LYS D 263 -5.21 35.71 4.50
C LYS D 263 -5.01 35.60 2.99
N THR D 264 -3.77 35.82 2.53
CA THR D 264 -3.49 35.64 1.11
C THR D 264 -3.57 34.18 0.69
N LYS D 265 -3.14 33.28 1.57
CA LYS D 265 -3.31 31.84 1.34
C LYS D 265 -4.77 31.47 1.19
N ALA D 266 -5.65 32.10 1.97
CA ALA D 266 -7.08 31.82 1.89
C ALA D 266 -7.70 32.44 0.65
N LEU D 267 -7.26 33.64 0.27
CA LEU D 267 -7.79 34.26 -0.94
C LEU D 267 -7.35 33.54 -2.21
N LYS D 268 -6.19 32.86 -2.17
CA LYS D 268 -5.85 31.96 -3.27
C LYS D 268 -6.66 30.68 -3.26
N GLU D 269 -7.33 30.36 -2.16
CA GLU D 269 -8.22 29.20 -2.11
C GLU D 269 -9.66 29.55 -2.44
N LEU D 270 -10.06 30.82 -2.29
CA LEU D 270 -11.37 31.23 -2.79
C LEU D 270 -11.40 31.27 -4.31
N ASP D 271 -10.25 31.44 -4.96
CA ASP D 271 -10.20 31.58 -6.40
C ASP D 271 -10.29 30.24 -7.12
N ARG D 272 -9.95 29.14 -6.47
CA ARG D 272 -10.19 27.82 -7.04
C ARG D 272 -11.59 27.31 -6.76
N LEU D 273 -12.38 28.05 -5.98
CA LEU D 273 -13.82 27.80 -5.88
C LEU D 273 -14.64 28.75 -6.72
N GLU D 274 -14.01 29.75 -7.36
CA GLU D 274 -14.69 30.50 -8.40
C GLU D 274 -14.74 29.74 -9.71
N ARG D 275 -13.89 28.72 -9.87
CA ARG D 275 -13.85 27.92 -11.08
C ARG D 275 -14.76 26.69 -11.02
N MET D 276 -15.12 26.24 -9.82
CA MET D 276 -15.96 25.05 -9.70
C MET D 276 -16.75 25.11 -8.40
N GLN D 277 -18.02 24.70 -8.48
CA GLN D 277 -18.84 24.47 -7.29
C GLN D 277 -19.67 23.20 -7.38
N GLN D 278 -19.83 22.60 -8.55
CA GLN D 278 -20.66 21.41 -8.70
C GLN D 278 -19.95 20.21 -8.09
N GLY D 279 -20.73 19.18 -7.78
CA GLY D 279 -20.18 17.99 -7.15
C GLY D 279 -19.69 18.29 -5.75
N SER D 280 -18.46 17.90 -5.43
CA SER D 280 -17.56 17.10 -6.26
C SER D 280 -16.75 16.18 -5.37
N PRO D 281 -16.02 15.23 -5.96
CA PRO D 281 -14.91 14.62 -5.23
C PRO D 281 -13.61 15.42 -5.33
N GLU D 282 -13.70 16.67 -5.81
CA GLU D 282 -12.54 17.51 -5.99
C GLU D 282 -12.59 18.83 -5.22
N ALA D 283 -13.70 19.55 -5.25
CA ALA D 283 -13.77 20.87 -4.64
C ALA D 283 -14.17 20.85 -3.17
N THR D 284 -14.77 19.76 -2.69
CA THR D 284 -15.16 19.67 -1.28
C THR D 284 -13.94 19.52 -0.38
N VAL D 285 -12.84 18.96 -0.90
CA VAL D 285 -11.63 18.81 -0.12
C VAL D 285 -11.02 20.18 0.20
N ALA D 286 -10.89 21.03 -0.83
CA ALA D 286 -10.40 22.38 -0.60
C ALA D 286 -11.40 23.22 0.20
N ARG D 287 -12.69 22.92 0.06
CA ARG D 287 -13.73 23.61 0.84
C ARG D 287 -13.57 23.33 2.33
N THR D 288 -13.50 22.05 2.71
CA THR D 288 -13.32 21.70 4.11
C THR D 288 -11.94 22.09 4.62
N TYR D 289 -10.93 22.12 3.74
CA TYR D 289 -9.62 22.61 4.10
C TYR D 289 -9.64 24.08 4.51
N LEU D 290 -10.28 24.92 3.70
CA LEU D 290 -10.33 26.34 4.06
C LEU D 290 -11.30 26.59 5.20
N ASP D 291 -12.30 25.72 5.39
CA ASP D 291 -13.14 25.80 6.58
C ASP D 291 -12.33 25.55 7.85
N TRP D 292 -11.57 24.44 7.84
CA TRP D 292 -10.66 24.09 8.94
C TRP D 292 -9.62 25.18 9.17
N LEU D 293 -9.22 25.87 8.11
CA LEU D 293 -8.33 27.01 8.25
C LEU D 293 -9.02 28.16 8.97
N THR D 294 -10.20 28.58 8.49
CA THR D 294 -10.82 29.78 9.02
C THR D 294 -11.42 29.60 10.41
N GLU D 295 -11.64 28.37 10.87
CA GLU D 295 -12.34 28.20 12.14
C GLU D 295 -11.42 28.12 13.36
N VAL D 296 -10.13 27.85 13.19
CA VAL D 296 -9.20 27.78 14.33
C VAL D 296 -8.93 29.21 14.81
N PRO D 297 -8.56 29.44 16.07
CA PRO D 297 -8.46 30.81 16.56
C PRO D 297 -7.11 31.47 16.36
N TRP D 298 -7.16 32.79 16.24
CA TRP D 298 -6.00 33.67 16.31
C TRP D 298 -6.34 34.82 17.26
N SER D 299 -5.38 35.16 18.11
CA SER D 299 -5.40 36.38 18.94
C SER D 299 -6.65 36.46 19.84
N LYS D 300 -7.05 35.33 20.39
CA LYS D 300 -8.18 35.26 21.31
C LYS D 300 -7.67 34.73 22.64
N ALA D 301 -7.73 35.58 23.67
CA ALA D 301 -7.10 35.27 24.95
C ALA D 301 -8.05 35.56 26.09
N ASP D 302 -8.31 34.56 26.92
CA ASP D 302 -9.06 34.72 28.14
C ASP D 302 -8.16 35.34 29.22
N PRO D 303 -8.74 35.94 30.27
CA PRO D 303 -7.90 36.47 31.35
C PRO D 303 -7.18 35.37 32.11
N GLU D 304 -5.89 35.60 32.38
CA GLU D 304 -5.08 34.68 33.14
C GLU D 304 -4.54 35.38 34.38
N VAL D 305 -4.40 34.63 35.47
CA VAL D 305 -3.85 35.14 36.72
C VAL D 305 -2.88 34.10 37.26
N LEU D 306 -1.63 34.49 37.49
CA LEU D 306 -0.69 33.66 38.21
C LEU D 306 -0.49 34.22 39.61
N ASP D 307 -0.82 33.42 40.61
CA ASP D 307 -0.54 33.77 42.00
C ASP D 307 -0.22 32.49 42.73
N ILE D 308 0.83 32.54 43.56
CA ILE D 308 1.23 31.36 44.30
C ILE D 308 0.27 31.08 45.45
N ASN D 309 -0.27 32.12 46.07
CA ASN D 309 -1.15 31.94 47.21
C ASN D 309 -2.50 31.37 46.80
N HIS D 310 -3.03 31.85 45.67
CA HIS D 310 -4.32 31.35 45.22
C HIS D 310 -4.22 29.94 44.67
N THR D 311 -3.11 29.63 44.00
CA THR D 311 -2.90 28.27 43.52
C THR D 311 -2.68 27.32 44.69
N ARG D 312 -1.99 27.79 45.73
CA ARG D 312 -1.80 26.99 46.94
C ARG D 312 -3.14 26.69 47.61
N GLN D 313 -4.01 27.68 47.74
CA GLN D 313 -5.27 27.40 48.38
C GLN D 313 -6.24 26.65 47.49
N VAL D 314 -6.00 26.58 46.18
CA VAL D 314 -6.75 25.64 45.35
C VAL D 314 -6.28 24.21 45.58
N LEU D 315 -4.96 24.01 45.58
CA LEU D 315 -4.38 22.68 45.76
C LEU D 315 -4.64 22.13 47.16
N ASP D 316 -4.82 23.00 48.15
CA ASP D 316 -5.19 22.55 49.47
C ASP D 316 -6.61 22.02 49.51
N GLU D 317 -7.47 22.46 48.59
CA GLU D 317 -8.86 22.07 48.57
C GLU D 317 -9.14 20.86 47.69
N ASP D 318 -8.52 20.77 46.51
CA ASP D 318 -8.83 19.67 45.62
C ASP D 318 -8.17 18.36 46.01
N HIS D 319 -7.15 18.39 46.87
CA HIS D 319 -6.35 17.21 47.12
C HIS D 319 -6.03 17.09 48.60
N TYR D 320 -5.69 15.89 49.00
CA TYR D 320 -5.25 15.62 50.36
C TYR D 320 -3.77 15.23 50.32
N GLY D 321 -3.04 15.59 51.38
CA GLY D 321 -1.65 15.18 51.54
C GLY D 321 -0.73 15.88 50.56
N LEU D 322 0.37 15.19 50.22
CA LEU D 322 1.28 15.54 49.13
C LEU D 322 1.96 16.89 49.34
N LYS D 323 2.72 17.00 50.44
CA LYS D 323 3.31 18.29 50.79
C LYS D 323 4.46 18.64 49.85
N ASP D 324 5.38 17.70 49.61
CA ASP D 324 6.56 18.01 48.81
C ASP D 324 6.22 18.19 47.34
N VAL D 325 5.23 17.45 46.84
CA VAL D 325 4.89 17.53 45.42
C VAL D 325 4.20 18.86 45.11
N LYS D 326 3.24 19.26 45.95
CA LYS D 326 2.62 20.57 45.79
C LYS D 326 3.64 21.69 45.99
N GLU D 327 4.57 21.48 46.91
CA GLU D 327 5.63 22.45 47.16
C GLU D 327 6.51 22.67 45.93
N ARG D 328 6.95 21.59 45.30
CA ARG D 328 7.80 21.78 44.13
C ARG D 328 7.02 22.07 42.86
N ILE D 329 5.69 21.94 42.86
CA ILE D 329 4.89 22.54 41.80
C ILE D 329 4.86 24.05 41.97
N LEU D 330 4.66 24.51 43.22
CA LEU D 330 4.63 25.94 43.49
C LEU D 330 5.96 26.60 43.22
N GLU D 331 7.07 25.86 43.37
CA GLU D 331 8.39 26.39 43.01
C GLU D 331 8.46 26.72 41.52
N TYR D 332 8.03 25.78 40.68
CA TYR D 332 8.01 25.98 39.23
C TYR D 332 7.08 27.12 38.83
N LEU D 333 5.94 27.22 39.51
CA LEU D 333 5.03 28.31 39.20
C LEU D 333 5.57 29.66 39.64
N ALA D 334 6.33 29.70 40.74
CA ALA D 334 6.95 30.95 41.16
C ALA D 334 8.03 31.39 40.18
N VAL D 335 8.75 30.43 39.60
CA VAL D 335 9.76 30.76 38.61
C VAL D 335 9.11 31.27 37.33
N ARG D 336 7.97 30.68 36.94
CA ARG D 336 7.23 31.23 35.80
C ARG D 336 6.64 32.60 36.10
N GLN D 337 6.29 32.87 37.35
CA GLN D 337 5.72 34.16 37.69
C GLN D 337 6.79 35.25 37.73
N LEU D 338 8.00 34.93 38.19
CA LEU D 338 9.03 35.96 38.26
C LEU D 338 9.60 36.31 36.90
N THR D 339 9.63 35.36 35.98
CA THR D 339 10.07 35.62 34.61
C THR D 339 8.90 35.94 33.68
N GLN D 340 7.84 36.55 34.22
CA GLN D 340 6.66 36.85 33.43
C GLN D 340 6.97 37.97 32.46
N GLY D 341 6.59 37.77 31.19
CA GLY D 341 6.82 38.80 30.22
C GLY D 341 8.21 38.71 29.63
N LEU D 342 9.13 39.48 30.22
CA LEU D 342 10.47 39.68 29.69
C LEU D 342 11.29 38.38 29.63
N ASP D 343 11.76 38.07 28.42
CA ASP D 343 12.64 36.94 28.11
C ASP D 343 12.00 35.61 28.51
N VAL D 344 10.93 35.28 27.80
CA VAL D 344 10.39 33.93 27.92
C VAL D 344 11.25 33.01 27.07
N ARG D 345 12.35 32.53 27.65
CA ARG D 345 13.36 31.81 26.93
C ARG D 345 13.02 30.31 26.97
N ASN D 346 13.97 29.45 26.62
CA ASN D 346 13.96 28.05 27.06
C ASN D 346 14.26 28.04 28.57
N LYS D 347 13.21 28.31 29.33
CA LYS D 347 13.27 28.64 30.75
C LYS D 347 13.42 27.39 31.62
N ALA D 348 13.10 27.52 32.93
CA ALA D 348 12.75 26.39 33.77
C ALA D 348 11.82 25.47 32.98
N PRO D 349 12.28 24.29 32.64
CA PRO D 349 11.80 23.60 31.44
C PRO D 349 10.46 22.91 31.58
N ILE D 350 10.14 22.09 30.57
CA ILE D 350 8.93 21.27 30.48
C ILE D 350 8.74 20.42 31.73
N LEU D 351 7.65 20.64 32.43
CA LEU D 351 7.37 19.88 33.63
C LEU D 351 6.73 18.55 33.28
N VAL D 352 7.19 17.47 33.90
CA VAL D 352 6.63 16.15 33.67
C VAL D 352 6.24 15.56 35.02
N LEU D 353 5.12 14.84 35.04
CA LEU D 353 4.54 14.27 36.24
C LEU D 353 4.68 12.76 36.17
N VAL D 354 5.43 12.20 37.10
CA VAL D 354 5.84 10.80 37.04
C VAL D 354 5.25 10.07 38.22
N GLY D 355 4.66 8.90 37.98
CA GLY D 355 4.22 8.05 39.05
C GLY D 355 3.35 6.91 38.59
N PRO D 356 2.91 6.08 39.52
CA PRO D 356 2.00 4.98 39.19
C PRO D 356 0.64 5.50 38.77
N PRO D 357 -0.13 4.71 38.03
CA PRO D 357 -1.51 5.11 37.74
C PRO D 357 -2.41 4.91 38.96
N GLY D 358 -3.41 5.78 39.08
CA GLY D 358 -4.29 5.76 40.21
C GLY D 358 -4.02 6.92 41.14
N VAL D 359 -2.74 7.22 41.31
CA VAL D 359 -2.34 8.46 41.98
C VAL D 359 -2.79 9.63 41.13
N GLY D 360 -3.30 10.68 41.76
CA GLY D 360 -3.89 11.76 41.01
C GLY D 360 -2.90 12.57 40.20
N LYS D 361 -2.87 12.34 38.88
CA LYS D 361 -2.00 13.08 37.98
C LYS D 361 -2.77 13.90 36.95
N THR D 362 -4.05 13.63 36.75
CA THR D 362 -4.90 14.48 35.92
C THR D 362 -5.61 15.54 36.74
N SER D 363 -6.08 15.17 37.94
CA SER D 363 -6.76 16.11 38.81
C SER D 363 -5.85 17.21 39.32
N LEU D 364 -4.55 16.93 39.45
CA LEU D 364 -3.60 18.01 39.70
C LEU D 364 -3.55 18.97 38.53
N GLY D 365 -3.65 18.45 37.30
CA GLY D 365 -3.64 19.32 36.14
C GLY D 365 -4.87 20.22 36.06
N ARG D 366 -6.03 19.67 36.42
CA ARG D 366 -7.23 20.51 36.46
C ARG D 366 -7.16 21.52 37.59
N SER D 367 -6.54 21.15 38.71
CA SER D 367 -6.36 22.09 39.80
C SER D 367 -5.47 23.25 39.40
N ILE D 368 -4.39 22.95 38.66
CA ILE D 368 -3.50 24.00 38.18
C ILE D 368 -4.21 24.87 37.14
N ALA D 369 -4.99 24.26 36.24
CA ALA D 369 -5.69 25.01 35.19
C ALA D 369 -6.75 25.92 35.77
N ARG D 370 -7.53 25.42 36.72
CA ARG D 370 -8.59 26.22 37.32
C ARG D 370 -8.02 27.27 38.26
N SER D 371 -6.84 27.02 38.83
CA SER D 371 -6.21 28.00 39.69
C SER D 371 -5.74 29.22 38.91
N MET D 372 -5.39 29.06 37.64
CA MET D 372 -4.98 30.17 36.81
C MET D 372 -5.98 30.49 35.71
N ASN D 373 -7.19 29.92 35.79
CA ASN D 373 -8.34 30.26 34.94
C ASN D 373 -8.10 29.99 33.46
N ARG D 374 -7.43 28.89 33.15
CA ARG D 374 -7.28 28.44 31.78
C ARG D 374 -8.40 27.45 31.44
N LYS D 375 -8.22 26.71 30.37
CA LYS D 375 -9.04 25.55 30.04
C LYS D 375 -8.17 24.31 29.99
N PHE D 376 -8.81 23.15 30.01
CA PHE D 376 -8.10 21.90 30.19
C PHE D 376 -8.46 20.93 29.07
N HIS D 377 -7.44 20.39 28.40
CA HIS D 377 -7.60 19.33 27.43
C HIS D 377 -6.72 18.13 27.77
N ARG D 378 -6.90 17.03 27.03
CA ARG D 378 -6.11 15.79 27.29
C ARG D 378 -5.98 14.95 26.02
N ILE D 379 -4.85 15.06 25.30
CA ILE D 379 -4.64 14.33 24.01
C ILE D 379 -4.56 12.80 24.21
N SER D 380 -3.90 12.33 25.27
CA SER D 380 -3.71 10.86 25.49
C SER D 380 -3.05 10.18 24.27
N LEU D 381 -1.85 10.64 23.87
CA LEU D 381 -1.13 10.08 22.68
C LEU D 381 -0.82 8.59 22.81
N GLY D 382 -0.28 7.97 21.73
CA GLY D 382 0.03 6.56 21.73
C GLY D 382 -1.02 5.66 21.11
N GLY D 383 -2.14 6.21 20.65
CA GLY D 383 -3.19 5.41 20.04
C GLY D 383 -2.88 4.90 18.65
N VAL D 384 -1.78 5.36 18.05
CA VAL D 384 -1.32 4.92 16.74
C VAL D 384 0.10 4.38 16.91
N ARG D 385 0.76 4.05 15.80
CA ARG D 385 2.13 3.53 15.84
C ARG D 385 3.03 4.27 14.86
N ASP D 386 2.85 5.58 14.72
CA ASP D 386 3.67 6.34 13.79
C ASP D 386 3.85 7.78 14.27
N GLU D 387 4.82 8.46 13.67
CA GLU D 387 4.94 9.91 13.79
C GLU D 387 4.22 10.64 12.68
N ALA D 388 3.31 9.96 11.99
CA ALA D 388 2.53 10.52 10.90
C ALA D 388 1.11 10.85 11.32
N GLU D 389 0.82 10.81 12.63
CA GLU D 389 -0.46 11.25 13.14
C GLU D 389 -0.36 12.46 14.05
N ILE D 390 0.84 12.79 14.53
CA ILE D 390 1.05 14.08 15.16
C ILE D 390 1.02 15.19 14.12
N ARG D 391 1.83 15.03 13.07
CA ARG D 391 1.72 15.84 11.87
C ARG D 391 0.77 15.15 10.91
N GLY D 392 -0.08 15.94 10.26
CA GLY D 392 -1.09 15.39 9.39
C GLY D 392 -0.56 14.95 8.04
N HIS D 393 -1.49 14.60 7.16
CA HIS D 393 -1.19 14.27 5.78
C HIS D 393 -1.93 15.27 4.89
N ARG D 394 -1.29 15.69 3.81
CA ARG D 394 -1.82 16.79 3.01
C ARG D 394 -3.00 16.35 2.15
N ARG D 395 -3.48 17.29 1.33
CA ARG D 395 -4.66 17.08 0.50
C ARG D 395 -4.39 16.15 -0.67
N THR D 396 -3.12 15.98 -1.05
CA THR D 396 -2.79 15.15 -2.21
C THR D 396 -3.02 13.67 -1.95
N TYR D 397 -3.07 13.26 -0.69
CA TYR D 397 -3.32 11.88 -0.34
C TYR D 397 -4.78 11.51 -0.58
N ILE D 398 -5.08 10.23 -0.36
CA ILE D 398 -6.47 9.77 -0.43
C ILE D 398 -7.26 10.35 0.73
N GLY D 399 -6.70 10.26 1.94
CA GLY D 399 -7.30 10.91 3.08
C GLY D 399 -6.97 12.40 3.12
N ALA D 400 -7.64 13.08 4.03
CA ALA D 400 -7.45 14.51 4.27
C ALA D 400 -7.38 14.77 5.76
N MET D 401 -6.52 14.01 6.44
CA MET D 401 -6.45 14.05 7.90
C MET D 401 -5.70 15.29 8.37
N PRO D 402 -6.29 16.11 9.23
CA PRO D 402 -5.52 17.18 9.87
C PRO D 402 -4.76 16.68 11.08
N GLY D 403 -4.18 17.61 11.86
CA GLY D 403 -3.37 17.23 13.03
C GLY D 403 -4.17 17.16 14.32
N LYS D 404 -3.83 16.21 15.20
CA LYS D 404 -4.54 16.07 16.50
C LYS D 404 -4.31 17.33 17.34
N LEU D 405 -3.09 17.88 17.31
CA LEU D 405 -2.77 19.11 18.08
C LEU D 405 -3.64 20.25 17.56
N ILE D 406 -3.79 20.34 16.24
CA ILE D 406 -4.63 21.41 15.62
C ILE D 406 -6.09 21.21 16.07
N HIS D 407 -6.54 19.96 16.12
CA HIS D 407 -7.93 19.65 16.54
C HIS D 407 -8.17 20.10 17.99
N ALA D 408 -7.16 19.93 18.86
CA ALA D 408 -7.28 20.38 20.23
C ALA D 408 -7.30 21.89 20.33
N MET D 409 -6.53 22.57 19.49
CA MET D 409 -6.61 24.03 19.43
C MET D 409 -7.89 24.52 18.75
N LYS D 410 -8.56 23.64 18.01
CA LYS D 410 -9.91 23.94 17.52
C LYS D 410 -10.95 23.82 18.62
N GLN D 411 -10.83 22.79 19.46
CA GLN D 411 -11.80 22.55 20.53
C GLN D 411 -11.79 23.65 21.59
N VAL D 412 -10.69 24.35 21.74
CA VAL D 412 -10.63 25.51 22.62
C VAL D 412 -10.70 26.77 21.76
N GLY D 413 -11.49 27.74 22.22
CA GLY D 413 -11.58 28.99 21.48
C GLY D 413 -10.48 29.96 21.79
N VAL D 414 -9.61 29.61 22.74
CA VAL D 414 -8.58 30.50 23.25
C VAL D 414 -7.23 29.89 22.93
N ILE D 415 -6.25 30.73 22.63
CA ILE D 415 -4.89 30.26 22.33
C ILE D 415 -4.03 30.09 23.57
N ASN D 416 -4.59 30.29 24.77
CA ASN D 416 -3.91 30.09 26.05
C ASN D 416 -3.75 28.68 26.62
N PRO D 417 -4.66 27.71 26.41
CA PRO D 417 -5.00 26.76 27.49
C PRO D 417 -3.91 25.76 27.79
N VAL D 418 -4.08 25.05 28.89
CA VAL D 418 -3.13 24.00 29.23
C VAL D 418 -3.55 22.73 28.52
N ILE D 419 -2.56 21.96 28.09
CA ILE D 419 -2.78 20.74 27.32
C ILE D 419 -2.04 19.65 28.07
N LEU D 420 -2.75 18.84 28.83
CA LEU D 420 -2.10 17.75 29.54
C LEU D 420 -1.88 16.60 28.57
N LEU D 421 -0.62 16.29 28.29
CA LEU D 421 -0.25 15.20 27.40
C LEU D 421 -0.12 13.93 28.23
N ASP D 422 -0.92 12.92 27.90
CA ASP D 422 -0.93 11.68 28.67
C ASP D 422 -0.01 10.66 28.03
N GLU D 423 0.72 9.93 28.88
CA GLU D 423 1.43 8.69 28.55
C GLU D 423 2.49 8.94 27.48
N ILE D 424 3.53 9.67 27.85
CA ILE D 424 4.57 10.01 26.88
C ILE D 424 5.69 8.96 26.83
N ASP D 425 5.83 8.13 27.87
CA ASP D 425 6.90 7.12 27.82
C ASP D 425 6.56 6.01 26.83
N LYS D 426 5.33 5.50 26.88
CA LYS D 426 4.83 4.72 25.76
C LYS D 426 4.48 5.68 24.63
N MET D 427 4.60 5.22 23.40
CA MET D 427 4.48 6.14 22.28
C MET D 427 4.03 5.39 21.04
N SER D 428 4.02 6.11 19.92
CA SER D 428 3.52 5.59 18.65
C SER D 428 4.68 5.12 17.79
N SER D 429 5.26 4.00 18.18
CA SER D 429 6.58 3.59 17.70
C SER D 429 6.49 2.39 16.75
N ASP D 430 7.67 2.13 16.16
CA ASP D 430 7.94 1.13 15.13
C ASP D 430 7.17 1.17 13.79
N TRP D 431 7.62 2.04 12.87
CA TRP D 431 7.28 2.04 11.44
C TRP D 431 7.95 3.20 10.75
N ARG D 432 7.73 4.37 11.30
CA ARG D 432 8.54 5.48 10.96
C ARG D 432 9.39 5.52 12.18
N GLY D 433 10.36 6.43 12.19
CA GLY D 433 11.14 6.71 13.37
C GLY D 433 10.29 7.09 14.56
N ASP D 434 10.62 6.49 15.70
CA ASP D 434 9.72 6.56 16.81
C ASP D 434 9.76 7.88 17.63
N PRO D 435 8.64 8.56 17.50
CA PRO D 435 8.32 10.00 17.44
C PRO D 435 8.94 10.79 18.58
N ALA D 436 9.92 11.62 18.24
CA ALA D 436 10.39 12.64 19.16
C ALA D 436 10.55 14.01 18.52
N SER D 437 10.86 14.10 17.22
CA SER D 437 11.12 15.39 16.61
C SER D 437 9.84 16.20 16.45
N ALA D 438 8.71 15.53 16.25
CA ALA D 438 7.43 16.19 16.33
C ALA D 438 7.15 16.69 17.74
N MET D 439 7.56 15.92 18.75
CA MET D 439 7.40 16.35 20.14
C MET D 439 8.35 17.50 20.46
N LEU D 440 9.58 17.45 19.93
CA LEU D 440 10.50 18.57 20.13
C LEU D 440 10.04 19.83 19.42
N GLU D 441 9.38 19.72 18.26
CA GLU D 441 9.03 20.96 17.57
C GLU D 441 7.79 21.63 18.12
N VAL D 442 7.11 21.04 19.10
CA VAL D 442 6.02 21.69 19.80
C VAL D 442 6.38 22.00 21.24
N LEU D 443 7.16 21.14 21.91
CA LEU D 443 7.41 21.33 23.34
C LEU D 443 8.50 22.36 23.57
N ASP D 444 9.51 22.39 22.71
CA ASP D 444 10.61 23.33 22.90
C ASP D 444 10.12 24.74 22.61
N PRO D 445 10.26 25.67 23.54
CA PRO D 445 9.47 26.91 23.49
C PRO D 445 9.96 27.97 22.51
N GLU D 446 10.80 27.61 21.56
CA GLU D 446 11.20 28.52 20.49
C GLU D 446 10.80 28.02 19.11
N GLN D 447 11.01 26.74 18.83
CA GLN D 447 10.72 26.18 17.52
C GLN D 447 9.23 26.06 17.26
N ASN D 448 8.42 26.05 18.32
CA ASN D 448 6.98 25.96 18.18
C ASN D 448 6.31 27.29 17.87
N ASN D 449 7.08 28.39 17.80
CA ASN D 449 6.51 29.68 17.47
C ASN D 449 6.08 29.75 16.01
N THR D 450 6.68 28.93 15.16
CA THR D 450 6.34 28.86 13.74
C THR D 450 5.96 27.44 13.37
N PHE D 451 5.13 26.80 14.19
CA PHE D 451 4.79 25.40 13.96
C PHE D 451 3.82 25.25 12.80
N THR D 452 4.17 24.39 11.85
CA THR D 452 3.36 24.14 10.67
C THR D 452 3.02 22.66 10.60
N ASP D 453 1.72 22.36 10.48
CA ASP D 453 1.25 21.00 10.31
C ASP D 453 1.44 20.56 8.86
N HIS D 454 1.55 19.25 8.65
CA HIS D 454 1.56 18.74 7.27
C HIS D 454 0.17 18.36 6.79
N TYR D 455 -0.83 19.18 7.07
CA TYR D 455 -2.12 19.23 6.41
C TYR D 455 -2.49 20.65 6.03
N LEU D 456 -2.16 21.61 6.88
CA LEU D 456 -2.59 22.99 6.73
C LEU D 456 -1.54 23.85 6.05
N ASP D 457 -0.26 23.64 6.41
CA ASP D 457 0.91 24.24 5.78
C ASP D 457 0.87 25.77 5.84
N VAL D 458 0.87 26.29 7.06
CA VAL D 458 0.81 27.72 7.30
C VAL D 458 1.40 27.93 8.69
N PRO D 459 2.06 29.06 8.98
CA PRO D 459 2.64 29.23 10.33
C PRO D 459 1.57 29.51 11.38
N TYR D 460 1.67 28.79 12.51
CA TYR D 460 0.75 28.92 13.63
C TYR D 460 1.56 29.03 14.91
N ASP D 461 1.20 29.98 15.76
CA ASP D 461 2.06 30.43 16.86
C ASP D 461 1.66 29.74 18.17
N LEU D 462 2.50 28.81 18.63
CA LEU D 462 2.27 28.12 19.90
C LEU D 462 3.11 28.74 21.00
N SER D 463 2.83 30.01 21.28
CA SER D 463 3.60 30.78 22.24
C SER D 463 2.79 31.17 23.47
N LYS D 464 1.54 30.74 23.57
CA LYS D 464 0.73 31.04 24.73
C LYS D 464 0.16 29.82 25.43
N VAL D 465 0.20 28.66 24.79
CA VAL D 465 -0.18 27.43 25.49
C VAL D 465 0.95 27.03 26.43
N PHE D 466 0.60 26.18 27.40
CA PHE D 466 1.58 25.71 28.38
C PHE D 466 1.35 24.23 28.62
N PHE D 467 2.27 23.42 28.11
CA PHE D 467 2.12 21.98 28.14
C PHE D 467 2.59 21.42 29.48
N ILE D 468 1.87 20.45 29.98
CA ILE D 468 2.25 19.68 31.16
C ILE D 468 2.13 18.21 30.77
N THR D 469 3.08 17.39 31.21
CA THR D 469 3.20 16.03 30.71
C THR D 469 3.09 15.04 31.84
N THR D 470 2.40 13.93 31.61
CA THR D 470 2.36 12.82 32.55
C THR D 470 3.07 11.62 31.94
N ALA D 471 3.68 10.82 32.80
CA ALA D 471 4.34 9.59 32.38
C ALA D 471 4.39 8.63 33.55
N ASN D 472 4.68 7.37 33.24
CA ASN D 472 4.82 6.34 34.26
C ASN D 472 6.27 5.97 34.51
N THR D 473 7.10 5.97 33.47
CA THR D 473 8.52 5.67 33.58
C THR D 473 9.33 6.81 32.98
N LEU D 474 10.62 6.82 33.29
CA LEU D 474 11.54 7.77 32.68
C LEU D 474 12.43 7.15 31.61
N GLN D 475 12.50 5.82 31.58
CA GLN D 475 13.48 5.16 30.72
C GLN D 475 13.08 5.23 29.26
N THR D 476 11.81 4.99 28.96
CA THR D 476 11.37 4.87 27.57
C THR D 476 11.27 6.22 26.88
N ILE D 477 11.36 7.32 27.61
CA ILE D 477 11.36 8.67 27.02
C ILE D 477 12.67 8.88 26.26
N PRO D 478 12.63 9.45 25.05
CA PRO D 478 13.87 9.72 24.33
C PRO D 478 14.76 10.74 25.03
N ARG D 479 16.06 10.63 24.73
CA ARG D 479 17.06 11.55 25.30
C ARG D 479 16.90 13.02 24.92
N PRO D 480 16.54 13.43 23.69
CA PRO D 480 16.33 14.88 23.45
C PRO D 480 15.14 15.46 24.19
N LEU D 481 14.15 14.65 24.58
CA LEU D 481 13.09 15.14 25.44
C LEU D 481 13.59 15.28 26.88
N LEU D 482 14.29 14.26 27.39
CA LEU D 482 14.80 14.30 28.76
C LEU D 482 15.91 15.33 28.95
N ASP D 483 16.53 15.80 27.87
CA ASP D 483 17.49 16.90 27.97
C ASP D 483 16.80 18.17 28.48
N ARG D 484 15.57 18.40 28.04
CA ARG D 484 14.82 19.54 28.55
C ARG D 484 14.22 19.23 29.91
N MET D 485 13.35 18.21 29.96
CA MET D 485 12.23 18.14 30.89
C MET D 485 12.63 18.20 32.38
N GLU D 486 11.85 18.99 33.13
CA GLU D 486 11.94 19.03 34.58
C GLU D 486 11.03 17.96 35.17
N VAL D 487 11.56 17.19 36.10
CA VAL D 487 10.90 15.96 36.55
C VAL D 487 10.28 16.20 37.92
N ILE D 488 9.01 15.82 38.07
CA ILE D 488 8.30 15.86 39.34
C ILE D 488 7.84 14.45 39.64
N GLU D 489 8.48 13.80 40.61
CA GLU D 489 8.15 12.42 40.97
C GLU D 489 7.06 12.40 42.02
N ILE D 490 6.14 11.45 41.91
CA ILE D 490 5.04 11.31 42.84
C ILE D 490 5.07 9.87 43.37
N PRO D 491 5.22 9.65 44.68
CA PRO D 491 5.56 8.32 45.19
C PRO D 491 4.47 7.25 45.14
N GLY D 492 3.32 7.52 45.75
CA GLY D 492 2.37 6.47 46.06
C GLY D 492 1.88 6.57 47.49
N TYR D 493 0.60 6.27 47.72
CA TYR D 493 -0.04 6.61 48.98
C TYR D 493 0.19 5.54 50.04
N THR D 494 -0.08 5.91 51.29
CA THR D 494 -0.11 4.99 52.41
C THR D 494 -1.54 4.78 52.86
N ASN D 495 -1.72 3.88 53.83
CA ASN D 495 -3.07 3.42 54.18
C ASN D 495 -3.86 4.46 54.95
N MET D 496 -3.19 5.26 55.79
CA MET D 496 -3.89 6.36 56.44
C MET D 496 -4.25 7.45 55.43
N GLU D 497 -3.37 7.65 54.43
CA GLU D 497 -3.68 8.59 53.36
C GLU D 497 -4.84 8.09 52.51
N LYS D 498 -4.91 6.78 52.25
CA LYS D 498 -6.04 6.20 51.54
C LYS D 498 -7.32 6.30 52.36
N GLN D 499 -7.23 6.12 53.67
CA GLN D 499 -8.41 6.25 54.51
C GLN D 499 -8.92 7.68 54.54
N ALA D 500 -8.01 8.65 54.55
CA ALA D 500 -8.44 10.03 54.56
C ALA D 500 -9.00 10.46 53.21
N ILE D 501 -8.42 9.98 52.11
CA ILE D 501 -8.96 10.29 50.79
C ILE D 501 -10.33 9.64 50.61
N ALA D 502 -10.51 8.42 51.08
CA ALA D 502 -11.81 7.77 51.00
C ALA D 502 -12.83 8.42 51.91
N ARG D 503 -12.38 9.05 53.01
CA ARG D 503 -13.32 9.79 53.83
C ARG D 503 -13.74 11.10 53.16
N GLN D 504 -12.77 11.89 52.71
CA GLN D 504 -13.08 13.22 52.19
C GLN D 504 -13.72 13.13 50.81
N TYR D 505 -12.98 12.60 49.84
CA TYR D 505 -13.30 12.84 48.44
C TYR D 505 -14.02 11.69 47.76
N LEU D 506 -13.74 10.44 48.12
CA LEU D 506 -14.21 9.33 47.30
C LEU D 506 -15.61 8.85 47.67
N TRP D 507 -15.87 8.58 48.95
CA TRP D 507 -17.14 8.01 49.38
C TRP D 507 -18.36 8.92 49.19
N PRO D 508 -18.34 10.23 49.50
CA PRO D 508 -19.50 11.05 49.13
C PRO D 508 -19.74 11.14 47.64
N LYS D 509 -18.68 11.15 46.84
CA LYS D 509 -18.85 11.17 45.38
C LYS D 509 -19.51 9.90 44.89
N GLN D 510 -19.10 8.74 45.42
CA GLN D 510 -19.70 7.48 44.97
C GLN D 510 -21.13 7.32 45.46
N VAL D 511 -21.44 7.83 46.66
CA VAL D 511 -22.80 7.77 47.17
C VAL D 511 -23.73 8.64 46.34
N ARG D 512 -23.35 9.91 46.12
CA ARG D 512 -24.14 10.80 45.28
C ARG D 512 -24.23 10.31 43.84
N GLU D 513 -23.19 9.64 43.37
CA GLU D 513 -23.12 9.18 42.00
C GLU D 513 -23.98 7.93 41.80
N SER D 514 -24.21 7.17 42.86
CA SER D 514 -25.02 5.96 42.78
C SER D 514 -26.50 6.21 42.99
N GLY D 515 -26.89 7.33 43.60
CA GLY D 515 -28.28 7.69 43.79
C GLY D 515 -28.68 7.83 45.24
N MET D 516 -28.00 7.12 46.14
CA MET D 516 -28.20 7.28 47.56
C MET D 516 -27.73 8.66 48.00
N GLU D 517 -28.26 9.14 49.11
CA GLU D 517 -28.02 10.54 49.45
C GLU D 517 -27.80 10.77 50.94
N GLY D 518 -27.74 9.73 51.75
CA GLY D 518 -27.80 9.94 53.18
C GLY D 518 -28.70 8.92 53.81
N ARG D 519 -29.06 7.91 53.03
CA ARG D 519 -29.75 6.74 53.54
C ARG D 519 -28.79 5.60 53.87
N ILE D 520 -27.49 5.81 53.68
CA ILE D 520 -26.48 4.79 53.88
C ILE D 520 -25.17 5.47 54.29
N GLU D 521 -24.38 4.78 55.10
CA GLU D 521 -23.15 5.34 55.64
C GLU D 521 -22.24 4.21 56.10
N VAL D 522 -20.94 4.38 55.85
CA VAL D 522 -19.94 3.44 56.34
C VAL D 522 -19.19 4.06 57.50
N THR D 523 -18.48 3.21 58.24
CA THR D 523 -17.62 3.66 59.32
C THR D 523 -16.17 3.62 58.84
N ASP D 524 -15.24 3.91 59.76
CA ASP D 524 -13.84 3.97 59.38
C ASP D 524 -13.21 2.58 59.31
N ALA D 525 -13.62 1.68 60.20
CA ALA D 525 -13.07 0.33 60.23
C ALA D 525 -13.44 -0.43 58.97
N ALA D 526 -14.62 -0.14 58.42
CA ALA D 526 -15.02 -0.75 57.16
C ALA D 526 -14.15 -0.26 56.02
N ILE D 527 -13.77 1.02 56.04
CA ILE D 527 -12.89 1.57 55.01
C ILE D 527 -11.52 0.93 55.08
N LEU D 528 -10.99 0.77 56.30
CA LEU D 528 -9.68 0.14 56.45
C LEU D 528 -9.71 -1.34 56.10
N ARG D 529 -10.83 -2.01 56.35
CA ARG D 529 -10.95 -3.41 55.94
C ARG D 529 -11.02 -3.55 54.42
N VAL D 530 -11.77 -2.66 53.76
CA VAL D 530 -11.87 -2.70 52.29
C VAL D 530 -10.51 -2.42 51.65
N ILE D 531 -9.76 -1.46 52.20
CA ILE D 531 -8.43 -1.15 51.69
C ILE D 531 -7.49 -2.33 51.88
N SER D 532 -7.51 -2.93 53.07
CA SER D 532 -6.53 -3.96 53.38
C SER D 532 -6.88 -5.31 52.77
N GLU D 533 -8.14 -5.58 52.46
CA GLU D 533 -8.54 -6.92 52.05
C GLU D 533 -9.20 -7.00 50.68
N TYR D 534 -9.39 -5.89 49.98
CA TYR D 534 -9.98 -5.95 48.65
C TYR D 534 -9.19 -5.15 47.65
N THR D 535 -8.03 -4.64 48.03
CA THR D 535 -7.30 -3.65 47.24
C THR D 535 -5.81 -3.89 47.45
N ARG D 536 -5.07 -4.12 46.37
CA ARG D 536 -3.61 -4.12 46.39
C ARG D 536 -3.14 -3.28 45.21
N GLU D 537 -2.96 -1.98 45.43
CA GLU D 537 -2.53 -1.10 44.36
C GLU D 537 -1.81 0.10 44.97
N ALA D 538 -0.99 0.76 44.15
CA ALA D 538 -0.32 1.97 44.62
C ALA D 538 -1.24 3.18 44.54
N GLY D 539 -2.10 3.23 43.54
CA GLY D 539 -3.02 4.34 43.36
C GLY D 539 -4.23 4.23 44.25
N VAL D 540 -5.37 4.70 43.74
CA VAL D 540 -6.56 4.74 44.58
C VAL D 540 -7.80 4.25 43.82
N ARG D 541 -7.63 3.80 42.57
CA ARG D 541 -8.78 3.59 41.70
C ARG D 541 -9.58 2.33 42.07
N GLY D 542 -8.90 1.28 42.52
CA GLY D 542 -9.62 0.08 42.92
C GLY D 542 -10.48 0.29 44.15
N LEU D 543 -10.00 1.12 45.08
CA LEU D 543 -10.80 1.49 46.24
C LEU D 543 -12.05 2.26 45.84
N GLU D 544 -11.93 3.10 44.81
CA GLU D 544 -13.07 3.83 44.28
C GLU D 544 -14.08 2.87 43.67
N ARG D 545 -13.60 1.83 42.97
CA ARG D 545 -14.50 0.80 42.44
C ARG D 545 -15.20 0.04 43.56
N GLU D 546 -14.49 -0.24 44.66
CA GLU D 546 -15.10 -1.01 45.76
C GLU D 546 -16.17 -0.21 46.48
N LEU D 547 -15.93 1.09 46.68
CA LEU D 547 -16.97 1.94 47.27
C LEU D 547 -18.17 2.08 46.35
N GLY D 548 -17.94 2.09 45.03
CA GLY D 548 -19.05 2.03 44.10
C GLY D 548 -19.85 0.75 44.20
N LYS D 549 -19.17 -0.38 44.42
CA LYS D 549 -19.86 -1.66 44.62
C LYS D 549 -20.73 -1.62 45.87
N ILE D 550 -20.22 -1.03 46.95
CA ILE D 550 -20.99 -0.99 48.20
C ILE D 550 -22.22 -0.11 48.05
N ALA D 551 -22.08 1.04 47.37
CA ALA D 551 -23.22 1.91 47.14
C ALA D 551 -24.26 1.27 46.21
N ARG D 552 -23.83 0.46 45.24
CA ARG D 552 -24.80 -0.20 44.38
C ARG D 552 -25.51 -1.35 45.08
N LYS D 553 -24.81 -2.06 45.99
CA LYS D 553 -25.49 -3.01 46.87
C LYS D 553 -26.56 -2.34 47.72
N GLY D 554 -26.23 -1.18 48.28
CA GLY D 554 -27.18 -0.47 49.11
C GLY D 554 -28.38 0.01 48.33
N ALA D 555 -28.17 0.40 47.07
CA ALA D 555 -29.28 0.82 46.23
C ALA D 555 -30.20 -0.35 45.90
N LYS D 556 -29.63 -1.54 45.65
CA LYS D 556 -30.49 -2.70 45.41
C LYS D 556 -31.27 -3.09 46.66
N PHE D 557 -30.63 -3.04 47.84
CA PHE D 557 -31.36 -3.36 49.06
C PHE D 557 -32.39 -2.30 49.43
N TRP D 558 -32.21 -1.06 48.97
CA TRP D 558 -33.27 -0.06 49.12
C TRP D 558 -34.44 -0.38 48.20
N LEU D 559 -34.16 -0.77 46.97
CA LEU D 559 -35.23 -1.02 46.02
C LEU D 559 -35.93 -2.36 46.23
N GLU D 560 -35.35 -3.27 47.03
CA GLU D 560 -36.13 -4.44 47.42
C GLU D 560 -37.10 -4.10 48.53
N GLY D 561 -36.59 -3.68 49.68
CA GLY D 561 -37.43 -3.21 50.75
C GLY D 561 -36.79 -2.06 51.50
N ALA D 562 -37.45 -0.91 51.51
CA ALA D 562 -36.84 0.30 52.03
C ALA D 562 -36.79 0.29 53.54
N TRP D 563 -36.01 1.20 54.10
CA TRP D 563 -35.88 1.36 55.54
C TRP D 563 -36.08 2.84 55.87
N GLU D 564 -35.83 3.18 57.13
CA GLU D 564 -36.11 4.50 57.66
C GLU D 564 -34.82 5.15 58.13
N GLY D 565 -34.45 6.24 57.49
CA GLY D 565 -33.34 7.06 57.95
C GLY D 565 -32.00 6.56 57.44
N LEU D 566 -31.10 6.22 58.37
CA LEU D 566 -29.73 5.90 58.05
C LEU D 566 -29.39 4.50 58.52
N ARG D 567 -28.61 3.78 57.70
CA ARG D 567 -28.08 2.46 58.06
C ARG D 567 -26.56 2.54 58.01
N THR D 568 -25.92 2.20 59.11
CA THR D 568 -24.48 2.32 59.26
C THR D 568 -23.82 0.96 59.02
N ILE D 569 -23.10 0.85 57.91
CA ILE D 569 -22.44 -0.40 57.56
C ILE D 569 -21.19 -0.57 58.42
N ASP D 570 -21.11 -1.69 59.12
CA ASP D 570 -19.99 -1.97 60.00
C ASP D 570 -18.94 -2.78 59.26
N ALA D 571 -17.93 -3.26 59.98
CA ALA D 571 -16.90 -4.09 59.36
C ALA D 571 -17.34 -5.53 59.16
N SER D 572 -18.41 -5.97 59.83
CA SER D 572 -18.89 -7.33 59.64
C SER D 572 -19.73 -7.47 58.38
N ASP D 573 -20.28 -6.38 57.87
CA ASP D 573 -21.21 -6.42 56.77
C ASP D 573 -20.54 -6.28 55.41
N ILE D 574 -19.25 -6.02 55.39
CA ILE D 574 -18.46 -5.88 54.16
C ILE D 574 -18.40 -7.18 53.35
N PRO D 575 -18.21 -8.39 53.92
CA PRO D 575 -18.39 -9.58 53.09
C PRO D 575 -19.81 -9.83 52.66
N THR D 576 -20.81 -9.22 53.28
CA THR D 576 -22.16 -9.34 52.79
C THR D 576 -22.43 -8.39 51.63
N TYR D 577 -21.55 -7.43 51.39
CA TYR D 577 -21.71 -6.45 50.33
C TYR D 577 -20.64 -6.57 49.25
N LEU D 578 -19.58 -7.35 49.49
CA LEU D 578 -18.49 -7.47 48.53
C LEU D 578 -18.08 -8.90 48.22
N GLY D 579 -18.38 -9.86 49.10
CA GLY D 579 -18.07 -11.24 48.80
C GLY D 579 -16.96 -11.80 49.65
N ILE D 580 -16.17 -12.71 49.09
CA ILE D 580 -15.09 -13.36 49.81
C ILE D 580 -13.90 -12.42 49.82
N PRO D 581 -13.22 -12.24 50.94
CA PRO D 581 -12.01 -11.41 50.96
C PRO D 581 -10.91 -12.05 50.14
N ARG D 582 -10.40 -11.31 49.17
CA ARG D 582 -9.48 -11.87 48.18
C ARG D 582 -8.01 -11.62 48.50
N TYR D 583 -7.70 -11.03 49.66
CA TYR D 583 -6.31 -10.89 50.08
C TYR D 583 -6.22 -11.18 51.57
N ARG D 584 -5.02 -11.51 52.01
CA ARG D 584 -4.77 -11.89 53.39
C ARG D 584 -3.71 -10.99 53.99
N PRO D 585 -3.99 -10.27 55.07
CA PRO D 585 -2.98 -9.40 55.66
C PRO D 585 -1.88 -10.17 56.36
N ASP D 586 -0.71 -9.53 56.45
CA ASP D 586 0.43 -10.15 57.11
C ASP D 586 0.26 -10.10 58.62
N LYS D 587 0.54 -11.22 59.26
CA LYS D 587 0.47 -11.33 60.71
C LYS D 587 1.87 -11.49 61.27
N ALA D 588 2.12 -10.84 62.41
CA ALA D 588 3.38 -11.01 63.11
C ALA D 588 3.24 -12.14 64.13
N GLU D 589 4.29 -12.93 64.26
CA GLU D 589 4.30 -13.94 65.31
C GLU D 589 4.57 -13.29 66.66
N THR D 590 4.51 -14.10 67.71
CA THR D 590 4.70 -13.63 69.07
C THR D 590 5.65 -14.49 69.89
N GLU D 591 5.88 -15.72 69.51
CA GLU D 591 6.72 -16.58 70.33
C GLU D 591 8.11 -16.66 69.75
N PRO D 592 9.16 -16.67 70.58
CA PRO D 592 10.50 -16.98 70.07
C PRO D 592 10.59 -18.39 69.52
N GLN D 593 10.85 -18.49 68.23
CA GLN D 593 11.02 -19.75 67.54
C GLN D 593 12.49 -19.98 67.25
N VAL D 594 12.88 -21.24 67.23
CA VAL D 594 14.26 -21.63 66.96
C VAL D 594 14.41 -21.95 65.49
N GLY D 595 15.31 -21.24 64.83
CA GLY D 595 15.62 -21.49 63.44
C GLY D 595 14.98 -20.56 62.46
N THR D 596 14.43 -19.44 62.89
CA THR D 596 13.74 -18.57 61.95
C THR D 596 13.95 -17.13 62.36
N ALA D 597 13.65 -16.21 61.44
CA ALA D 597 13.88 -14.80 61.69
C ALA D 597 12.96 -13.99 60.80
N GLN D 598 12.70 -12.76 61.22
CA GLN D 598 11.67 -11.91 60.62
C GLN D 598 12.33 -10.84 59.77
N GLY D 599 12.06 -10.85 58.47
CA GLY D 599 12.67 -9.93 57.54
C GLY D 599 11.64 -9.03 56.89
N LEU D 600 12.15 -8.05 56.14
CA LEU D 600 11.33 -7.03 55.52
C LEU D 600 11.62 -7.00 54.03
N ALA D 601 10.58 -6.82 53.24
CA ALA D 601 10.73 -6.79 51.79
C ALA D 601 10.20 -5.47 51.24
N TRP D 602 10.26 -5.33 49.92
CA TRP D 602 9.92 -4.08 49.27
C TRP D 602 9.45 -4.36 47.86
N THR D 603 8.28 -3.87 47.52
CA THR D 603 7.73 -4.03 46.18
C THR D 603 7.56 -2.63 45.59
N PRO D 604 7.16 -2.48 44.33
CA PRO D 604 6.70 -1.15 43.89
C PRO D 604 5.25 -0.86 44.25
N VAL D 605 4.66 -1.68 45.11
CA VAL D 605 3.30 -1.46 45.60
C VAL D 605 3.26 -1.33 47.12
N GLY D 606 4.40 -1.53 47.80
CA GLY D 606 4.45 -1.43 49.23
C GLY D 606 5.27 -2.53 49.84
N GLY D 607 5.85 -2.30 51.01
CA GLY D 607 6.63 -3.33 51.65
C GLY D 607 5.77 -4.44 52.22
N THR D 608 6.38 -5.60 52.38
CA THR D 608 5.70 -6.73 52.99
C THR D 608 6.56 -7.24 54.14
N LEU D 609 6.13 -8.35 54.73
CA LEU D 609 6.94 -9.10 55.67
C LEU D 609 7.36 -10.40 55.01
N LEU D 610 8.57 -10.84 55.27
CA LEU D 610 9.02 -12.15 54.85
C LEU D 610 9.70 -12.86 56.00
N THR D 611 9.55 -14.17 56.03
CA THR D 611 10.08 -15.00 57.10
C THR D 611 11.14 -15.93 56.51
N ILE D 612 12.34 -15.81 57.00
CA ILE D 612 13.39 -16.76 56.67
C ILE D 612 13.26 -17.91 57.64
N GLU D 613 13.39 -19.13 57.16
CA GLU D 613 13.43 -20.26 58.05
C GLU D 613 14.46 -21.28 57.59
N VAL D 614 15.19 -21.82 58.55
CA VAL D 614 16.38 -22.63 58.30
C VAL D 614 16.25 -23.91 59.12
N ALA D 615 16.51 -25.05 58.49
CA ALA D 615 16.59 -26.31 59.20
C ALA D 615 18.03 -26.81 59.15
N ALA D 616 18.48 -27.40 60.25
CA ALA D 616 19.82 -27.97 60.34
C ALA D 616 19.69 -29.44 60.74
N VAL D 617 19.97 -30.33 59.80
CA VAL D 617 19.75 -31.76 59.97
C VAL D 617 21.10 -32.43 59.82
N PRO D 618 21.29 -33.63 60.40
CA PRO D 618 22.56 -34.32 60.22
C PRO D 618 22.76 -34.77 58.79
N GLY D 619 23.99 -34.64 58.31
CA GLY D 619 24.29 -34.87 56.92
C GLY D 619 25.76 -34.81 56.61
N SER D 620 26.17 -34.14 55.52
CA SER D 620 27.56 -34.14 55.14
C SER D 620 28.02 -32.79 54.60
N GLY D 621 27.47 -31.69 55.08
CA GLY D 621 27.98 -30.39 54.72
C GLY D 621 27.51 -29.89 53.37
N LYS D 622 26.21 -29.84 53.17
CA LYS D 622 25.62 -29.45 51.91
C LYS D 622 24.61 -28.34 52.16
N LEU D 623 24.54 -27.37 51.26
CA LEU D 623 23.68 -26.20 51.44
C LEU D 623 22.63 -26.18 50.33
N SER D 624 21.37 -26.16 50.73
CA SER D 624 20.25 -26.08 49.79
C SER D 624 19.51 -24.76 50.00
N LEU D 625 19.09 -24.15 48.91
CA LEU D 625 18.53 -22.79 48.94
C LEU D 625 17.27 -22.76 48.08
N THR D 626 16.11 -22.93 48.69
CA THR D 626 14.87 -23.05 47.94
C THR D 626 13.95 -21.87 48.23
N GLY D 627 13.00 -21.66 47.32
CA GLY D 627 12.00 -20.64 47.48
C GLY D 627 12.03 -19.60 46.39
N GLN D 628 12.50 -20.00 45.20
CA GLN D 628 12.65 -19.14 44.02
C GLN D 628 13.59 -17.95 44.29
N LEU D 629 14.80 -18.26 44.73
CA LEU D 629 15.75 -17.24 45.12
C LEU D 629 16.68 -16.92 43.97
N GLY D 630 16.96 -15.63 43.76
CA GLY D 630 17.90 -15.20 42.74
C GLY D 630 19.33 -15.41 43.17
N GLU D 631 20.26 -14.90 42.35
CA GLU D 631 21.66 -15.18 42.57
C GLU D 631 22.28 -14.29 43.63
N VAL D 632 21.86 -13.04 43.71
CA VAL D 632 22.38 -12.13 44.71
C VAL D 632 22.01 -12.61 46.10
N MET D 633 20.83 -13.19 46.26
CA MET D 633 20.37 -13.65 47.56
C MET D 633 21.06 -14.95 47.97
N LYS D 634 21.36 -15.81 47.02
CA LYS D 634 22.14 -17.01 47.32
C LYS D 634 23.56 -16.66 47.71
N GLU D 635 24.18 -15.69 47.03
CA GLU D 635 25.52 -15.27 47.42
C GLU D 635 25.52 -14.57 48.76
N SER D 636 24.44 -13.88 49.11
CA SER D 636 24.31 -13.31 50.44
C SER D 636 24.26 -14.38 51.52
N ALA D 637 23.56 -15.48 51.24
CA ALA D 637 23.52 -16.61 52.17
C ALA D 637 24.89 -17.25 52.35
N GLN D 638 25.65 -17.35 51.26
CA GLN D 638 26.98 -17.96 51.35
C GLN D 638 27.93 -17.08 52.14
N ALA D 639 27.83 -15.76 51.98
CA ALA D 639 28.66 -14.85 52.76
C ALA D 639 28.33 -14.92 54.24
N ALA D 640 27.04 -15.01 54.57
CA ALA D 640 26.64 -15.15 55.97
C ALA D 640 27.15 -16.45 56.58
N LEU D 641 27.08 -17.54 55.83
CA LEU D 641 27.56 -18.81 56.36
C LEU D 641 29.07 -18.84 56.52
N THR D 642 29.81 -18.17 55.63
CA THR D 642 31.26 -18.15 55.77
C THR D 642 31.69 -17.31 56.97
N TYR D 643 30.99 -16.20 57.22
CA TYR D 643 31.22 -15.45 58.46
C TYR D 643 30.95 -16.31 59.68
N LEU D 644 29.91 -17.14 59.64
CA LEU D 644 29.64 -17.95 60.81
C LEU D 644 30.63 -19.10 60.96
N ARG D 645 31.18 -19.61 59.86
CA ARG D 645 32.19 -20.65 59.96
C ARG D 645 33.49 -20.10 60.51
N ALA D 646 33.76 -18.82 60.29
CA ALA D 646 34.98 -18.25 60.82
C ALA D 646 34.92 -17.91 62.31
N HIS D 647 33.76 -17.98 62.95
CA HIS D 647 33.58 -17.45 64.30
C HIS D 647 32.80 -18.41 65.18
N THR D 648 33.18 -19.69 65.18
CA THR D 648 32.39 -20.69 65.88
C THR D 648 32.50 -20.61 67.39
N GLN D 649 33.60 -20.08 67.92
CA GLN D 649 33.73 -19.99 69.36
C GLN D 649 32.98 -18.82 69.97
N ASP D 650 32.69 -17.80 69.17
CA ASP D 650 32.07 -16.60 69.70
C ASP D 650 30.60 -16.81 70.02
N TYR D 651 29.93 -17.74 69.36
CA TYR D 651 28.49 -17.85 69.48
C TYR D 651 28.04 -19.22 69.96
N GLY D 652 28.97 -20.10 70.32
CA GLY D 652 28.57 -21.41 70.78
C GLY D 652 28.12 -22.35 69.69
N LEU D 653 28.51 -22.10 68.44
CA LEU D 653 28.20 -23.00 67.36
C LEU D 653 29.06 -24.26 67.50
N PRO D 654 28.61 -25.39 66.94
CA PRO D 654 29.42 -26.61 67.02
C PRO D 654 30.72 -26.48 66.25
N GLU D 655 31.71 -27.27 66.67
CA GLU D 655 33.06 -27.09 66.16
C GLU D 655 33.21 -27.57 64.72
N ASP D 656 32.49 -28.61 64.33
CA ASP D 656 32.54 -29.11 62.96
C ASP D 656 31.11 -29.27 62.42
N PHE D 657 30.55 -28.17 61.97
CA PHE D 657 29.31 -28.26 61.22
C PHE D 657 29.54 -28.13 59.73
N TYR D 658 30.78 -27.91 59.31
CA TYR D 658 31.02 -27.76 57.89
C TYR D 658 31.06 -29.11 57.17
N ASN D 659 31.16 -30.22 57.88
CA ASN D 659 31.09 -31.52 57.22
C ASN D 659 30.19 -32.51 57.94
N LYS D 660 29.39 -32.08 58.91
CA LYS D 660 28.48 -32.97 59.59
C LYS D 660 27.02 -32.53 59.54
N VAL D 661 26.73 -31.35 59.01
CA VAL D 661 25.40 -30.76 59.06
C VAL D 661 25.01 -30.33 57.66
N ASP D 662 23.84 -30.77 57.21
CA ASP D 662 23.23 -30.21 56.02
C ASP D 662 22.32 -29.07 56.42
N LEU D 663 22.43 -27.95 55.72
CA LEU D 663 21.56 -26.79 55.96
C LEU D 663 20.63 -26.58 54.78
N HIS D 664 19.45 -26.05 55.09
CA HIS D 664 18.42 -25.79 54.08
C HIS D 664 17.73 -24.50 54.47
N VAL D 665 17.73 -23.54 53.56
CA VAL D 665 17.16 -22.22 53.78
C VAL D 665 15.95 -22.08 52.89
N HIS D 666 14.81 -21.76 53.47
CA HIS D 666 13.57 -21.68 52.73
C HIS D 666 12.89 -20.36 53.02
N VAL D 667 12.35 -19.72 51.98
CA VAL D 667 11.65 -18.45 52.12
C VAL D 667 10.24 -18.62 51.55
N PRO D 668 9.24 -18.77 52.40
CA PRO D 668 7.87 -18.89 51.91
C PRO D 668 7.36 -17.56 51.36
N ASP D 669 6.51 -17.61 50.34
CA ASP D 669 6.02 -18.83 49.69
C ASP D 669 6.90 -19.26 48.52
N GLY D 670 6.64 -20.45 48.01
CA GLY D 670 7.49 -21.02 47.00
C GLY D 670 7.18 -20.65 45.57
N ALA D 671 6.21 -19.77 45.34
CA ALA D 671 5.82 -19.44 43.98
C ALA D 671 6.25 -18.07 43.51
N THR D 672 6.51 -17.13 44.42
CA THR D 672 6.88 -15.80 43.98
C THR D 672 8.39 -15.67 43.97
N PRO D 673 8.96 -15.11 42.87
CA PRO D 673 10.37 -14.86 42.80
C PRO D 673 10.86 -13.82 43.81
N LYS D 674 11.96 -14.08 44.48
CA LYS D 674 12.52 -13.17 45.51
C LYS D 674 13.99 -12.92 45.21
N ASP D 675 14.47 -11.67 45.30
CA ASP D 675 15.86 -11.32 44.96
C ASP D 675 16.34 -10.15 45.80
N GLY D 676 17.65 -9.94 45.83
CA GLY D 676 18.29 -8.76 46.42
C GLY D 676 19.22 -9.06 47.56
N PRO D 677 20.02 -8.09 48.00
CA PRO D 677 20.96 -8.32 49.05
C PRO D 677 20.59 -7.75 50.41
N SER D 678 19.44 -7.12 50.53
CA SER D 678 19.11 -6.37 51.73
C SER D 678 18.78 -7.25 52.89
N ALA D 679 18.68 -8.58 52.69
CA ALA D 679 18.46 -9.45 53.88
C ALA D 679 19.69 -10.28 54.24
N GLY D 680 20.88 -9.67 54.23
CA GLY D 680 22.10 -10.39 54.67
C GLY D 680 22.06 -10.77 56.13
N ILE D 681 21.54 -9.88 57.00
CA ILE D 681 21.55 -10.12 58.47
C ILE D 681 20.50 -11.17 58.86
N THR D 682 19.29 -11.09 58.30
CA THR D 682 18.22 -12.02 58.64
C THR D 682 18.67 -13.46 58.49
N MET D 683 19.39 -13.74 57.40
CA MET D 683 19.91 -15.09 57.20
C MET D 683 20.99 -15.44 58.20
N ALA D 684 21.81 -14.46 58.59
CA ALA D 684 22.81 -14.74 59.61
C ALA D 684 22.19 -14.99 60.97
N THR D 685 21.06 -14.36 61.27
CA THR D 685 20.39 -14.65 62.54
C THR D 685 19.74 -16.03 62.52
N ALA D 686 19.08 -16.36 61.40
CA ALA D 686 18.36 -17.63 61.30
C ALA D 686 19.31 -18.82 61.29
N ILE D 687 20.45 -18.71 60.59
CA ILE D 687 21.39 -19.83 60.53
C ILE D 687 22.05 -20.04 61.88
N ALA D 688 22.36 -18.96 62.59
CA ALA D 688 23.00 -19.08 63.89
C ALA D 688 22.05 -19.65 64.93
N SER D 689 20.78 -19.28 64.85
CA SER D 689 19.81 -19.85 65.77
C SER D 689 19.54 -21.31 65.47
N ALA D 690 19.54 -21.68 64.19
CA ALA D 690 19.34 -23.06 63.83
C ALA D 690 20.51 -23.94 64.19
N LEU D 691 21.73 -23.41 64.13
CA LEU D 691 22.89 -24.21 64.47
C LEU D 691 23.16 -24.27 65.96
N SER D 692 22.81 -23.25 66.73
CA SER D 692 23.13 -23.24 68.15
C SER D 692 21.96 -23.58 69.04
N ARG D 693 20.80 -23.94 68.47
CA ARG D 693 19.62 -24.43 69.18
C ARG D 693 19.04 -23.41 70.16
N ARG D 694 19.22 -22.14 69.88
CA ARG D 694 18.60 -21.17 70.76
C ARG D 694 17.62 -20.31 69.98
N PRO D 695 16.51 -19.91 70.58
CA PRO D 695 15.45 -19.26 69.82
C PRO D 695 15.85 -17.86 69.38
N ALA D 696 15.09 -17.34 68.44
CA ALA D 696 15.26 -15.98 67.95
C ALA D 696 13.98 -15.22 68.21
N ARG D 697 14.12 -13.97 68.65
CA ARG D 697 12.96 -13.18 69.00
C ARG D 697 12.23 -12.74 67.74
N MET D 698 10.95 -13.09 67.66
CA MET D 698 10.13 -12.73 66.50
C MET D 698 9.45 -11.38 66.67
N ASP D 699 9.74 -10.66 67.75
CA ASP D 699 9.19 -9.33 67.95
C ASP D 699 9.81 -8.29 67.03
N ILE D 700 10.96 -8.60 66.44
CA ILE D 700 11.85 -7.60 65.87
C ILE D 700 12.03 -7.91 64.40
N ALA D 701 11.76 -6.92 63.56
CA ALA D 701 12.11 -7.03 62.16
C ALA D 701 13.51 -6.47 61.95
N MET D 702 14.13 -6.82 60.82
CA MET D 702 15.52 -6.44 60.62
C MET D 702 15.82 -6.42 59.14
N THR D 703 16.92 -5.77 58.79
CA THR D 703 17.36 -5.65 57.40
C THR D 703 18.84 -5.27 57.39
N GLY D 704 19.41 -5.18 56.19
CA GLY D 704 20.80 -4.79 56.05
C GLY D 704 21.68 -5.81 55.36
N GLU D 705 22.63 -5.37 54.55
CA GLU D 705 23.56 -6.32 53.94
C GLU D 705 24.58 -6.80 54.94
N VAL D 706 25.34 -7.80 54.54
CA VAL D 706 26.44 -8.31 55.34
C VAL D 706 27.64 -8.45 54.42
N SER D 707 28.83 -8.25 54.97
CA SER D 707 30.05 -8.52 54.24
C SER D 707 30.71 -9.76 54.82
N LEU D 708 31.85 -10.13 54.28
CA LEU D 708 32.47 -11.38 54.66
C LEU D 708 33.18 -11.27 55.99
N ARG D 709 33.50 -10.05 56.43
CA ARG D 709 34.13 -9.82 57.72
C ARG D 709 33.17 -9.24 58.75
N GLY D 710 31.89 -9.15 58.43
CA GLY D 710 30.90 -8.83 59.42
C GLY D 710 30.51 -7.38 59.54
N LYS D 711 30.52 -6.63 58.46
CA LYS D 711 30.10 -5.25 58.47
C LYS D 711 28.70 -5.16 57.91
N VAL D 712 27.84 -4.40 58.56
CA VAL D 712 26.48 -4.20 58.10
C VAL D 712 26.47 -3.00 57.18
N MET D 713 26.18 -3.21 56.02
CA MET D 713 26.20 -2.22 54.97
C MET D 713 24.81 -1.66 54.75
N PRO D 714 24.68 -0.41 54.29
CA PRO D 714 23.34 0.19 54.17
C PRO D 714 22.53 -0.41 53.03
N ILE D 715 21.22 -0.22 53.14
CA ILE D 715 20.25 -0.79 52.21
C ILE D 715 19.30 0.31 51.73
N GLY D 716 18.35 -0.07 50.89
CA GLY D 716 17.50 0.89 50.23
C GLY D 716 16.03 0.64 50.50
N GLY D 717 15.25 1.71 50.42
CA GLY D 717 13.80 1.64 50.56
C GLY D 717 13.33 1.49 51.99
N VAL D 718 13.80 2.35 52.89
CA VAL D 718 13.58 2.08 54.31
C VAL D 718 12.19 2.50 54.75
N LYS D 719 11.58 3.51 54.12
CA LYS D 719 10.31 3.99 54.65
C LYS D 719 9.17 3.03 54.35
N GLU D 720 9.21 2.33 53.21
CA GLU D 720 8.19 1.35 52.91
C GLU D 720 8.29 0.15 53.83
N LYS D 721 9.50 -0.29 54.10
CA LYS D 721 9.71 -1.40 55.02
C LYS D 721 9.28 -1.04 56.43
N LEU D 722 9.55 0.19 56.87
CA LEU D 722 9.15 0.56 58.22
C LEU D 722 7.65 0.78 58.34
N LEU D 723 6.99 1.30 57.30
CA LEU D 723 5.54 1.41 57.34
C LEU D 723 4.88 0.05 57.37
N ALA D 724 5.40 -0.90 56.58
CA ALA D 724 4.84 -2.24 56.61
C ALA D 724 5.11 -2.95 57.93
N ALA D 725 6.24 -2.66 58.58
CA ALA D 725 6.48 -3.25 59.89
C ALA D 725 5.59 -2.63 60.95
N HIS D 726 5.22 -1.37 60.78
CA HIS D 726 4.33 -0.74 61.74
C HIS D 726 2.88 -1.17 61.57
N GLN D 727 2.44 -1.40 60.33
CA GLN D 727 1.07 -1.82 60.11
C GLN D 727 0.82 -3.24 60.56
N ALA D 728 1.85 -4.07 60.64
CA ALA D 728 1.67 -5.44 61.06
C ALA D 728 1.82 -5.63 62.56
N GLY D 729 2.14 -4.57 63.29
CA GLY D 729 2.19 -4.66 64.74
C GLY D 729 3.55 -4.98 65.31
N ILE D 730 4.62 -4.59 64.65
CA ILE D 730 5.99 -4.80 65.12
C ILE D 730 6.55 -3.45 65.51
N HIS D 731 7.11 -3.36 66.72
CA HIS D 731 7.55 -2.08 67.26
C HIS D 731 9.04 -2.02 67.54
N LYS D 732 9.83 -2.93 66.98
CA LYS D 732 11.26 -2.95 67.21
C LYS D 732 11.95 -3.26 65.90
N ILE D 733 12.91 -2.43 65.50
CA ILE D 733 13.60 -2.55 64.22
C ILE D 733 15.10 -2.58 64.46
N VAL D 734 15.83 -3.43 63.74
CA VAL D 734 17.27 -3.38 63.64
C VAL D 734 17.62 -2.88 62.26
N LEU D 735 18.48 -1.87 62.18
CA LEU D 735 18.74 -1.14 60.95
C LEU D 735 20.22 -0.77 60.91
N PRO D 736 20.81 -0.65 59.74
CA PRO D 736 22.23 -0.25 59.66
C PRO D 736 22.45 1.17 60.13
N LYS D 737 23.67 1.42 60.59
CA LYS D 737 24.02 2.73 61.13
C LYS D 737 24.04 3.80 60.04
N ASP D 738 24.32 3.40 58.81
CA ASP D 738 24.41 4.33 57.71
C ASP D 738 23.07 4.74 57.15
N ASN D 739 21.97 4.18 57.65
CA ASN D 739 20.64 4.58 57.24
C ASN D 739 19.93 5.46 58.25
N GLU D 740 20.65 6.03 59.22
CA GLU D 740 19.99 6.91 60.17
C GLU D 740 19.67 8.26 59.57
N ALA D 741 20.30 8.60 58.44
CA ALA D 741 19.97 9.84 57.76
C ALA D 741 18.63 9.76 57.05
N GLN D 742 18.06 8.58 56.88
CA GLN D 742 16.83 8.42 56.13
C GLN D 742 15.62 8.18 57.02
N LEU D 743 15.79 8.28 58.35
CA LEU D 743 14.65 8.15 59.23
C LEU D 743 13.79 9.40 59.26
N GLU D 744 14.26 10.50 58.69
CA GLU D 744 13.54 11.76 58.69
C GLU D 744 12.50 11.85 57.59
N GLU D 745 12.24 10.77 56.86
CA GLU D 745 11.21 10.73 55.83
C GLU D 745 9.93 10.08 56.31
N LEU D 746 9.87 9.66 57.55
CA LEU D 746 8.74 8.96 58.12
C LEU D 746 7.77 9.93 58.76
N PRO D 747 6.49 9.56 58.88
CA PRO D 747 5.57 10.34 59.70
C PRO D 747 5.97 10.31 61.15
N LYS D 748 5.53 11.32 61.89
CA LYS D 748 6.01 11.52 63.25
C LYS D 748 5.45 10.48 64.21
N GLU D 749 4.17 10.14 64.07
CA GLU D 749 3.55 9.15 64.93
C GLU D 749 4.04 7.73 64.63
N VAL D 750 4.54 7.49 63.42
CA VAL D 750 5.14 6.20 63.12
C VAL D 750 6.50 6.12 63.78
N LEU D 751 7.25 7.22 63.73
CA LEU D 751 8.60 7.23 64.27
C LEU D 751 8.60 7.19 65.79
N GLU D 752 7.56 7.74 66.43
CA GLU D 752 7.48 7.64 67.88
C GLU D 752 7.04 6.25 68.35
N GLY D 753 6.35 5.50 67.51
CA GLY D 753 5.95 4.18 67.92
C GLY D 753 7.01 3.11 67.79
N LEU D 754 8.07 3.38 67.05
CA LEU D 754 9.08 2.38 66.75
C LEU D 754 10.33 2.60 67.59
N GLU D 755 10.86 1.52 68.13
CA GLU D 755 12.12 1.53 68.86
C GLU D 755 13.19 0.99 67.94
N ILE D 756 14.03 1.88 67.41
CA ILE D 756 14.98 1.54 66.36
C ILE D 756 16.38 1.42 66.96
N LYS D 757 17.06 0.33 66.61
CA LYS D 757 18.42 0.08 67.04
C LYS D 757 19.35 0.10 65.84
N LEU D 758 20.46 0.80 65.94
CA LEU D 758 21.36 1.03 64.82
C LEU D 758 22.66 0.26 65.04
N VAL D 759 23.04 -0.55 64.06
CA VAL D 759 24.15 -1.48 64.22
C VAL D 759 25.20 -1.24 63.15
N GLU D 760 26.41 -1.75 63.43
CA GLU D 760 27.53 -1.71 62.50
C GLU D 760 28.11 -3.10 62.30
N ASP D 761 28.13 -3.89 63.37
CA ASP D 761 28.69 -5.23 63.38
C ASP D 761 27.55 -6.24 63.44
N VAL D 762 27.83 -7.45 62.97
CA VAL D 762 26.83 -8.51 63.00
C VAL D 762 26.71 -9.08 64.41
N GLY D 763 27.79 -9.03 65.18
CA GLY D 763 27.75 -9.51 66.55
C GLY D 763 26.83 -8.72 67.44
N GLU D 764 26.65 -7.44 67.13
CA GLU D 764 25.66 -6.62 67.83
C GLU D 764 24.25 -7.12 67.56
N VAL D 765 24.01 -7.68 66.38
CA VAL D 765 22.70 -8.22 66.06
C VAL D 765 22.49 -9.57 66.75
N LEU D 766 23.50 -10.44 66.69
CA LEU D 766 23.36 -11.76 67.29
C LEU D 766 23.33 -11.73 68.80
N GLU D 767 23.92 -10.72 69.43
CA GLU D 767 23.76 -10.58 70.87
C GLU D 767 22.34 -10.17 71.24
N TYR D 768 21.71 -9.34 70.40
CA TYR D 768 20.43 -8.76 70.71
C TYR D 768 19.25 -9.65 70.37
N LEU D 769 19.37 -10.54 69.39
CA LEU D 769 18.22 -11.33 68.96
C LEU D 769 18.13 -12.72 69.55
N LEU D 770 19.24 -13.33 69.94
CA LEU D 770 19.19 -14.71 70.38
C LEU D 770 18.97 -14.80 71.88
N LEU D 771 18.14 -15.73 72.29
CA LEU D 771 17.93 -15.92 73.71
C LEU D 771 19.07 -16.76 74.29
N PRO D 772 19.57 -16.42 75.47
CA PRO D 772 20.89 -16.92 75.89
C PRO D 772 20.94 -18.37 76.34
N GLU D 773 19.89 -19.17 76.18
CA GLU D 773 20.01 -20.56 76.58
C GLU D 773 19.45 -21.49 75.50
N PRO D 774 20.06 -22.65 75.30
CA PRO D 774 19.52 -23.60 74.33
C PRO D 774 18.29 -24.32 74.85
N THR D 775 17.39 -24.63 73.93
CA THR D 775 16.13 -25.29 74.25
C THR D 775 16.00 -26.67 73.63
N MET D 776 16.63 -26.93 72.51
CA MET D 776 16.60 -28.22 71.85
C MET D 776 17.93 -28.94 71.98
N PRO D 777 17.94 -30.28 71.85
CA PRO D 777 19.21 -30.99 71.74
C PRO D 777 19.90 -30.62 70.44
N PRO D 778 21.23 -30.72 70.38
CA PRO D 778 21.95 -30.32 69.17
C PRO D 778 21.72 -31.28 68.01
N VAL D 779 22.31 -30.91 66.87
CA VAL D 779 22.06 -31.64 65.63
C VAL D 779 22.76 -32.99 65.65
N VAL D 780 24.08 -32.96 65.75
CA VAL D 780 24.88 -34.19 65.75
C VAL D 780 25.22 -34.55 67.20
N ARG E 2 28.02 33.22 -73.10
CA ARG E 2 29.19 34.07 -73.00
C ARG E 2 28.80 35.38 -72.35
N LEU E 3 29.78 36.27 -72.18
CA LEU E 3 29.61 37.61 -71.61
C LEU E 3 29.05 37.51 -70.18
N GLU E 4 29.96 37.14 -69.27
CA GLU E 4 29.74 37.04 -67.82
C GLU E 4 28.89 38.19 -67.29
N LEU E 5 27.92 37.85 -66.45
CA LEU E 5 26.91 38.78 -66.00
C LEU E 5 26.65 38.57 -64.51
N PRO E 6 25.95 39.48 -63.86
CA PRO E 6 25.50 39.23 -62.49
C PRO E 6 24.15 38.52 -62.45
N VAL E 7 23.74 38.19 -61.21
CA VAL E 7 22.48 37.53 -60.91
C VAL E 7 21.73 38.41 -59.91
N ILE E 8 20.45 38.66 -60.17
CA ILE E 8 19.59 39.40 -59.25
C ILE E 8 18.95 38.38 -58.31
N PRO E 9 19.06 38.53 -57.00
CA PRO E 9 18.34 37.64 -56.10
C PRO E 9 16.86 37.97 -55.94
N LEU E 10 16.01 37.19 -56.57
CA LEU E 10 14.58 37.26 -56.34
C LEU E 10 14.24 36.28 -55.24
N ARG E 11 13.32 36.66 -54.36
CA ARG E 11 13.15 35.93 -53.10
C ARG E 11 12.47 34.58 -53.34
N ASN E 12 11.22 34.59 -53.77
CA ASN E 12 10.54 33.34 -54.04
C ASN E 12 9.69 33.37 -55.31
N THR E 13 9.97 34.26 -56.25
CA THR E 13 9.19 34.41 -57.47
C THR E 13 10.06 34.03 -58.66
N VAL E 14 9.64 32.99 -59.39
CA VAL E 14 10.41 32.44 -60.49
C VAL E 14 9.60 32.65 -61.76
N ILE E 15 10.05 33.56 -62.61
CA ILE E 15 9.40 33.73 -63.90
C ILE E 15 10.33 33.18 -64.98
N LEU E 16 9.73 32.90 -66.13
CA LEU E 16 10.08 31.86 -67.08
C LEU E 16 10.66 32.44 -68.37
N PRO E 17 11.15 31.61 -69.30
CA PRO E 17 11.57 32.15 -70.60
C PRO E 17 10.41 32.73 -71.40
N HIS E 18 10.78 33.62 -72.33
CA HIS E 18 9.88 34.23 -73.33
C HIS E 18 8.69 34.94 -72.69
N THR E 19 8.88 35.47 -71.49
CA THR E 19 7.78 35.84 -70.62
C THR E 19 7.80 37.35 -70.39
N THR E 20 6.87 38.06 -71.02
CA THR E 20 6.71 39.49 -70.79
C THR E 20 6.13 39.71 -69.40
N THR E 21 6.94 40.25 -68.48
CA THR E 21 6.46 40.39 -67.12
C THR E 21 7.11 41.58 -66.40
N PRO E 22 6.31 42.48 -65.85
CA PRO E 22 6.83 43.52 -64.94
C PRO E 22 7.21 42.93 -63.59
N VAL E 23 8.45 43.12 -63.19
CA VAL E 23 8.96 42.69 -61.90
C VAL E 23 8.96 43.89 -60.97
N ASP E 24 8.56 43.69 -59.70
CA ASP E 24 8.32 44.78 -58.75
C ASP E 24 9.19 44.55 -57.51
N VAL E 25 10.44 45.03 -57.56
CA VAL E 25 11.43 44.81 -56.51
C VAL E 25 12.00 46.16 -56.11
N GLY E 26 12.16 46.37 -54.80
CA GLY E 26 12.76 47.59 -54.27
C GLY E 26 13.81 47.36 -53.20
N ARG E 27 14.57 46.26 -53.30
CA ARG E 27 15.55 45.91 -52.29
C ARG E 27 16.73 46.88 -52.29
N ALA E 28 17.37 47.02 -51.12
CA ALA E 28 18.48 47.95 -50.98
C ALA E 28 19.74 47.43 -51.65
N LYS E 29 20.14 46.21 -51.33
CA LYS E 29 21.35 45.61 -51.90
C LYS E 29 21.13 45.03 -53.30
N SER E 30 19.93 45.15 -53.86
CA SER E 30 19.64 44.55 -55.15
C SER E 30 19.05 45.50 -56.18
N LYS E 31 18.54 46.67 -55.80
CA LYS E 31 18.26 47.65 -56.83
C LYS E 31 19.56 48.18 -57.42
N ARG E 32 20.64 48.22 -56.62
CA ARG E 32 21.95 48.55 -57.16
C ARG E 32 22.41 47.51 -58.17
N ALA E 33 22.03 46.25 -57.95
CA ALA E 33 22.36 45.21 -58.92
C ALA E 33 21.49 45.28 -60.17
N VAL E 34 20.22 45.71 -60.03
CA VAL E 34 19.38 45.93 -61.22
C VAL E 34 19.98 47.05 -62.09
N GLU E 35 20.40 48.13 -61.43
CA GLU E 35 21.01 49.27 -62.12
C GLU E 35 22.31 48.90 -62.80
N GLU E 36 23.21 48.21 -62.10
CA GLU E 36 24.51 47.88 -62.66
C GLU E 36 24.53 46.52 -63.33
N ALA E 37 23.38 45.89 -63.54
CA ALA E 37 23.20 44.90 -64.57
C ALA E 37 22.56 45.49 -65.83
N MET E 38 21.79 46.57 -65.71
CA MET E 38 21.50 47.41 -66.86
C MET E 38 22.76 48.05 -67.42
N GLY E 39 23.69 48.42 -66.54
CA GLY E 39 24.98 48.96 -66.90
C GLY E 39 25.91 48.01 -67.65
N ALA E 40 25.53 46.75 -67.86
CA ALA E 40 26.24 45.83 -68.72
C ALA E 40 25.54 45.72 -70.08
N ASP E 41 25.02 46.86 -70.55
CA ASP E 41 24.26 47.02 -71.79
C ASP E 41 23.04 46.10 -71.82
N ARG E 42 22.17 46.32 -70.82
CA ARG E 42 20.77 45.84 -70.81
C ARG E 42 20.68 44.31 -70.74
N LEU E 43 21.59 43.69 -69.99
CA LEU E 43 21.69 42.23 -69.95
C LEU E 43 21.70 41.76 -68.50
N ILE E 44 20.72 40.91 -68.16
CA ILE E 44 20.53 40.39 -66.81
C ILE E 44 20.36 38.89 -66.87
N PHE E 45 21.08 38.17 -66.01
CA PHE E 45 20.69 36.83 -65.58
C PHE E 45 19.75 36.91 -64.39
N LEU E 46 18.63 36.19 -64.47
CA LEU E 46 17.68 36.09 -63.38
C LEU E 46 17.60 34.64 -62.92
N VAL E 47 18.08 34.37 -61.71
CA VAL E 47 17.79 33.13 -61.00
C VAL E 47 17.39 33.52 -59.59
N ALA E 48 16.25 33.03 -59.14
CA ALA E 48 15.82 33.29 -57.77
C ALA E 48 16.54 32.36 -56.81
N GLN E 49 16.26 32.53 -55.53
CA GLN E 49 17.05 31.94 -54.47
C GLN E 49 16.29 30.80 -53.80
N ARG E 50 16.92 30.15 -52.81
CA ARG E 50 16.23 29.13 -52.04
C ARG E 50 15.95 29.63 -50.63
N ASP E 51 15.45 28.72 -49.80
CA ASP E 51 14.88 28.81 -48.46
C ASP E 51 15.87 29.42 -47.46
N PRO E 52 15.49 29.65 -46.15
CA PRO E 52 15.54 31.01 -45.57
C PRO E 52 16.59 32.00 -46.04
N GLU E 53 16.09 33.21 -46.20
CA GLU E 53 16.64 34.24 -47.06
C GLU E 53 17.04 35.44 -46.21
N VAL E 54 18.36 35.64 -46.03
CA VAL E 54 18.86 36.79 -45.31
C VAL E 54 19.18 37.85 -46.34
N ASP E 55 19.41 39.09 -45.91
CA ASP E 55 19.58 40.19 -46.88
C ASP E 55 20.97 40.23 -47.48
N ASP E 56 21.82 39.25 -47.17
CA ASP E 56 23.02 38.98 -47.92
C ASP E 56 22.61 38.12 -49.12
N PRO E 57 22.84 38.56 -50.35
CA PRO E 57 22.67 37.62 -51.47
C PRO E 57 23.79 36.60 -51.49
N ALA E 58 23.48 35.39 -51.01
CA ALA E 58 24.36 34.32 -50.59
C ALA E 58 25.15 33.76 -51.76
N PRO E 59 26.24 33.03 -51.50
CA PRO E 59 26.77 32.13 -52.53
C PRO E 59 25.88 30.92 -52.74
N ASP E 60 25.01 30.62 -51.76
CA ASP E 60 24.43 29.30 -51.55
C ASP E 60 22.91 29.30 -51.68
N ASP E 61 22.34 30.05 -52.62
CA ASP E 61 20.89 30.10 -52.74
C ASP E 61 20.37 29.93 -54.17
N LEU E 62 21.20 30.14 -55.19
CA LEU E 62 20.76 29.90 -56.56
C LEU E 62 20.63 28.40 -56.87
N TYR E 63 20.35 28.07 -58.13
CA TYR E 63 20.26 26.66 -58.50
C TYR E 63 20.85 26.35 -59.86
N THR E 64 20.63 25.10 -60.28
CA THR E 64 21.41 24.39 -61.30
C THR E 64 21.01 24.71 -62.73
N TRP E 65 20.03 25.58 -62.92
CA TRP E 65 19.72 26.13 -64.23
C TRP E 65 19.44 27.61 -64.09
N GLY E 66 19.16 28.27 -65.21
CA GLY E 66 18.90 29.68 -65.15
C GLY E 66 18.06 30.08 -66.33
N VAL E 67 17.78 31.37 -66.41
CA VAL E 67 17.01 31.93 -67.50
C VAL E 67 17.50 33.35 -67.75
N GLN E 68 17.56 33.72 -69.03
CA GLN E 68 18.05 35.02 -69.46
C GLN E 68 17.04 36.10 -69.06
N ALA E 69 17.47 37.36 -69.16
CA ALA E 69 16.56 38.49 -69.01
C ALA E 69 17.15 39.66 -69.79
N VAL E 70 16.62 39.92 -70.98
CA VAL E 70 16.94 41.17 -71.66
C VAL E 70 15.93 42.20 -71.20
N VAL E 71 16.41 43.42 -70.95
CA VAL E 71 15.58 44.45 -70.36
C VAL E 71 14.70 45.05 -71.45
N LYS E 72 13.46 45.41 -71.10
CA LYS E 72 12.57 46.03 -72.06
C LYS E 72 12.23 47.48 -71.77
N GLN E 73 12.41 47.95 -70.54
CA GLN E 73 12.15 49.35 -70.22
C GLN E 73 13.10 49.80 -69.12
N ALA E 74 13.31 51.12 -69.06
CA ALA E 74 14.15 51.74 -68.05
C ALA E 74 13.28 52.66 -67.22
N MET E 75 13.05 52.29 -65.96
CA MET E 75 12.09 53.03 -65.13
C MET E 75 12.51 52.89 -63.67
N ARG E 76 13.11 53.95 -63.14
CA ARG E 76 13.44 54.03 -61.72
C ARG E 76 12.41 54.92 -61.03
N LEU E 77 11.38 54.31 -60.47
CA LEU E 77 10.18 54.98 -60.02
C LEU E 77 10.39 55.73 -58.70
N PRO E 78 9.52 56.73 -58.39
CA PRO E 78 9.52 57.36 -57.07
C PRO E 78 8.64 56.63 -56.04
N ASP E 79 8.81 55.31 -55.94
CA ASP E 79 8.34 54.57 -54.78
C ASP E 79 9.43 53.68 -54.17
N GLY E 80 10.67 53.81 -54.65
CA GLY E 80 11.72 52.86 -54.36
C GLY E 80 11.79 51.70 -55.34
N THR E 81 10.67 51.28 -55.90
CA THR E 81 10.57 50.05 -56.67
C THR E 81 10.79 50.32 -58.16
N LEU E 82 11.82 49.71 -58.71
CA LEU E 82 12.03 49.70 -60.16
C LEU E 82 11.08 48.68 -60.76
N GLN E 83 9.88 49.11 -61.10
CA GLN E 83 8.99 48.31 -61.94
C GLN E 83 9.62 48.23 -63.32
N VAL E 84 10.22 47.09 -63.65
CA VAL E 84 10.98 46.93 -64.88
C VAL E 84 10.33 45.80 -65.68
N MET E 85 10.25 45.99 -67.00
CA MET E 85 9.70 44.99 -67.88
C MET E 85 10.82 44.09 -68.40
N VAL E 86 10.74 42.81 -68.10
CA VAL E 86 11.78 41.87 -68.49
C VAL E 86 11.16 40.78 -69.37
N GLU E 87 12.01 40.21 -70.23
CA GLU E 87 11.64 39.08 -71.05
C GLU E 87 12.94 38.37 -71.46
N ALA E 88 12.86 37.07 -71.68
CA ALA E 88 14.01 36.21 -71.90
C ALA E 88 14.08 35.74 -73.33
N ARG E 89 15.30 35.50 -73.80
CA ARG E 89 15.37 34.69 -75.00
C ARG E 89 15.13 33.22 -74.68
N ALA E 90 15.81 32.68 -73.68
CA ALA E 90 15.66 31.26 -73.33
C ALA E 90 16.13 31.03 -71.90
N ARG E 91 16.16 29.76 -71.53
CA ARG E 91 16.70 29.24 -70.27
C ARG E 91 18.21 29.06 -70.40
N ALA E 92 18.87 28.89 -69.27
CA ALA E 92 20.33 28.98 -69.26
C ALA E 92 20.90 28.26 -68.04
N GLN E 93 22.20 28.45 -67.84
CA GLN E 93 22.95 27.88 -66.72
C GLN E 93 24.07 28.86 -66.41
N VAL E 94 24.67 28.72 -65.23
CA VAL E 94 25.71 29.61 -64.73
C VAL E 94 26.94 28.77 -64.39
N THR E 95 28.12 29.19 -64.87
CA THR E 95 29.32 28.40 -64.56
C THR E 95 29.94 28.74 -63.20
N ASP E 96 30.22 30.02 -62.95
CA ASP E 96 31.04 30.47 -61.83
C ASP E 96 30.30 31.54 -61.03
N TYR E 97 30.98 32.08 -60.01
CA TYR E 97 30.78 33.42 -59.44
C TYR E 97 31.90 33.77 -58.48
N ILE E 98 32.23 35.06 -58.40
CA ILE E 98 32.89 35.63 -57.24
C ILE E 98 31.77 36.08 -56.32
N PRO E 99 31.67 35.55 -55.09
CA PRO E 99 30.41 35.67 -54.32
C PRO E 99 30.12 37.10 -53.86
N GLY E 100 28.98 37.62 -54.29
CA GLY E 100 28.68 39.02 -54.19
C GLY E 100 27.28 39.36 -53.71
N PRO E 101 26.51 40.16 -54.49
CA PRO E 101 26.59 40.62 -55.89
C PRO E 101 27.78 41.55 -56.21
N TYR E 102 28.49 41.26 -57.30
CA TYR E 102 27.92 40.55 -58.44
C TYR E 102 28.39 39.11 -58.62
N LEU E 103 27.42 38.19 -58.71
CA LEU E 103 27.65 36.77 -58.95
C LEU E 103 27.94 36.58 -60.43
N ARG E 104 29.23 36.55 -60.78
CA ARG E 104 29.68 36.60 -62.17
C ARG E 104 29.27 35.33 -62.91
N ALA E 105 28.35 35.49 -63.87
CA ALA E 105 27.64 34.37 -64.45
C ALA E 105 27.87 34.33 -65.95
N ARG E 106 28.67 33.37 -66.39
CA ARG E 106 28.81 33.10 -67.81
C ARG E 106 28.01 31.85 -68.17
N GLY E 107 27.31 31.96 -69.29
CA GLY E 107 26.76 30.82 -69.98
C GLY E 107 27.39 30.67 -71.37
N GLU E 108 26.60 30.10 -72.28
CA GLU E 108 26.99 29.75 -73.63
C GLU E 108 25.86 30.19 -74.56
N VAL E 109 25.86 29.68 -75.79
CA VAL E 109 24.62 29.74 -76.55
C VAL E 109 23.62 28.80 -75.89
N PHE E 110 22.37 29.26 -75.79
CA PHE E 110 21.46 28.58 -74.88
C PHE E 110 20.81 27.39 -75.57
N SER E 111 20.65 26.32 -74.81
CA SER E 111 20.19 25.03 -75.32
C SER E 111 18.71 25.15 -75.68
N GLU E 112 18.39 24.84 -76.94
CA GLU E 112 17.04 25.02 -77.48
C GLU E 112 16.70 23.83 -78.37
N ILE E 113 15.42 23.64 -78.62
CA ILE E 113 14.95 22.67 -79.60
C ILE E 113 14.04 23.37 -80.59
N PHE E 114 14.19 23.01 -81.86
CA PHE E 114 13.36 23.57 -82.91
C PHE E 114 12.44 22.48 -83.45
N PRO E 115 11.16 22.78 -83.68
CA PRO E 115 10.10 21.76 -83.54
C PRO E 115 10.15 20.65 -84.58
N ILE E 116 9.53 19.53 -84.23
CA ILE E 116 9.55 18.31 -85.02
C ILE E 116 8.14 17.84 -85.37
N ASP E 117 7.26 17.78 -84.38
CA ASP E 117 5.91 17.28 -84.53
C ASP E 117 4.91 18.43 -84.42
N GLU E 118 3.73 18.23 -85.01
CA GLU E 118 2.61 19.12 -84.75
C GLU E 118 1.29 18.41 -84.43
N ALA E 119 1.17 17.10 -84.64
CA ALA E 119 -0.13 16.44 -84.45
C ALA E 119 -0.40 16.12 -82.98
N VAL E 120 0.50 15.38 -82.33
CA VAL E 120 0.41 15.16 -80.89
C VAL E 120 0.57 16.49 -80.16
N VAL E 121 1.34 17.41 -80.74
CA VAL E 121 1.49 18.74 -80.17
C VAL E 121 0.17 19.49 -80.17
N ARG E 122 -0.58 19.45 -81.28
CA ARG E 122 -1.84 20.19 -81.31
C ARG E 122 -2.92 19.49 -80.51
N VAL E 123 -2.85 18.16 -80.39
CA VAL E 123 -3.77 17.44 -79.51
C VAL E 123 -3.52 17.82 -78.05
N LEU E 124 -2.25 17.88 -77.66
CA LEU E 124 -1.88 18.30 -76.31
C LEU E 124 -2.23 19.76 -76.05
N VAL E 125 -2.03 20.62 -77.06
CA VAL E 125 -2.42 22.02 -76.97
C VAL E 125 -3.93 22.14 -76.79
N GLU E 126 -4.70 21.31 -77.48
CA GLU E 126 -6.15 21.34 -77.33
C GLU E 126 -6.56 20.89 -75.93
N GLU E 127 -5.98 19.79 -75.45
CA GLU E 127 -6.22 19.29 -74.11
C GLU E 127 -5.87 20.33 -73.05
N LEU E 128 -4.75 21.02 -73.25
CA LEU E 128 -4.25 21.95 -72.24
C LEU E 128 -5.04 23.25 -72.25
N LYS E 129 -5.39 23.75 -73.44
CA LYS E 129 -6.23 24.94 -73.56
C LYS E 129 -7.62 24.71 -72.94
N GLU E 130 -8.25 23.58 -73.29
CA GLU E 130 -9.54 23.19 -72.71
C GLU E 130 -9.46 23.06 -71.19
N ALA E 131 -8.47 22.31 -70.70
CA ALA E 131 -8.38 22.03 -69.27
C ALA E 131 -8.04 23.27 -68.48
N PHE E 132 -7.18 24.14 -69.01
CA PHE E 132 -6.86 25.35 -68.28
C PHE E 132 -8.00 26.37 -68.33
N GLU E 133 -8.75 26.40 -69.43
CA GLU E 133 -9.87 27.35 -69.48
C GLU E 133 -11.03 26.89 -68.61
N LYS E 134 -11.24 25.59 -68.44
CA LYS E 134 -12.20 25.17 -67.43
C LYS E 134 -11.61 25.18 -66.03
N TYR E 135 -10.28 25.19 -65.94
CA TYR E 135 -9.63 25.32 -64.65
C TYR E 135 -9.79 26.73 -64.09
N VAL E 136 -9.59 27.74 -64.94
CA VAL E 136 -9.52 29.11 -64.48
C VAL E 136 -10.87 29.60 -63.98
N ALA E 137 -11.97 28.99 -64.44
CA ALA E 137 -13.28 29.25 -63.86
C ALA E 137 -13.38 28.70 -62.44
N ASN E 138 -12.83 27.51 -62.19
CA ASN E 138 -12.69 27.05 -60.83
C ASN E 138 -11.58 27.78 -60.09
N HIS E 139 -10.59 28.28 -60.80
CA HIS E 139 -9.53 29.08 -60.21
C HIS E 139 -9.91 30.56 -60.12
N LYS E 140 -11.16 30.90 -60.49
CA LYS E 140 -11.75 32.13 -59.98
C LYS E 140 -11.85 32.09 -58.46
N SER E 141 -12.11 30.89 -57.91
CA SER E 141 -12.13 30.71 -56.47
C SER E 141 -10.76 30.91 -55.83
N LEU E 142 -9.68 30.84 -56.61
CA LEU E 142 -8.35 31.16 -56.12
C LEU E 142 -7.77 32.38 -56.82
N ARG E 143 -8.62 33.39 -57.06
CA ARG E 143 -8.21 34.77 -57.30
C ARG E 143 -7.30 34.97 -58.50
N LEU E 144 -7.87 35.00 -59.70
CA LEU E 144 -7.08 35.25 -60.89
C LEU E 144 -7.86 36.08 -61.90
N ASP E 145 -7.19 37.02 -62.57
CA ASP E 145 -7.80 37.77 -63.66
C ASP E 145 -7.80 36.96 -64.94
N ARG E 146 -8.43 37.52 -65.99
CA ARG E 146 -8.71 36.78 -67.22
C ARG E 146 -8.42 37.54 -68.51
N TYR E 147 -8.28 38.87 -68.46
CA TYR E 147 -8.00 39.60 -69.69
C TYR E 147 -6.56 39.37 -70.13
N GLN E 148 -5.71 39.05 -69.15
CA GLN E 148 -4.46 38.32 -69.36
C GLN E 148 -4.63 37.18 -70.37
N LEU E 149 -5.64 36.33 -70.16
CA LEU E 149 -5.90 35.26 -71.10
C LEU E 149 -6.64 35.75 -72.34
N GLU E 150 -7.60 36.64 -72.15
CA GLU E 150 -8.57 36.96 -73.20
C GLU E 150 -8.03 37.89 -74.28
N ALA E 151 -6.98 38.64 -73.99
CA ALA E 151 -6.41 39.50 -75.02
C ALA E 151 -5.37 38.80 -75.88
N VAL E 152 -4.87 37.64 -75.45
CA VAL E 152 -3.77 36.97 -76.12
C VAL E 152 -4.23 35.72 -76.88
N LYS E 153 -5.53 35.59 -77.16
CA LYS E 153 -6.08 34.38 -77.77
C LYS E 153 -5.90 34.34 -79.28
N GLY E 154 -4.97 35.11 -79.83
CA GLY E 154 -4.54 34.94 -81.21
C GLY E 154 -3.08 34.55 -81.26
N THR E 155 -2.40 34.63 -80.10
CA THR E 155 -0.99 34.31 -79.99
C THR E 155 -0.81 32.80 -80.08
N SER E 156 -0.25 32.34 -81.19
CA SER E 156 -0.22 30.92 -81.52
C SER E 156 0.86 30.13 -80.80
N ASP E 157 1.67 30.76 -79.96
CA ASP E 157 2.75 30.06 -79.29
C ASP E 157 2.23 29.37 -78.04
N PRO E 158 2.27 28.03 -77.97
CA PRO E 158 1.89 27.36 -76.73
C PRO E 158 2.90 27.57 -75.63
N ALA E 159 4.14 27.90 -75.99
CA ALA E 159 5.13 28.23 -74.97
C ALA E 159 4.84 29.59 -74.36
N MET E 160 4.46 30.57 -75.17
CA MET E 160 4.16 31.88 -74.59
C MET E 160 2.80 31.88 -73.90
N LEU E 161 1.85 31.08 -74.39
CA LEU E 161 0.60 30.92 -73.67
C LEU E 161 0.85 30.16 -72.36
N ALA E 162 1.82 29.26 -72.36
CA ALA E 162 2.24 28.60 -71.13
C ALA E 162 2.95 29.56 -70.19
N ASP E 163 3.63 30.56 -70.75
CA ASP E 163 4.20 31.61 -69.91
C ASP E 163 3.11 32.38 -69.20
N THR E 164 2.06 32.75 -69.95
CA THR E 164 0.87 33.38 -69.38
C THR E 164 0.24 32.48 -68.30
N ILE E 165 0.18 31.18 -68.57
CA ILE E 165 -0.35 30.22 -67.59
C ILE E 165 0.50 30.22 -66.33
N ALA E 166 1.77 29.87 -66.46
CA ALA E 166 2.59 29.56 -65.30
C ALA E 166 3.18 30.80 -64.64
N TYR E 167 2.94 31.98 -65.19
CA TYR E 167 3.10 33.20 -64.40
C TYR E 167 1.91 33.39 -63.48
N HIS E 168 0.80 32.73 -63.77
CA HIS E 168 -0.40 32.87 -62.98
C HIS E 168 -0.64 31.64 -62.13
N ALA E 169 0.09 30.56 -62.39
CA ALA E 169 -0.15 29.27 -61.76
C ALA E 169 0.29 29.30 -60.30
N THR E 170 -0.62 29.73 -59.43
CA THR E 170 -0.27 29.99 -58.04
C THR E 170 -0.02 28.72 -57.25
N TRP E 171 1.20 28.21 -57.31
CA TRP E 171 1.62 27.10 -56.48
C TRP E 171 3.10 27.26 -56.18
N THR E 172 3.76 26.15 -55.83
CA THR E 172 5.13 26.15 -55.33
C THR E 172 6.14 26.61 -56.39
N VAL E 173 7.37 26.77 -55.91
CA VAL E 173 8.48 27.18 -56.77
C VAL E 173 8.96 26.00 -57.61
N ALA E 174 8.98 24.81 -57.02
CA ALA E 174 9.68 23.69 -57.63
C ALA E 174 8.99 23.15 -58.88
N GLU E 175 7.67 23.30 -58.97
CA GLU E 175 6.98 22.89 -60.20
C GLU E 175 7.28 23.86 -61.34
N LYS E 176 7.35 25.16 -61.01
CA LYS E 176 7.84 26.17 -61.94
C LYS E 176 9.27 25.88 -62.35
N GLN E 177 10.08 25.35 -61.42
CA GLN E 177 11.45 24.95 -61.73
C GLN E 177 11.49 23.76 -62.69
N GLU E 178 10.65 22.75 -62.43
CA GLU E 178 10.63 21.57 -63.29
C GLU E 178 10.11 21.91 -64.68
N ILE E 179 9.31 22.96 -64.79
CA ILE E 179 9.11 23.59 -66.09
C ILE E 179 10.41 24.21 -66.58
N LEU E 180 11.04 25.00 -65.71
CA LEU E 180 12.04 25.98 -66.12
C LEU E 180 13.34 25.34 -66.60
N GLU E 181 13.69 24.18 -66.07
CA GLU E 181 14.98 23.60 -66.40
C GLU E 181 14.98 22.84 -67.71
N LEU E 182 13.84 22.73 -68.39
CA LEU E 182 13.76 21.87 -69.54
C LEU E 182 14.12 22.61 -70.82
N THR E 183 14.71 21.89 -71.76
CA THR E 183 14.84 22.33 -73.15
C THR E 183 13.96 21.49 -74.07
N ASP E 184 12.80 21.07 -73.55
CA ASP E 184 11.81 20.34 -74.32
C ASP E 184 10.45 20.87 -73.92
N LEU E 185 9.61 21.18 -74.91
CA LEU E 185 8.36 21.86 -74.63
C LEU E 185 7.15 20.95 -74.58
N GLU E 186 7.14 19.83 -75.32
CA GLU E 186 6.01 18.91 -75.26
C GLU E 186 5.89 18.29 -73.87
N ALA E 187 7.01 17.84 -73.31
CA ALA E 187 7.05 17.30 -71.96
C ALA E 187 6.69 18.36 -70.93
N ARG E 188 7.18 19.59 -71.14
CA ARG E 188 6.78 20.75 -70.35
C ARG E 188 5.26 20.90 -70.30
N LEU E 189 4.62 20.91 -71.46
CA LEU E 189 3.20 21.19 -71.52
C LEU E 189 2.38 20.04 -70.93
N LYS E 190 2.81 18.80 -71.13
CA LYS E 190 2.04 17.70 -70.56
C LYS E 190 2.25 17.64 -69.05
N LYS E 191 3.39 18.12 -68.56
CA LYS E 191 3.58 18.23 -67.12
C LYS E 191 2.65 19.28 -66.52
N VAL E 192 2.51 20.41 -67.21
CA VAL E 192 1.59 21.44 -66.76
C VAL E 192 0.15 20.92 -66.79
N LEU E 193 -0.16 20.10 -67.79
CA LEU E 193 -1.49 19.46 -67.87
C LEU E 193 -1.75 18.55 -66.68
N GLY E 194 -0.75 17.74 -66.31
CA GLY E 194 -0.90 16.86 -65.16
C GLY E 194 -1.09 17.61 -63.86
N LEU E 195 -0.36 18.72 -63.71
CA LEU E 195 -0.50 19.51 -62.49
C LEU E 195 -1.87 20.19 -62.43
N LEU E 196 -2.37 20.66 -63.57
CA LEU E 196 -3.72 21.23 -63.62
C LEU E 196 -4.78 20.20 -63.26
N SER E 197 -4.61 18.98 -63.76
CA SER E 197 -5.51 17.90 -63.40
C SER E 197 -5.49 17.65 -61.91
N ARG E 198 -4.31 17.68 -61.30
CA ARG E 198 -4.17 17.48 -59.86
C ARG E 198 -4.90 18.57 -59.07
N ASP E 199 -4.83 19.82 -59.56
CA ASP E 199 -5.56 20.91 -58.91
C ASP E 199 -7.06 20.74 -59.01
N LEU E 200 -7.56 20.39 -60.20
CA LEU E 200 -9.01 20.21 -60.35
C LEU E 200 -9.51 19.01 -59.54
N GLU E 201 -8.65 18.00 -59.38
CA GLU E 201 -8.95 16.88 -58.52
C GLU E 201 -9.12 17.31 -57.07
N ARG E 202 -8.20 18.12 -56.54
CA ARG E 202 -8.37 18.50 -55.14
C ARG E 202 -9.50 19.51 -54.98
N PHE E 203 -9.87 20.20 -56.05
CA PHE E 203 -11.04 21.06 -56.00
C PHE E 203 -12.31 20.26 -55.79
N GLU E 204 -12.52 19.24 -56.63
CA GLU E 204 -13.70 18.40 -56.47
C GLU E 204 -13.65 17.61 -55.17
N LEU E 205 -12.45 17.35 -54.66
CA LEU E 205 -12.32 16.65 -53.40
C LEU E 205 -12.77 17.50 -52.22
N ASP E 206 -12.41 18.80 -52.23
CA ASP E 206 -12.91 19.67 -51.18
C ASP E 206 -14.40 19.90 -51.31
N LYS E 207 -14.92 19.86 -52.54
CA LYS E 207 -16.35 19.96 -52.76
C LYS E 207 -17.09 18.82 -52.08
N ARG E 208 -16.61 17.59 -52.31
CA ARG E 208 -17.20 16.42 -51.68
C ARG E 208 -17.09 16.48 -50.17
N VAL E 209 -15.97 16.94 -49.64
CA VAL E 209 -15.83 16.89 -48.18
C VAL E 209 -16.64 18.01 -47.53
N ALA E 210 -16.90 19.09 -48.27
CA ALA E 210 -17.77 20.14 -47.76
C ALA E 210 -19.20 19.64 -47.66
N GLN E 211 -19.68 18.90 -48.67
CA GLN E 211 -21.02 18.34 -48.59
C GLN E 211 -21.11 17.30 -47.50
N ARG E 212 -20.01 16.59 -47.25
CA ARG E 212 -20.03 15.63 -46.16
C ARG E 212 -20.18 16.31 -44.81
N VAL E 213 -19.48 17.45 -44.63
CA VAL E 213 -19.60 18.18 -43.37
C VAL E 213 -20.98 18.77 -43.20
N LYS E 214 -21.56 19.30 -44.29
CA LYS E 214 -22.88 19.91 -44.22
C LYS E 214 -23.93 18.90 -43.82
N GLU E 215 -23.90 17.70 -44.42
CA GLU E 215 -24.90 16.71 -44.08
C GLU E 215 -24.69 16.18 -42.68
N GLN E 216 -23.45 16.16 -42.21
CA GLN E 216 -23.22 15.71 -40.84
C GLN E 216 -23.73 16.71 -39.82
N MET E 217 -23.58 18.01 -40.08
CA MET E 217 -24.13 19.01 -39.16
C MET E 217 -25.64 18.99 -39.12
N ASP E 218 -26.27 18.87 -40.29
CA ASP E 218 -27.72 18.79 -40.34
C ASP E 218 -28.24 17.57 -39.60
N THR E 219 -27.53 16.44 -39.69
CA THR E 219 -28.00 15.26 -38.99
C THR E 219 -27.82 15.40 -37.48
N ASN E 220 -26.79 16.12 -37.03
CA ASN E 220 -26.69 16.32 -35.58
C ASN E 220 -27.77 17.27 -35.07
N GLN E 221 -28.22 18.20 -35.90
CA GLN E 221 -29.30 19.07 -35.46
C GLN E 221 -30.63 18.33 -35.36
N ARG E 222 -30.86 17.41 -36.31
CA ARG E 222 -32.02 16.53 -36.22
C ARG E 222 -31.99 15.66 -34.97
N GLU E 223 -30.82 15.20 -34.58
CA GLU E 223 -30.74 14.40 -33.36
C GLU E 223 -30.95 15.25 -32.12
N TYR E 224 -30.71 16.55 -32.22
CA TYR E 224 -31.03 17.41 -31.06
C TYR E 224 -32.53 17.60 -30.91
N TYR E 225 -33.27 17.83 -32.02
CA TYR E 225 -34.74 17.82 -31.94
C TYR E 225 -35.27 16.56 -31.34
N LEU E 226 -34.73 15.41 -31.75
CA LEU E 226 -35.34 14.17 -31.32
C LEU E 226 -35.09 13.91 -29.85
N ARG E 227 -33.93 14.30 -29.33
CA ARG E 227 -33.73 14.14 -27.90
C ARG E 227 -34.63 15.06 -27.08
N GLU E 228 -34.84 16.30 -27.54
CA GLU E 228 -35.67 17.18 -26.72
C GLU E 228 -37.15 16.81 -26.82
N GLN E 229 -37.59 16.29 -27.97
CA GLN E 229 -38.97 15.87 -28.10
C GLN E 229 -39.23 14.60 -27.32
N MET E 230 -38.23 13.71 -27.22
CA MET E 230 -38.34 12.61 -26.28
C MET E 230 -38.49 13.13 -24.86
N LYS E 231 -37.72 14.16 -24.49
CA LYS E 231 -37.75 14.63 -23.12
C LYS E 231 -39.10 15.26 -22.77
N ALA E 232 -39.66 16.00 -23.71
CA ALA E 232 -40.97 16.62 -23.52
C ALA E 232 -42.06 15.57 -23.39
N ILE E 233 -42.05 14.58 -24.28
CA ILE E 233 -43.07 13.55 -24.23
C ILE E 233 -42.94 12.73 -22.96
N GLN E 234 -41.73 12.55 -22.45
CA GLN E 234 -41.61 11.77 -21.23
C GLN E 234 -42.02 12.60 -20.02
N LYS E 235 -42.00 13.92 -20.13
CA LYS E 235 -42.67 14.72 -19.11
C LYS E 235 -44.17 14.43 -19.12
N GLU E 236 -44.77 14.50 -20.30
CA GLU E 236 -46.23 14.40 -20.41
C GLU E 236 -46.73 12.99 -20.12
N LEU E 237 -45.83 12.01 -20.15
CA LEU E 237 -46.21 10.67 -19.71
C LEU E 237 -45.89 10.47 -18.24
N GLY E 238 -44.63 10.75 -17.87
CA GLY E 238 -44.19 10.59 -16.47
C GLY E 238 -44.98 11.48 -15.53
N GLY E 239 -46.06 12.12 -15.99
CA GLY E 239 -46.91 12.90 -15.08
C GLY E 239 -47.53 11.98 -14.06
N GLU E 240 -47.47 12.35 -12.77
CA GLU E 240 -48.03 11.53 -11.65
C GLU E 240 -47.04 10.42 -11.29
N ASP E 241 -45.97 10.26 -12.07
CA ASP E 241 -44.91 9.28 -11.70
C ASP E 241 -43.79 10.11 -11.10
N GLY E 242 -43.33 11.16 -11.81
CA GLY E 242 -42.37 12.10 -11.22
C GLY E 242 -43.06 12.84 -10.09
N LEU E 243 -44.34 13.17 -10.31
CA LEU E 243 -45.15 13.83 -9.26
C LEU E 243 -45.50 12.78 -8.19
N SER E 244 -46.02 13.22 -7.04
CA SER E 244 -46.29 12.30 -5.91
C SER E 244 -45.03 11.44 -5.74
N ASP E 245 -43.83 12.00 -5.97
CA ASP E 245 -42.52 11.35 -5.66
C ASP E 245 -41.71 12.46 -4.99
N LEU E 246 -41.70 13.65 -5.60
CA LEU E 246 -41.10 14.82 -4.92
C LEU E 246 -42.20 15.20 -3.95
N GLU E 247 -43.38 15.50 -4.48
CA GLU E 247 -44.57 15.71 -3.67
C GLU E 247 -44.82 14.54 -2.74
N ALA E 248 -44.40 13.34 -3.13
CA ALA E 248 -44.49 12.19 -2.24
C ALA E 248 -43.58 12.35 -1.02
N LEU E 249 -42.34 12.81 -1.23
CA LEU E 249 -41.47 12.98 -0.08
C LEU E 249 -41.88 14.20 0.75
N ARG E 250 -42.47 15.22 0.13
CA ARG E 250 -42.94 16.33 0.94
C ARG E 250 -44.25 15.99 1.66
N LYS E 251 -44.93 14.93 1.23
CA LYS E 251 -45.93 14.32 2.10
C LYS E 251 -45.26 13.59 3.25
N LYS E 252 -44.16 12.87 2.96
CA LYS E 252 -43.53 12.01 3.96
C LYS E 252 -42.82 12.81 5.05
N ILE E 253 -42.35 14.01 4.73
CA ILE E 253 -41.40 14.68 5.60
C ILE E 253 -42.07 15.62 6.59
N GLU E 254 -43.28 16.10 6.31
CA GLU E 254 -43.92 17.06 7.20
C GLU E 254 -44.71 16.39 8.32
N GLU E 255 -44.47 15.11 8.57
CA GLU E 255 -45.22 14.33 9.55
C GLU E 255 -44.66 14.51 10.96
N VAL E 256 -45.05 13.59 11.85
CA VAL E 256 -44.68 13.64 13.25
C VAL E 256 -43.17 13.48 13.42
N GLY E 257 -42.63 14.04 14.50
CA GLY E 257 -41.23 13.85 14.81
C GLY E 257 -40.32 15.06 14.64
N MET E 258 -39.57 15.07 13.53
CA MET E 258 -38.29 15.73 13.26
C MET E 258 -38.14 17.16 13.80
N PRO E 259 -36.95 17.51 14.29
CA PRO E 259 -36.68 18.91 14.66
C PRO E 259 -36.54 19.85 13.48
N GLU E 260 -36.16 21.09 13.74
CA GLU E 260 -36.28 22.15 12.75
C GLU E 260 -35.02 22.36 11.90
N ALA E 261 -33.84 22.11 12.45
CA ALA E 261 -32.64 22.02 11.60
C ALA E 261 -32.75 20.84 10.65
N VAL E 262 -33.42 19.78 11.09
CA VAL E 262 -33.80 18.69 10.19
C VAL E 262 -34.74 19.20 9.10
N LYS E 263 -35.61 20.16 9.41
CA LYS E 263 -36.48 20.70 8.39
C LYS E 263 -35.73 21.59 7.40
N THR E 264 -34.73 22.33 7.87
CA THR E 264 -33.91 23.13 6.97
C THR E 264 -33.06 22.26 6.06
N LYS E 265 -32.60 21.12 6.58
CA LYS E 265 -31.99 20.11 5.72
C LYS E 265 -33.02 19.39 4.85
N ALA E 266 -34.29 19.38 5.27
CA ALA E 266 -35.32 18.64 4.55
C ALA E 266 -35.84 19.44 3.36
N LEU E 267 -35.73 20.76 3.40
CA LEU E 267 -36.12 21.57 2.25
C LEU E 267 -35.00 21.70 1.22
N LYS E 268 -34.04 20.78 1.23
CA LYS E 268 -32.90 20.88 0.32
C LYS E 268 -33.26 20.38 -1.07
N GLU E 269 -34.09 19.35 -1.19
CA GLU E 269 -34.26 18.67 -2.46
C GLU E 269 -35.50 19.11 -3.24
N LEU E 270 -36.16 20.20 -2.84
CA LEU E 270 -37.18 20.79 -3.70
C LEU E 270 -36.56 21.31 -4.98
N ASP E 271 -35.44 22.01 -4.88
CA ASP E 271 -34.71 22.53 -6.02
C ASP E 271 -33.50 21.66 -6.38
N ARG E 272 -33.54 20.38 -6.03
CA ARG E 272 -32.66 19.36 -6.57
C ARG E 272 -33.40 18.48 -7.58
N LEU E 273 -34.24 19.13 -8.39
CA LEU E 273 -35.34 18.50 -9.12
C LEU E 273 -34.89 17.47 -10.15
N GLU E 274 -34.22 17.91 -11.21
CA GLU E 274 -34.00 17.05 -12.37
C GLU E 274 -32.50 16.76 -12.51
N ARG E 275 -32.06 15.70 -11.86
CA ARG E 275 -30.83 15.02 -12.25
C ARG E 275 -30.91 13.51 -12.08
N MET E 276 -32.08 12.97 -11.72
CA MET E 276 -32.19 11.55 -11.41
C MET E 276 -32.96 10.75 -12.44
N GLN E 277 -33.87 11.38 -13.19
CA GLN E 277 -34.52 10.69 -14.28
C GLN E 277 -33.60 10.52 -15.48
N GLN E 278 -32.61 11.41 -15.62
CA GLN E 278 -31.51 11.22 -16.55
C GLN E 278 -30.21 11.41 -15.76
N GLY E 279 -29.34 10.39 -15.79
CA GLY E 279 -28.25 10.37 -14.84
C GLY E 279 -28.77 10.17 -13.42
N SER E 280 -28.01 10.64 -12.44
CA SER E 280 -26.65 11.15 -12.58
C SER E 280 -25.84 10.28 -11.62
N PRO E 281 -24.51 10.32 -11.65
CA PRO E 281 -23.73 9.52 -10.67
C PRO E 281 -23.96 9.86 -9.20
N GLU E 282 -24.47 11.05 -8.88
CA GLU E 282 -24.79 11.42 -7.51
C GLU E 282 -26.19 12.01 -7.42
N ALA E 283 -27.18 11.34 -8.01
CA ALA E 283 -28.56 11.79 -7.95
C ALA E 283 -29.40 11.02 -6.96
N THR E 284 -29.24 9.69 -6.90
CA THR E 284 -29.97 8.89 -5.94
C THR E 284 -29.41 9.04 -4.53
N VAL E 285 -28.27 9.70 -4.38
CA VAL E 285 -27.73 9.90 -3.04
C VAL E 285 -28.57 10.89 -2.26
N ALA E 286 -29.21 11.86 -2.93
CA ALA E 286 -30.08 12.82 -2.24
C ALA E 286 -31.46 12.23 -1.96
N ARG E 287 -31.99 11.50 -2.95
CA ARG E 287 -33.19 10.67 -2.79
C ARG E 287 -33.07 9.75 -1.58
N THR E 288 -31.99 8.96 -1.55
CA THR E 288 -31.68 8.09 -0.43
C THR E 288 -31.39 8.88 0.84
N TYR E 289 -30.81 10.08 0.72
CA TYR E 289 -30.49 10.91 1.87
C TYR E 289 -31.75 11.34 2.62
N LEU E 290 -32.75 11.83 1.90
CA LEU E 290 -33.98 12.18 2.58
C LEU E 290 -34.83 10.96 2.92
N ASP E 291 -34.60 9.83 2.25
CA ASP E 291 -35.17 8.57 2.72
C ASP E 291 -34.61 8.21 4.10
N TRP E 292 -33.29 8.31 4.26
CA TRP E 292 -32.66 8.14 5.56
C TRP E 292 -33.16 9.16 6.57
N LEU E 293 -33.42 10.39 6.11
CA LEU E 293 -33.82 11.46 7.01
C LEU E 293 -35.21 11.24 7.56
N THR E 294 -36.13 10.74 6.74
CA THR E 294 -37.46 10.41 7.23
C THR E 294 -37.55 9.00 7.79
N GLU E 295 -36.50 8.19 7.64
CA GLU E 295 -36.56 6.79 8.04
C GLU E 295 -36.24 6.59 9.52
N VAL E 296 -35.31 7.38 10.06
CA VAL E 296 -34.85 7.20 11.45
C VAL E 296 -35.96 7.58 12.41
N PRO E 297 -36.06 6.94 13.59
CA PRO E 297 -37.19 7.21 14.47
C PRO E 297 -37.07 8.54 15.20
N TRP E 298 -38.23 9.12 15.48
CA TRP E 298 -38.30 10.36 16.25
C TRP E 298 -39.55 10.33 17.11
N SER E 299 -39.38 10.71 18.38
CA SER E 299 -40.47 11.01 19.32
C SER E 299 -41.40 9.83 19.57
N LYS E 300 -40.89 8.60 19.44
CA LYS E 300 -41.68 7.40 19.68
C LYS E 300 -40.83 6.44 20.50
N ALA E 301 -41.19 6.27 21.77
CA ALA E 301 -40.46 5.40 22.67
C ALA E 301 -41.39 4.34 23.23
N ASP E 302 -40.78 3.29 23.77
CA ASP E 302 -41.51 2.23 24.46
C ASP E 302 -41.43 2.52 25.95
N PRO E 303 -42.56 2.65 26.65
CA PRO E 303 -42.50 2.85 28.10
C PRO E 303 -41.96 1.61 28.80
N GLU E 304 -41.03 1.84 29.72
CA GLU E 304 -40.15 0.81 30.23
C GLU E 304 -40.56 0.40 31.64
N VAL E 305 -40.52 -0.89 31.90
CA VAL E 305 -40.61 -1.42 33.25
C VAL E 305 -39.19 -1.55 33.77
N LEU E 306 -38.98 -1.13 35.01
CA LEU E 306 -37.67 -1.23 35.64
C LEU E 306 -37.72 -2.02 36.93
N ASP E 307 -38.81 -2.76 37.15
CA ASP E 307 -38.98 -3.56 38.34
C ASP E 307 -37.96 -4.69 38.36
N ILE E 308 -37.19 -4.77 39.45
CA ILE E 308 -36.21 -5.83 39.54
C ILE E 308 -36.86 -7.17 39.84
N ASN E 309 -38.05 -7.18 40.43
CA ASN E 309 -38.69 -8.46 40.71
C ASN E 309 -39.31 -9.03 39.44
N HIS E 310 -39.74 -8.19 38.51
CA HIS E 310 -40.09 -8.70 37.20
C HIS E 310 -38.86 -9.08 36.41
N THR E 311 -37.72 -8.42 36.67
CA THR E 311 -36.47 -8.76 35.98
C THR E 311 -35.96 -10.13 36.41
N ARG E 312 -36.12 -10.47 37.69
CA ARG E 312 -35.78 -11.81 38.15
C ARG E 312 -36.69 -12.86 37.52
N GLN E 313 -37.96 -12.53 37.35
CA GLN E 313 -38.87 -13.50 36.73
C GLN E 313 -38.65 -13.60 35.23
N VAL E 314 -38.02 -12.60 34.62
CA VAL E 314 -37.65 -12.74 33.21
C VAL E 314 -36.39 -13.58 33.07
N LEU E 315 -35.37 -13.28 33.87
CA LEU E 315 -34.06 -13.92 33.68
C LEU E 315 -34.08 -15.39 34.07
N ASP E 316 -34.80 -15.74 35.13
CA ASP E 316 -34.71 -17.10 35.66
C ASP E 316 -35.40 -18.13 34.77
N GLU E 317 -36.37 -17.73 33.96
CA GLU E 317 -37.00 -18.65 33.04
C GLU E 317 -36.35 -18.63 31.66
N ASP E 318 -35.22 -17.96 31.51
CA ASP E 318 -34.49 -17.97 30.24
C ASP E 318 -33.11 -18.59 30.37
N HIS E 319 -32.48 -18.50 31.53
CA HIS E 319 -31.17 -19.11 31.76
C HIS E 319 -31.23 -19.96 33.02
N TYR E 320 -30.28 -20.89 33.10
CA TYR E 320 -30.10 -21.72 34.28
C TYR E 320 -28.75 -21.38 34.89
N GLY E 321 -28.69 -21.39 36.21
CA GLY E 321 -27.46 -20.99 36.86
C GLY E 321 -27.19 -19.51 36.68
N LEU E 322 -25.90 -19.17 36.68
CA LEU E 322 -25.39 -17.80 36.46
C LEU E 322 -25.98 -16.80 37.45
N LYS E 323 -26.21 -17.27 38.68
CA LYS E 323 -27.04 -16.54 39.64
C LYS E 323 -26.35 -15.27 40.12
N ASP E 324 -25.05 -15.35 40.35
CA ASP E 324 -24.30 -14.16 40.77
C ASP E 324 -24.22 -13.14 39.66
N VAL E 325 -24.09 -13.61 38.41
CA VAL E 325 -24.08 -12.73 37.25
C VAL E 325 -25.43 -12.04 37.11
N LYS E 326 -26.52 -12.79 37.37
CA LYS E 326 -27.86 -12.21 37.42
C LYS E 326 -27.94 -11.12 38.48
N GLU E 327 -27.32 -11.36 39.64
CA GLU E 327 -27.41 -10.38 40.73
C GLU E 327 -26.65 -9.11 40.40
N ARG E 328 -25.46 -9.21 39.79
CA ARG E 328 -24.75 -8.00 39.40
C ARG E 328 -25.48 -7.24 38.30
N ILE E 329 -26.16 -7.95 37.39
CA ILE E 329 -27.00 -7.29 36.40
C ILE E 329 -28.15 -6.54 37.09
N LEU E 330 -28.75 -7.17 38.11
CA LEU E 330 -29.82 -6.52 38.86
C LEU E 330 -29.34 -5.28 39.59
N GLU E 331 -28.11 -5.32 40.11
CA GLU E 331 -27.56 -4.15 40.79
C GLU E 331 -27.34 -3.00 39.83
N TYR E 332 -26.81 -3.32 38.64
CA TYR E 332 -26.64 -2.30 37.62
C TYR E 332 -27.98 -1.71 37.19
N LEU E 333 -29.01 -2.55 37.06
CA LEU E 333 -30.31 -2.07 36.64
C LEU E 333 -30.98 -1.24 37.74
N ALA E 334 -30.77 -1.61 39.01
CA ALA E 334 -31.33 -0.87 40.12
C ALA E 334 -30.73 0.52 40.22
N VAL E 335 -29.42 0.61 40.03
CA VAL E 335 -28.81 1.93 40.05
C VAL E 335 -29.13 2.70 38.78
N ARG E 336 -29.48 2.00 37.69
CA ARG E 336 -29.95 2.70 36.51
C ARG E 336 -31.33 3.32 36.74
N GLN E 337 -32.25 2.59 37.37
CA GLN E 337 -33.57 3.15 37.62
C GLN E 337 -33.58 4.18 38.73
N LEU E 338 -32.64 4.11 39.67
CA LEU E 338 -32.70 4.97 40.84
C LEU E 338 -32.22 6.38 40.55
N THR E 339 -31.41 6.58 39.52
CA THR E 339 -30.80 7.88 39.24
C THR E 339 -31.52 8.52 38.06
N GLN E 340 -32.06 9.72 38.29
CA GLN E 340 -32.67 10.51 37.22
C GLN E 340 -32.14 11.94 37.29
N GLY E 341 -31.78 12.48 36.13
CA GLY E 341 -31.24 13.82 36.04
C GLY E 341 -29.73 13.86 36.06
N LEU E 342 -29.16 14.15 37.22
CA LEU E 342 -27.72 14.23 37.40
C LEU E 342 -27.20 12.92 37.97
N ASP E 343 -25.93 12.63 37.67
CA ASP E 343 -25.23 11.39 37.98
C ASP E 343 -25.89 10.17 37.36
N VAL E 344 -26.60 10.35 36.24
CA VAL E 344 -26.95 9.25 35.35
C VAL E 344 -26.24 9.41 34.02
N ARG E 345 -25.84 10.61 33.63
CA ARG E 345 -25.07 10.86 32.44
C ARG E 345 -23.63 11.23 32.73
N ASN E 346 -23.30 11.51 33.99
CA ASN E 346 -21.92 11.68 34.39
C ASN E 346 -21.22 10.34 34.58
N LYS E 347 -21.96 9.31 34.98
CA LYS E 347 -21.36 8.01 35.24
C LYS E 347 -22.24 6.92 34.65
N ALA E 348 -21.74 6.28 33.60
CA ALA E 348 -22.33 5.06 33.08
C ALA E 348 -21.32 3.94 33.24
N PRO E 349 -21.37 3.17 34.32
CA PRO E 349 -20.48 2.02 34.44
C PRO E 349 -20.89 0.90 33.48
N ILE E 350 -20.57 1.09 32.19
CA ILE E 350 -21.17 0.30 31.11
C ILE E 350 -20.77 -1.15 31.23
N LEU E 351 -21.75 -2.05 31.06
CA LEU E 351 -21.55 -3.46 31.32
C LEU E 351 -20.60 -4.08 30.31
N VAL E 352 -19.67 -4.89 30.82
CA VAL E 352 -18.78 -5.68 29.99
C VAL E 352 -18.93 -7.12 30.43
N LEU E 353 -19.28 -7.99 29.50
CA LEU E 353 -19.46 -9.41 29.79
C LEU E 353 -18.22 -10.16 29.32
N VAL E 354 -17.49 -10.74 30.26
CA VAL E 354 -16.21 -11.39 30.00
C VAL E 354 -16.35 -12.86 30.33
N GLY E 355 -15.95 -13.72 29.39
CA GLY E 355 -15.94 -15.14 29.63
C GLY E 355 -15.36 -15.90 28.46
N PRO E 356 -15.20 -17.21 28.60
CA PRO E 356 -14.71 -18.03 27.50
C PRO E 356 -15.76 -18.17 26.41
N PRO E 357 -15.39 -18.60 25.20
CA PRO E 357 -16.40 -18.87 24.19
C PRO E 357 -17.16 -20.15 24.51
N GLY E 358 -18.48 -20.08 24.34
CA GLY E 358 -19.36 -21.19 24.62
C GLY E 358 -20.29 -20.96 25.79
N VAL E 359 -20.15 -19.86 26.51
CA VAL E 359 -21.03 -19.54 27.61
C VAL E 359 -22.09 -18.59 27.10
N GLY E 360 -23.15 -18.42 27.88
CA GLY E 360 -24.25 -17.61 27.38
C GLY E 360 -24.00 -16.13 27.57
N LYS E 361 -23.56 -15.45 26.53
CA LYS E 361 -23.36 -14.01 26.58
C LYS E 361 -24.44 -13.27 25.80
N THR E 362 -24.62 -13.60 24.52
CA THR E 362 -25.59 -12.91 23.69
C THR E 362 -27.01 -13.22 24.13
N SER E 363 -27.23 -14.43 24.64
CA SER E 363 -28.54 -14.82 25.15
C SER E 363 -28.91 -14.00 26.37
N LEU E 364 -27.94 -13.66 27.22
CA LEU E 364 -28.20 -12.74 28.32
C LEU E 364 -28.53 -11.34 27.83
N GLY E 365 -27.96 -10.91 26.71
CA GLY E 365 -28.31 -9.63 26.16
C GLY E 365 -29.74 -9.58 25.65
N ARG E 366 -30.17 -10.64 24.95
CA ARG E 366 -31.56 -10.70 24.53
C ARG E 366 -32.51 -10.85 25.71
N SER E 367 -32.08 -11.52 26.78
CA SER E 367 -32.96 -11.64 27.94
C SER E 367 -33.06 -10.34 28.73
N ILE E 368 -31.99 -9.56 28.81
CA ILE E 368 -32.06 -8.25 29.43
C ILE E 368 -32.96 -7.32 28.61
N ALA E 369 -32.76 -7.32 27.28
CA ALA E 369 -33.57 -6.47 26.40
C ALA E 369 -35.04 -6.88 26.40
N ARG E 370 -35.34 -8.14 26.64
CA ARG E 370 -36.72 -8.59 26.77
C ARG E 370 -37.26 -8.35 28.18
N SER E 371 -36.38 -8.14 29.17
CA SER E 371 -36.86 -7.83 30.51
C SER E 371 -37.43 -6.42 30.61
N MET E 372 -36.78 -5.47 29.96
CA MET E 372 -37.26 -4.09 29.90
C MET E 372 -38.27 -3.88 28.79
N ASN E 373 -38.75 -4.96 28.18
CA ASN E 373 -39.74 -4.97 27.10
C ASN E 373 -39.30 -4.20 25.86
N ARG E 374 -38.02 -3.91 25.72
CA ARG E 374 -37.57 -3.08 24.62
C ARG E 374 -36.99 -3.91 23.49
N LYS E 375 -36.63 -3.22 22.43
CA LYS E 375 -36.36 -3.85 21.14
C LYS E 375 -34.86 -4.07 20.98
N PHE E 376 -34.45 -5.33 20.97
CA PHE E 376 -33.05 -5.69 20.87
C PHE E 376 -32.55 -5.51 19.45
N HIS E 377 -31.27 -5.14 19.33
CA HIS E 377 -30.53 -5.24 18.10
C HIS E 377 -29.07 -5.44 18.44
N ARG E 378 -28.40 -6.32 17.71
CA ARG E 378 -27.00 -6.64 17.97
C ARG E 378 -26.13 -6.09 16.86
N ILE E 379 -25.03 -5.44 17.25
CA ILE E 379 -24.03 -4.99 16.31
C ILE E 379 -22.74 -5.70 16.68
N SER E 380 -22.25 -6.55 15.78
CA SER E 380 -20.95 -7.17 16.00
C SER E 380 -19.86 -6.24 15.54
N LEU E 381 -18.72 -6.29 16.21
CA LEU E 381 -17.58 -5.45 15.93
C LEU E 381 -16.34 -6.30 15.69
N GLY E 382 -16.48 -7.32 14.86
CA GLY E 382 -15.41 -8.26 14.64
C GLY E 382 -14.22 -7.72 13.89
N GLY E 383 -14.36 -7.47 12.60
CA GLY E 383 -13.22 -7.05 11.81
C GLY E 383 -13.16 -5.56 11.59
N VAL E 384 -13.69 -4.80 12.54
CA VAL E 384 -13.84 -3.36 12.36
C VAL E 384 -12.51 -2.67 12.69
N ARG E 385 -12.00 -1.87 11.75
CA ARG E 385 -10.75 -1.17 11.97
C ARG E 385 -10.74 0.25 11.40
N ASP E 386 -11.85 0.78 10.91
CA ASP E 386 -11.88 2.12 10.35
C ASP E 386 -13.01 2.92 10.96
N GLU E 387 -12.79 4.24 11.11
CA GLU E 387 -13.77 5.09 11.78
C GLU E 387 -15.02 5.31 10.96
N ALA E 388 -14.91 5.26 9.63
CA ALA E 388 -16.06 5.41 8.75
C ALA E 388 -16.95 4.17 8.73
N GLU E 389 -16.51 3.07 9.33
CA GLU E 389 -17.37 1.92 9.55
C GLU E 389 -18.32 2.15 10.73
N ILE E 390 -17.97 3.07 11.63
CA ILE E 390 -18.85 3.48 12.71
C ILE E 390 -19.55 4.79 12.39
N ARG E 391 -18.81 5.76 11.84
CA ARG E 391 -19.38 7.00 11.33
C ARG E 391 -19.97 6.76 9.96
N GLY E 392 -20.30 7.84 9.25
CA GLY E 392 -20.75 7.75 7.88
C GLY E 392 -19.63 7.97 6.89
N HIS E 393 -20.00 7.95 5.61
CA HIS E 393 -19.17 8.45 4.53
C HIS E 393 -19.74 9.77 4.07
N ARG E 394 -18.89 10.61 3.48
CA ARG E 394 -19.37 11.87 2.94
C ARG E 394 -20.28 11.63 1.74
N ARG E 395 -21.43 12.31 1.74
CA ARG E 395 -22.40 12.24 0.65
C ARG E 395 -21.88 12.81 -0.65
N THR E 396 -20.76 13.53 -0.63
CA THR E 396 -20.10 14.00 -1.84
C THR E 396 -19.33 12.90 -2.56
N TYR E 397 -19.25 11.70 -2.00
CA TYR E 397 -18.67 10.59 -2.73
C TYR E 397 -19.77 9.80 -3.44
N ILE E 398 -19.34 8.87 -4.30
CA ILE E 398 -20.30 8.02 -5.01
C ILE E 398 -20.94 7.03 -4.05
N GLY E 399 -20.12 6.21 -3.40
CA GLY E 399 -20.61 5.30 -2.38
C GLY E 399 -20.55 5.91 -1.00
N ALA E 400 -21.68 6.44 -0.53
CA ALA E 400 -21.77 7.05 0.79
C ALA E 400 -22.67 6.18 1.66
N MET E 401 -22.18 5.81 2.84
CA MET E 401 -22.92 4.87 3.66
C MET E 401 -22.82 5.27 5.12
N PRO E 402 -23.94 5.43 5.82
CA PRO E 402 -23.87 5.74 7.25
C PRO E 402 -23.48 4.52 8.06
N GLY E 403 -23.23 4.75 9.35
CA GLY E 403 -22.68 3.75 10.21
C GLY E 403 -23.70 2.73 10.66
N LYS E 404 -23.21 1.75 11.44
CA LYS E 404 -24.03 0.63 11.86
C LYS E 404 -25.08 1.04 12.88
N LEU E 405 -24.85 2.14 13.59
CA LEU E 405 -25.81 2.55 14.61
C LEU E 405 -27.02 3.22 13.99
N ILE E 406 -26.86 3.85 12.82
CA ILE E 406 -28.03 4.33 12.08
C ILE E 406 -28.86 3.16 11.60
N HIS E 407 -28.22 2.04 11.24
CA HIS E 407 -28.95 0.82 10.92
C HIS E 407 -29.69 0.29 12.13
N ALA E 408 -29.03 0.25 13.28
CA ALA E 408 -29.65 -0.25 14.50
C ALA E 408 -30.81 0.63 14.96
N MET E 409 -30.75 1.93 14.67
CA MET E 409 -31.87 2.80 14.98
C MET E 409 -33.00 2.65 13.97
N LYS E 410 -32.68 2.47 12.69
CA LYS E 410 -33.76 2.37 11.70
C LYS E 410 -34.40 0.99 11.70
N GLN E 411 -33.81 -0.01 12.35
CA GLN E 411 -34.52 -1.28 12.49
C GLN E 411 -35.76 -1.12 13.35
N VAL E 412 -35.61 -0.61 14.57
CA VAL E 412 -36.69 -0.55 15.53
C VAL E 412 -36.94 0.91 15.90
N GLY E 413 -38.21 1.31 15.83
CA GLY E 413 -38.62 2.70 15.93
C GLY E 413 -38.64 3.29 17.33
N VAL E 414 -38.15 2.57 18.33
CA VAL E 414 -38.05 3.14 19.67
C VAL E 414 -36.93 4.17 19.69
N ILE E 415 -37.14 5.26 20.44
CA ILE E 415 -36.07 6.23 20.67
C ILE E 415 -34.89 5.57 21.36
N ASN E 416 -35.16 4.78 22.39
CA ASN E 416 -34.12 4.19 23.23
C ASN E 416 -34.23 2.67 23.22
N PRO E 417 -33.61 2.00 22.25
CA PRO E 417 -33.58 0.54 22.28
C PRO E 417 -32.43 0.02 23.13
N VAL E 418 -32.23 -1.29 23.10
CA VAL E 418 -31.06 -1.93 23.71
C VAL E 418 -30.15 -2.39 22.59
N ILE E 419 -28.90 -1.96 22.61
CA ILE E 419 -27.92 -2.32 21.59
C ILE E 419 -26.79 -3.08 22.27
N LEU E 420 -26.40 -4.21 21.69
CA LEU E 420 -25.31 -5.03 22.23
C LEU E 420 -24.12 -4.90 21.29
N LEU E 421 -23.04 -4.30 21.79
CA LEU E 421 -21.81 -4.15 21.02
C LEU E 421 -20.98 -5.41 21.22
N ASP E 422 -21.10 -6.36 20.32
CA ASP E 422 -20.53 -7.68 20.52
C ASP E 422 -19.07 -7.68 20.08
N GLU E 423 -18.22 -8.25 20.94
CA GLU E 423 -16.81 -8.56 20.67
C GLU E 423 -16.01 -7.30 20.31
N ILE E 424 -15.89 -6.42 21.32
CA ILE E 424 -15.01 -5.26 21.19
C ILE E 424 -13.55 -5.59 21.42
N ASP E 425 -13.23 -6.85 21.77
CA ASP E 425 -11.84 -7.27 21.84
C ASP E 425 -11.18 -7.28 20.46
N LYS E 426 -11.95 -7.54 19.41
CA LYS E 426 -11.39 -7.80 18.10
C LYS E 426 -11.27 -6.54 17.25
N MET E 427 -11.51 -5.36 17.84
CA MET E 427 -11.25 -4.12 17.14
C MET E 427 -9.76 -3.94 16.91
N SER E 428 -9.31 -4.14 15.67
CA SER E 428 -7.89 -4.13 15.36
C SER E 428 -7.43 -2.70 15.10
N SER E 429 -6.36 -2.30 15.76
CA SER E 429 -5.77 -0.99 15.59
C SER E 429 -4.40 -1.12 14.95
N ASP E 430 -4.09 -0.21 14.03
CA ASP E 430 -2.81 -0.18 13.35
C ASP E 430 -2.50 1.27 13.00
N TRP E 431 -1.54 1.47 12.10
CA TRP E 431 -1.31 2.80 11.57
C TRP E 431 -2.43 3.18 10.61
N ARG E 432 -2.83 4.46 10.68
CA ARG E 432 -3.93 5.05 9.90
C ARG E 432 -5.27 4.36 10.17
N GLY E 433 -5.71 4.43 11.43
CA GLY E 433 -7.09 4.11 11.73
C GLY E 433 -7.40 3.20 12.89
N ASP E 434 -8.26 3.67 13.79
CA ASP E 434 -8.96 2.86 14.78
C ASP E 434 -10.25 3.56 15.21
N PRO E 435 -11.38 2.86 15.22
CA PRO E 435 -12.65 3.52 15.54
C PRO E 435 -12.97 3.55 17.03
N ALA E 436 -11.96 3.30 17.88
CA ALA E 436 -12.17 3.37 19.31
C ALA E 436 -12.42 4.79 19.78
N SER E 437 -11.91 5.78 19.04
CA SER E 437 -12.21 7.16 19.37
C SER E 437 -13.68 7.49 19.07
N ALA E 438 -14.20 6.96 17.96
CA ALA E 438 -15.62 7.06 17.68
C ALA E 438 -16.44 6.25 18.68
N MET E 439 -15.87 5.15 19.19
CA MET E 439 -16.53 4.37 20.24
C MET E 439 -16.65 5.17 21.52
N LEU E 440 -15.61 5.91 21.89
CA LEU E 440 -15.70 6.76 23.06
C LEU E 440 -16.62 7.95 22.82
N GLU E 441 -16.65 8.45 21.58
CA GLU E 441 -17.52 9.56 21.23
C GLU E 441 -19.00 9.16 21.27
N VAL E 442 -19.30 7.92 20.91
CA VAL E 442 -20.69 7.46 20.89
C VAL E 442 -21.08 6.79 22.19
N LEU E 443 -20.11 6.43 23.04
CA LEU E 443 -20.36 5.53 24.16
C LEU E 443 -20.50 6.27 25.47
N ASP E 444 -19.78 7.37 25.66
CA ASP E 444 -19.84 8.16 26.89
C ASP E 444 -21.07 9.07 26.82
N PRO E 445 -22.06 8.92 27.73
CA PRO E 445 -23.33 9.66 27.63
C PRO E 445 -23.27 11.12 28.07
N GLU E 446 -22.26 11.84 27.59
CA GLU E 446 -22.18 13.28 27.79
C GLU E 446 -21.75 14.02 26.54
N GLN E 447 -21.30 13.33 25.50
CA GLN E 447 -21.08 13.94 24.20
C GLN E 447 -21.81 13.24 23.07
N ASN E 448 -22.43 12.09 23.34
CA ASN E 448 -23.21 11.37 22.34
C ASN E 448 -24.52 12.04 21.99
N ASN E 449 -24.97 12.99 22.81
CA ASN E 449 -26.19 13.72 22.49
C ASN E 449 -25.94 14.73 21.38
N THR E 450 -24.68 15.10 21.16
CA THR E 450 -24.26 15.93 20.03
C THR E 450 -23.55 15.10 18.98
N PHE E 451 -23.99 13.85 18.79
CA PHE E 451 -23.36 12.99 17.80
C PHE E 451 -23.78 13.40 16.39
N THR E 452 -22.89 13.15 15.44
CA THR E 452 -23.20 13.37 14.04
C THR E 452 -22.44 12.34 13.22
N ASP E 453 -22.74 12.29 11.93
CA ASP E 453 -22.07 11.40 10.99
C ASP E 453 -21.35 12.22 9.93
N HIS E 454 -20.72 11.52 9.01
CA HIS E 454 -20.26 12.13 7.78
C HIS E 454 -21.30 12.05 6.67
N TYR E 455 -22.36 11.26 6.87
CA TYR E 455 -23.43 11.18 5.90
C TYR E 455 -24.55 12.13 6.28
N LEU E 456 -25.15 11.94 7.45
CA LEU E 456 -26.08 12.91 8.00
C LEU E 456 -25.32 13.94 8.82
N ASP E 457 -26.00 15.04 9.14
CA ASP E 457 -25.38 16.14 9.86
C ASP E 457 -26.15 16.58 11.09
N VAL E 458 -27.25 15.92 11.42
CA VAL E 458 -28.13 16.37 12.50
C VAL E 458 -27.72 15.70 13.81
N PRO E 459 -28.07 16.25 14.98
CA PRO E 459 -27.82 15.54 16.23
C PRO E 459 -28.74 14.34 16.40
N TYR E 460 -28.49 13.58 17.47
CA TYR E 460 -29.16 12.30 17.66
C TYR E 460 -29.66 12.12 19.08
N ASP E 461 -30.51 11.11 19.23
CA ASP E 461 -31.16 10.75 20.48
C ASP E 461 -30.47 9.59 21.20
N LEU E 462 -29.14 9.55 21.16
CA LEU E 462 -28.38 8.47 21.79
C LEU E 462 -28.18 8.73 23.28
N SER E 463 -29.25 9.05 23.99
CA SER E 463 -29.17 9.46 25.39
C SER E 463 -29.43 8.29 26.34
N LYS E 464 -30.62 7.70 26.28
CA LYS E 464 -30.96 6.57 27.13
C LYS E 464 -30.97 5.28 26.31
N VAL E 465 -30.26 5.29 25.18
CA VAL E 465 -30.08 4.09 24.38
C VAL E 465 -29.15 3.16 25.15
N PHE E 466 -29.72 2.08 25.68
CA PHE E 466 -29.01 1.21 26.60
C PHE E 466 -27.97 0.38 25.85
N PHE E 467 -26.78 0.26 26.44
CA PHE E 467 -25.65 -0.38 25.79
C PHE E 467 -25.12 -1.53 26.65
N ILE E 468 -24.73 -2.61 25.97
CA ILE E 468 -24.08 -3.77 26.57
C ILE E 468 -22.91 -4.14 25.68
N THR E 469 -21.76 -4.43 26.28
CA THR E 469 -20.61 -4.89 25.53
C THR E 469 -20.20 -6.27 26.00
N THR E 470 -19.68 -7.07 25.07
CA THR E 470 -19.15 -8.39 25.39
C THR E 470 -17.68 -8.45 25.02
N ALA E 471 -16.98 -9.41 25.63
CA ALA E 471 -15.55 -9.56 25.44
C ALA E 471 -15.14 -10.96 25.86
N ASN E 472 -14.04 -11.42 25.29
CA ASN E 472 -13.42 -12.67 25.71
C ASN E 472 -12.24 -12.45 26.65
N THR E 473 -11.66 -11.26 26.65
CA THR E 473 -10.55 -10.92 27.51
C THR E 473 -10.62 -9.41 27.78
N LEU E 474 -9.69 -8.94 28.61
CA LEU E 474 -9.66 -7.52 28.95
C LEU E 474 -8.52 -6.76 28.31
N GLN E 475 -7.37 -7.41 28.11
CA GLN E 475 -6.07 -6.84 27.81
C GLN E 475 -5.94 -6.35 26.40
N THR E 476 -6.99 -6.29 25.58
CA THR E 476 -6.87 -5.74 24.24
C THR E 476 -7.91 -4.64 23.99
N ILE E 477 -8.53 -4.14 25.06
CA ILE E 477 -9.45 -3.01 24.97
C ILE E 477 -8.60 -1.76 25.16
N PRO E 478 -8.82 -0.69 24.39
CA PRO E 478 -8.04 0.54 24.58
C PRO E 478 -8.30 1.18 25.94
N ARG E 479 -7.23 1.71 26.53
CA ARG E 479 -7.29 2.30 27.87
C ARG E 479 -8.24 3.51 28.00
N PRO E 480 -8.40 4.42 27.02
CA PRO E 480 -9.50 5.40 27.16
C PRO E 480 -10.90 4.81 27.08
N LEU E 481 -11.06 3.55 26.66
CA LEU E 481 -12.34 2.88 26.83
C LEU E 481 -12.43 2.12 28.14
N LEU E 482 -11.29 1.81 28.76
CA LEU E 482 -11.27 1.11 30.03
C LEU E 482 -11.25 2.06 31.23
N ASP E 483 -12.15 3.04 31.18
CA ASP E 483 -12.51 3.84 32.34
C ASP E 483 -14.00 4.02 32.48
N ARG E 484 -14.78 3.70 31.45
CA ARG E 484 -16.23 3.87 31.46
C ARG E 484 -16.95 2.53 31.55
N MET E 485 -16.30 1.51 32.10
CA MET E 485 -16.81 0.15 32.07
C MET E 485 -17.06 -0.36 33.48
N GLU E 486 -17.74 -1.51 33.55
CA GLU E 486 -17.88 -2.25 34.79
C GLU E 486 -17.97 -3.71 34.41
N VAL E 487 -16.95 -4.47 34.71
CA VAL E 487 -16.85 -5.83 34.20
C VAL E 487 -17.70 -6.77 35.03
N ILE E 488 -18.22 -7.81 34.38
CA ILE E 488 -18.91 -8.93 35.02
C ILE E 488 -18.35 -10.19 34.41
N GLU E 489 -17.77 -11.06 35.24
CA GLU E 489 -17.03 -12.22 34.78
C GLU E 489 -17.92 -13.46 34.83
N ILE E 490 -18.05 -14.13 33.69
CA ILE E 490 -18.79 -15.39 33.58
C ILE E 490 -17.75 -16.50 33.49
N PRO E 491 -17.63 -17.37 34.48
CA PRO E 491 -16.48 -18.28 34.52
C PRO E 491 -16.55 -19.50 33.61
N GLY E 492 -17.72 -20.12 33.47
CA GLY E 492 -17.81 -21.43 32.86
C GLY E 492 -18.66 -22.35 33.69
N TYR E 493 -19.07 -23.48 33.15
CA TYR E 493 -20.18 -24.22 33.74
C TYR E 493 -19.74 -25.49 34.45
N THR E 494 -20.50 -25.83 35.48
CA THR E 494 -20.41 -27.07 36.23
C THR E 494 -20.96 -28.21 35.39
N ASN E 495 -20.55 -29.43 35.72
CA ASN E 495 -21.02 -30.63 35.03
C ASN E 495 -22.54 -30.77 35.14
N MET E 496 -23.09 -30.54 36.33
CA MET E 496 -24.54 -30.64 36.49
C MET E 496 -25.25 -29.49 35.80
N GLU E 497 -24.63 -28.31 35.78
CA GLU E 497 -25.17 -27.20 35.00
C GLU E 497 -25.16 -27.51 33.52
N LYS E 498 -24.12 -28.21 33.05
CA LYS E 498 -24.09 -28.66 31.66
C LYS E 498 -25.22 -29.63 31.35
N GLN E 499 -25.46 -30.60 32.23
CA GLN E 499 -26.56 -31.53 32.00
C GLN E 499 -27.92 -30.85 32.04
N ALA E 500 -28.09 -29.91 32.96
CA ALA E 500 -29.38 -29.25 33.12
C ALA E 500 -29.69 -28.32 31.97
N ILE E 501 -28.71 -27.54 31.50
CA ILE E 501 -29.02 -26.72 30.34
C ILE E 501 -29.06 -27.57 29.08
N ALA E 502 -28.36 -28.72 29.08
CA ALA E 502 -28.33 -29.59 27.92
C ALA E 502 -29.70 -30.13 27.61
N ARG E 503 -30.41 -30.63 28.63
CA ARG E 503 -31.78 -31.11 28.49
C ARG E 503 -32.70 -30.06 27.90
N GLN E 504 -32.96 -29.05 28.73
CA GLN E 504 -34.07 -28.13 28.52
C GLN E 504 -33.83 -27.21 27.36
N TYR E 505 -32.57 -26.96 26.99
CA TYR E 505 -32.28 -25.94 26.03
C TYR E 505 -31.47 -26.43 24.85
N LEU E 506 -31.04 -27.70 24.82
CA LEU E 506 -30.22 -28.14 23.72
C LEU E 506 -30.76 -29.40 23.11
N TRP E 507 -31.45 -30.25 23.88
CA TRP E 507 -31.94 -31.41 23.16
C TRP E 507 -33.19 -31.17 22.30
N PRO E 508 -34.19 -30.35 22.68
CA PRO E 508 -35.29 -30.12 21.73
C PRO E 508 -34.93 -29.33 20.50
N LYS E 509 -33.90 -28.49 20.52
CA LYS E 509 -33.47 -27.81 19.30
C LYS E 509 -32.96 -28.80 18.27
N GLN E 510 -32.05 -29.68 18.69
CA GLN E 510 -31.52 -30.70 17.80
C GLN E 510 -32.55 -31.76 17.46
N VAL E 511 -33.57 -31.92 18.30
CA VAL E 511 -34.69 -32.77 17.95
C VAL E 511 -35.54 -32.14 16.85
N ARG E 512 -35.85 -30.85 16.97
CA ARG E 512 -36.73 -30.21 16.00
C ARG E 512 -36.05 -30.01 14.66
N GLU E 513 -34.80 -29.60 14.66
CA GLU E 513 -34.13 -29.24 13.42
C GLU E 513 -33.58 -30.44 12.67
N SER E 514 -34.03 -31.64 13.00
CA SER E 514 -33.57 -32.87 12.37
C SER E 514 -34.72 -33.76 11.93
N GLY E 515 -35.95 -33.30 12.08
CA GLY E 515 -37.10 -34.03 11.60
C GLY E 515 -37.48 -35.24 12.41
N MET E 516 -36.86 -35.47 13.56
CA MET E 516 -37.19 -36.59 14.42
C MET E 516 -37.80 -35.98 15.67
N GLU E 517 -39.13 -36.01 15.76
CA GLU E 517 -39.89 -35.20 16.69
C GLU E 517 -40.81 -36.10 17.54
N GLY E 518 -40.21 -37.08 18.20
CA GLY E 518 -41.01 -37.96 19.01
C GLY E 518 -40.76 -39.37 18.56
N ARG E 519 -39.67 -39.54 17.82
CA ARG E 519 -39.21 -40.82 17.34
C ARG E 519 -37.95 -41.29 18.04
N ILE E 520 -37.32 -40.42 18.84
CA ILE E 520 -36.03 -40.71 19.44
C ILE E 520 -35.91 -39.88 20.69
N GLU E 521 -35.21 -40.40 21.69
CA GLU E 521 -35.11 -39.76 23.00
C GLU E 521 -33.87 -40.28 23.71
N VAL E 522 -33.20 -39.40 24.45
CA VAL E 522 -31.98 -39.74 25.17
C VAL E 522 -32.27 -39.72 26.66
N THR E 523 -31.56 -40.55 27.42
CA THR E 523 -31.75 -40.61 28.87
C THR E 523 -30.91 -39.53 29.54
N ASP E 524 -30.81 -39.60 30.86
CA ASP E 524 -29.94 -38.69 31.60
C ASP E 524 -28.58 -39.30 31.91
N ALA E 525 -28.46 -40.62 31.87
CA ALA E 525 -27.15 -41.23 31.99
C ALA E 525 -26.33 -40.98 30.74
N ALA E 526 -26.99 -40.96 29.58
CA ALA E 526 -26.28 -40.81 28.33
C ALA E 526 -25.76 -39.40 28.12
N ILE E 527 -26.41 -38.40 28.70
CA ILE E 527 -25.84 -37.05 28.63
C ILE E 527 -24.62 -36.94 29.54
N LEU E 528 -24.60 -37.68 30.64
CA LEU E 528 -23.39 -37.80 31.44
C LEU E 528 -22.28 -38.49 30.67
N ARG E 529 -22.62 -39.54 29.90
CA ARG E 529 -21.65 -40.19 29.02
C ARG E 529 -21.06 -39.21 28.02
N VAL E 530 -21.91 -38.40 27.38
CA VAL E 530 -21.42 -37.51 26.35
C VAL E 530 -20.55 -36.41 26.95
N ILE E 531 -20.95 -35.82 28.07
CA ILE E 531 -20.17 -34.75 28.68
C ILE E 531 -18.85 -35.28 29.22
N SER E 532 -18.86 -36.46 29.84
CA SER E 532 -17.64 -36.96 30.46
C SER E 532 -16.68 -37.54 29.43
N GLU E 533 -17.17 -38.34 28.49
CA GLU E 533 -16.30 -39.11 27.62
C GLU E 533 -16.20 -38.56 26.21
N TYR E 534 -16.79 -37.41 25.91
CA TYR E 534 -16.67 -36.93 24.54
C TYR E 534 -16.37 -35.45 24.40
N THR E 535 -16.09 -34.73 25.48
CA THR E 535 -15.78 -33.31 25.36
C THR E 535 -14.96 -32.83 26.56
N ARG E 536 -14.11 -31.83 26.31
CA ARG E 536 -13.36 -31.12 27.34
C ARG E 536 -13.45 -29.64 26.98
N GLU E 537 -14.34 -28.91 27.63
CA GLU E 537 -14.49 -27.50 27.34
C GLU E 537 -15.19 -26.81 28.50
N ALA E 538 -15.08 -25.49 28.52
CA ALA E 538 -15.83 -24.70 29.49
C ALA E 538 -17.29 -24.58 29.10
N GLY E 539 -17.55 -24.03 27.91
CA GLY E 539 -18.90 -23.83 27.42
C GLY E 539 -19.61 -25.10 26.98
N VAL E 540 -20.65 -24.97 26.18
CA VAL E 540 -21.45 -26.12 25.77
C VAL E 540 -21.55 -26.21 24.26
N ARG E 541 -20.55 -25.70 23.55
CA ARG E 541 -20.59 -25.73 22.10
C ARG E 541 -20.31 -27.12 21.55
N GLY E 542 -19.30 -27.80 22.09
CA GLY E 542 -18.99 -29.15 21.68
C GLY E 542 -20.08 -30.14 22.05
N LEU E 543 -20.76 -29.91 23.17
CA LEU E 543 -21.92 -30.71 23.54
C LEU E 543 -23.05 -30.54 22.54
N GLU E 544 -23.21 -29.32 22.04
CA GLU E 544 -24.24 -29.05 21.03
C GLU E 544 -23.95 -29.79 19.73
N ARG E 545 -22.70 -29.75 19.27
CA ARG E 545 -22.32 -30.50 18.07
C ARG E 545 -22.47 -31.99 18.28
N GLU E 546 -22.17 -32.47 19.48
CA GLU E 546 -22.20 -33.89 19.75
C GLU E 546 -23.62 -34.42 19.87
N LEU E 547 -24.57 -33.56 20.24
CA LEU E 547 -25.97 -33.98 20.23
C LEU E 547 -26.58 -33.89 18.84
N GLY E 548 -26.17 -32.90 18.06
CA GLY E 548 -26.61 -32.83 16.68
C GLY E 548 -26.15 -34.00 15.85
N LYS E 549 -24.99 -34.57 16.19
CA LYS E 549 -24.54 -35.80 15.54
C LYS E 549 -25.48 -36.96 15.79
N ILE E 550 -25.99 -37.09 17.02
CA ILE E 550 -26.94 -38.15 17.34
C ILE E 550 -28.25 -37.95 16.60
N ALA E 551 -28.68 -36.69 16.47
CA ALA E 551 -29.91 -36.41 15.71
C ALA E 551 -29.77 -36.77 14.23
N ARG E 552 -28.62 -36.42 13.62
CA ARG E 552 -28.36 -36.81 12.23
C ARG E 552 -28.35 -38.32 12.05
N LYS E 553 -27.66 -39.03 12.95
CA LYS E 553 -27.59 -40.48 12.84
C LYS E 553 -28.97 -41.13 12.99
N GLY E 554 -29.80 -40.56 13.87
CA GLY E 554 -31.16 -41.07 13.99
C GLY E 554 -31.99 -40.83 12.74
N ALA E 555 -31.80 -39.66 12.10
CA ALA E 555 -32.53 -39.39 10.87
C ALA E 555 -32.07 -40.29 9.73
N LYS E 556 -30.80 -40.68 9.71
CA LYS E 556 -30.35 -41.64 8.69
C LYS E 556 -30.88 -43.03 8.99
N PHE E 557 -30.95 -43.42 10.26
CA PHE E 557 -31.44 -44.74 10.59
C PHE E 557 -32.93 -44.88 10.42
N TRP E 558 -33.67 -43.77 10.42
CA TRP E 558 -35.12 -43.86 10.21
C TRP E 558 -35.44 -44.29 8.78
N LEU E 559 -34.68 -43.81 7.80
CA LEU E 559 -34.96 -44.09 6.41
C LEU E 559 -34.39 -45.42 5.93
N GLU E 560 -33.87 -46.24 6.83
CA GLU E 560 -33.43 -47.58 6.47
C GLU E 560 -34.36 -48.66 7.00
N GLY E 561 -34.92 -48.47 8.18
CA GLY E 561 -36.02 -49.28 8.66
C GLY E 561 -36.67 -48.57 9.84
N ALA E 562 -37.97 -48.33 9.74
CA ALA E 562 -38.65 -47.47 10.69
C ALA E 562 -39.15 -48.28 11.87
N TRP E 563 -38.83 -47.82 13.07
CA TRP E 563 -39.30 -48.47 14.28
C TRP E 563 -40.70 -47.95 14.63
N GLU E 564 -41.16 -48.26 15.84
CA GLU E 564 -42.50 -47.92 16.27
C GLU E 564 -42.45 -47.12 17.56
N GLY E 565 -43.21 -46.04 17.61
CA GLY E 565 -43.20 -45.20 18.80
C GLY E 565 -41.93 -44.38 18.83
N LEU E 566 -41.24 -44.39 19.96
CA LEU E 566 -39.92 -43.80 20.06
C LEU E 566 -38.99 -44.79 20.75
N ARG E 567 -37.78 -44.89 20.22
CA ARG E 567 -36.73 -45.67 20.84
C ARG E 567 -35.89 -44.76 21.73
N THR E 568 -35.37 -45.33 22.79
CA THR E 568 -34.69 -44.58 23.83
C THR E 568 -33.21 -44.95 23.83
N ILE E 569 -32.36 -43.94 23.88
CA ILE E 569 -30.92 -44.13 23.81
C ILE E 569 -30.40 -44.22 25.23
N ASP E 570 -29.94 -45.39 25.63
CA ASP E 570 -29.38 -45.59 26.96
C ASP E 570 -27.96 -45.04 27.03
N ALA E 571 -27.28 -45.31 28.14
CA ALA E 571 -25.84 -45.09 28.17
C ALA E 571 -25.10 -46.39 27.85
N SER E 572 -25.54 -47.07 26.82
CA SER E 572 -24.78 -48.15 26.21
C SER E 572 -24.95 -48.16 24.71
N ASP E 573 -25.68 -47.20 24.16
CA ASP E 573 -25.87 -47.05 22.72
C ASP E 573 -25.12 -45.85 22.20
N ILE E 574 -24.42 -45.14 23.07
CA ILE E 574 -23.65 -43.97 22.62
C ILE E 574 -22.51 -44.32 21.67
N PRO E 575 -21.73 -45.40 21.83
CA PRO E 575 -20.74 -45.72 20.78
C PRO E 575 -21.34 -46.13 19.45
N THR E 576 -22.62 -46.52 19.40
CA THR E 576 -23.24 -46.77 18.10
C THR E 576 -23.41 -45.49 17.32
N TYR E 577 -23.61 -44.37 18.01
CA TYR E 577 -23.90 -43.11 17.35
C TYR E 577 -22.71 -42.18 17.28
N LEU E 578 -21.73 -42.34 18.16
CA LEU E 578 -20.61 -41.41 18.20
C LEU E 578 -19.25 -42.06 18.05
N GLY E 579 -19.14 -43.37 18.22
CA GLY E 579 -17.88 -44.04 17.96
C GLY E 579 -17.06 -44.35 19.19
N ILE E 580 -15.75 -44.39 19.03
CA ILE E 580 -14.85 -44.73 20.14
C ILE E 580 -14.79 -43.56 21.11
N PRO E 581 -14.84 -43.79 22.42
CA PRO E 581 -14.77 -42.68 23.38
C PRO E 581 -13.42 -41.98 23.34
N ARG E 582 -13.46 -40.66 23.42
CA ARG E 582 -12.24 -39.88 23.23
C ARG E 582 -11.51 -39.55 24.52
N TYR E 583 -12.16 -39.66 25.67
CA TYR E 583 -11.53 -39.28 26.92
C TYR E 583 -11.77 -40.35 27.97
N ARG E 584 -10.85 -40.44 28.93
CA ARG E 584 -10.97 -41.39 30.02
C ARG E 584 -11.41 -40.66 31.28
N PRO E 585 -12.50 -41.07 31.92
CA PRO E 585 -12.90 -40.43 33.17
C PRO E 585 -11.97 -40.82 34.30
N ASP E 586 -11.74 -39.88 35.20
CA ASP E 586 -10.96 -40.17 36.39
C ASP E 586 -11.78 -40.99 37.37
N LYS E 587 -11.09 -41.83 38.14
CA LYS E 587 -11.78 -42.69 39.08
C LYS E 587 -10.93 -42.83 40.34
N ALA E 588 -11.62 -42.96 41.46
CA ALA E 588 -10.97 -43.07 42.75
C ALA E 588 -10.57 -44.52 43.01
N GLU E 589 -9.78 -44.71 44.05
CA GLU E 589 -9.38 -46.05 44.45
C GLU E 589 -9.98 -46.39 45.80
N THR E 590 -9.81 -47.64 46.18
CA THR E 590 -10.03 -48.14 47.52
C THR E 590 -8.73 -48.78 47.97
N GLU E 591 -8.78 -49.51 49.10
CA GLU E 591 -7.73 -50.42 49.55
C GLU E 591 -6.39 -49.71 49.78
N PRO E 592 -6.21 -49.08 50.97
CA PRO E 592 -5.00 -48.28 51.26
C PRO E 592 -3.65 -48.87 50.87
N GLN E 593 -2.75 -48.02 50.38
CA GLN E 593 -1.53 -48.47 49.73
C GLN E 593 -0.32 -47.78 50.34
N VAL E 594 0.83 -48.41 50.19
CA VAL E 594 2.06 -47.94 50.78
C VAL E 594 2.79 -47.04 49.80
N GLY E 595 3.02 -45.81 50.19
CA GLY E 595 3.79 -44.90 49.36
C GLY E 595 3.00 -44.21 48.29
N THR E 596 1.71 -43.96 48.53
CA THR E 596 0.84 -43.42 47.51
C THR E 596 -0.16 -42.51 48.20
N ALA E 597 -0.46 -41.36 47.59
CA ALA E 597 -1.47 -40.46 48.13
C ALA E 597 -2.23 -39.80 47.00
N GLN E 598 -3.44 -39.36 47.31
CA GLN E 598 -4.36 -38.80 46.32
C GLN E 598 -4.31 -37.28 46.38
N GLY E 599 -4.13 -36.65 45.22
CA GLY E 599 -4.04 -35.21 45.15
C GLY E 599 -4.99 -34.65 44.10
N LEU E 600 -5.00 -33.33 43.98
CA LEU E 600 -5.98 -32.62 43.17
C LEU E 600 -5.29 -31.53 42.38
N ALA E 601 -5.64 -31.39 41.11
CA ALA E 601 -5.03 -30.41 40.24
C ALA E 601 -6.08 -29.49 39.64
N TRP E 602 -5.62 -28.46 38.95
CA TRP E 602 -6.47 -27.41 38.40
C TRP E 602 -6.11 -27.22 36.93
N THR E 603 -6.95 -27.64 36.06
CA THR E 603 -6.76 -27.26 34.67
C THR E 603 -7.66 -26.09 34.34
N PRO E 604 -7.44 -25.36 33.24
CA PRO E 604 -8.37 -24.29 32.88
C PRO E 604 -9.76 -24.75 32.46
N VAL E 605 -10.01 -26.05 32.32
CA VAL E 605 -11.33 -26.55 31.97
C VAL E 605 -11.91 -27.42 33.08
N GLY E 606 -11.38 -27.33 34.28
CA GLY E 606 -11.89 -28.08 35.41
C GLY E 606 -10.77 -28.73 36.17
N GLY E 607 -11.14 -29.52 37.17
CA GLY E 607 -10.18 -30.16 38.04
C GLY E 607 -9.80 -31.54 37.54
N THR E 608 -8.85 -32.15 38.24
CA THR E 608 -8.29 -33.43 37.83
C THR E 608 -7.71 -34.11 39.06
N LEU E 609 -7.99 -35.40 39.22
CA LEU E 609 -7.28 -36.20 40.20
C LEU E 609 -5.88 -36.53 39.71
N LEU E 610 -4.90 -36.41 40.59
CA LEU E 610 -3.54 -36.87 40.30
C LEU E 610 -3.04 -37.73 41.44
N THR E 611 -2.33 -38.79 41.10
CA THR E 611 -1.78 -39.70 42.09
C THR E 611 -0.29 -39.47 42.20
N ILE E 612 0.20 -39.34 43.42
CA ILE E 612 1.62 -39.21 43.70
C ILE E 612 2.06 -40.50 44.35
N GLU E 613 3.07 -41.14 43.78
CA GLU E 613 3.59 -42.38 44.32
C GLU E 613 5.10 -42.26 44.46
N VAL E 614 5.63 -42.78 45.56
CA VAL E 614 7.06 -42.72 45.81
C VAL E 614 7.54 -44.11 46.21
N ALA E 615 8.84 -44.33 46.06
CA ALA E 615 9.45 -45.60 46.37
C ALA E 615 10.70 -45.37 47.21
N ALA E 616 10.96 -46.28 48.13
CA ALA E 616 12.12 -46.19 49.01
C ALA E 616 12.90 -47.49 48.90
N VAL E 617 14.03 -47.44 48.22
CA VAL E 617 14.84 -48.62 47.94
C VAL E 617 16.19 -48.40 48.59
N PRO E 618 16.94 -49.46 48.89
CA PRO E 618 18.26 -49.25 49.49
C PRO E 618 19.24 -48.59 48.54
N GLY E 619 20.03 -47.67 49.08
CA GLY E 619 20.91 -46.87 48.27
C GLY E 619 21.84 -45.99 49.07
N SER E 620 22.02 -44.75 48.64
CA SER E 620 23.01 -43.88 49.26
C SER E 620 22.50 -42.48 49.53
N GLY E 621 21.23 -42.19 49.30
CA GLY E 621 20.66 -40.93 49.66
C GLY E 621 20.31 -39.99 48.54
N LYS E 622 20.18 -40.47 47.32
CA LYS E 622 19.82 -39.59 46.22
C LYS E 622 18.31 -39.42 46.17
N LEU E 623 17.88 -38.40 45.42
CA LEU E 623 16.46 -38.09 45.30
C LEU E 623 16.17 -37.82 43.83
N SER E 624 15.39 -38.69 43.21
CA SER E 624 15.01 -38.55 41.81
C SER E 624 13.56 -38.14 41.73
N LEU E 625 13.24 -37.28 40.77
CA LEU E 625 11.95 -36.60 40.71
C LEU E 625 11.48 -36.62 39.25
N THR E 626 10.66 -37.60 38.90
CA THR E 626 10.30 -37.80 37.51
C THR E 626 8.82 -37.50 37.27
N GLY E 627 8.49 -37.23 36.01
CA GLY E 627 7.12 -37.01 35.62
C GLY E 627 6.86 -35.62 35.08
N GLN E 628 7.90 -35.00 34.50
CA GLN E 628 7.87 -33.67 33.89
C GLN E 628 7.50 -32.59 34.89
N LEU E 629 8.21 -32.58 36.01
CA LEU E 629 7.89 -31.67 37.10
C LEU E 629 8.62 -30.35 36.93
N GLY E 630 7.94 -29.27 37.30
CA GLY E 630 8.54 -27.95 37.27
C GLY E 630 9.44 -27.71 38.47
N GLU E 631 9.97 -26.49 38.55
CA GLU E 631 10.95 -26.20 39.58
C GLU E 631 10.32 -25.96 40.94
N VAL E 632 9.14 -25.33 40.95
CA VAL E 632 8.44 -25.07 42.21
C VAL E 632 8.02 -26.38 42.86
N MET E 633 7.66 -27.37 42.05
CA MET E 633 7.21 -28.64 42.59
C MET E 633 8.37 -29.45 43.15
N LYS E 634 9.54 -29.37 42.51
CA LYS E 634 10.73 -30.01 43.06
C LYS E 634 11.16 -29.35 44.37
N GLU E 635 11.02 -28.03 44.45
CA GLU E 635 11.37 -27.35 45.69
C GLU E 635 10.41 -27.69 46.82
N SER E 636 9.13 -27.89 46.51
CA SER E 636 8.19 -28.31 47.55
C SER E 636 8.45 -29.73 48.02
N ALA E 637 8.88 -30.61 47.10
CA ALA E 637 9.24 -31.96 47.52
C ALA E 637 10.46 -31.96 48.42
N GLN E 638 11.45 -31.11 48.12
CA GLN E 638 12.63 -31.01 48.97
C GLN E 638 12.30 -30.43 50.34
N ALA E 639 11.36 -29.49 50.40
CA ALA E 639 10.94 -28.94 51.69
C ALA E 639 10.23 -29.99 52.54
N ALA E 640 9.39 -30.81 51.92
CA ALA E 640 8.73 -31.89 52.67
C ALA E 640 9.72 -32.92 53.17
N LEU E 641 10.73 -33.25 52.36
CA LEU E 641 11.73 -34.21 52.81
C LEU E 641 12.60 -33.65 53.94
N THR E 642 12.89 -32.36 53.93
CA THR E 642 13.67 -31.77 55.03
C THR E 642 12.87 -31.76 56.32
N TYR E 643 11.57 -31.44 56.24
CA TYR E 643 10.70 -31.54 57.41
C TYR E 643 10.69 -32.96 57.98
N LEU E 644 10.66 -33.97 57.10
CA LEU E 644 10.63 -35.32 57.65
C LEU E 644 11.98 -35.76 58.19
N ARG E 645 13.09 -35.22 57.67
CA ARG E 645 14.38 -35.55 58.27
C ARG E 645 14.57 -34.89 59.62
N ALA E 646 13.92 -33.74 59.84
CA ALA E 646 14.05 -33.08 61.13
C ALA E 646 13.30 -33.84 62.22
N HIS E 647 12.07 -34.26 61.95
CA HIS E 647 11.23 -34.91 62.94
C HIS E 647 11.22 -36.43 62.73
N THR E 648 12.40 -37.02 62.87
CA THR E 648 12.57 -38.42 62.49
C THR E 648 12.08 -39.39 63.55
N GLN E 649 11.69 -38.92 64.72
CA GLN E 649 11.23 -39.80 65.79
C GLN E 649 9.75 -39.69 66.07
N ASP E 650 9.11 -38.63 65.59
CA ASP E 650 7.69 -38.46 65.83
C ASP E 650 6.85 -39.44 65.02
N TYR E 651 7.36 -39.89 63.88
CA TYR E 651 6.55 -40.65 62.95
C TYR E 651 7.08 -42.05 62.71
N GLY E 652 8.08 -42.49 63.47
CA GLY E 652 8.56 -43.85 63.33
C GLY E 652 9.40 -44.09 62.10
N LEU E 653 10.02 -43.06 61.57
CA LEU E 653 10.89 -43.20 60.42
C LEU E 653 12.21 -43.81 60.88
N PRO E 654 12.97 -44.45 59.98
CA PRO E 654 14.28 -44.98 60.35
C PRO E 654 15.25 -43.87 60.74
N GLU E 655 16.24 -44.25 61.55
CA GLU E 655 17.07 -43.24 62.20
C GLU E 655 18.03 -42.58 61.23
N ASP E 656 18.58 -43.34 60.29
CA ASP E 656 19.46 -42.79 59.27
C ASP E 656 19.01 -43.25 57.89
N PHE E 657 18.00 -42.60 57.36
CA PHE E 657 17.63 -42.82 55.98
C PHE E 657 18.22 -41.78 55.06
N TYR E 658 18.93 -40.79 55.60
CA TYR E 658 19.48 -39.76 54.74
C TYR E 658 20.70 -40.24 53.96
N ASN E 659 21.27 -41.38 54.32
CA ASN E 659 22.37 -41.91 53.53
C ASN E 659 22.30 -43.43 53.36
N LYS E 660 21.12 -44.02 53.53
CA LYS E 660 20.95 -45.45 53.28
C LYS E 660 19.81 -45.77 52.33
N VAL E 661 19.03 -44.78 51.91
CA VAL E 661 17.81 -44.98 51.15
C VAL E 661 17.78 -43.99 50.01
N ASP E 662 17.59 -44.48 48.79
CA ASP E 662 17.33 -43.63 47.64
C ASP E 662 15.83 -43.51 47.44
N LEU E 663 15.33 -42.29 47.39
CA LEU E 663 13.92 -42.04 47.17
C LEU E 663 13.68 -41.67 45.71
N HIS E 664 12.48 -41.96 45.23
CA HIS E 664 12.11 -41.68 43.85
C HIS E 664 10.67 -41.22 43.85
N VAL E 665 10.42 -39.99 43.43
CA VAL E 665 9.09 -39.41 43.45
C VAL E 665 8.59 -39.35 42.01
N HIS E 666 7.50 -40.03 41.73
CA HIS E 666 6.98 -40.12 40.37
C HIS E 666 5.52 -39.72 40.38
N VAL E 667 5.12 -38.86 39.45
CA VAL E 667 3.75 -38.42 39.31
C VAL E 667 3.26 -38.81 37.92
N PRO E 668 2.45 -39.85 37.81
CA PRO E 668 1.95 -40.26 36.50
C PRO E 668 0.93 -39.26 35.98
N ASP E 669 0.94 -39.02 34.67
CA ASP E 669 1.75 -39.72 33.68
C ASP E 669 2.88 -38.88 33.13
N GLY E 670 3.82 -39.52 32.43
CA GLY E 670 4.78 -38.79 31.65
C GLY E 670 4.13 -38.14 30.45
N ALA E 671 4.91 -37.30 29.78
CA ALA E 671 4.49 -36.47 28.64
C ALA E 671 3.32 -35.56 28.97
N THR E 672 3.23 -35.12 30.21
CA THR E 672 2.26 -34.12 30.62
C THR E 672 2.93 -33.24 31.65
N PRO E 673 3.33 -32.02 31.31
CA PRO E 673 4.08 -31.19 32.25
C PRO E 673 3.21 -30.68 33.39
N LYS E 674 3.74 -30.78 34.60
CA LYS E 674 3.02 -30.45 35.82
C LYS E 674 3.87 -29.50 36.65
N ASP E 675 3.22 -28.55 37.32
CA ASP E 675 3.94 -27.55 38.08
C ASP E 675 3.02 -27.00 39.15
N GLY E 676 3.65 -26.39 40.22
CA GLY E 676 2.81 -25.66 41.17
C GLY E 676 3.29 -25.88 42.60
N PRO E 677 2.74 -25.22 43.53
CA PRO E 677 3.24 -25.74 44.78
C PRO E 677 2.19 -26.33 45.70
N SER E 678 0.97 -26.54 45.23
CA SER E 678 -0.13 -26.93 46.12
C SER E 678 -0.03 -28.38 46.51
N ALA E 679 0.98 -29.04 45.98
CA ALA E 679 1.15 -30.48 46.13
C ALA E 679 1.98 -30.84 47.33
N GLY E 680 2.16 -29.98 48.46
CA GLY E 680 3.18 -30.18 49.47
C GLY E 680 2.82 -31.27 50.47
N ILE E 681 1.60 -31.22 50.99
CA ILE E 681 1.21 -32.21 51.98
C ILE E 681 0.92 -33.55 51.34
N THR E 682 0.61 -33.58 50.04
CA THR E 682 0.46 -34.86 49.35
C THR E 682 1.79 -35.59 49.28
N MET E 683 2.85 -34.88 48.91
CA MET E 683 4.16 -35.49 48.87
C MET E 683 4.69 -35.79 50.25
N ALA E 684 4.32 -35.00 51.26
CA ALA E 684 4.70 -35.33 52.63
C ALA E 684 4.05 -36.63 53.08
N THR E 685 2.77 -36.82 52.74
CA THR E 685 2.07 -38.05 53.08
C THR E 685 2.67 -39.25 52.37
N ALA E 686 2.98 -39.09 51.09
CA ALA E 686 3.52 -40.20 50.31
C ALA E 686 4.90 -40.61 50.78
N ILE E 687 5.77 -39.64 51.04
CA ILE E 687 7.12 -39.93 51.51
C ILE E 687 7.09 -40.56 52.89
N ALA E 688 6.22 -40.06 53.78
CA ALA E 688 6.15 -40.65 55.11
C ALA E 688 5.55 -42.05 55.08
N SER E 689 4.62 -42.31 54.18
CA SER E 689 4.07 -43.64 54.06
C SER E 689 5.10 -44.62 53.51
N ALA E 690 5.93 -44.19 52.57
CA ALA E 690 6.92 -45.09 52.03
C ALA E 690 8.08 -45.33 52.98
N LEU E 691 8.44 -44.33 53.79
CA LEU E 691 9.53 -44.56 54.71
C LEU E 691 9.09 -45.34 55.95
N SER E 692 7.87 -45.11 56.43
CA SER E 692 7.44 -45.77 57.64
C SER E 692 6.75 -47.10 57.40
N ARG E 693 6.54 -47.48 56.14
CA ARG E 693 5.88 -48.72 55.73
C ARG E 693 4.46 -48.84 56.27
N ARG E 694 3.76 -47.72 56.35
CA ARG E 694 2.39 -47.64 56.80
C ARG E 694 1.50 -47.18 55.67
N PRO E 695 0.43 -47.91 55.36
CA PRO E 695 -0.40 -47.56 54.21
C PRO E 695 -1.17 -46.28 54.42
N ALA E 696 -1.31 -45.52 53.35
CA ALA E 696 -2.03 -44.27 53.37
C ALA E 696 -3.41 -44.48 52.79
N ARG E 697 -4.40 -43.78 53.32
CA ARG E 697 -5.76 -43.94 52.87
C ARG E 697 -5.95 -43.26 51.53
N MET E 698 -6.53 -43.97 50.58
CA MET E 698 -6.72 -43.48 49.23
C MET E 698 -8.10 -42.92 48.99
N ASP E 699 -9.01 -43.03 49.96
CA ASP E 699 -10.34 -42.46 49.85
C ASP E 699 -10.44 -41.06 50.42
N ILE E 700 -9.31 -40.37 50.59
CA ILE E 700 -9.27 -39.00 51.09
C ILE E 700 -8.42 -38.20 50.13
N ALA E 701 -9.00 -37.18 49.52
CA ALA E 701 -8.23 -36.26 48.71
C ALA E 701 -7.64 -35.17 49.59
N MET E 702 -6.57 -34.54 49.11
CA MET E 702 -5.90 -33.54 49.92
C MET E 702 -5.17 -32.57 49.00
N THR E 703 -4.84 -31.41 49.55
CA THR E 703 -4.16 -30.34 48.85
C THR E 703 -3.64 -29.35 49.88
N GLY E 704 -2.51 -28.72 49.58
CA GLY E 704 -1.95 -27.76 50.52
C GLY E 704 -0.45 -27.57 50.45
N GLU E 705 -0.01 -26.32 50.55
CA GLU E 705 1.39 -25.98 50.48
C GLU E 705 2.06 -26.13 51.84
N VAL E 706 3.31 -26.60 51.86
CA VAL E 706 4.02 -26.93 53.08
C VAL E 706 5.23 -26.00 53.20
N SER E 707 5.74 -25.85 54.43
CA SER E 707 6.95 -25.10 54.72
C SER E 707 7.84 -25.97 55.61
N LEU E 708 9.01 -25.45 55.98
CA LEU E 708 9.95 -26.26 56.75
C LEU E 708 9.58 -26.41 58.21
N ARG E 709 8.79 -25.49 58.77
CA ARG E 709 8.34 -25.68 60.14
C ARG E 709 7.18 -26.65 60.24
N GLY E 710 6.58 -27.04 59.12
CA GLY E 710 5.42 -27.88 59.14
C GLY E 710 4.12 -27.12 59.13
N LYS E 711 4.11 -25.92 58.57
CA LYS E 711 2.90 -25.12 58.50
C LYS E 711 2.25 -25.30 57.14
N VAL E 712 0.93 -25.35 57.14
CA VAL E 712 0.15 -25.55 55.92
C VAL E 712 -0.35 -24.20 55.46
N MET E 713 0.00 -23.83 54.26
CA MET E 713 -0.24 -22.53 53.66
C MET E 713 -1.46 -22.59 52.76
N PRO E 714 -2.08 -21.45 52.44
CA PRO E 714 -3.24 -21.46 51.54
C PRO E 714 -2.86 -21.77 50.10
N ILE E 715 -3.88 -22.17 49.34
CA ILE E 715 -3.75 -22.57 47.95
C ILE E 715 -4.74 -21.79 47.10
N GLY E 716 -4.78 -22.12 45.81
CA GLY E 716 -5.68 -21.47 44.89
C GLY E 716 -6.48 -22.46 44.09
N GLY E 717 -7.61 -22.00 43.58
CA GLY E 717 -8.47 -22.81 42.75
C GLY E 717 -9.16 -23.93 43.48
N VAL E 718 -9.87 -23.61 44.55
CA VAL E 718 -10.34 -24.67 45.43
C VAL E 718 -11.65 -25.29 44.93
N LYS E 719 -12.50 -24.54 44.23
CA LYS E 719 -13.80 -25.09 43.88
C LYS E 719 -13.73 -26.07 42.72
N GLU E 720 -12.82 -25.87 41.77
CA GLU E 720 -12.64 -26.83 40.69
C GLU E 720 -12.11 -28.14 41.22
N LYS E 721 -11.18 -28.06 42.18
CA LYS E 721 -10.64 -29.25 42.81
C LYS E 721 -11.70 -29.99 43.61
N LEU E 722 -12.56 -29.27 44.33
CA LEU E 722 -13.57 -29.98 45.10
C LEU E 722 -14.69 -30.54 44.24
N LEU E 723 -15.04 -29.87 43.15
CA LEU E 723 -16.00 -30.45 42.22
C LEU E 723 -15.45 -31.69 41.55
N ALA E 724 -14.17 -31.67 41.19
CA ALA E 724 -13.56 -32.85 40.58
C ALA E 724 -13.46 -33.99 41.57
N ALA E 725 -13.20 -33.70 42.83
CA ALA E 725 -13.16 -34.76 43.82
C ALA E 725 -14.55 -35.29 44.17
N HIS E 726 -15.58 -34.48 43.99
CA HIS E 726 -16.92 -34.96 44.32
C HIS E 726 -17.49 -35.83 43.21
N GLN E 727 -17.28 -35.46 41.96
CA GLN E 727 -17.87 -36.20 40.86
C GLN E 727 -17.04 -37.39 40.43
N ALA E 728 -15.99 -37.70 41.18
CA ALA E 728 -15.26 -38.94 41.02
C ALA E 728 -15.51 -39.91 42.16
N GLY E 729 -16.25 -39.51 43.17
CA GLY E 729 -16.62 -40.41 44.24
C GLY E 729 -15.79 -40.34 45.48
N ILE E 730 -15.20 -39.20 45.80
CA ILE E 730 -14.42 -39.01 47.02
C ILE E 730 -15.19 -38.06 47.91
N HIS E 731 -15.43 -38.46 49.16
CA HIS E 731 -16.29 -37.70 50.05
C HIS E 731 -15.55 -37.12 51.25
N LYS E 732 -14.23 -37.15 51.25
CA LYS E 732 -13.43 -36.66 52.36
C LYS E 732 -12.30 -35.81 51.83
N ILE E 733 -12.16 -34.59 52.37
CA ILE E 733 -11.19 -33.62 51.89
C ILE E 733 -10.37 -33.11 53.08
N VAL E 734 -9.06 -33.00 52.88
CA VAL E 734 -8.18 -32.28 53.78
C VAL E 734 -7.76 -30.98 53.11
N LEU E 735 -7.95 -29.87 53.80
CA LEU E 735 -7.81 -28.53 53.25
C LEU E 735 -7.17 -27.63 54.28
N PRO E 736 -6.44 -26.60 53.87
CA PRO E 736 -5.90 -25.64 54.85
C PRO E 736 -6.99 -24.83 55.51
N LYS E 737 -6.74 -24.43 56.75
CA LYS E 737 -7.75 -23.67 57.50
C LYS E 737 -7.96 -22.28 56.93
N ASP E 738 -6.94 -21.70 56.31
CA ASP E 738 -7.10 -20.39 55.71
C ASP E 738 -7.74 -20.44 54.33
N ASN E 739 -8.32 -21.56 53.94
CA ASN E 739 -9.16 -21.64 52.75
C ASN E 739 -10.62 -21.87 53.08
N GLU E 740 -11.03 -21.74 54.33
CA GLU E 740 -12.44 -21.91 54.65
C GLU E 740 -13.28 -20.72 54.22
N ALA E 741 -12.67 -19.62 53.83
CA ALA E 741 -13.43 -18.51 53.27
C ALA E 741 -14.01 -18.89 51.92
N GLN E 742 -13.29 -19.68 51.14
CA GLN E 742 -13.72 -19.99 49.78
C GLN E 742 -14.62 -21.20 49.69
N LEU E 743 -15.05 -21.77 50.82
CA LEU E 743 -16.00 -22.87 50.77
C LEU E 743 -17.43 -22.43 50.55
N GLU E 744 -17.67 -21.13 50.39
CA GLU E 744 -19.02 -20.62 50.23
C GLU E 744 -19.41 -20.38 48.78
N GLU E 745 -18.44 -20.37 47.86
CA GLU E 745 -18.72 -20.23 46.44
C GLU E 745 -18.97 -21.56 45.77
N LEU E 746 -19.37 -22.58 46.53
CA LEU E 746 -19.53 -23.94 46.12
C LEU E 746 -21.01 -24.31 46.20
N PRO E 747 -21.51 -25.17 45.31
CA PRO E 747 -22.93 -25.53 45.34
C PRO E 747 -23.31 -26.29 46.61
N LYS E 748 -24.57 -26.16 46.99
CA LYS E 748 -25.00 -26.58 48.31
C LYS E 748 -25.09 -28.10 48.43
N GLU E 749 -25.57 -28.77 47.39
CA GLU E 749 -25.67 -30.21 47.41
C GLU E 749 -24.31 -30.88 47.33
N VAL E 750 -23.30 -30.19 46.81
CA VAL E 750 -21.94 -30.71 46.84
C VAL E 750 -21.38 -30.64 48.25
N LEU E 751 -21.60 -29.51 48.91
CA LEU E 751 -21.03 -29.27 50.23
C LEU E 751 -21.71 -30.11 51.31
N GLU E 752 -22.91 -30.61 51.06
CA GLU E 752 -23.54 -31.51 52.02
C GLU E 752 -22.98 -32.92 51.95
N GLY E 753 -22.28 -33.27 50.88
CA GLY E 753 -21.75 -34.61 50.75
C GLY E 753 -20.33 -34.76 51.25
N LEU E 754 -19.59 -33.66 51.26
CA LEU E 754 -18.17 -33.67 51.58
C LEU E 754 -17.95 -33.44 53.06
N GLU E 755 -17.11 -34.28 53.67
CA GLU E 755 -16.62 -34.08 55.02
C GLU E 755 -15.29 -33.35 54.92
N ILE E 756 -15.30 -32.05 55.18
CA ILE E 756 -14.10 -31.23 55.07
C ILE E 756 -13.36 -31.28 56.41
N LYS E 757 -12.05 -31.48 56.36
CA LYS E 757 -11.20 -31.35 57.51
C LYS E 757 -10.24 -30.20 57.28
N LEU E 758 -10.14 -29.30 58.26
CA LEU E 758 -9.34 -28.09 58.13
C LEU E 758 -8.11 -28.22 59.01
N VAL E 759 -6.94 -28.12 58.39
CA VAL E 759 -5.68 -28.34 59.08
C VAL E 759 -4.83 -27.10 59.00
N GLU E 760 -3.83 -27.04 59.88
CA GLU E 760 -2.81 -26.01 59.82
C GLU E 760 -1.42 -26.53 60.17
N ASP E 761 -1.29 -27.79 60.52
CA ASP E 761 -0.03 -28.43 60.83
C ASP E 761 0.06 -29.70 59.99
N VAL E 762 1.27 -30.19 59.78
CA VAL E 762 1.43 -31.39 58.98
C VAL E 762 1.25 -32.65 59.81
N GLY E 763 1.52 -32.59 61.12
CA GLY E 763 1.40 -33.75 61.97
C GLY E 763 -0.03 -34.24 62.12
N GLU E 764 -0.99 -33.33 62.09
CA GLU E 764 -2.38 -33.76 62.17
C GLU E 764 -2.85 -34.40 60.86
N VAL E 765 -2.31 -33.95 59.72
CA VAL E 765 -2.56 -34.60 58.44
C VAL E 765 -2.00 -36.02 58.44
N LEU E 766 -0.75 -36.17 58.89
CA LEU E 766 -0.13 -37.48 58.91
C LEU E 766 -0.74 -38.39 59.96
N GLU E 767 -1.39 -37.84 60.97
CA GLU E 767 -2.14 -38.67 61.91
C GLU E 767 -3.46 -39.12 61.30
N TYR E 768 -4.10 -38.25 60.52
CA TYR E 768 -5.38 -38.57 59.95
C TYR E 768 -5.31 -39.50 58.75
N LEU E 769 -4.19 -39.54 58.02
CA LEU E 769 -4.13 -40.33 56.79
C LEU E 769 -3.47 -41.70 56.93
N LEU E 770 -2.39 -41.81 57.68
CA LEU E 770 -1.69 -43.07 57.74
C LEU E 770 -2.40 -44.05 58.66
N LEU E 771 -2.46 -45.31 58.25
CA LEU E 771 -2.95 -46.36 59.10
C LEU E 771 -2.00 -46.58 60.27
N PRO E 772 -2.52 -46.91 61.46
CA PRO E 772 -1.67 -46.97 62.65
C PRO E 772 -0.73 -48.16 62.70
N GLU E 773 -0.78 -49.10 61.77
CA GLU E 773 0.13 -50.23 61.88
C GLU E 773 0.89 -50.46 60.58
N PRO E 774 2.15 -50.87 60.65
CA PRO E 774 2.88 -51.21 59.44
C PRO E 774 2.50 -52.59 58.92
N THR E 775 2.73 -52.77 57.62
CA THR E 775 2.46 -54.04 56.96
C THR E 775 3.72 -54.67 56.37
N MET E 776 4.43 -53.95 55.54
CA MET E 776 5.59 -54.47 54.83
C MET E 776 6.80 -54.48 55.74
N PRO E 777 7.83 -55.30 55.45
CA PRO E 777 9.07 -55.21 56.20
C PRO E 777 9.80 -53.92 55.85
N PRO E 778 10.63 -53.40 56.76
CA PRO E 778 11.28 -52.11 56.51
C PRO E 778 12.38 -52.23 55.46
N VAL E 779 12.75 -51.06 54.93
CA VAL E 779 13.73 -51.00 53.84
C VAL E 779 15.15 -51.26 54.36
N VAL E 780 15.39 -50.98 55.65
CA VAL E 780 16.72 -50.93 56.30
C VAL E 780 17.66 -49.96 55.60
N ARG F 2 -123.49 -6.00 -16.27
CA ARG F 2 -122.45 -6.92 -16.74
C ARG F 2 -122.23 -6.77 -18.24
N LEU F 3 -121.04 -7.13 -18.70
CA LEU F 3 -120.75 -7.14 -20.13
C LEU F 3 -119.67 -8.18 -20.40
N GLU F 4 -119.87 -8.96 -21.45
CA GLU F 4 -118.93 -9.98 -21.91
C GLU F 4 -118.32 -9.51 -23.22
N LEU F 5 -117.00 -9.42 -23.26
CA LEU F 5 -116.29 -8.98 -24.46
C LEU F 5 -115.03 -9.82 -24.65
N PRO F 6 -114.54 -9.97 -25.88
CA PRO F 6 -113.34 -10.78 -26.11
C PRO F 6 -112.08 -10.13 -25.59
N VAL F 7 -111.20 -10.96 -25.02
CA VAL F 7 -109.94 -10.55 -24.44
C VAL F 7 -108.82 -10.77 -25.45
N ILE F 8 -108.04 -9.71 -25.69
CA ILE F 8 -106.76 -9.84 -26.38
C ILE F 8 -105.66 -9.85 -25.32
N PRO F 9 -104.91 -10.95 -25.16
CA PRO F 9 -103.69 -10.89 -24.36
C PRO F 9 -102.62 -10.07 -25.06
N LEU F 10 -102.29 -8.93 -24.47
CA LEU F 10 -101.36 -7.98 -25.04
C LEU F 10 -99.94 -8.56 -25.04
N ARG F 11 -99.15 -8.13 -26.03
CA ARG F 11 -97.88 -8.79 -26.30
C ARG F 11 -96.76 -8.28 -25.39
N ASN F 12 -96.42 -6.99 -25.47
CA ASN F 12 -95.38 -6.44 -24.61
C ASN F 12 -95.66 -5.02 -24.11
N THR F 13 -96.85 -4.48 -24.29
CA THR F 13 -97.21 -3.17 -23.78
C THR F 13 -98.55 -3.27 -23.06
N VAL F 14 -98.60 -2.76 -21.83
CA VAL F 14 -99.82 -2.74 -21.04
C VAL F 14 -100.54 -1.42 -21.32
N ILE F 15 -101.81 -1.52 -21.72
CA ILE F 15 -102.60 -0.36 -22.13
C ILE F 15 -103.21 0.29 -20.89
N LEU F 16 -102.73 1.50 -20.58
CA LEU F 16 -103.29 2.32 -19.51
C LEU F 16 -104.57 2.99 -20.02
N PRO F 17 -105.30 3.72 -19.16
CA PRO F 17 -106.39 4.56 -19.68
C PRO F 17 -105.90 5.64 -20.64
N HIS F 18 -106.74 5.88 -21.66
CA HIS F 18 -106.50 6.85 -22.74
C HIS F 18 -105.18 6.58 -23.47
N THR F 19 -104.90 5.31 -23.73
CA THR F 19 -103.68 4.89 -24.42
C THR F 19 -104.06 4.43 -25.82
N THR F 20 -103.71 5.23 -26.83
CA THR F 20 -104.02 4.95 -28.22
C THR F 20 -102.83 4.21 -28.84
N THR F 21 -103.06 2.98 -29.31
CA THR F 21 -101.95 2.12 -29.69
C THR F 21 -102.29 1.27 -30.92
N PRO F 22 -101.37 1.15 -31.88
CA PRO F 22 -101.48 0.09 -32.88
C PRO F 22 -100.94 -1.23 -32.32
N VAL F 23 -101.75 -2.28 -32.41
CA VAL F 23 -101.39 -3.60 -31.89
C VAL F 23 -101.51 -4.61 -33.03
N ASP F 24 -100.47 -5.42 -33.20
CA ASP F 24 -100.43 -6.45 -34.23
C ASP F 24 -100.74 -7.82 -33.64
N VAL F 25 -101.36 -8.66 -34.46
CA VAL F 25 -101.73 -10.03 -34.10
C VAL F 25 -101.04 -10.98 -35.06
N GLY F 26 -100.11 -11.78 -34.53
CA GLY F 26 -99.39 -12.76 -35.31
C GLY F 26 -99.56 -14.18 -34.79
N ARG F 27 -100.25 -14.31 -33.65
CA ARG F 27 -100.66 -15.63 -33.19
C ARG F 27 -101.85 -16.13 -34.01
N ALA F 28 -102.23 -17.37 -33.75
CA ALA F 28 -103.41 -17.96 -34.37
C ALA F 28 -104.59 -18.04 -33.42
N LYS F 29 -104.52 -17.38 -32.26
CA LYS F 29 -105.57 -17.47 -31.24
C LYS F 29 -105.99 -16.10 -30.72
N SER F 30 -105.91 -15.06 -31.56
CA SER F 30 -106.40 -13.75 -31.17
C SER F 30 -107.23 -13.09 -32.28
N LYS F 31 -106.99 -13.49 -33.53
CA LYS F 31 -107.56 -12.77 -34.69
C LYS F 31 -109.07 -12.99 -34.83
N ARG F 32 -109.57 -14.18 -34.52
CA ARG F 32 -111.01 -14.43 -34.59
C ARG F 32 -111.74 -13.68 -33.49
N ALA F 33 -111.10 -13.48 -32.34
CA ALA F 33 -111.66 -12.63 -31.30
C ALA F 33 -111.73 -11.18 -31.73
N VAL F 34 -110.76 -10.73 -32.53
CA VAL F 34 -110.81 -9.38 -33.10
C VAL F 34 -111.96 -9.27 -34.09
N GLU F 35 -112.19 -10.32 -34.90
CA GLU F 35 -113.30 -10.27 -35.86
C GLU F 35 -114.66 -10.33 -35.15
N GLU F 36 -114.74 -11.09 -34.06
CA GLU F 36 -115.97 -11.09 -33.25
C GLU F 36 -116.19 -9.75 -32.56
N ALA F 37 -115.11 -9.07 -32.17
CA ALA F 37 -115.24 -7.74 -31.60
C ALA F 37 -115.68 -6.72 -32.65
N MET F 38 -115.19 -6.87 -33.88
CA MET F 38 -115.65 -6.02 -34.97
C MET F 38 -117.11 -6.29 -35.30
N GLY F 39 -117.54 -7.54 -35.16
CA GLY F 39 -118.94 -7.90 -35.28
C GLY F 39 -119.79 -7.62 -34.06
N ALA F 40 -119.18 -7.18 -32.97
CA ALA F 40 -119.89 -6.83 -31.74
C ALA F 40 -119.65 -5.37 -31.36
N ASP F 41 -119.73 -4.49 -32.36
CA ASP F 41 -119.76 -3.03 -32.20
C ASP F 41 -118.45 -2.49 -31.60
N ARG F 42 -117.33 -3.05 -32.06
CA ARG F 42 -115.97 -2.51 -31.86
C ARG F 42 -115.54 -2.42 -30.39
N LEU F 43 -116.08 -3.29 -29.53
CA LEU F 43 -115.77 -3.24 -28.10
C LEU F 43 -114.98 -4.47 -27.70
N ILE F 44 -113.78 -4.26 -27.16
CA ILE F 44 -112.83 -5.32 -26.83
C ILE F 44 -112.46 -5.14 -25.36
N PHE F 45 -111.94 -6.20 -24.74
CA PHE F 45 -111.06 -6.06 -23.60
C PHE F 45 -109.62 -6.36 -24.03
N LEU F 46 -108.68 -5.59 -23.50
CA LEU F 46 -107.26 -5.86 -23.61
C LEU F 46 -106.78 -6.25 -22.22
N VAL F 47 -106.20 -7.45 -22.08
CA VAL F 47 -105.66 -7.94 -20.82
C VAL F 47 -104.21 -8.34 -21.06
N ALA F 48 -103.31 -7.93 -20.17
CA ALA F 48 -101.92 -8.31 -20.27
C ALA F 48 -101.67 -9.60 -19.50
N GLN F 49 -101.11 -10.59 -20.18
CA GLN F 49 -100.84 -11.88 -19.54
C GLN F 49 -99.62 -11.77 -18.64
N ARG F 50 -99.42 -12.81 -17.83
CA ARG F 50 -98.45 -12.82 -16.75
C ARG F 50 -97.04 -13.13 -17.29
N ASP F 51 -96.15 -13.52 -16.37
CA ASP F 51 -94.74 -13.92 -16.58
C ASP F 51 -94.56 -14.81 -17.81
N PRO F 52 -93.36 -14.74 -18.54
CA PRO F 52 -93.31 -14.89 -20.01
C PRO F 52 -94.01 -16.07 -20.68
N GLU F 53 -94.20 -15.90 -22.00
CA GLU F 53 -95.39 -16.31 -22.74
C GLU F 53 -95.78 -17.77 -22.53
N VAL F 54 -97.10 -17.97 -22.41
CA VAL F 54 -97.73 -19.26 -22.20
C VAL F 54 -98.44 -19.65 -23.49
N ASP F 55 -98.45 -20.94 -23.81
CA ASP F 55 -99.15 -21.43 -24.98
C ASP F 55 -100.39 -22.26 -24.67
N ASP F 56 -100.94 -22.13 -23.46
CA ASP F 56 -102.21 -22.78 -23.10
C ASP F 56 -103.10 -21.75 -22.41
N PRO F 57 -104.32 -21.52 -22.89
CA PRO F 57 -105.21 -20.56 -22.23
C PRO F 57 -105.78 -21.11 -20.93
N ALA F 58 -105.73 -20.27 -19.89
CA ALA F 58 -106.31 -20.61 -18.60
C ALA F 58 -106.61 -19.30 -17.87
N PRO F 59 -107.65 -19.27 -17.03
CA PRO F 59 -107.93 -18.03 -16.26
C PRO F 59 -106.92 -17.75 -15.18
N ASP F 60 -106.08 -18.73 -14.80
CA ASP F 60 -105.03 -18.50 -13.83
C ASP F 60 -103.93 -17.62 -14.40
N ASP F 61 -103.65 -17.74 -15.69
CA ASP F 61 -102.63 -16.96 -16.37
C ASP F 61 -102.99 -15.50 -16.51
N LEU F 62 -104.26 -15.14 -16.33
CA LEU F 62 -104.73 -13.78 -16.56
C LEU F 62 -105.15 -13.16 -15.23
N TYR F 63 -104.73 -11.91 -15.03
CA TYR F 63 -105.29 -11.07 -13.99
C TYR F 63 -106.79 -10.87 -14.23
N THR F 64 -107.51 -10.49 -13.17
CA THR F 64 -108.91 -10.11 -13.30
C THR F 64 -109.08 -8.63 -13.60
N TRP F 65 -108.08 -8.02 -14.23
CA TRP F 65 -108.08 -6.63 -14.64
C TRP F 65 -107.78 -6.53 -16.12
N GLY F 66 -108.56 -5.71 -16.81
CA GLY F 66 -108.36 -5.43 -18.22
C GLY F 66 -108.71 -3.99 -18.50
N VAL F 67 -108.69 -3.63 -19.78
CA VAL F 67 -109.07 -2.29 -20.22
C VAL F 67 -110.02 -2.40 -21.40
N GLN F 68 -111.06 -1.56 -21.39
CA GLN F 68 -112.05 -1.58 -22.47
C GLN F 68 -111.53 -0.80 -23.66
N ALA F 69 -111.39 -1.49 -24.79
CA ALA F 69 -110.82 -0.93 -26.00
C ALA F 69 -111.91 -0.68 -27.02
N VAL F 70 -111.90 0.51 -27.60
CA VAL F 70 -112.70 0.82 -28.78
C VAL F 70 -111.77 0.78 -29.99
N VAL F 71 -112.31 0.35 -31.12
CA VAL F 71 -111.54 0.19 -32.34
C VAL F 71 -111.49 1.51 -33.10
N LYS F 72 -110.29 1.91 -33.53
CA LYS F 72 -110.21 2.98 -34.51
C LYS F 72 -110.20 2.44 -35.94
N GLN F 73 -109.41 1.39 -36.20
CA GLN F 73 -109.51 0.63 -37.44
C GLN F 73 -108.97 -0.78 -37.19
N ALA F 74 -109.28 -1.67 -38.12
CA ALA F 74 -108.78 -3.04 -38.10
C ALA F 74 -108.51 -3.48 -39.53
N MET F 75 -107.29 -3.96 -39.80
CA MET F 75 -106.88 -4.20 -41.18
C MET F 75 -105.78 -5.26 -41.21
N ARG F 76 -105.72 -6.02 -42.29
CA ARG F 76 -104.91 -7.23 -42.37
C ARG F 76 -103.53 -6.94 -42.98
N LEU F 77 -102.76 -8.01 -43.14
CA LEU F 77 -101.44 -8.05 -43.74
C LEU F 77 -101.29 -9.40 -44.42
N PRO F 78 -100.43 -9.52 -45.45
CA PRO F 78 -100.36 -10.80 -46.18
C PRO F 78 -99.73 -11.95 -45.41
N ASP F 79 -99.09 -11.71 -44.27
CA ASP F 79 -98.59 -12.79 -43.42
C ASP F 79 -99.59 -13.22 -42.35
N GLY F 80 -100.85 -12.78 -42.46
CA GLY F 80 -101.87 -13.13 -41.50
C GLY F 80 -101.93 -12.25 -40.27
N THR F 81 -101.11 -11.21 -40.19
CA THR F 81 -101.02 -10.36 -39.02
C THR F 81 -102.08 -9.27 -39.08
N LEU F 82 -102.91 -9.20 -38.05
CA LEU F 82 -104.01 -8.23 -38.00
C LEU F 82 -103.59 -7.03 -37.16
N GLN F 83 -103.58 -5.85 -37.77
CA GLN F 83 -103.31 -4.60 -37.05
C GLN F 83 -104.63 -3.98 -36.65
N VAL F 84 -104.78 -3.69 -35.36
CA VAL F 84 -105.93 -2.96 -34.85
C VAL F 84 -105.42 -1.71 -34.13
N MET F 85 -106.04 -0.57 -34.39
CA MET F 85 -105.75 0.67 -33.70
C MET F 85 -106.76 0.82 -32.58
N VAL F 86 -106.30 0.69 -31.33
CA VAL F 86 -107.21 0.62 -30.19
C VAL F 86 -107.04 1.86 -29.32
N GLU F 87 -108.14 2.21 -28.64
CA GLU F 87 -108.14 3.24 -27.61
C GLU F 87 -108.82 2.70 -26.36
N ALA F 88 -108.51 3.33 -25.22
CA ALA F 88 -109.15 2.96 -23.98
C ALA F 88 -110.36 3.85 -23.72
N ARG F 89 -111.40 3.25 -23.15
CA ARG F 89 -112.59 3.98 -22.72
C ARG F 89 -112.67 4.10 -21.21
N ALA F 90 -112.53 2.99 -20.49
CA ALA F 90 -112.46 2.98 -19.04
C ALA F 90 -111.76 1.71 -18.59
N ARG F 91 -111.03 1.80 -17.49
CA ARG F 91 -110.46 0.61 -16.89
C ARG F 91 -111.58 -0.21 -16.26
N ALA F 92 -111.34 -1.52 -16.10
CA ALA F 92 -112.40 -2.40 -15.66
C ALA F 92 -111.82 -3.63 -14.99
N GLN F 93 -112.63 -4.24 -14.13
CA GLN F 93 -112.31 -5.54 -13.56
C GLN F 93 -112.89 -6.64 -14.44
N VAL F 94 -112.45 -7.86 -14.17
CA VAL F 94 -112.98 -9.07 -14.80
C VAL F 94 -113.59 -9.93 -13.71
N THR F 95 -114.87 -10.28 -13.87
CA THR F 95 -115.47 -11.25 -12.95
C THR F 95 -114.90 -12.64 -13.18
N ASP F 96 -114.89 -13.09 -14.44
CA ASP F 96 -114.39 -14.41 -14.78
C ASP F 96 -114.05 -14.43 -16.27
N TYR F 97 -113.18 -15.37 -16.63
CA TYR F 97 -112.87 -15.73 -18.00
C TYR F 97 -113.50 -17.09 -18.30
N ILE F 98 -114.11 -17.22 -19.47
CA ILE F 98 -114.49 -18.54 -19.95
C ILE F 98 -113.37 -19.09 -20.83
N PRO F 99 -112.89 -20.31 -20.57
CA PRO F 99 -111.69 -20.80 -21.27
C PRO F 99 -111.99 -21.14 -22.73
N GLY F 100 -111.21 -20.55 -23.64
CA GLY F 100 -111.39 -20.73 -25.06
C GLY F 100 -110.47 -21.78 -25.63
N PRO F 101 -109.80 -21.46 -26.75
CA PRO F 101 -109.83 -20.23 -27.55
C PRO F 101 -111.08 -20.12 -28.45
N TYR F 102 -111.58 -18.93 -28.76
CA TYR F 102 -111.01 -17.64 -28.34
C TYR F 102 -111.49 -17.21 -26.96
N LEU F 103 -110.90 -16.13 -26.46
CA LEU F 103 -111.00 -15.74 -25.05
C LEU F 103 -112.04 -14.65 -24.90
N ARG F 104 -112.96 -14.85 -23.94
CA ARG F 104 -113.92 -13.84 -23.53
C ARG F 104 -113.72 -13.52 -22.05
N ALA F 105 -114.37 -12.45 -21.59
CA ALA F 105 -114.42 -12.16 -20.17
C ALA F 105 -115.68 -11.38 -19.84
N ARG F 106 -116.14 -11.50 -18.60
CA ARG F 106 -117.24 -10.65 -18.15
C ARG F 106 -116.78 -9.72 -17.03
N GLY F 107 -117.37 -8.53 -17.01
CA GLY F 107 -116.95 -7.51 -16.07
C GLY F 107 -118.10 -6.98 -15.23
N GLU F 108 -117.80 -6.71 -13.96
CA GLU F 108 -118.81 -6.17 -13.04
C GLU F 108 -119.13 -4.71 -13.38
N VAL F 109 -118.15 -3.83 -13.20
CA VAL F 109 -118.31 -2.40 -13.43
C VAL F 109 -117.09 -1.88 -14.16
N PHE F 110 -117.29 -0.81 -14.93
CA PHE F 110 -116.22 -0.18 -15.70
C PHE F 110 -115.71 0.99 -14.87
N SER F 111 -114.56 0.78 -14.21
CA SER F 111 -114.06 1.69 -13.21
C SER F 111 -113.60 3.00 -13.85
N GLU F 112 -114.05 4.11 -13.30
CA GLU F 112 -113.64 5.44 -13.73
C GLU F 112 -113.26 6.26 -12.52
N ILE F 113 -112.47 7.31 -12.77
CA ILE F 113 -112.29 8.38 -11.78
C ILE F 113 -112.40 9.72 -12.50
N PHE F 114 -113.39 10.50 -12.12
CA PHE F 114 -113.46 11.88 -12.53
C PHE F 114 -112.86 12.74 -11.43
N PRO F 115 -111.74 13.41 -11.69
CA PRO F 115 -110.99 14.06 -10.59
C PRO F 115 -111.73 15.24 -9.97
N ILE F 116 -111.98 15.13 -8.66
CA ILE F 116 -112.61 16.17 -7.86
C ILE F 116 -111.56 16.64 -6.85
N ASP F 117 -111.72 17.90 -6.37
CA ASP F 117 -110.85 18.54 -5.37
C ASP F 117 -109.42 18.62 -5.88
N GLU F 118 -109.26 19.41 -6.94
CA GLU F 118 -108.08 19.51 -7.80
C GLU F 118 -106.92 20.31 -7.20
N ALA F 119 -106.82 20.71 -5.93
CA ALA F 119 -105.73 21.61 -5.53
C ALA F 119 -104.40 20.87 -5.39
N VAL F 120 -104.34 19.91 -4.46
CA VAL F 120 -103.13 19.11 -4.28
C VAL F 120 -102.91 18.20 -5.49
N VAL F 121 -104.00 17.79 -6.14
CA VAL F 121 -103.91 17.02 -7.38
C VAL F 121 -103.29 17.87 -8.50
N ARG F 122 -103.60 19.16 -8.52
CA ARG F 122 -103.04 20.06 -9.54
C ARG F 122 -101.57 20.36 -9.25
N VAL F 123 -101.20 20.46 -7.97
CA VAL F 123 -99.79 20.61 -7.61
C VAL F 123 -99.00 19.37 -8.00
N LEU F 124 -99.61 18.19 -7.84
CA LEU F 124 -98.96 16.95 -8.30
C LEU F 124 -98.96 16.83 -9.81
N VAL F 125 -99.92 17.46 -10.51
CA VAL F 125 -99.85 17.58 -11.97
C VAL F 125 -98.62 18.40 -12.38
N GLU F 126 -98.38 19.52 -11.68
CA GLU F 126 -97.18 20.33 -11.91
C GLU F 126 -95.91 19.52 -11.66
N GLU F 127 -95.89 18.77 -10.55
CA GLU F 127 -94.73 17.97 -10.18
C GLU F 127 -94.49 16.83 -11.17
N LEU F 128 -95.54 16.18 -11.65
CA LEU F 128 -95.32 15.06 -12.56
C LEU F 128 -95.00 15.54 -13.97
N LYS F 129 -95.47 16.74 -14.34
CA LYS F 129 -94.99 17.37 -15.58
C LYS F 129 -93.50 17.70 -15.48
N GLU F 130 -93.05 18.16 -14.30
CA GLU F 130 -91.62 18.36 -14.07
C GLU F 130 -90.84 17.04 -14.14
N ALA F 131 -91.42 15.97 -13.60
CA ALA F 131 -90.75 14.67 -13.60
C ALA F 131 -90.64 14.09 -15.00
N PHE F 132 -91.71 14.20 -15.80
CA PHE F 132 -91.63 13.80 -17.21
C PHE F 132 -90.67 14.68 -18.00
N GLU F 133 -90.57 15.97 -17.64
CA GLU F 133 -89.62 16.84 -18.31
C GLU F 133 -88.18 16.46 -18.00
N LYS F 134 -87.94 15.97 -16.77
CA LYS F 134 -86.61 15.49 -16.41
C LYS F 134 -86.33 14.09 -16.95
N TYR F 135 -87.37 13.33 -17.32
CA TYR F 135 -87.18 11.99 -17.84
C TYR F 135 -87.14 11.90 -19.37
N VAL F 136 -87.73 12.89 -20.07
CA VAL F 136 -88.16 12.69 -21.46
C VAL F 136 -87.00 12.56 -22.45
N ALA F 137 -85.86 13.21 -22.21
CA ALA F 137 -84.82 13.32 -23.23
C ALA F 137 -83.72 12.28 -23.12
N ASN F 138 -83.90 11.22 -22.31
CA ASN F 138 -82.86 10.21 -22.15
C ASN F 138 -82.68 9.30 -23.36
N HIS F 139 -83.62 9.28 -24.30
CA HIS F 139 -83.64 8.28 -25.36
C HIS F 139 -83.18 8.87 -26.69
N LYS F 140 -82.22 9.80 -26.63
CA LYS F 140 -81.64 10.43 -27.82
C LYS F 140 -81.12 9.40 -28.81
N SER F 141 -80.30 8.47 -28.34
CA SER F 141 -79.92 7.30 -29.12
C SER F 141 -80.89 6.13 -28.95
N LEU F 142 -81.80 6.20 -27.97
CA LEU F 142 -82.70 5.09 -27.69
C LEU F 142 -84.11 5.33 -28.22
N ARG F 143 -84.26 6.23 -29.18
CA ARG F 143 -85.38 6.25 -30.13
C ARG F 143 -86.72 6.55 -29.46
N LEU F 144 -86.76 7.62 -28.68
CA LEU F 144 -88.02 8.23 -28.30
C LEU F 144 -87.91 9.74 -28.47
N ASP F 145 -89.02 10.35 -28.87
CA ASP F 145 -89.04 11.74 -29.30
C ASP F 145 -89.06 12.69 -28.11
N ARG F 146 -88.30 13.80 -28.22
CA ARG F 146 -88.52 14.94 -27.35
C ARG F 146 -89.93 15.49 -27.51
N TYR F 147 -90.41 15.55 -28.75
CA TYR F 147 -91.59 16.31 -29.14
C TYR F 147 -92.90 15.58 -28.87
N GLN F 148 -92.88 14.52 -28.07
CA GLN F 148 -94.09 13.88 -27.57
C GLN F 148 -94.51 14.46 -26.21
N LEU F 149 -93.78 15.46 -25.72
CA LEU F 149 -94.26 16.28 -24.61
C LEU F 149 -95.38 17.21 -25.06
N GLU F 150 -95.40 17.58 -26.34
CA GLU F 150 -96.45 18.42 -26.90
C GLU F 150 -97.65 17.63 -27.39
N ALA F 151 -97.73 16.33 -27.08
CA ALA F 151 -98.94 15.57 -27.40
C ALA F 151 -99.93 15.61 -26.25
N VAL F 152 -99.45 15.65 -25.01
CA VAL F 152 -100.30 15.61 -23.83
C VAL F 152 -100.03 16.78 -22.88
N LYS F 153 -99.59 17.93 -23.40
CA LYS F 153 -99.56 19.13 -22.57
C LYS F 153 -100.95 19.71 -22.38
N GLY F 154 -101.80 19.59 -23.39
CA GLY F 154 -103.18 20.05 -23.36
C GLY F 154 -104.15 19.10 -22.69
N THR F 155 -103.66 18.12 -21.94
CA THR F 155 -104.52 17.16 -21.27
C THR F 155 -105.21 17.80 -20.07
N SER F 156 -106.54 17.73 -20.03
CA SER F 156 -107.33 18.28 -18.95
C SER F 156 -107.76 17.21 -17.94
N ASP F 157 -106.96 16.16 -17.78
CA ASP F 157 -107.26 15.05 -16.87
C ASP F 157 -105.95 14.62 -16.22
N PRO F 158 -105.85 14.67 -14.88
CA PRO F 158 -104.62 14.16 -14.23
C PRO F 158 -104.43 12.67 -14.41
N ALA F 159 -105.51 11.90 -14.57
CA ALA F 159 -105.40 10.47 -14.83
C ALA F 159 -104.81 10.21 -16.21
N MET F 160 -105.34 10.87 -17.24
CA MET F 160 -104.84 10.72 -18.60
C MET F 160 -103.40 11.21 -18.74
N LEU F 161 -103.09 12.36 -18.12
CA LEU F 161 -101.75 12.92 -18.14
C LEU F 161 -100.76 12.00 -17.44
N ALA F 162 -101.14 11.46 -16.28
CA ALA F 162 -100.26 10.56 -15.53
C ALA F 162 -100.07 9.24 -16.26
N ASP F 163 -101.13 8.71 -16.87
CA ASP F 163 -101.01 7.44 -17.59
C ASP F 163 -100.21 7.58 -18.88
N THR F 164 -100.29 8.74 -19.55
CA THR F 164 -99.51 8.89 -20.77
C THR F 164 -98.05 9.23 -20.46
N ILE F 165 -97.79 9.93 -19.35
CA ILE F 165 -96.42 10.07 -18.86
C ILE F 165 -95.85 8.70 -18.49
N ALA F 166 -96.67 7.84 -17.88
CA ALA F 166 -96.23 6.48 -17.59
C ALA F 166 -96.11 5.62 -18.84
N TYR F 167 -96.75 6.02 -19.95
CA TYR F 167 -96.59 5.26 -21.19
C TYR F 167 -95.21 5.44 -21.79
N HIS F 168 -94.64 6.64 -21.70
CA HIS F 168 -93.34 6.92 -22.30
C HIS F 168 -92.18 6.49 -21.40
N ALA F 169 -92.45 5.72 -20.35
CA ALA F 169 -91.43 5.21 -19.45
C ALA F 169 -91.46 3.69 -19.48
N THR F 170 -90.28 3.08 -19.62
CA THR F 170 -90.17 1.63 -19.78
C THR F 170 -89.75 1.00 -18.46
N TRP F 171 -90.71 0.45 -17.73
CA TRP F 171 -90.44 -0.48 -16.63
C TRP F 171 -91.22 -1.76 -16.88
N THR F 172 -91.27 -2.62 -15.86
CA THR F 172 -91.71 -4.00 -16.05
C THR F 172 -93.22 -4.13 -15.87
N VAL F 173 -93.70 -5.38 -15.87
CA VAL F 173 -95.12 -5.68 -16.02
C VAL F 173 -95.89 -5.37 -14.74
N ALA F 174 -95.23 -5.46 -13.58
CA ALA F 174 -95.91 -5.38 -12.29
C ALA F 174 -96.46 -3.99 -12.02
N GLU F 175 -95.61 -2.97 -12.12
CA GLU F 175 -96.04 -1.61 -11.80
C GLU F 175 -96.93 -1.00 -12.88
N LYS F 176 -96.74 -1.38 -14.15
CA LYS F 176 -97.71 -1.04 -15.18
C LYS F 176 -99.09 -1.63 -14.89
N GLN F 177 -99.11 -2.90 -14.50
CA GLN F 177 -100.37 -3.57 -14.14
C GLN F 177 -101.01 -2.92 -12.92
N GLU F 178 -100.20 -2.46 -11.97
CA GLU F 178 -100.74 -1.82 -10.78
C GLU F 178 -101.26 -0.41 -11.05
N ILE F 179 -100.61 0.36 -11.93
CA ILE F 179 -101.13 1.67 -12.30
C ILE F 179 -102.39 1.52 -13.16
N LEU F 180 -102.49 0.41 -13.91
CA LEU F 180 -103.78 0.02 -14.47
C LEU F 180 -104.80 -0.29 -13.36
N GLU F 181 -104.34 -0.89 -12.25
CA GLU F 181 -105.23 -1.25 -11.17
C GLU F 181 -105.53 -0.10 -10.21
N LEU F 182 -104.55 0.79 -9.97
CA LEU F 182 -104.75 1.89 -9.03
C LEU F 182 -105.75 2.90 -9.58
N THR F 183 -106.91 3.01 -8.92
CA THR F 183 -107.97 3.90 -9.37
C THR F 183 -107.98 5.24 -8.65
N ASP F 184 -107.33 5.34 -7.49
CA ASP F 184 -107.29 6.59 -6.74
C ASP F 184 -106.07 7.39 -7.15
N LEU F 185 -106.26 8.69 -7.36
CA LEU F 185 -105.45 9.45 -8.30
C LEU F 185 -104.13 9.91 -7.71
N GLU F 186 -104.14 10.43 -6.48
CA GLU F 186 -102.92 10.92 -5.85
C GLU F 186 -101.93 9.80 -5.58
N ALA F 187 -102.43 8.57 -5.40
CA ALA F 187 -101.57 7.42 -5.18
C ALA F 187 -100.69 7.14 -6.39
N ARG F 188 -101.28 7.01 -7.58
CA ARG F 188 -100.43 6.75 -8.73
C ARG F 188 -99.73 8.00 -9.25
N LEU F 189 -100.21 9.20 -8.92
CA LEU F 189 -99.41 10.41 -9.18
C LEU F 189 -98.11 10.38 -8.41
N LYS F 190 -98.18 10.14 -7.09
CA LYS F 190 -96.96 10.01 -6.27
C LYS F 190 -96.14 8.78 -6.67
N LYS F 191 -96.80 7.73 -7.17
CA LYS F 191 -96.07 6.53 -7.56
C LYS F 191 -95.26 6.77 -8.84
N VAL F 192 -95.83 7.47 -9.82
CA VAL F 192 -95.07 7.76 -11.03
C VAL F 192 -94.02 8.84 -10.76
N LEU F 193 -94.26 9.72 -9.77
CA LEU F 193 -93.20 10.60 -9.28
C LEU F 193 -92.01 9.81 -8.72
N GLY F 194 -92.29 8.83 -7.85
CA GLY F 194 -91.22 8.01 -7.29
C GLY F 194 -90.52 7.14 -8.32
N LEU F 195 -91.25 6.65 -9.31
CA LEU F 195 -90.62 5.84 -10.36
C LEU F 195 -89.80 6.69 -11.33
N LEU F 196 -90.20 7.94 -11.58
CA LEU F 196 -89.35 8.81 -12.38
C LEU F 196 -88.15 9.30 -11.58
N SER F 197 -88.27 9.33 -10.25
CA SER F 197 -87.08 9.55 -9.42
C SER F 197 -86.12 8.36 -9.51
N ARG F 198 -86.66 7.14 -9.49
CA ARG F 198 -85.87 5.92 -9.72
C ARG F 198 -85.15 6.00 -11.07
N ASP F 199 -85.88 6.39 -12.11
CA ASP F 199 -85.31 6.49 -13.45
C ASP F 199 -84.23 7.56 -13.52
N LEU F 200 -84.45 8.71 -12.89
CA LEU F 200 -83.45 9.77 -12.84
C LEU F 200 -82.17 9.32 -12.13
N GLU F 201 -82.31 8.66 -10.96
CA GLU F 201 -81.13 8.24 -10.21
C GLU F 201 -80.35 7.15 -10.93
N ARG F 202 -81.06 6.15 -11.47
CA ARG F 202 -80.40 5.06 -12.20
C ARG F 202 -79.74 5.57 -13.48
N PHE F 203 -80.34 6.58 -14.12
CA PHE F 203 -79.72 7.07 -15.35
C PHE F 203 -78.58 8.04 -15.06
N GLU F 204 -78.60 8.72 -13.91
CA GLU F 204 -77.42 9.44 -13.42
C GLU F 204 -76.25 8.48 -13.24
N LEU F 205 -76.52 7.33 -12.62
CA LEU F 205 -75.49 6.30 -12.44
C LEU F 205 -74.93 5.82 -13.79
N ASP F 206 -75.83 5.59 -14.76
CA ASP F 206 -75.41 5.16 -16.11
C ASP F 206 -74.53 6.23 -16.79
N LYS F 207 -74.94 7.51 -16.70
CA LYS F 207 -74.19 8.58 -17.34
C LYS F 207 -72.81 8.78 -16.71
N ARG F 208 -72.74 8.70 -15.37
CA ARG F 208 -71.43 8.87 -14.71
C ARG F 208 -70.50 7.71 -15.03
N VAL F 209 -71.00 6.46 -14.98
CA VAL F 209 -70.15 5.31 -15.25
C VAL F 209 -69.70 5.30 -16.71
N ALA F 210 -70.58 5.73 -17.64
CA ALA F 210 -70.17 5.80 -19.03
C ALA F 210 -69.17 6.93 -19.29
N GLN F 211 -69.31 8.07 -18.58
CA GLN F 211 -68.36 9.15 -18.77
C GLN F 211 -66.99 8.78 -18.19
N ARG F 212 -66.97 7.99 -17.14
CA ARG F 212 -65.68 7.54 -16.64
C ARG F 212 -65.13 6.35 -17.45
N VAL F 213 -65.98 5.63 -18.18
CA VAL F 213 -65.50 4.73 -19.25
C VAL F 213 -64.75 5.52 -20.30
N LYS F 214 -65.31 6.67 -20.70
CA LYS F 214 -64.59 7.56 -21.61
C LYS F 214 -63.35 8.18 -20.96
N GLU F 215 -63.34 8.32 -19.64
CA GLU F 215 -62.12 8.79 -18.95
C GLU F 215 -61.01 7.75 -18.99
N GLN F 216 -61.35 6.47 -18.79
CA GLN F 216 -60.36 5.42 -18.94
C GLN F 216 -59.92 5.29 -20.39
N MET F 217 -60.81 5.56 -21.33
CA MET F 217 -60.43 5.67 -22.74
C MET F 217 -59.50 6.87 -22.96
N ASP F 218 -59.68 7.95 -22.20
CA ASP F 218 -58.78 9.09 -22.30
C ASP F 218 -57.40 8.77 -21.76
N THR F 219 -57.35 7.97 -20.70
CA THR F 219 -56.07 7.46 -20.21
C THR F 219 -55.39 6.58 -21.25
N ASN F 220 -56.17 5.71 -21.89
CA ASN F 220 -55.65 4.87 -22.96
C ASN F 220 -55.15 5.71 -24.13
N GLN F 221 -55.88 6.77 -24.47
CA GLN F 221 -55.50 7.59 -25.62
C GLN F 221 -54.26 8.42 -25.33
N ARG F 222 -54.14 8.96 -24.11
CA ARG F 222 -52.90 9.61 -23.67
C ARG F 222 -51.71 8.67 -23.78
N GLU F 223 -51.76 7.56 -23.04
CA GLU F 223 -50.57 6.71 -22.96
C GLU F 223 -50.28 6.05 -24.29
N TYR F 224 -51.32 5.75 -25.05
CA TYR F 224 -51.17 5.11 -26.34
C TYR F 224 -50.52 6.04 -27.35
N TYR F 225 -51.06 7.24 -27.51
CA TYR F 225 -50.55 8.14 -28.53
C TYR F 225 -49.17 8.65 -28.19
N LEU F 226 -48.93 8.94 -26.91
CA LEU F 226 -47.59 9.35 -26.53
C LEU F 226 -46.61 8.19 -26.65
N ARG F 227 -47.07 6.96 -26.44
CA ARG F 227 -46.19 5.82 -26.64
C ARG F 227 -45.87 5.64 -28.12
N GLU F 228 -46.83 5.96 -28.99
CA GLU F 228 -46.58 5.96 -30.44
C GLU F 228 -45.47 6.93 -30.79
N GLN F 229 -45.58 8.15 -30.28
CA GLN F 229 -44.60 9.16 -30.59
C GLN F 229 -43.24 8.77 -30.05
N MET F 230 -43.18 8.28 -28.82
CA MET F 230 -41.89 7.99 -28.24
C MET F 230 -41.24 6.77 -28.86
N LYS F 231 -42.02 5.80 -29.33
CA LYS F 231 -41.38 4.66 -29.97
C LYS F 231 -40.95 4.96 -31.40
N ALA F 232 -41.66 5.83 -32.12
CA ALA F 232 -41.16 6.22 -33.44
C ALA F 232 -39.89 7.06 -33.33
N ILE F 233 -39.80 7.90 -32.30
CA ILE F 233 -38.57 8.64 -32.05
C ILE F 233 -37.45 7.69 -31.60
N GLN F 234 -37.78 6.71 -30.77
CA GLN F 234 -36.76 5.79 -30.32
C GLN F 234 -36.31 4.90 -31.46
N LYS F 235 -37.20 4.62 -32.42
CA LYS F 235 -36.83 3.88 -33.61
C LYS F 235 -35.88 4.68 -34.49
N GLU F 236 -36.16 5.96 -34.71
CA GLU F 236 -35.23 6.73 -35.53
C GLU F 236 -33.96 7.12 -34.79
N LEU F 237 -33.89 6.91 -33.49
CA LEU F 237 -32.61 6.87 -32.82
C LEU F 237 -31.98 5.49 -32.84
N GLY F 238 -32.68 4.53 -33.44
CA GLY F 238 -32.10 3.18 -33.60
C GLY F 238 -32.05 2.77 -35.04
N GLY F 239 -31.66 1.52 -35.30
CA GLY F 239 -31.67 0.98 -36.68
C GLY F 239 -32.69 -0.14 -36.79
N GLU F 240 -33.67 -0.20 -35.89
CA GLU F 240 -34.65 -1.33 -35.78
C GLU F 240 -33.95 -2.30 -34.84
N ASP F 241 -32.68 -2.05 -34.58
CA ASP F 241 -31.94 -2.77 -33.53
C ASP F 241 -31.95 -1.64 -32.53
N GLY F 242 -31.86 -1.89 -31.24
CA GLY F 242 -32.07 -0.75 -30.33
C GLY F 242 -33.57 -0.63 -30.26
N LEU F 243 -34.26 -1.58 -30.88
CA LEU F 243 -35.73 -1.65 -30.85
C LEU F 243 -36.02 -3.15 -30.73
N SER F 244 -35.17 -3.97 -31.33
CA SER F 244 -35.28 -5.42 -31.15
C SER F 244 -34.77 -5.85 -29.79
N ASP F 245 -33.52 -5.46 -29.47
CA ASP F 245 -32.87 -5.96 -28.28
C ASP F 245 -33.41 -5.33 -27.00
N LEU F 246 -33.92 -4.11 -27.06
CA LEU F 246 -34.49 -3.54 -25.84
C LEU F 246 -35.85 -4.16 -25.51
N GLU F 247 -36.64 -4.49 -26.52
CA GLU F 247 -37.86 -5.23 -26.26
C GLU F 247 -37.58 -6.66 -25.83
N ALA F 248 -36.50 -7.25 -26.35
CA ALA F 248 -36.05 -8.54 -25.84
C ALA F 248 -35.62 -8.44 -24.38
N LEU F 249 -35.03 -7.31 -24.00
CA LEU F 249 -34.69 -7.11 -22.59
C LEU F 249 -35.93 -6.93 -21.73
N ARG F 250 -36.97 -6.27 -22.26
CA ARG F 250 -38.24 -6.20 -21.54
C ARG F 250 -38.80 -7.58 -21.27
N LYS F 251 -38.82 -8.43 -22.31
CA LYS F 251 -39.31 -9.79 -22.17
C LYS F 251 -38.49 -10.59 -21.16
N LYS F 252 -37.17 -10.55 -21.30
CA LYS F 252 -36.32 -11.37 -20.45
C LYS F 252 -36.31 -10.89 -19.00
N ILE F 253 -36.49 -9.59 -18.76
CA ILE F 253 -36.70 -9.12 -17.40
C ILE F 253 -38.03 -9.64 -16.87
N GLU F 254 -39.04 -9.70 -17.72
CA GLU F 254 -40.34 -10.15 -17.21
C GLU F 254 -40.42 -11.66 -16.99
N GLU F 255 -39.69 -12.49 -17.73
CA GLU F 255 -39.86 -13.93 -17.52
C GLU F 255 -39.08 -14.45 -16.31
N VAL F 256 -37.76 -14.35 -16.34
CA VAL F 256 -36.95 -15.04 -15.34
C VAL F 256 -36.99 -14.25 -14.03
N GLY F 257 -37.10 -14.99 -12.92
CA GLY F 257 -37.14 -14.38 -11.60
C GLY F 257 -38.39 -13.55 -11.46
N MET F 258 -38.27 -12.39 -10.81
CA MET F 258 -37.17 -11.96 -9.95
C MET F 258 -37.85 -11.55 -8.66
N PRO F 259 -37.10 -11.21 -7.61
CA PRO F 259 -37.72 -10.47 -6.51
C PRO F 259 -38.21 -9.11 -7.00
N GLU F 260 -39.26 -8.61 -6.34
CA GLU F 260 -40.03 -7.52 -6.91
C GLU F 260 -39.30 -6.18 -6.81
N ALA F 261 -38.55 -5.98 -5.73
CA ALA F 261 -37.71 -4.78 -5.62
C ALA F 261 -36.64 -4.78 -6.70
N VAL F 262 -36.10 -5.95 -7.01
CA VAL F 262 -35.12 -6.09 -8.08
C VAL F 262 -35.76 -5.82 -9.43
N LYS F 263 -37.00 -6.26 -9.62
CA LYS F 263 -37.66 -6.02 -10.90
C LYS F 263 -37.98 -4.55 -11.10
N THR F 264 -38.37 -3.84 -10.02
CA THR F 264 -38.57 -2.40 -10.14
C THR F 264 -37.26 -1.68 -10.37
N LYS F 265 -36.19 -2.14 -9.72
CA LYS F 265 -34.85 -1.58 -9.92
C LYS F 265 -34.40 -1.73 -11.37
N ALA F 266 -34.69 -2.86 -11.97
CA ALA F 266 -34.30 -3.09 -13.36
C ALA F 266 -35.16 -2.31 -14.33
N LEU F 267 -36.47 -2.26 -14.09
CA LEU F 267 -37.33 -1.51 -15.00
C LEU F 267 -37.15 -0.01 -14.88
N LYS F 268 -36.69 0.51 -13.74
CA LYS F 268 -36.46 1.95 -13.68
C LYS F 268 -35.12 2.35 -14.31
N GLU F 269 -34.30 1.37 -14.71
CA GLU F 269 -33.12 1.65 -15.51
C GLU F 269 -33.30 1.30 -16.97
N LEU F 270 -34.16 0.35 -17.29
CA LEU F 270 -34.36 -0.01 -18.69
C LEU F 270 -35.00 1.12 -19.49
N ASP F 271 -35.86 1.91 -18.85
CA ASP F 271 -36.39 3.08 -19.53
C ASP F 271 -35.43 4.25 -19.53
N ARG F 272 -34.44 4.27 -18.62
CA ARG F 272 -33.51 5.39 -18.61
C ARG F 272 -32.46 5.32 -19.70
N LEU F 273 -32.30 4.22 -20.41
CA LEU F 273 -31.34 4.24 -21.52
C LEU F 273 -32.05 4.62 -22.82
N GLU F 274 -32.46 5.89 -22.86
CA GLU F 274 -32.75 6.57 -24.11
C GLU F 274 -31.65 7.56 -24.47
N ARG F 275 -30.43 7.01 -24.67
CA ARG F 275 -29.27 7.83 -24.97
C ARG F 275 -28.29 7.13 -25.92
N MET F 276 -28.78 6.24 -26.77
CA MET F 276 -28.02 5.16 -27.41
C MET F 276 -27.31 5.69 -28.67
N GLN F 277 -26.91 4.79 -29.58
CA GLN F 277 -26.45 5.12 -30.93
C GLN F 277 -25.12 5.87 -30.98
N GLN F 278 -24.02 5.12 -30.87
CA GLN F 278 -22.63 5.57 -30.91
C GLN F 278 -22.36 6.41 -29.67
N GLY F 279 -22.46 5.76 -28.52
CA GLY F 279 -22.46 6.41 -27.24
C GLY F 279 -23.76 6.15 -26.50
N SER F 280 -23.80 6.60 -25.25
CA SER F 280 -22.74 7.32 -24.56
C SER F 280 -21.80 6.31 -23.90
N PRO F 281 -20.77 6.77 -23.19
CA PRO F 281 -20.15 5.89 -22.19
C PRO F 281 -21.05 5.49 -21.04
N GLU F 282 -22.19 6.15 -20.85
CA GLU F 282 -23.14 5.75 -19.82
C GLU F 282 -24.14 4.72 -20.32
N ALA F 283 -24.40 4.65 -21.63
CA ALA F 283 -25.31 3.65 -22.15
C ALA F 283 -24.71 2.25 -22.07
N THR F 284 -23.41 2.14 -22.35
CA THR F 284 -22.77 0.83 -22.33
C THR F 284 -22.53 0.33 -20.92
N VAL F 285 -22.57 1.21 -19.92
CA VAL F 285 -22.55 0.75 -18.54
C VAL F 285 -23.86 0.11 -18.17
N ALA F 286 -24.97 0.80 -18.44
CA ALA F 286 -26.28 0.32 -18.04
C ALA F 286 -26.70 -0.90 -18.83
N ARG F 287 -26.29 -1.01 -20.08
CA ARG F 287 -26.69 -2.15 -20.88
C ARG F 287 -25.99 -3.43 -20.42
N THR F 288 -24.72 -3.36 -20.06
CA THR F 288 -24.09 -4.56 -19.52
C THR F 288 -24.49 -4.81 -18.09
N TYR F 289 -24.95 -3.80 -17.36
CA TYR F 289 -25.53 -4.06 -16.06
C TYR F 289 -26.83 -4.85 -16.19
N LEU F 290 -27.68 -4.47 -17.14
CA LEU F 290 -28.89 -5.23 -17.36
C LEU F 290 -28.61 -6.58 -18.00
N ASP F 291 -27.50 -6.73 -18.70
CA ASP F 291 -27.17 -8.05 -19.23
C ASP F 291 -26.65 -8.96 -18.14
N TRP F 292 -25.90 -8.43 -17.17
CA TRP F 292 -25.54 -9.25 -16.02
C TRP F 292 -26.73 -9.54 -15.13
N LEU F 293 -27.72 -8.66 -15.11
CA LEU F 293 -28.80 -8.82 -14.16
C LEU F 293 -29.83 -9.84 -14.63
N THR F 294 -29.86 -10.17 -15.92
CA THR F 294 -30.81 -11.12 -16.46
C THR F 294 -30.16 -12.44 -16.86
N GLU F 295 -28.95 -12.69 -16.42
CA GLU F 295 -28.28 -13.96 -16.68
C GLU F 295 -27.88 -14.70 -15.43
N VAL F 296 -27.77 -14.01 -14.30
CA VAL F 296 -27.65 -14.65 -13.00
C VAL F 296 -28.94 -15.40 -12.71
N PRO F 297 -28.88 -16.63 -12.19
CA PRO F 297 -30.11 -17.40 -11.96
C PRO F 297 -30.89 -16.90 -10.76
N TRP F 298 -32.17 -16.62 -10.98
CA TRP F 298 -33.12 -16.25 -9.95
C TRP F 298 -34.17 -17.35 -9.93
N SER F 299 -34.15 -18.18 -8.88
CA SER F 299 -35.15 -19.23 -8.62
C SER F 299 -35.28 -20.21 -9.77
N LYS F 300 -34.21 -20.97 -10.01
CA LYS F 300 -34.25 -22.09 -10.93
C LYS F 300 -33.38 -23.17 -10.34
N ALA F 301 -33.97 -24.30 -9.98
CA ALA F 301 -33.25 -25.35 -9.28
C ALA F 301 -33.38 -26.65 -10.02
N ASP F 302 -32.41 -27.41 -9.93
CA ASP F 302 -32.38 -28.78 -10.40
C ASP F 302 -33.13 -29.67 -9.40
N PRO F 303 -33.69 -30.82 -9.81
CA PRO F 303 -34.53 -31.59 -8.90
C PRO F 303 -33.74 -32.25 -7.78
N GLU F 304 -34.47 -32.63 -6.74
CA GLU F 304 -33.87 -33.19 -5.55
C GLU F 304 -33.90 -34.71 -5.60
N VAL F 305 -32.90 -35.32 -4.99
CA VAL F 305 -32.67 -36.75 -5.10
C VAL F 305 -33.67 -37.50 -4.24
N LEU F 306 -34.18 -38.61 -4.76
CA LEU F 306 -35.21 -39.38 -4.10
C LEU F 306 -34.73 -40.73 -3.58
N ASP F 307 -33.46 -41.05 -3.77
CA ASP F 307 -32.86 -42.23 -3.16
C ASP F 307 -31.64 -41.81 -2.35
N ILE F 308 -31.34 -42.61 -1.33
CA ILE F 308 -30.04 -42.55 -0.71
C ILE F 308 -29.31 -43.88 -0.85
N ASN F 309 -29.82 -44.75 -1.72
CA ASN F 309 -29.11 -45.95 -2.12
C ASN F 309 -28.44 -45.80 -3.46
N HIS F 310 -28.97 -44.94 -4.32
CA HIS F 310 -28.28 -44.61 -5.57
C HIS F 310 -27.10 -43.71 -5.30
N THR F 311 -27.25 -42.80 -4.33
CA THR F 311 -26.16 -41.89 -3.96
C THR F 311 -25.00 -42.66 -3.36
N ARG F 312 -25.30 -43.69 -2.56
CA ARG F 312 -24.25 -44.52 -1.98
C ARG F 312 -23.48 -45.29 -3.05
N GLN F 313 -24.18 -45.78 -4.08
CA GLN F 313 -23.49 -46.49 -5.14
C GLN F 313 -22.62 -45.57 -5.98
N VAL F 314 -23.10 -44.35 -6.25
CA VAL F 314 -22.30 -43.43 -7.04
C VAL F 314 -21.08 -42.96 -6.25
N LEU F 315 -21.22 -42.79 -4.93
CA LEU F 315 -20.05 -42.45 -4.13
C LEU F 315 -19.08 -43.61 -4.01
N ASP F 316 -19.57 -44.85 -4.06
CA ASP F 316 -18.65 -45.98 -4.01
C ASP F 316 -17.99 -46.29 -5.33
N GLU F 317 -18.53 -45.79 -6.44
CA GLU F 317 -17.86 -46.01 -7.73
C GLU F 317 -16.57 -45.23 -7.84
N ASP F 318 -16.44 -44.10 -7.16
CA ASP F 318 -15.37 -43.16 -7.44
C ASP F 318 -14.17 -43.26 -6.51
N HIS F 319 -14.37 -43.53 -5.24
CA HIS F 319 -13.27 -43.57 -4.30
C HIS F 319 -13.38 -44.78 -3.40
N TYR F 320 -12.25 -45.26 -2.94
CA TYR F 320 -12.21 -46.36 -1.99
C TYR F 320 -12.07 -45.79 -0.59
N GLY F 321 -12.71 -46.45 0.37
CA GLY F 321 -12.58 -46.02 1.75
C GLY F 321 -13.40 -44.79 2.00
N LEU F 322 -12.88 -43.91 2.86
CA LEU F 322 -13.44 -42.58 3.16
C LEU F 322 -14.87 -42.67 3.69
N LYS F 323 -15.07 -43.54 4.69
CA LYS F 323 -16.40 -43.80 5.20
C LYS F 323 -17.00 -42.61 5.92
N ASP F 324 -16.16 -41.78 6.54
CA ASP F 324 -16.66 -40.65 7.31
C ASP F 324 -17.31 -39.61 6.41
N VAL F 325 -16.63 -39.20 5.34
CA VAL F 325 -17.15 -38.15 4.46
C VAL F 325 -18.40 -38.63 3.74
N LYS F 326 -18.41 -39.89 3.32
CA LYS F 326 -19.56 -40.44 2.62
C LYS F 326 -20.77 -40.54 3.54
N GLU F 327 -20.55 -40.95 4.78
CA GLU F 327 -21.67 -41.02 5.71
C GLU F 327 -22.16 -39.64 6.13
N ARG F 328 -21.29 -38.63 6.17
CA ARG F 328 -21.81 -37.29 6.41
C ARG F 328 -22.68 -36.82 5.25
N ILE F 329 -22.30 -37.15 4.02
CA ILE F 329 -23.13 -36.75 2.88
C ILE F 329 -24.47 -37.45 2.93
N LEU F 330 -24.50 -38.73 3.32
CA LEU F 330 -25.76 -39.44 3.44
C LEU F 330 -26.64 -38.88 4.56
N GLU F 331 -26.05 -38.52 5.70
CA GLU F 331 -26.84 -37.98 6.81
C GLU F 331 -27.41 -36.61 6.47
N TYR F 332 -26.58 -35.71 5.97
CA TYR F 332 -27.07 -34.40 5.61
C TYR F 332 -27.92 -34.40 4.35
N LEU F 333 -27.99 -35.53 3.65
CA LEU F 333 -28.95 -35.67 2.57
C LEU F 333 -30.26 -36.30 3.03
N ALA F 334 -30.23 -37.12 4.06
CA ALA F 334 -31.43 -37.74 4.59
C ALA F 334 -32.18 -36.85 5.56
N VAL F 335 -31.51 -35.86 6.16
CA VAL F 335 -32.23 -34.86 6.93
C VAL F 335 -33.08 -33.99 6.00
N ARG F 336 -32.63 -33.75 4.77
CA ARG F 336 -33.36 -32.90 3.85
C ARG F 336 -34.69 -33.49 3.40
N GLN F 337 -34.86 -34.82 3.45
CA GLN F 337 -36.18 -35.36 3.19
C GLN F 337 -37.14 -35.13 4.34
N LEU F 338 -36.71 -35.49 5.56
CA LEU F 338 -37.62 -35.51 6.69
C LEU F 338 -38.06 -34.12 7.13
N THR F 339 -37.34 -33.08 6.76
CA THR F 339 -37.77 -31.72 6.98
C THR F 339 -38.10 -31.15 5.60
N GLN F 340 -39.35 -31.36 5.16
CA GLN F 340 -39.77 -30.83 3.87
C GLN F 340 -39.86 -29.32 3.93
N GLY F 341 -39.03 -28.66 3.12
CA GLY F 341 -38.73 -27.26 3.28
C GLY F 341 -37.32 -27.12 3.82
N LEU F 342 -36.38 -26.71 2.96
CA LEU F 342 -34.95 -26.75 3.29
C LEU F 342 -34.62 -25.63 4.28
N ASP F 343 -34.80 -25.93 5.56
CA ASP F 343 -34.19 -25.16 6.63
C ASP F 343 -32.79 -25.64 6.93
N VAL F 344 -32.26 -26.56 6.13
CA VAL F 344 -31.13 -27.39 6.55
C VAL F 344 -29.83 -26.60 6.53
N ARG F 345 -29.41 -26.16 5.34
CA ARG F 345 -28.21 -25.35 5.23
C ARG F 345 -28.51 -23.86 5.41
N ASN F 346 -29.65 -23.52 5.97
CA ASN F 346 -29.86 -22.21 6.57
C ASN F 346 -29.50 -22.22 8.05
N LYS F 347 -29.29 -23.41 8.62
CA LYS F 347 -28.72 -23.52 9.97
C LYS F 347 -27.91 -24.82 10.04
N ALA F 348 -26.62 -24.72 9.68
CA ALA F 348 -25.69 -25.84 9.59
C ALA F 348 -24.28 -25.32 9.34
N PRO F 349 -23.24 -26.07 9.74
CA PRO F 349 -21.86 -25.62 9.45
C PRO F 349 -21.39 -26.04 8.05
N ILE F 350 -20.63 -25.14 7.42
CA ILE F 350 -19.97 -25.42 6.16
C ILE F 350 -18.93 -26.52 6.36
N LEU F 351 -18.73 -27.34 5.34
CA LEU F 351 -17.91 -28.54 5.47
C LEU F 351 -16.47 -28.25 5.08
N VAL F 352 -15.52 -28.59 5.97
CA VAL F 352 -14.10 -28.40 5.68
C VAL F 352 -13.38 -29.73 5.86
N LEU F 353 -12.45 -30.02 4.95
CA LEU F 353 -11.74 -31.30 4.90
C LEU F 353 -10.27 -31.07 5.15
N VAL F 354 -9.72 -31.77 6.14
CA VAL F 354 -8.34 -31.55 6.58
C VAL F 354 -7.59 -32.86 6.47
N GLY F 355 -6.36 -32.81 5.95
CA GLY F 355 -5.51 -33.97 5.91
C GLY F 355 -4.19 -33.73 5.22
N PRO F 356 -3.37 -34.78 5.14
CA PRO F 356 -2.08 -34.69 4.46
C PRO F 356 -2.25 -34.55 2.96
N PRO F 357 -1.16 -34.25 2.17
CA PRO F 357 -1.36 -33.90 0.76
C PRO F 357 -1.97 -34.92 -0.19
N GLY F 358 -1.46 -36.13 -0.29
CA GLY F 358 -1.93 -36.92 -1.42
C GLY F 358 -3.25 -37.64 -1.28
N VAL F 359 -4.04 -37.29 -0.32
CA VAL F 359 -5.29 -37.96 -0.02
C VAL F 359 -6.39 -37.25 -0.79
N GLY F 360 -7.43 -37.96 -1.23
CA GLY F 360 -8.32 -37.31 -2.18
C GLY F 360 -9.32 -36.35 -1.57
N LYS F 361 -8.99 -35.07 -1.63
CA LYS F 361 -9.83 -33.99 -1.14
C LYS F 361 -10.35 -33.10 -2.25
N THR F 362 -9.49 -32.72 -3.19
CA THR F 362 -9.94 -31.96 -4.35
C THR F 362 -10.76 -32.85 -5.27
N SER F 363 -10.38 -34.10 -5.40
CA SER F 363 -11.06 -35.02 -6.30
C SER F 363 -12.39 -35.49 -5.78
N LEU F 364 -12.65 -35.29 -4.49
CA LEU F 364 -13.87 -35.80 -3.88
C LEU F 364 -15.05 -34.87 -4.11
N GLY F 365 -14.79 -33.61 -4.46
CA GLY F 365 -15.87 -32.66 -4.64
C GLY F 365 -16.70 -32.92 -5.88
N ARG F 366 -16.03 -33.28 -6.99
CA ARG F 366 -16.75 -33.59 -8.21
C ARG F 366 -17.57 -34.85 -8.06
N SER F 367 -17.08 -35.81 -7.27
CA SER F 367 -17.84 -37.02 -7.03
C SER F 367 -19.04 -36.77 -6.14
N ILE F 368 -18.90 -35.91 -5.12
CA ILE F 368 -20.03 -35.53 -4.29
C ILE F 368 -21.09 -34.83 -5.12
N ALA F 369 -20.67 -33.96 -6.04
CA ALA F 369 -21.63 -33.27 -6.88
C ALA F 369 -22.30 -34.21 -7.88
N ARG F 370 -21.60 -35.23 -8.35
CA ARG F 370 -22.21 -36.15 -9.30
C ARG F 370 -23.17 -37.10 -8.61
N SER F 371 -22.94 -37.39 -7.33
CA SER F 371 -23.83 -38.31 -6.61
C SER F 371 -25.18 -37.70 -6.29
N MET F 372 -25.32 -36.38 -6.36
CA MET F 372 -26.58 -35.72 -6.06
C MET F 372 -27.20 -35.04 -7.27
N ASN F 373 -26.63 -35.27 -8.45
CA ASN F 373 -27.11 -34.71 -9.74
C ASN F 373 -27.14 -33.19 -9.73
N ARG F 374 -26.14 -32.58 -9.12
CA ARG F 374 -26.08 -31.13 -9.03
C ARG F 374 -24.87 -30.63 -9.80
N LYS F 375 -24.89 -29.34 -10.13
CA LYS F 375 -23.80 -28.76 -10.89
C LYS F 375 -22.60 -28.50 -9.98
N PHE F 376 -21.45 -28.34 -10.60
CA PHE F 376 -20.19 -28.25 -9.88
C PHE F 376 -19.35 -27.10 -10.45
N HIS F 377 -18.64 -26.41 -9.56
CA HIS F 377 -17.73 -25.35 -9.97
C HIS F 377 -16.65 -25.22 -8.91
N ARG F 378 -15.41 -25.03 -9.33
CA ARG F 378 -14.28 -25.00 -8.41
C ARG F 378 -13.65 -23.62 -8.44
N ILE F 379 -13.36 -23.07 -7.26
CA ILE F 379 -12.71 -21.78 -7.13
C ILE F 379 -11.43 -21.98 -6.34
N SER F 380 -10.32 -21.55 -6.90
CA SER F 380 -9.03 -21.69 -6.26
C SER F 380 -8.69 -20.40 -5.51
N LEU F 381 -8.42 -20.52 -4.22
CA LEU F 381 -8.09 -19.40 -3.36
C LEU F 381 -6.66 -19.49 -2.87
N GLY F 382 -5.75 -19.83 -3.76
CA GLY F 382 -4.40 -20.22 -3.35
C GLY F 382 -3.58 -19.07 -2.81
N GLY F 383 -3.44 -18.02 -3.58
CA GLY F 383 -2.65 -16.90 -3.09
C GLY F 383 -3.39 -15.60 -3.22
N VAL F 384 -4.72 -15.66 -3.17
CA VAL F 384 -5.56 -14.50 -3.41
C VAL F 384 -5.38 -13.50 -2.28
N ARG F 385 -4.88 -12.31 -2.62
CA ARG F 385 -4.65 -11.25 -1.66
C ARG F 385 -5.71 -10.16 -1.73
N ASP F 386 -6.60 -10.22 -2.69
CA ASP F 386 -7.36 -9.06 -3.13
C ASP F 386 -8.83 -9.30 -2.84
N GLU F 387 -9.43 -8.43 -2.03
CA GLU F 387 -10.87 -8.25 -2.15
C GLU F 387 -11.16 -7.60 -3.49
N ALA F 388 -12.41 -7.68 -3.91
CA ALA F 388 -12.93 -7.53 -5.28
C ALA F 388 -12.55 -8.69 -6.17
N GLU F 389 -12.00 -9.76 -5.61
CA GLU F 389 -12.18 -11.07 -6.20
C GLU F 389 -13.44 -11.70 -5.65
N ILE F 390 -13.72 -11.46 -4.38
CA ILE F 390 -14.88 -12.02 -3.74
C ILE F 390 -16.11 -11.17 -4.02
N ARG F 391 -16.02 -9.89 -3.66
CA ARG F 391 -16.98 -8.88 -4.07
C ARG F 391 -16.55 -8.37 -5.43
N GLY F 392 -17.12 -7.27 -5.89
CA GLY F 392 -16.66 -6.77 -7.18
C GLY F 392 -16.12 -5.38 -7.06
N HIS F 393 -16.24 -4.60 -8.12
CA HIS F 393 -16.11 -3.15 -8.06
C HIS F 393 -17.44 -2.54 -8.42
N ARG F 394 -17.72 -1.36 -7.88
CA ARG F 394 -18.95 -0.66 -8.19
C ARG F 394 -18.93 -0.21 -9.63
N ARG F 395 -20.11 -0.15 -10.24
CA ARG F 395 -20.15 -0.04 -11.69
C ARG F 395 -19.88 1.35 -12.22
N THR F 396 -19.49 2.30 -11.38
CA THR F 396 -19.08 3.61 -11.87
C THR F 396 -17.66 3.62 -12.39
N TYR F 397 -16.83 2.64 -12.02
CA TYR F 397 -15.48 2.54 -12.54
C TYR F 397 -15.51 2.07 -13.99
N ILE F 398 -14.34 2.05 -14.62
CA ILE F 398 -14.28 1.87 -16.07
C ILE F 398 -14.54 0.42 -16.46
N GLY F 399 -13.76 -0.51 -15.93
CA GLY F 399 -13.90 -1.88 -16.35
C GLY F 399 -14.38 -2.78 -15.23
N ALA F 400 -15.36 -2.33 -14.48
CA ALA F 400 -15.80 -3.06 -13.29
C ALA F 400 -16.56 -4.31 -13.69
N MET F 401 -16.36 -5.37 -12.90
CA MET F 401 -16.99 -6.66 -13.09
C MET F 401 -17.39 -7.19 -11.72
N PRO F 402 -18.37 -8.09 -11.66
CA PRO F 402 -18.67 -8.77 -10.40
C PRO F 402 -17.59 -9.79 -10.06
N GLY F 403 -17.63 -10.25 -8.81
CA GLY F 403 -16.59 -11.08 -8.29
C GLY F 403 -16.69 -12.52 -8.76
N LYS F 404 -15.91 -13.37 -8.09
CA LYS F 404 -15.83 -14.75 -8.51
C LYS F 404 -17.09 -15.53 -8.18
N LEU F 405 -17.83 -15.13 -7.15
CA LEU F 405 -18.99 -15.90 -6.76
C LEU F 405 -20.18 -15.66 -7.66
N ILE F 406 -20.42 -14.41 -8.08
CA ILE F 406 -21.49 -14.15 -9.02
C ILE F 406 -21.14 -14.71 -10.38
N HIS F 407 -19.87 -14.72 -10.74
CA HIS F 407 -19.43 -15.34 -11.99
C HIS F 407 -19.64 -16.84 -11.96
N ALA F 408 -19.32 -17.48 -10.83
CA ALA F 408 -19.55 -18.90 -10.66
C ALA F 408 -21.02 -19.25 -10.64
N MET F 409 -21.86 -18.36 -10.10
CA MET F 409 -23.29 -18.59 -10.19
C MET F 409 -23.81 -18.35 -11.59
N LYS F 410 -23.12 -17.59 -12.43
CA LYS F 410 -23.60 -17.44 -13.79
C LYS F 410 -23.21 -18.62 -14.66
N GLN F 411 -22.02 -19.20 -14.44
CA GLN F 411 -21.59 -20.35 -15.23
C GLN F 411 -22.48 -21.56 -14.99
N VAL F 412 -22.63 -21.93 -13.72
CA VAL F 412 -23.66 -22.88 -13.30
C VAL F 412 -25.03 -22.31 -13.64
N GLY F 413 -25.90 -23.13 -14.21
CA GLY F 413 -27.17 -22.54 -14.59
C GLY F 413 -28.18 -22.35 -13.48
N VAL F 414 -27.95 -22.93 -12.30
CA VAL F 414 -29.02 -23.09 -11.32
C VAL F 414 -28.67 -22.37 -10.02
N ILE F 415 -29.56 -22.44 -9.03
CA ILE F 415 -29.29 -21.88 -7.72
C ILE F 415 -28.84 -22.95 -6.73
N ASN F 416 -28.69 -24.19 -7.17
CA ASN F 416 -28.11 -25.27 -6.37
C ASN F 416 -26.84 -25.83 -6.99
N PRO F 417 -25.71 -25.16 -6.87
CA PRO F 417 -24.46 -25.81 -7.26
C PRO F 417 -23.81 -26.45 -6.05
N VAL F 418 -22.74 -27.19 -6.31
CA VAL F 418 -21.76 -27.55 -5.31
C VAL F 418 -20.52 -26.76 -5.65
N ILE F 419 -20.15 -25.82 -4.79
CA ILE F 419 -18.98 -24.98 -5.01
C ILE F 419 -17.86 -25.49 -4.13
N LEU F 420 -16.73 -25.82 -4.74
CA LEU F 420 -15.53 -26.18 -4.01
C LEU F 420 -14.63 -24.97 -3.88
N LEU F 421 -14.22 -24.64 -2.66
CA LEU F 421 -13.31 -23.55 -2.38
C LEU F 421 -12.00 -24.17 -1.93
N ASP F 422 -10.99 -24.12 -2.79
CA ASP F 422 -10.01 -25.18 -2.79
C ASP F 422 -8.96 -25.03 -1.70
N GLU F 423 -8.27 -23.90 -1.60
CA GLU F 423 -7.23 -23.76 -0.59
C GLU F 423 -7.61 -22.62 0.34
N ILE F 424 -8.37 -22.91 1.39
CA ILE F 424 -8.90 -21.84 2.21
C ILE F 424 -7.96 -21.50 3.36
N ASP F 425 -6.98 -22.34 3.66
CA ASP F 425 -5.98 -21.99 4.64
C ASP F 425 -4.82 -21.21 4.07
N LYS F 426 -4.90 -20.79 2.82
CA LYS F 426 -3.77 -20.19 2.13
C LYS F 426 -4.00 -18.77 1.65
N MET F 427 -5.13 -18.16 1.99
CA MET F 427 -5.41 -16.82 1.50
C MET F 427 -4.47 -15.80 2.15
N SER F 428 -4.00 -14.86 1.34
CA SER F 428 -3.10 -13.81 1.79
C SER F 428 -3.90 -12.55 2.06
N SER F 429 -3.37 -11.71 2.94
CA SER F 429 -3.98 -10.44 3.27
C SER F 429 -3.19 -9.30 2.65
N ASP F 430 -3.91 -8.28 2.22
CA ASP F 430 -3.31 -7.08 1.66
C ASP F 430 -3.40 -5.97 2.69
N TRP F 431 -2.76 -4.85 2.39
CA TRP F 431 -2.88 -3.65 3.21
C TRP F 431 -4.18 -3.02 2.92
N ARG F 432 -4.65 -3.19 1.72
CA ARG F 432 -5.84 -2.56 1.29
C ARG F 432 -7.09 -3.29 1.67
N GLY F 433 -7.09 -4.59 1.65
CA GLY F 433 -8.22 -5.37 2.13
C GLY F 433 -7.75 -6.71 2.64
N ASP F 434 -8.69 -7.47 3.17
CA ASP F 434 -8.43 -8.82 3.68
C ASP F 434 -9.54 -9.72 3.18
N PRO F 435 -9.29 -10.61 2.22
CA PRO F 435 -10.38 -11.37 1.60
C PRO F 435 -11.03 -12.39 2.51
N ALA F 436 -10.41 -12.75 3.65
CA ALA F 436 -11.09 -13.60 4.61
C ALA F 436 -12.27 -12.90 5.25
N SER F 437 -12.19 -11.57 5.39
CA SER F 437 -13.31 -10.80 5.91
C SER F 437 -14.49 -10.81 4.95
N ALA F 438 -14.23 -10.80 3.66
CA ALA F 438 -15.32 -10.90 2.70
C ALA F 438 -15.80 -12.33 2.54
N MET F 439 -14.94 -13.30 2.82
CA MET F 439 -15.39 -14.69 2.80
C MET F 439 -16.28 -15.01 3.99
N LEU F 440 -16.13 -14.26 5.08
CA LEU F 440 -17.01 -14.49 6.23
C LEU F 440 -18.46 -14.16 5.89
N GLU F 441 -18.69 -13.17 5.03
CA GLU F 441 -20.06 -12.84 4.63
C GLU F 441 -20.68 -13.95 3.77
N VAL F 442 -19.86 -14.73 3.10
CA VAL F 442 -20.37 -15.80 2.24
C VAL F 442 -20.70 -17.04 3.05
N LEU F 443 -19.79 -17.46 3.92
CA LEU F 443 -19.91 -18.75 4.61
C LEU F 443 -20.64 -18.63 5.92
N ASP F 444 -21.48 -17.63 6.11
CA ASP F 444 -22.20 -17.42 7.34
C ASP F 444 -23.67 -17.70 7.08
N PRO F 445 -24.30 -18.68 7.71
CA PRO F 445 -25.72 -18.95 7.42
C PRO F 445 -26.67 -18.03 8.16
N GLU F 446 -26.27 -16.78 8.31
CA GLU F 446 -27.07 -15.71 8.89
C GLU F 446 -27.00 -14.45 8.04
N GLN F 447 -25.96 -14.31 7.23
CA GLN F 447 -25.72 -13.15 6.38
C GLN F 447 -26.00 -13.42 4.91
N ASN F 448 -25.85 -14.66 4.46
CA ASN F 448 -25.84 -14.95 3.04
C ASN F 448 -27.23 -15.08 2.43
N ASN F 449 -28.29 -14.83 3.19
CA ASN F 449 -29.59 -14.62 2.56
C ASN F 449 -29.59 -13.34 1.74
N THR F 450 -28.82 -12.35 2.17
CA THR F 450 -28.74 -11.04 1.55
C THR F 450 -27.29 -10.68 1.26
N PHE F 451 -26.55 -11.62 0.67
CA PHE F 451 -25.20 -11.33 0.24
C PHE F 451 -25.23 -10.35 -0.93
N THR F 452 -24.53 -9.23 -0.77
CA THR F 452 -24.47 -8.21 -1.82
C THR F 452 -23.03 -7.94 -2.17
N ASP F 453 -22.71 -7.99 -3.45
CA ASP F 453 -21.40 -7.57 -3.89
C ASP F 453 -21.49 -6.11 -4.32
N HIS F 454 -20.45 -5.60 -4.95
CA HIS F 454 -20.45 -4.20 -5.29
C HIS F 454 -20.89 -3.92 -6.71
N TYR F 455 -20.77 -4.86 -7.62
CA TYR F 455 -21.25 -4.60 -8.97
C TYR F 455 -22.77 -4.66 -9.02
N LEU F 456 -23.34 -5.78 -8.61
CA LEU F 456 -24.78 -5.88 -8.41
C LEU F 456 -25.10 -5.20 -7.08
N ASP F 457 -25.86 -4.12 -7.11
CA ASP F 457 -26.21 -3.46 -5.86
C ASP F 457 -27.23 -4.25 -5.06
N VAL F 458 -28.00 -5.10 -5.73
CA VAL F 458 -29.12 -5.80 -5.13
C VAL F 458 -28.60 -6.94 -4.26
N PRO F 459 -29.30 -7.34 -3.22
CA PRO F 459 -28.85 -8.50 -2.43
C PRO F 459 -29.17 -9.81 -3.13
N TYR F 460 -28.25 -10.75 -3.03
CA TYR F 460 -28.38 -12.01 -3.75
C TYR F 460 -28.41 -13.17 -2.76
N ASP F 461 -29.24 -14.15 -3.05
CA ASP F 461 -29.49 -15.23 -2.10
C ASP F 461 -28.59 -16.41 -2.40
N LEU F 462 -27.61 -16.61 -1.54
CA LEU F 462 -26.90 -17.87 -1.41
C LEU F 462 -27.68 -18.73 -0.41
N SER F 463 -27.03 -19.73 0.16
CA SER F 463 -27.50 -20.68 1.19
C SER F 463 -28.40 -21.75 0.61
N LYS F 464 -28.69 -21.72 -0.68
CA LYS F 464 -29.03 -22.94 -1.37
C LYS F 464 -27.80 -23.67 -1.86
N VAL F 465 -26.65 -23.05 -1.73
CA VAL F 465 -25.38 -23.54 -2.25
C VAL F 465 -24.74 -24.43 -1.22
N PHE F 466 -24.22 -25.58 -1.64
CA PHE F 466 -23.53 -26.51 -0.78
C PHE F 466 -22.03 -26.27 -0.93
N PHE F 467 -21.41 -25.65 0.07
CA PHE F 467 -19.99 -25.32 0.00
C PHE F 467 -19.14 -26.43 0.59
N ILE F 468 -18.03 -26.73 -0.08
CA ILE F 468 -17.02 -27.66 0.41
C ILE F 468 -15.68 -26.96 0.33
N THR F 469 -14.91 -26.99 1.42
CA THR F 469 -13.60 -26.37 1.44
C THR F 469 -12.57 -27.39 1.87
N THR F 470 -11.32 -27.20 1.43
CA THR F 470 -10.24 -28.11 1.78
C THR F 470 -9.08 -27.33 2.37
N ALA F 471 -8.25 -28.02 3.14
CA ALA F 471 -7.13 -27.42 3.85
C ALA F 471 -6.17 -28.51 4.29
N ASN F 472 -4.94 -28.11 4.61
CA ASN F 472 -3.93 -29.02 5.11
C ASN F 472 -3.76 -28.95 6.62
N THR F 473 -3.77 -27.76 7.19
CA THR F 473 -3.73 -27.59 8.64
C THR F 473 -4.83 -26.65 9.07
N LEU F 474 -5.35 -26.88 10.27
CA LEU F 474 -6.31 -25.96 10.86
C LEU F 474 -5.65 -24.72 11.42
N GLN F 475 -4.34 -24.75 11.64
CA GLN F 475 -3.63 -23.74 12.43
C GLN F 475 -3.50 -22.41 11.72
N THR F 476 -3.98 -22.25 10.49
CA THR F 476 -3.86 -20.98 9.79
C THR F 476 -5.15 -20.56 9.09
N ILE F 477 -6.27 -21.21 9.37
CA ILE F 477 -7.57 -20.71 8.94
C ILE F 477 -7.90 -19.58 9.90
N PRO F 478 -8.48 -18.46 9.44
CA PRO F 478 -8.89 -17.40 10.36
C PRO F 478 -9.94 -17.88 11.36
N ARG F 479 -9.82 -17.37 12.59
CA ARG F 479 -10.69 -17.81 13.68
C ARG F 479 -12.17 -17.47 13.52
N PRO F 480 -12.61 -16.34 12.94
CA PRO F 480 -14.04 -16.20 12.63
C PRO F 480 -14.57 -17.17 11.58
N LEU F 481 -13.71 -17.85 10.84
CA LEU F 481 -14.17 -18.86 9.90
C LEU F 481 -14.13 -20.27 10.44
N LEU F 482 -13.32 -20.57 11.47
CA LEU F 482 -13.30 -21.93 11.99
C LEU F 482 -14.56 -22.25 12.78
N ASP F 483 -15.07 -21.30 13.54
CA ASP F 483 -16.20 -21.61 14.42
C ASP F 483 -17.53 -21.69 13.67
N ARG F 484 -17.56 -21.43 12.38
CA ARG F 484 -18.75 -21.61 11.56
C ARG F 484 -18.62 -22.79 10.62
N MET F 485 -17.62 -23.64 10.81
CA MET F 485 -17.39 -24.78 9.94
C MET F 485 -17.44 -26.08 10.73
N GLU F 486 -17.74 -27.17 10.02
CA GLU F 486 -17.63 -28.50 10.56
C GLU F 486 -16.40 -29.17 9.98
N VAL F 487 -15.54 -29.69 10.85
CA VAL F 487 -14.24 -30.22 10.45
C VAL F 487 -14.31 -31.74 10.37
N ILE F 488 -13.91 -32.29 9.23
CA ILE F 488 -13.71 -33.72 9.05
C ILE F 488 -12.24 -33.95 8.76
N GLU F 489 -11.58 -34.72 9.59
CA GLU F 489 -10.18 -35.02 9.42
C GLU F 489 -10.01 -36.33 8.68
N ILE F 490 -9.12 -36.35 7.70
CA ILE F 490 -8.88 -37.52 6.88
C ILE F 490 -7.45 -37.98 7.16
N PRO F 491 -7.24 -39.14 7.76
CA PRO F 491 -5.95 -39.43 8.40
C PRO F 491 -4.82 -39.85 7.47
N GLY F 492 -5.10 -40.61 6.42
CA GLY F 492 -4.04 -41.25 5.69
C GLY F 492 -4.28 -42.73 5.63
N TYR F 493 -3.71 -43.43 4.65
CA TYR F 493 -4.17 -44.77 4.33
C TYR F 493 -3.21 -45.81 4.89
N THR F 494 -3.74 -47.00 5.15
CA THR F 494 -2.94 -48.13 5.59
C THR F 494 -2.36 -48.82 4.37
N ASN F 495 -1.75 -49.99 4.54
CA ASN F 495 -1.19 -50.64 3.37
C ASN F 495 -2.23 -51.43 2.60
N MET F 496 -3.24 -51.98 3.28
CA MET F 496 -4.28 -52.71 2.56
C MET F 496 -5.15 -51.76 1.77
N GLU F 497 -5.38 -50.57 2.32
CA GLU F 497 -6.14 -49.56 1.61
C GLU F 497 -5.39 -49.09 0.38
N LYS F 498 -4.08 -48.86 0.50
CA LYS F 498 -3.29 -48.47 -0.66
C LYS F 498 -3.21 -49.58 -1.69
N GLN F 499 -3.21 -50.84 -1.25
CA GLN F 499 -3.19 -51.94 -2.21
C GLN F 499 -4.48 -52.01 -3.00
N ALA F 500 -5.61 -51.79 -2.32
CA ALA F 500 -6.90 -51.79 -3.00
C ALA F 500 -7.03 -50.61 -3.96
N ILE F 501 -6.59 -49.42 -3.52
CA ILE F 501 -6.63 -48.23 -4.38
C ILE F 501 -5.74 -48.43 -5.58
N ALA F 502 -4.56 -49.03 -5.40
CA ALA F 502 -3.65 -49.28 -6.52
C ALA F 502 -4.29 -50.21 -7.54
N ARG F 503 -4.79 -51.35 -7.07
CA ARG F 503 -5.35 -52.38 -7.95
C ARG F 503 -6.54 -51.88 -8.75
N GLN F 504 -7.48 -51.18 -8.13
CA GLN F 504 -8.67 -50.86 -8.88
C GLN F 504 -8.80 -49.40 -9.26
N TYR F 505 -7.80 -48.57 -9.02
CA TYR F 505 -7.87 -47.26 -9.63
C TYR F 505 -6.57 -46.84 -10.31
N LEU F 506 -5.41 -47.15 -9.75
CA LEU F 506 -4.22 -46.45 -10.22
C LEU F 506 -3.52 -47.20 -11.33
N TRP F 507 -3.44 -48.52 -11.21
CA TRP F 507 -2.79 -49.33 -12.22
C TRP F 507 -3.50 -49.39 -13.58
N PRO F 508 -4.84 -49.52 -13.68
CA PRO F 508 -5.43 -49.44 -15.02
C PRO F 508 -5.28 -48.11 -15.71
N LYS F 509 -5.27 -47.01 -14.96
CA LYS F 509 -5.08 -45.69 -15.56
C LYS F 509 -3.68 -45.55 -16.17
N GLN F 510 -2.66 -45.95 -15.42
CA GLN F 510 -1.29 -45.86 -15.91
C GLN F 510 -1.03 -46.86 -17.01
N VAL F 511 -1.76 -47.98 -17.03
CA VAL F 511 -1.61 -48.92 -18.13
C VAL F 511 -2.23 -48.37 -19.40
N ARG F 512 -3.41 -47.75 -19.30
CA ARG F 512 -4.01 -47.13 -20.47
C ARG F 512 -3.16 -46.01 -21.03
N GLU F 513 -2.70 -45.11 -20.16
CA GLU F 513 -2.04 -43.91 -20.67
C GLU F 513 -0.65 -44.16 -21.21
N SER F 514 -0.10 -45.36 -21.03
CA SER F 514 1.17 -45.70 -21.64
C SER F 514 1.01 -46.61 -22.84
N GLY F 515 -0.21 -46.95 -23.22
CA GLY F 515 -0.46 -47.77 -24.39
C GLY F 515 -0.16 -49.24 -24.23
N MET F 516 0.24 -49.69 -23.05
CA MET F 516 0.60 -51.08 -22.83
C MET F 516 -0.54 -51.87 -22.20
N GLU F 517 -1.71 -51.86 -22.84
CA GLU F 517 -2.87 -52.51 -22.26
C GLU F 517 -3.05 -53.89 -22.87
N GLY F 518 -3.22 -54.88 -22.01
CA GLY F 518 -3.26 -56.27 -22.43
C GLY F 518 -1.90 -56.91 -22.58
N ARG F 519 -0.82 -56.20 -22.28
CA ARG F 519 0.52 -56.69 -22.50
C ARG F 519 1.33 -56.86 -21.23
N ILE F 520 0.97 -56.18 -20.15
CA ILE F 520 1.76 -56.22 -18.92
C ILE F 520 0.80 -56.23 -17.75
N GLU F 521 1.19 -56.92 -16.67
CA GLU F 521 0.33 -57.12 -15.53
C GLU F 521 1.16 -57.31 -14.28
N VAL F 522 0.71 -56.75 -13.18
CA VAL F 522 1.43 -56.80 -11.91
C VAL F 522 0.60 -57.57 -10.90
N THR F 523 1.26 -58.30 -10.01
CA THR F 523 0.55 -59.16 -9.08
C THR F 523 0.21 -58.41 -7.81
N ASP F 524 -0.32 -59.13 -6.81
CA ASP F 524 -0.67 -58.50 -5.55
C ASP F 524 0.48 -58.47 -4.57
N ALA F 525 1.43 -59.40 -4.66
CA ALA F 525 2.61 -59.28 -3.83
C ALA F 525 3.53 -58.17 -4.30
N ALA F 526 3.55 -57.90 -5.59
CA ALA F 526 4.43 -56.87 -6.13
C ALA F 526 3.96 -55.48 -5.76
N ILE F 527 2.65 -55.27 -5.63
CA ILE F 527 2.16 -53.97 -5.19
C ILE F 527 2.53 -53.72 -3.73
N LEU F 528 2.50 -54.75 -2.89
CA LEU F 528 2.99 -54.61 -1.52
C LEU F 528 4.48 -54.33 -1.50
N ARG F 529 5.23 -54.94 -2.41
CA ARG F 529 6.66 -54.67 -2.52
C ARG F 529 6.91 -53.21 -2.84
N VAL F 530 6.15 -52.65 -3.79
CA VAL F 530 6.30 -51.25 -4.17
C VAL F 530 5.95 -50.33 -3.01
N ILE F 531 4.82 -50.59 -2.34
CA ILE F 531 4.35 -49.76 -1.24
C ILE F 531 5.32 -49.78 -0.07
N SER F 532 5.78 -50.97 0.30
CA SER F 532 6.60 -51.08 1.50
C SER F 532 8.06 -50.71 1.28
N GLU F 533 8.59 -50.82 0.06
CA GLU F 533 10.01 -50.58 -0.10
C GLU F 533 10.36 -49.42 -1.00
N TYR F 534 9.39 -48.72 -1.58
CA TYR F 534 9.75 -47.62 -2.45
C TYR F 534 9.01 -46.34 -2.14
N THR F 535 8.09 -46.34 -1.19
CA THR F 535 7.37 -45.14 -0.77
C THR F 535 7.33 -45.09 0.75
N ARG F 536 7.46 -43.89 1.30
CA ARG F 536 7.06 -43.59 2.67
C ARG F 536 6.21 -42.34 2.62
N GLU F 537 4.90 -42.49 2.78
CA GLU F 537 4.00 -41.42 2.40
C GLU F 537 2.66 -41.67 3.07
N ALA F 538 1.87 -40.60 3.21
CA ALA F 538 0.50 -40.76 3.67
C ALA F 538 -0.48 -40.87 2.51
N GLY F 539 -0.26 -40.14 1.42
CA GLY F 539 -1.15 -40.15 0.29
C GLY F 539 -0.75 -41.20 -0.74
N VAL F 540 -1.20 -41.00 -1.98
CA VAL F 540 -1.05 -42.02 -2.99
C VAL F 540 -0.43 -41.51 -4.28
N ARG F 541 0.18 -40.32 -4.26
CA ARG F 541 0.81 -39.83 -5.49
C ARG F 541 2.15 -40.49 -5.78
N GLY F 542 2.92 -40.82 -4.74
CA GLY F 542 4.19 -41.50 -4.96
C GLY F 542 4.01 -42.90 -5.50
N LEU F 543 3.00 -43.61 -5.00
CA LEU F 543 2.63 -44.91 -5.53
C LEU F 543 2.24 -44.82 -7.00
N GLU F 544 1.52 -43.76 -7.36
CA GLU F 544 1.10 -43.58 -8.73
C GLU F 544 2.27 -43.32 -9.65
N ARG F 545 3.25 -42.54 -9.20
CA ARG F 545 4.44 -42.34 -10.00
C ARG F 545 5.28 -43.60 -10.13
N GLU F 546 5.33 -44.46 -9.10
CA GLU F 546 6.08 -45.71 -9.25
C GLU F 546 5.42 -46.66 -10.24
N LEU F 547 4.10 -46.75 -10.20
CA LEU F 547 3.38 -47.59 -11.17
C LEU F 547 3.52 -47.05 -12.58
N GLY F 548 3.51 -45.72 -12.73
CA GLY F 548 3.77 -45.14 -14.02
C GLY F 548 5.17 -45.39 -14.53
N LYS F 549 6.14 -45.48 -13.62
CA LYS F 549 7.50 -45.80 -14.02
C LYS F 549 7.60 -47.23 -14.55
N ILE F 550 6.90 -48.17 -13.90
CA ILE F 550 6.82 -49.54 -14.41
C ILE F 550 6.21 -49.56 -15.80
N ALA F 551 5.17 -48.76 -16.04
CA ALA F 551 4.53 -48.77 -17.35
C ALA F 551 5.42 -48.15 -18.44
N ARG F 552 6.17 -47.09 -18.10
CA ARG F 552 7.11 -46.51 -19.06
C ARG F 552 8.19 -47.50 -19.45
N LYS F 553 8.79 -48.17 -18.47
CA LYS F 553 9.84 -49.12 -18.82
C LYS F 553 9.29 -50.35 -19.52
N GLY F 554 8.04 -50.70 -19.26
CA GLY F 554 7.40 -51.74 -20.05
C GLY F 554 7.24 -51.35 -21.51
N ALA F 555 6.89 -50.08 -21.75
CA ALA F 555 6.79 -49.60 -23.13
C ALA F 555 8.14 -49.60 -23.83
N LYS F 556 9.19 -49.22 -23.11
CA LYS F 556 10.54 -49.24 -23.65
C LYS F 556 10.99 -50.65 -24.00
N PHE F 557 10.73 -51.61 -23.11
CA PHE F 557 11.10 -53.00 -23.38
C PHE F 557 10.30 -53.59 -24.53
N TRP F 558 9.01 -53.23 -24.65
CA TRP F 558 8.23 -53.68 -25.80
C TRP F 558 8.78 -53.13 -27.09
N LEU F 559 9.22 -51.89 -27.07
CA LEU F 559 9.64 -51.26 -28.30
C LEU F 559 11.02 -51.72 -28.72
N GLU F 560 11.83 -52.23 -27.79
CA GLU F 560 13.08 -52.87 -28.18
C GLU F 560 12.83 -54.22 -28.82
N GLY F 561 12.23 -55.15 -28.09
CA GLY F 561 11.85 -56.44 -28.65
C GLY F 561 10.54 -56.96 -28.13
N ALA F 562 9.59 -57.21 -29.03
CA ALA F 562 8.23 -57.51 -28.63
C ALA F 562 8.11 -58.95 -28.15
N TRP F 563 7.06 -59.20 -27.37
CA TRP F 563 6.75 -60.53 -26.86
C TRP F 563 5.30 -60.85 -27.20
N GLU F 564 4.85 -62.03 -26.79
CA GLU F 564 3.50 -62.48 -27.05
C GLU F 564 2.84 -62.90 -25.75
N GLY F 565 1.50 -62.91 -25.76
CA GLY F 565 0.80 -63.09 -24.51
C GLY F 565 0.87 -61.81 -23.69
N LEU F 566 0.91 -61.96 -22.37
CA LEU F 566 1.14 -60.84 -21.49
C LEU F 566 2.21 -61.21 -20.47
N ARG F 567 3.05 -60.24 -20.14
CA ARG F 567 4.12 -60.42 -19.19
C ARG F 567 3.63 -60.09 -17.79
N THR F 568 3.87 -60.98 -16.85
CA THR F 568 3.39 -60.82 -15.49
C THR F 568 4.55 -60.46 -14.58
N ILE F 569 4.50 -59.26 -14.01
CA ILE F 569 5.59 -58.75 -13.18
C ILE F 569 5.38 -59.32 -11.78
N ASP F 570 6.22 -60.28 -11.40
CA ASP F 570 6.08 -60.87 -10.09
C ASP F 570 6.91 -60.06 -9.10
N ALA F 571 6.90 -60.46 -7.82
CA ALA F 571 7.47 -59.64 -6.75
C ALA F 571 8.98 -59.57 -6.80
N SER F 572 9.64 -60.53 -7.43
CA SER F 572 11.09 -60.50 -7.56
C SER F 572 11.55 -59.82 -8.84
N ASP F 573 10.62 -59.32 -9.66
CA ASP F 573 10.98 -58.60 -10.88
C ASP F 573 10.93 -57.10 -10.70
N ILE F 574 10.55 -56.63 -9.51
CA ILE F 574 10.45 -55.19 -9.28
C ILE F 574 11.79 -54.46 -9.37
N PRO F 575 12.91 -54.95 -8.81
CA PRO F 575 14.17 -54.21 -9.02
C PRO F 575 14.70 -54.17 -10.45
N THR F 576 14.14 -54.95 -11.37
CA THR F 576 14.47 -54.76 -12.78
C THR F 576 13.92 -53.45 -13.30
N TYR F 577 12.78 -53.02 -12.77
CA TYR F 577 12.08 -51.82 -13.21
C TYR F 577 12.40 -50.61 -12.36
N LEU F 578 12.42 -50.76 -11.05
CA LEU F 578 12.54 -49.60 -10.18
C LEU F 578 13.91 -49.44 -9.56
N GLY F 579 14.82 -50.38 -9.75
CA GLY F 579 16.17 -50.20 -9.25
C GLY F 579 16.37 -50.73 -7.84
N ILE F 580 17.32 -50.15 -7.13
CA ILE F 580 17.65 -50.58 -5.77
C ILE F 580 16.56 -50.07 -4.83
N PRO F 581 16.03 -50.89 -3.93
CA PRO F 581 15.01 -50.43 -3.00
C PRO F 581 15.53 -49.38 -2.02
N ARG F 582 14.64 -48.45 -1.68
CA ARG F 582 15.02 -47.30 -0.87
C ARG F 582 14.94 -47.56 0.62
N TYR F 583 14.00 -48.37 1.07
CA TYR F 583 13.72 -48.54 2.48
C TYR F 583 13.80 -50.02 2.80
N ARG F 584 14.59 -50.36 3.77
CA ARG F 584 14.69 -51.76 4.13
C ARG F 584 13.48 -52.17 4.97
N PRO F 585 12.84 -53.29 4.66
CA PRO F 585 11.68 -53.70 5.43
C PRO F 585 12.06 -54.20 6.81
N ASP F 586 11.17 -53.94 7.77
CA ASP F 586 11.33 -54.48 9.10
C ASP F 586 11.13 -55.98 9.08
N LYS F 587 11.90 -56.69 9.89
CA LYS F 587 11.67 -58.12 10.03
C LYS F 587 11.80 -58.53 11.48
N ALA F 588 10.98 -59.49 11.88
CA ALA F 588 11.05 -60.03 13.21
C ALA F 588 12.07 -61.16 13.24
N GLU F 589 12.80 -61.23 14.35
CA GLU F 589 13.70 -62.34 14.58
C GLU F 589 13.01 -63.39 15.44
N THR F 590 13.63 -64.56 15.52
CA THR F 590 12.93 -65.75 15.99
C THR F 590 13.42 -66.26 17.35
N GLU F 591 14.72 -66.37 17.53
CA GLU F 591 15.25 -67.00 18.72
C GLU F 591 15.11 -66.09 19.94
N PRO F 592 14.98 -66.65 21.13
CA PRO F 592 15.04 -65.82 22.33
C PRO F 592 16.44 -65.31 22.61
N GLN F 593 16.52 -64.03 22.96
CA GLN F 593 17.76 -63.33 23.25
C GLN F 593 17.79 -62.92 24.71
N VAL F 594 18.99 -62.71 25.22
CA VAL F 594 19.17 -62.24 26.59
C VAL F 594 19.30 -60.73 26.56
N GLY F 595 18.40 -60.05 27.26
CA GLY F 595 18.47 -58.61 27.37
C GLY F 595 18.03 -57.87 26.13
N THR F 596 16.96 -58.34 25.50
CA THR F 596 16.48 -57.75 24.27
C THR F 596 14.97 -57.96 24.22
N ALA F 597 14.22 -56.95 23.79
CA ALA F 597 12.79 -57.07 23.67
C ALA F 597 12.32 -56.30 22.45
N GLN F 598 11.07 -56.53 22.07
CA GLN F 598 10.52 -56.06 20.81
C GLN F 598 9.45 -55.01 21.08
N GLY F 599 9.65 -53.79 20.57
CA GLY F 599 8.73 -52.71 20.81
C GLY F 599 8.09 -52.23 19.52
N LEU F 600 7.14 -51.33 19.65
CA LEU F 600 6.33 -50.86 18.54
C LEU F 600 6.23 -49.34 18.58
N ALA F 601 6.58 -48.68 17.48
CA ALA F 601 6.63 -47.23 17.41
C ALA F 601 5.61 -46.68 16.44
N TRP F 602 5.45 -45.36 16.46
CA TRP F 602 4.43 -44.65 15.70
C TRP F 602 5.06 -43.51 14.91
N THR F 603 4.74 -43.43 13.64
CA THR F 603 5.07 -42.28 12.80
C THR F 603 3.78 -41.80 12.17
N PRO F 604 3.73 -40.55 11.68
CA PRO F 604 2.53 -40.13 10.94
C PRO F 604 2.39 -40.73 9.55
N VAL F 605 3.33 -41.56 9.10
CA VAL F 605 3.20 -42.28 7.85
C VAL F 605 3.05 -43.78 8.07
N GLY F 606 2.83 -44.20 9.31
CA GLY F 606 2.66 -45.60 9.61
C GLY F 606 3.39 -46.03 10.86
N GLY F 607 3.28 -47.29 11.24
CA GLY F 607 4.01 -47.78 12.38
C GLY F 607 5.30 -48.40 11.98
N THR F 608 6.12 -48.72 12.98
CA THR F 608 7.37 -49.41 12.73
C THR F 608 7.79 -50.20 13.96
N LEU F 609 8.46 -51.31 13.71
CA LEU F 609 9.09 -52.07 14.78
C LEU F 609 10.38 -51.41 15.17
N LEU F 610 10.71 -51.45 16.46
CA LEU F 610 12.08 -51.15 16.86
C LEU F 610 12.42 -51.93 18.12
N THR F 611 13.71 -52.19 18.27
CA THR F 611 14.26 -53.16 19.20
C THR F 611 14.97 -52.43 20.33
N ILE F 612 14.75 -52.86 21.56
CA ILE F 612 15.45 -52.33 22.73
C ILE F 612 16.40 -53.41 23.22
N GLU F 613 17.66 -53.05 23.41
CA GLU F 613 18.66 -53.97 23.90
C GLU F 613 19.45 -53.32 25.02
N VAL F 614 19.77 -54.12 26.04
CA VAL F 614 20.49 -53.65 27.21
C VAL F 614 21.60 -54.63 27.53
N ALA F 615 22.56 -54.18 28.34
CA ALA F 615 23.68 -55.00 28.76
C ALA F 615 24.03 -54.70 30.20
N ALA F 616 24.31 -55.73 30.97
CA ALA F 616 24.70 -55.58 32.35
C ALA F 616 26.15 -55.99 32.49
N VAL F 617 27.01 -55.06 32.81
CA VAL F 617 28.44 -55.31 32.94
C VAL F 617 28.82 -54.99 34.38
N PRO F 618 29.89 -55.59 34.91
CA PRO F 618 30.30 -55.25 36.28
C PRO F 618 30.82 -53.84 36.36
N GLY F 619 30.35 -53.10 37.37
CA GLY F 619 30.70 -51.71 37.52
C GLY F 619 30.39 -51.19 38.90
N SER F 620 29.86 -49.97 38.98
CA SER F 620 29.60 -49.35 40.26
C SER F 620 28.19 -48.80 40.39
N GLY F 621 27.38 -48.91 39.35
CA GLY F 621 26.00 -48.47 39.37
C GLY F 621 25.87 -47.14 38.67
N LYS F 622 25.58 -47.19 37.39
CA LYS F 622 25.32 -46.02 36.56
C LYS F 622 24.23 -46.42 35.59
N LEU F 623 23.74 -45.45 34.83
CA LEU F 623 22.68 -45.75 33.88
C LEU F 623 22.96 -44.93 32.62
N SER F 624 23.49 -45.59 31.60
CA SER F 624 23.71 -44.97 30.31
C SER F 624 22.52 -45.24 29.41
N LEU F 625 22.02 -44.20 28.78
CA LEU F 625 20.79 -44.28 28.00
C LEU F 625 21.08 -43.65 26.65
N THR F 626 21.47 -44.44 25.67
CA THR F 626 21.95 -43.92 24.41
C THR F 626 21.01 -44.29 23.27
N GLY F 627 21.20 -43.60 22.14
CA GLY F 627 20.38 -43.83 20.98
C GLY F 627 19.46 -42.67 20.66
N GLN F 628 19.86 -41.46 21.08
CA GLN F 628 19.13 -40.21 20.84
C GLN F 628 17.74 -40.21 21.47
N LEU F 629 17.67 -40.44 22.76
CA LEU F 629 16.41 -40.57 23.47
C LEU F 629 15.99 -39.24 24.07
N GLY F 630 14.69 -38.97 24.06
CA GLY F 630 14.15 -37.80 24.72
C GLY F 630 14.05 -37.98 26.22
N GLU F 631 13.58 -36.94 26.90
CA GLU F 631 13.56 -36.94 28.35
C GLU F 631 12.46 -37.81 28.93
N VAL F 632 11.32 -37.90 28.24
CA VAL F 632 10.22 -38.72 28.70
C VAL F 632 10.61 -40.19 28.69
N MET F 633 11.35 -40.60 27.67
CA MET F 633 11.75 -41.99 27.55
C MET F 633 12.83 -42.35 28.55
N LYS F 634 13.69 -41.39 28.89
CA LYS F 634 14.68 -41.61 29.94
C LYS F 634 14.02 -41.74 31.30
N GLU F 635 13.00 -40.92 31.56
CA GLU F 635 12.29 -41.04 32.83
C GLU F 635 11.51 -42.35 32.93
N SER F 636 11.00 -42.86 31.80
CA SER F 636 10.34 -44.16 31.85
C SER F 636 11.33 -45.28 32.09
N ALA F 637 12.55 -45.17 31.57
CA ALA F 637 13.59 -46.14 31.89
C ALA F 637 13.94 -46.14 33.37
N GLN F 638 14.04 -44.94 33.96
CA GLN F 638 14.34 -44.85 35.38
C GLN F 638 13.21 -45.37 36.25
N ALA F 639 11.96 -45.17 35.82
CA ALA F 639 10.83 -45.70 36.58
C ALA F 639 10.79 -47.22 36.52
N ALA F 640 11.11 -47.80 35.37
CA ALA F 640 11.18 -49.25 35.26
C ALA F 640 12.29 -49.83 36.12
N LEU F 641 13.46 -49.17 36.14
CA LEU F 641 14.55 -49.64 36.97
C LEU F 641 14.23 -49.50 38.45
N THR F 642 13.50 -48.47 38.85
CA THR F 642 13.15 -48.33 40.26
C THR F 642 12.15 -49.38 40.70
N TYR F 643 11.19 -49.73 39.83
CA TYR F 643 10.31 -50.86 40.11
C TYR F 643 11.09 -52.14 40.29
N LEU F 644 12.06 -52.41 39.41
CA LEU F 644 12.81 -53.65 39.56
C LEU F 644 13.74 -53.64 40.77
N ARG F 645 14.17 -52.47 41.21
CA ARG F 645 14.93 -52.41 42.46
C ARG F 645 14.05 -52.66 43.66
N ALA F 646 12.77 -52.31 43.57
CA ALA F 646 11.90 -52.52 44.73
C ALA F 646 11.51 -53.99 44.91
N HIS F 647 11.49 -54.76 43.84
CA HIS F 647 11.06 -56.16 43.88
C HIS F 647 12.21 -57.00 43.35
N THR F 648 13.19 -57.28 44.20
CA THR F 648 14.43 -57.86 43.71
C THR F 648 14.53 -59.36 43.93
N GLN F 649 13.62 -59.96 44.69
CA GLN F 649 13.61 -61.40 44.86
C GLN F 649 12.39 -62.04 44.24
N ASP F 650 11.46 -61.26 43.73
CA ASP F 650 10.31 -61.82 43.05
C ASP F 650 10.66 -62.37 41.69
N TYR F 651 11.77 -61.94 41.09
CA TYR F 651 12.09 -62.34 39.74
C TYR F 651 13.44 -63.02 39.63
N GLY F 652 14.18 -63.16 40.73
CA GLY F 652 15.47 -63.81 40.66
C GLY F 652 16.60 -62.89 40.27
N LEU F 653 16.46 -61.60 40.50
CA LEU F 653 17.53 -60.66 40.23
C LEU F 653 18.59 -60.77 41.31
N PRO F 654 19.81 -60.30 41.06
CA PRO F 654 20.82 -60.27 42.11
C PRO F 654 20.44 -59.29 43.21
N GLU F 655 20.97 -59.56 44.40
CA GLU F 655 20.54 -58.83 45.58
C GLU F 655 21.07 -57.40 45.61
N ASP F 656 22.24 -57.17 45.03
CA ASP F 656 22.94 -55.91 45.22
C ASP F 656 23.41 -55.32 43.90
N PHE F 657 22.57 -55.36 42.87
CA PHE F 657 23.03 -54.83 41.60
C PHE F 657 23.05 -53.32 41.53
N TYR F 658 22.57 -52.62 42.55
CA TYR F 658 22.48 -51.18 42.47
C TYR F 658 23.83 -50.51 42.68
N ASN F 659 24.80 -51.19 43.29
CA ASN F 659 26.13 -50.62 43.46
C ASN F 659 27.24 -51.55 43.00
N LYS F 660 26.89 -52.61 42.26
CA LYS F 660 27.88 -53.49 41.69
C LYS F 660 27.78 -53.64 40.20
N VAL F 661 26.69 -53.23 39.58
CA VAL F 661 26.38 -53.53 38.19
C VAL F 661 26.10 -52.22 37.49
N ASP F 662 26.68 -52.04 36.31
CA ASP F 662 26.48 -50.86 35.49
C ASP F 662 25.61 -51.24 34.29
N LEU F 663 24.56 -50.47 34.03
CA LEU F 663 23.62 -50.77 32.96
C LEU F 663 23.77 -49.79 31.80
N HIS F 664 23.47 -50.27 30.60
CA HIS F 664 23.48 -49.45 29.40
C HIS F 664 22.29 -49.86 28.57
N VAL F 665 21.47 -48.89 28.17
CA VAL F 665 20.25 -49.11 27.42
C VAL F 665 20.41 -48.43 26.09
N HIS F 666 20.51 -49.20 25.02
CA HIS F 666 20.73 -48.66 23.68
C HIS F 666 19.55 -49.02 22.80
N VAL F 667 19.01 -48.03 22.10
CA VAL F 667 17.88 -48.24 21.21
C VAL F 667 18.35 -47.95 19.79
N PRO F 668 18.70 -48.99 19.02
CA PRO F 668 19.20 -48.77 17.67
C PRO F 668 18.08 -48.38 16.73
N ASP F 669 18.39 -47.50 15.77
CA ASP F 669 19.73 -47.01 15.47
C ASP F 669 20.02 -45.62 16.00
N GLY F 670 21.28 -45.24 15.97
CA GLY F 670 21.64 -43.85 16.18
C GLY F 670 21.21 -42.99 15.01
N ALA F 671 21.32 -41.68 15.22
CA ALA F 671 20.92 -40.64 14.27
C ALA F 671 19.46 -40.72 13.90
N THR F 672 18.61 -41.14 14.83
CA THR F 672 17.17 -41.10 14.66
C THR F 672 16.58 -40.77 16.02
N PRO F 673 16.03 -39.58 16.22
CA PRO F 673 15.53 -39.23 17.55
C PRO F 673 14.25 -39.97 17.88
N LYS F 674 14.15 -40.39 19.14
CA LYS F 674 13.10 -41.27 19.62
C LYS F 674 12.63 -40.76 20.97
N ASP F 675 11.32 -40.63 21.15
CA ASP F 675 10.79 -40.08 22.39
C ASP F 675 9.37 -40.59 22.58
N GLY F 676 9.30 -41.07 23.80
CA GLY F 676 7.92 -41.23 24.25
C GLY F 676 7.82 -42.15 25.45
N PRO F 677 6.64 -42.18 26.06
CA PRO F 677 6.40 -43.04 27.24
C PRO F 677 5.81 -44.44 27.01
N SER F 678 5.48 -44.79 25.77
CA SER F 678 4.73 -46.04 25.51
C SER F 678 5.64 -47.25 25.47
N ALA F 679 6.90 -47.02 25.84
CA ALA F 679 7.90 -48.07 25.84
C ALA F 679 8.32 -48.39 27.26
N GLY F 680 7.70 -48.43 28.50
CA GLY F 680 8.11 -48.84 29.82
C GLY F 680 8.09 -50.33 30.03
N ILE F 681 7.11 -51.01 29.42
CA ILE F 681 7.00 -52.46 29.54
C ILE F 681 8.16 -53.14 28.83
N THR F 682 8.53 -52.61 27.67
CA THR F 682 9.62 -53.18 26.88
C THR F 682 10.95 -53.04 27.61
N MET F 683 11.15 -51.90 28.26
CA MET F 683 12.39 -51.68 29.00
C MET F 683 12.42 -52.49 30.29
N ALA F 684 11.27 -52.66 30.94
CA ALA F 684 11.24 -53.52 32.12
C ALA F 684 11.59 -54.95 31.76
N THR F 685 11.09 -55.44 30.63
CA THR F 685 11.41 -56.79 30.19
C THR F 685 12.88 -56.93 29.83
N ALA F 686 13.43 -55.94 29.11
CA ALA F 686 14.83 -56.02 28.71
C ALA F 686 15.77 -55.95 29.91
N ILE F 687 15.50 -55.06 30.87
CA ILE F 687 16.37 -54.93 32.03
C ILE F 687 16.27 -56.16 32.93
N ALA F 688 15.07 -56.73 33.07
CA ALA F 688 14.94 -57.93 33.88
C ALA F 688 15.62 -59.13 33.24
N SER F 689 15.58 -59.20 31.91
CA SER F 689 16.25 -60.28 31.22
C SER F 689 17.75 -60.14 31.27
N ALA F 690 18.27 -58.91 31.29
CA ALA F 690 19.70 -58.75 31.40
C ALA F 690 20.21 -59.02 32.80
N LEU F 691 19.47 -58.61 33.83
CA LEU F 691 19.96 -58.83 35.18
C LEU F 691 19.76 -60.26 35.64
N SER F 692 18.75 -60.96 35.15
CA SER F 692 18.47 -62.31 35.62
C SER F 692 19.01 -63.39 34.72
N ARG F 693 19.64 -63.02 33.60
CA ARG F 693 20.22 -63.92 32.61
C ARG F 693 19.20 -64.87 31.99
N ARG F 694 17.95 -64.48 31.96
CA ARG F 694 16.95 -65.33 31.35
C ARG F 694 16.55 -64.77 30.00
N PRO F 695 16.53 -65.59 28.96
CA PRO F 695 16.21 -65.07 27.62
C PRO F 695 14.77 -64.63 27.51
N ALA F 696 14.56 -63.51 26.82
CA ALA F 696 13.23 -63.00 26.55
C ALA F 696 12.82 -63.43 25.16
N ARG F 697 11.65 -64.05 25.03
CA ARG F 697 11.23 -64.54 23.72
C ARG F 697 10.82 -63.39 22.82
N MET F 698 11.25 -63.47 21.56
CA MET F 698 11.25 -62.33 20.66
C MET F 698 10.12 -62.35 19.64
N ASP F 699 9.26 -63.36 19.66
CA ASP F 699 8.10 -63.38 18.77
C ASP F 699 6.87 -62.78 19.42
N ILE F 700 7.04 -61.91 20.39
CA ILE F 700 5.95 -61.21 21.06
C ILE F 700 6.28 -59.73 21.05
N ALA F 701 5.47 -58.93 20.38
CA ALA F 701 5.63 -57.48 20.42
C ALA F 701 4.79 -56.93 21.56
N MET F 702 5.30 -55.90 22.23
CA MET F 702 4.62 -55.39 23.40
C MET F 702 4.72 -53.88 23.43
N THR F 703 3.81 -53.28 24.18
CA THR F 703 3.77 -51.83 24.35
C THR F 703 2.95 -51.51 25.58
N GLY F 704 3.22 -50.36 26.19
CA GLY F 704 2.53 -49.95 27.39
C GLY F 704 3.39 -49.08 28.28
N GLU F 705 2.74 -48.14 28.96
CA GLU F 705 3.41 -47.23 29.89
C GLU F 705 3.42 -47.83 31.29
N VAL F 706 4.53 -47.70 31.98
CA VAL F 706 4.68 -48.28 33.31
C VAL F 706 4.69 -47.15 34.34
N SER F 707 4.15 -47.43 35.51
CA SER F 707 4.23 -46.52 36.63
C SER F 707 5.17 -47.09 37.65
N LEU F 708 5.29 -46.42 38.79
CA LEU F 708 6.28 -46.83 39.76
C LEU F 708 5.79 -47.97 40.64
N ARG F 709 4.47 -48.16 40.74
CA ARG F 709 3.92 -49.29 41.47
C ARG F 709 3.88 -50.57 40.65
N GLY F 710 4.27 -50.52 39.38
CA GLY F 710 4.12 -51.67 38.52
C GLY F 710 2.69 -51.78 38.04
N LYS F 711 2.26 -50.81 37.25
CA LYS F 711 0.86 -50.70 36.87
C LYS F 711 0.79 -50.16 35.47
N VAL F 712 0.26 -50.96 34.55
CA VAL F 712 0.35 -50.63 33.12
C VAL F 712 -0.77 -49.68 32.77
N MET F 713 -0.42 -48.60 32.08
CA MET F 713 -1.34 -47.52 31.76
C MET F 713 -1.51 -47.39 30.26
N PRO F 714 -2.67 -46.95 29.76
CA PRO F 714 -2.94 -47.01 28.32
C PRO F 714 -2.11 -46.04 27.51
N ILE F 715 -2.09 -46.29 26.20
CA ILE F 715 -1.23 -45.62 25.26
C ILE F 715 -2.07 -45.10 24.10
N GLY F 716 -1.39 -44.53 23.10
CA GLY F 716 -2.03 -44.06 21.90
C GLY F 716 -1.43 -44.70 20.66
N GLY F 717 -2.16 -44.60 19.55
CA GLY F 717 -1.70 -45.12 18.28
C GLY F 717 -1.69 -46.63 18.18
N VAL F 718 -2.73 -47.29 18.66
CA VAL F 718 -2.74 -48.75 18.73
C VAL F 718 -2.88 -49.37 17.36
N LYS F 719 -3.63 -48.71 16.47
CA LYS F 719 -3.93 -49.26 15.15
C LYS F 719 -2.69 -49.43 14.30
N GLU F 720 -1.89 -48.36 14.19
CA GLU F 720 -0.69 -48.38 13.36
C GLU F 720 0.34 -49.34 13.91
N LYS F 721 0.46 -49.43 15.23
CA LYS F 721 1.39 -50.36 15.85
C LYS F 721 1.01 -51.80 15.58
N LEU F 722 -0.28 -52.14 15.67
CA LEU F 722 -0.66 -53.52 15.42
C LEU F 722 -0.57 -53.88 13.95
N LEU F 723 -0.86 -52.94 13.05
CA LEU F 723 -0.70 -53.23 11.63
C LEU F 723 0.77 -53.43 11.27
N ALA F 724 1.66 -52.64 11.87
CA ALA F 724 3.08 -52.79 11.60
C ALA F 724 3.62 -54.10 12.18
N ALA F 725 3.06 -54.54 13.31
CA ALA F 725 3.47 -55.84 13.84
C ALA F 725 2.93 -56.99 13.02
N HIS F 726 1.77 -56.80 12.39
CA HIS F 726 1.21 -57.86 11.58
C HIS F 726 1.85 -57.98 10.21
N GLN F 727 2.38 -56.88 9.67
CA GLN F 727 3.13 -56.96 8.42
C GLN F 727 4.41 -57.74 8.59
N ALA F 728 5.05 -57.63 9.75
CA ALA F 728 6.36 -58.23 9.95
C ALA F 728 6.29 -59.71 10.33
N GLY F 729 5.12 -60.23 10.64
CA GLY F 729 4.97 -61.63 10.96
C GLY F 729 4.92 -61.96 12.43
N ILE F 730 4.52 -61.02 13.28
CA ILE F 730 4.36 -61.26 14.71
C ILE F 730 2.89 -61.48 14.98
N HIS F 731 2.56 -62.54 15.71
CA HIS F 731 1.17 -62.89 15.94
C HIS F 731 0.80 -62.87 17.41
N LYS F 732 1.63 -62.27 18.26
CA LYS F 732 1.37 -62.26 19.69
C LYS F 732 1.65 -60.86 20.22
N ILE F 733 0.66 -60.24 20.84
CA ILE F 733 0.74 -58.86 21.28
C ILE F 733 0.46 -58.81 22.77
N VAL F 734 1.22 -57.99 23.51
CA VAL F 734 0.91 -57.62 24.88
C VAL F 734 0.48 -56.16 24.89
N LEU F 735 -0.68 -55.88 25.45
CA LEU F 735 -1.32 -54.58 25.36
C LEU F 735 -1.99 -54.28 26.68
N PRO F 736 -2.10 -53.00 27.06
CA PRO F 736 -2.78 -52.67 28.32
C PRO F 736 -4.27 -52.95 28.26
N LYS F 737 -4.86 -53.14 29.44
CA LYS F 737 -6.27 -53.50 29.55
C LYS F 737 -7.17 -52.35 29.13
N ASP F 738 -6.71 -51.11 29.29
CA ASP F 738 -7.58 -49.98 28.98
C ASP F 738 -7.55 -49.63 27.51
N ASN F 739 -6.90 -50.43 26.68
CA ASN F 739 -6.91 -50.23 25.25
C ASN F 739 -7.71 -51.27 24.50
N GLU F 740 -8.55 -52.06 25.17
CA GLU F 740 -9.35 -53.03 24.42
C GLU F 740 -10.53 -52.36 23.74
N ALA F 741 -10.83 -51.12 24.09
CA ALA F 741 -11.87 -50.39 23.42
C ALA F 741 -11.45 -49.91 22.04
N GLN F 742 -10.18 -50.02 21.70
CA GLN F 742 -9.66 -49.48 20.46
C GLN F 742 -9.17 -50.56 19.52
N LEU F 743 -9.44 -51.82 19.84
CA LEU F 743 -9.25 -52.90 18.89
C LEU F 743 -10.35 -52.95 17.85
N GLU F 744 -11.40 -52.17 18.01
CA GLU F 744 -12.54 -52.19 17.11
C GLU F 744 -12.26 -51.53 15.77
N GLU F 745 -11.22 -50.71 15.68
CA GLU F 745 -10.91 -50.00 14.46
C GLU F 745 -9.92 -50.74 13.57
N LEU F 746 -9.72 -52.01 13.79
CA LEU F 746 -8.90 -52.85 12.94
C LEU F 746 -9.77 -53.64 11.98
N PRO F 747 -9.23 -54.06 10.84
CA PRO F 747 -9.94 -55.02 10.00
C PRO F 747 -10.07 -56.36 10.69
N LYS F 748 -11.07 -57.13 10.25
CA LYS F 748 -11.34 -58.40 10.90
C LYS F 748 -10.36 -59.49 10.50
N GLU F 749 -9.66 -59.32 9.39
CA GLU F 749 -8.66 -60.30 9.01
C GLU F 749 -7.41 -60.18 9.86
N VAL F 750 -7.17 -58.99 10.41
CA VAL F 750 -6.02 -58.80 11.27
C VAL F 750 -6.31 -59.34 12.67
N LEU F 751 -7.52 -59.11 13.18
CA LEU F 751 -7.84 -59.55 14.53
C LEU F 751 -7.93 -61.06 14.65
N GLU F 752 -8.25 -61.75 13.56
CA GLU F 752 -8.29 -63.21 13.63
C GLU F 752 -6.91 -63.83 13.52
N GLY F 753 -5.91 -63.07 13.09
CA GLY F 753 -4.56 -63.60 13.00
C GLY F 753 -3.78 -63.31 14.26
N LEU F 754 -4.12 -62.22 14.93
CA LEU F 754 -3.42 -61.82 16.14
C LEU F 754 -3.93 -62.61 17.34
N GLU F 755 -3.24 -62.45 18.45
CA GLU F 755 -3.55 -63.18 19.67
C GLU F 755 -3.15 -62.26 20.82
N ILE F 756 -4.10 -61.49 21.30
CA ILE F 756 -3.83 -60.32 22.13
C ILE F 756 -4.02 -60.66 23.60
N LYS F 757 -3.01 -60.38 24.41
CA LYS F 757 -3.06 -60.59 25.85
C LYS F 757 -3.14 -59.23 26.54
N LEU F 758 -4.21 -59.01 27.29
CA LEU F 758 -4.47 -57.73 27.94
C LEU F 758 -3.99 -57.80 29.39
N VAL F 759 -3.13 -56.86 29.78
CA VAL F 759 -2.48 -56.94 31.07
C VAL F 759 -2.80 -55.69 31.89
N GLU F 760 -2.64 -55.83 33.21
CA GLU F 760 -2.75 -54.72 34.14
C GLU F 760 -1.53 -54.54 35.03
N ASP F 761 -0.71 -55.56 35.18
CA ASP F 761 0.43 -55.56 36.09
C ASP F 761 1.67 -55.87 35.28
N VAL F 762 2.83 -55.49 35.81
CA VAL F 762 4.08 -55.79 35.12
C VAL F 762 4.48 -57.24 35.36
N GLY F 763 4.07 -57.81 36.49
CA GLY F 763 4.40 -59.18 36.80
C GLY F 763 3.79 -60.19 35.85
N GLU F 764 2.64 -59.86 35.28
CA GLU F 764 2.03 -60.69 34.25
C GLU F 764 2.90 -60.72 33.00
N VAL F 765 3.43 -59.56 32.61
CA VAL F 765 4.28 -59.47 31.44
C VAL F 765 5.59 -60.20 31.66
N LEU F 766 6.21 -60.01 32.82
CA LEU F 766 7.47 -60.69 33.08
C LEU F 766 7.29 -62.19 33.27
N GLU F 767 6.10 -62.64 33.67
CA GLU F 767 5.85 -64.06 33.73
C GLU F 767 5.65 -64.64 32.34
N TYR F 768 5.04 -63.87 31.44
CA TYR F 768 4.74 -64.39 30.12
C TYR F 768 5.89 -64.27 29.13
N LEU F 769 6.83 -63.34 29.34
CA LEU F 769 7.89 -63.11 28.37
C LEU F 769 9.19 -63.82 28.66
N LEU F 770 9.58 -63.95 29.92
CA LEU F 770 10.89 -64.51 30.23
C LEU F 770 10.83 -66.03 30.25
N LEU F 771 11.77 -66.67 29.58
CA LEU F 771 11.88 -68.12 29.67
C LEU F 771 12.34 -68.50 31.07
N PRO F 772 11.82 -69.60 31.63
CA PRO F 772 12.00 -69.84 33.07
C PRO F 772 13.40 -70.31 33.48
N GLU F 773 14.30 -70.58 32.55
CA GLU F 773 15.59 -71.14 32.90
C GLU F 773 16.71 -70.24 32.43
N PRO F 774 17.63 -69.85 33.30
CA PRO F 774 18.75 -69.01 32.88
C PRO F 774 19.78 -69.79 32.09
N THR F 775 20.49 -69.09 31.22
CA THR F 775 21.51 -69.69 30.37
C THR F 775 22.90 -69.15 30.64
N MET F 776 23.09 -67.85 30.60
CA MET F 776 24.39 -67.23 30.76
C MET F 776 24.81 -67.23 32.24
N PRO F 777 26.10 -67.20 32.53
CA PRO F 777 26.55 -67.00 33.91
C PRO F 777 26.22 -65.59 34.37
N PRO F 778 26.11 -65.37 35.69
CA PRO F 778 25.73 -64.05 36.18
C PRO F 778 26.82 -63.01 35.93
N VAL F 779 26.42 -61.75 36.10
CA VAL F 779 27.32 -60.63 35.87
C VAL F 779 28.28 -60.44 37.04
N VAL F 780 27.82 -60.70 38.27
CA VAL F 780 28.68 -60.56 39.44
C VAL F 780 29.54 -61.79 39.62
N UNK G 1 -25.82 25.52 -31.90
CA UNK G 1 -26.70 24.47 -31.32
C UNK G 1 -25.84 23.36 -30.72
N UNK G 2 -24.52 23.43 -30.92
CA UNK G 2 -23.60 22.44 -30.31
C UNK G 2 -23.51 22.71 -28.80
N UNK G 3 -23.19 21.68 -28.00
CA UNK G 3 -23.19 21.84 -26.53
C UNK G 3 -21.92 21.27 -25.91
N UNK G 4 -21.56 21.75 -24.72
CA UNK G 4 -20.36 21.25 -24.01
C UNK G 4 -20.59 19.82 -23.53
N UNK G 5 -19.52 19.02 -23.39
CA UNK G 5 -19.65 17.64 -22.88
C UNK G 5 -19.00 17.53 -21.50
N UNK G 6 -19.74 17.07 -20.49
CA UNK G 6 -19.12 16.84 -19.16
C UNK G 6 -19.18 15.34 -18.81
N UNK G 7 -18.03 14.66 -18.86
CA UNK G 7 -18.06 13.20 -18.60
C UNK G 7 -16.68 12.67 -18.17
N UNK G 8 -16.48 12.48 -16.86
CA UNK G 8 -15.22 11.86 -16.39
C UNK G 8 -15.64 10.65 -15.55
N UNK G 9 -15.12 9.46 -15.90
CA UNK G 9 -15.45 8.24 -15.13
C UNK G 9 -14.19 7.89 -14.37
N UNK G 10 -14.34 7.46 -13.14
CA UNK G 10 -13.13 7.26 -12.33
C UNK G 10 -12.42 5.96 -12.64
N UNK G 11 -11.20 6.02 -13.18
CA UNK G 11 -10.48 4.76 -13.28
C UNK G 11 -9.86 4.37 -11.94
N UNK G 12 -9.67 3.07 -11.74
CA UNK G 12 -9.08 2.54 -10.53
C UNK G 12 -7.62 2.18 -10.77
N UNK G 13 -6.85 2.15 -9.68
CA UNK G 13 -5.41 2.00 -9.79
C UNK G 13 -4.87 1.25 -8.57
N UNK G 14 -3.85 0.43 -8.80
CA UNK G 14 -3.24 -0.35 -7.75
C UNK G 14 -1.95 0.32 -7.27
N UNK G 15 -1.68 0.21 -5.98
CA UNK G 15 -0.51 0.83 -5.39
C UNK G 15 0.15 -0.16 -4.45
N UNK G 16 1.46 -0.06 -4.33
CA UNK G 16 2.23 -0.94 -3.46
C UNK G 16 2.60 -0.19 -2.19
N UNK G 17 2.76 -0.93 -1.10
CA UNK G 17 3.16 -0.34 0.17
C UNK G 17 4.06 -1.31 0.90
N UNK G 18 4.93 -0.76 1.75
CA UNK G 18 5.83 -1.54 2.58
C UNK G 18 5.34 -1.48 4.02
N UNK G 19 5.25 -2.63 4.67
CA UNK G 19 4.77 -2.72 6.04
C UNK G 19 5.82 -3.43 6.90
N UNK G 20 6.03 -2.90 8.11
CA UNK G 20 7.03 -3.43 9.03
C UNK G 20 6.32 -4.10 10.20
N UNK G 21 6.25 -5.43 10.18
CA UNK G 21 5.63 -6.19 11.25
C UNK G 21 6.28 -7.56 11.29
N UNK G 22 5.79 -8.41 12.19
CA UNK G 22 6.28 -9.77 12.33
C UNK G 22 5.18 -10.69 12.86
#